data_8I87
#
_entry.id   8I87
#
_cell.length_a   1.00
_cell.length_b   1.00
_cell.length_c   1.00
_cell.angle_alpha   90.00
_cell.angle_beta   90.00
_cell.angle_gamma   90.00
#
_symmetry.space_group_name_H-M   'P 1'
#
loop_
_entity.id
_entity.type
_entity.pdbx_description
1 polymer 'TIR domain-containing protein'
2 polymer 'Piwi domain-containing protein'
3 polymer "DNA (5'-D(P*TP*AP*TP*AP*CP*AP*AP*CP*CP*TP*AP*CP*TP*AP*CP*CP*TP*CP*A)-3')"
4 polymer "RNA (5'-R(P*UP*GP*AP*GP*GP*UP*AP*GP*UP*AP*GP*GP*UP*UP*GP*UP*AP*UP*A)-3')"
5 non-polymer 'MAGNESIUM ION'
#
loop_
_entity_poly.entity_id
_entity_poly.type
_entity_poly.pdbx_seq_one_letter_code
_entity_poly.pdbx_strand_id
1 'polypeptide(L)'
;MRNKIFISHATPDDNDFTRWLALKLIGLGYEVWCDILFLDKGVDFWSNIEKVIREDTCKFLLVSSSYSNQREGVLKELAV
AAKVKKQLKDDKFIIPLAIDEQLSYDDINIDIVRLNAIDFKMSWARGLKDILEAFEKQKVPKEVADASKSNLLYQQIFLH
DKSVIEKEEIYDSNWLSILSFPEELRFHEYNWMLPKRFDVRELTFPAVRYKNYLCTFAWAYDFTYHLPKTETYHKSKTIR
IPTEEILSGSYDSNFIRNAECKRLIVQLLNKAFELRMKDKEVQEYEMSNKTAYWLEKGKLEKDKFEKTMLVGKQKDKNWH
FAISGASKLYPFPVLMISSHIFFTADGKKLIDSSSVQHSSRRRQGKNWWNNTWRTKLLAFIKYLSDDDTSFYLEMGSEEK
VFVSNEPVKFKGNVSYNIPEKNTLEEEAELSGFNQGEDIEELEELIENLEAE
;
A,C,G,O
2 'polypeptide(L)'
;MKELIYIEEPKILFAHGQKCTDARDGLALFGPLNNLYGIKSGVIGTKQGLKIFRDYLDHIQKPIYNSNSITRPMFPGFEA
VFDCKWESTGITFKEVTNEDIGKFLYNSSTHKRTYDLVSLFIDKIISANKNEDENVDVWFVIVPDEIYKYCRPNSVLPKE
MVQTKALMSKSKAKSFRYEPSLFPDINIELKEQEKEAETYNYDAQFHDQFKARLLKHTIPTQIFRESTLAWRDFKNAFGL
PIRDFSKIEGHLAWTISTAAFYKAGGKPWKLSDVRNGVCYLGLVYKKVEKSKNPRNACCAAQMFLDNGDGTVFKGEVGPW
YNPKNGQYHLEPKEAKALLSQSLQSYKEQIGEYPKEVFIHAKTRFNHQEWDAFLEVTPKETNLVGVTISKTKPLKLYKTE
GDYTILRGNAYVVNERSAFLWTVGYVPKIQTALSMEVPNPLFIEINKGEADIKQVLKDILSLTKLNYNACIFADGEPVTL
RFADKIGEILTASTDIKTPPLAFKYYI
;
B,D,F,T
3 'polydeoxyribonucleotide' (DT)(DA)(DT)(DA)(DC)(DA)(DA)(DC)(DC)(DT)(DA)(DC)(DT)(DA)(DC)(DC)(DT)(DC)(DA) E,J,K,U
4 'polyribonucleotide' UGAGGUAGUAGGUUGUAUA H,I,L,S
#
# COMPACT_ATOMS: atom_id res chain seq x y z
N ARG A 2 -6.16 -23.30 11.31
CA ARG A 2 -5.86 -21.92 11.67
C ARG A 2 -5.24 -21.84 13.07
N ASN A 3 -3.93 -22.10 13.15
CA ASN A 3 -3.20 -22.04 14.41
C ASN A 3 -2.13 -20.97 14.44
N LYS A 4 -1.69 -20.45 13.29
CA LYS A 4 -0.59 -19.51 13.24
C LYS A 4 -0.96 -18.20 13.94
N ILE A 5 0.07 -17.52 14.44
CA ILE A 5 -0.04 -16.20 15.03
C ILE A 5 0.88 -15.28 14.26
N PHE A 6 0.31 -14.25 13.63
CA PHE A 6 1.04 -13.38 12.72
C PHE A 6 1.50 -12.13 13.46
N ILE A 7 2.78 -11.79 13.32
CA ILE A 7 3.36 -10.60 13.91
C ILE A 7 3.85 -9.71 12.78
N SER A 8 3.32 -8.49 12.71
CA SER A 8 3.71 -7.51 11.72
C SER A 8 4.55 -6.42 12.37
N HIS A 9 5.59 -5.99 11.67
CA HIS A 9 6.53 -5.02 12.23
C HIS A 9 7.31 -4.37 11.10
N ALA A 10 8.02 -3.30 11.44
CA ALA A 10 9.03 -2.77 10.54
C ALA A 10 10.22 -3.72 10.55
N THR A 11 10.55 -4.27 9.38
CA THR A 11 11.44 -5.42 9.32
C THR A 11 12.82 -5.16 9.92
N PRO A 12 13.54 -4.10 9.57
CA PRO A 12 14.88 -3.90 10.14
C PRO A 12 14.94 -3.02 11.39
N ASP A 13 13.81 -2.49 11.87
CA ASP A 13 13.82 -1.58 13.01
C ASP A 13 13.21 -2.17 14.27
N ASP A 14 12.26 -3.11 14.15
CA ASP A 14 11.63 -3.75 15.30
C ASP A 14 12.08 -5.19 15.45
N ASN A 15 13.30 -5.51 15.01
CA ASN A 15 13.75 -6.89 14.99
C ASN A 15 13.89 -7.47 16.40
N ASP A 16 14.43 -6.69 17.34
CA ASP A 16 14.73 -7.22 18.66
C ASP A 16 13.45 -7.59 19.40
N PHE A 17 12.49 -6.67 19.48
CA PHE A 17 11.25 -6.96 20.18
C PHE A 17 10.47 -8.07 19.48
N THR A 18 10.43 -8.05 18.16
CA THR A 18 9.69 -9.08 17.43
C THR A 18 10.28 -10.45 17.66
N ARG A 19 11.61 -10.57 17.61
CA ARG A 19 12.26 -11.85 17.87
C ARG A 19 12.00 -12.31 19.31
N TRP A 20 12.12 -11.39 20.26
CA TRP A 20 11.87 -11.73 21.66
C TRP A 20 10.45 -12.26 21.84
N LEU A 21 9.46 -11.53 21.32
CA LEU A 21 8.07 -11.93 21.49
C LEU A 21 7.76 -13.23 20.76
N ALA A 22 8.29 -13.41 19.55
CA ALA A 22 8.04 -14.64 18.81
C ALA A 22 8.63 -15.85 19.52
N LEU A 23 9.88 -15.73 20.00
CA LEU A 23 10.49 -16.86 20.71
C LEU A 23 9.75 -17.15 22.01
N LYS A 24 9.31 -16.10 22.72
CA LYS A 24 8.52 -16.32 23.92
C LYS A 24 7.21 -17.05 23.60
N LEU A 25 6.48 -16.57 22.59
CA LEU A 25 5.19 -17.18 22.27
C LEU A 25 5.35 -18.62 21.80
N ILE A 26 6.44 -18.91 21.09
CA ILE A 26 6.75 -20.31 20.76
C ILE A 26 7.07 -21.08 22.04
N GLY A 27 7.64 -20.41 23.04
CA GLY A 27 7.98 -21.09 24.28
C GLY A 27 6.78 -21.70 24.98
N LEU A 28 5.65 -20.98 24.98
CA LEU A 28 4.43 -21.48 25.60
C LEU A 28 3.53 -22.24 24.64
N GLY A 29 4.09 -22.82 23.57
CA GLY A 29 3.34 -23.72 22.73
C GLY A 29 2.50 -23.08 21.65
N TYR A 30 2.55 -21.76 21.48
CA TYR A 30 1.82 -21.10 20.41
C TYR A 30 2.60 -21.18 19.12
N GLU A 31 1.89 -21.44 18.03
CA GLU A 31 2.50 -21.44 16.70
C GLU A 31 2.54 -20.02 16.17
N VAL A 32 3.74 -19.56 15.80
CA VAL A 32 3.97 -18.18 15.41
C VAL A 32 4.55 -18.16 14.00
N TRP A 33 4.07 -17.23 13.18
CA TRP A 33 4.65 -16.95 11.87
C TRP A 33 5.22 -15.55 11.88
N CYS A 34 6.52 -15.45 11.62
CA CYS A 34 7.22 -14.17 11.54
C CYS A 34 8.10 -14.17 10.32
N ASP A 35 8.22 -13.02 9.67
CA ASP A 35 8.98 -12.92 8.44
C ASP A 35 10.48 -13.02 8.67
N ILE A 36 10.96 -12.74 9.89
CA ILE A 36 12.39 -12.83 10.17
C ILE A 36 12.81 -14.21 10.65
N LEU A 37 11.87 -15.12 10.89
CA LEU A 37 12.20 -16.47 11.34
C LEU A 37 11.58 -17.57 10.51
N PHE A 38 10.51 -17.31 9.76
CA PHE A 38 9.80 -18.35 9.03
C PHE A 38 9.64 -18.08 7.54
N LEU A 39 10.06 -16.92 7.05
CA LEU A 39 9.98 -16.62 5.63
C LEU A 39 11.16 -17.28 4.91
N ASP A 40 10.84 -18.14 3.95
CA ASP A 40 11.87 -18.91 3.26
C ASP A 40 12.66 -18.01 2.30
N LYS A 41 13.77 -18.54 1.83
CA LYS A 41 14.63 -17.84 0.89
C LYS A 41 14.36 -18.31 -0.53
N GLY A 42 14.41 -17.38 -1.48
CA GLY A 42 14.08 -17.69 -2.85
C GLY A 42 12.62 -18.02 -3.06
N VAL A 43 11.73 -17.30 -2.37
CA VAL A 43 10.29 -17.53 -2.47
C VAL A 43 9.60 -16.20 -2.75
N ASP A 44 8.40 -16.30 -3.32
CA ASP A 44 7.56 -15.12 -3.54
C ASP A 44 7.01 -14.69 -2.18
N PHE A 45 7.67 -13.71 -1.56
CA PHE A 45 7.39 -13.43 -0.15
C PHE A 45 6.06 -12.72 0.05
N TRP A 46 5.63 -11.89 -0.91
CA TRP A 46 4.35 -11.21 -0.73
C TRP A 46 3.18 -12.16 -0.90
N SER A 47 3.24 -13.03 -1.91
CA SER A 47 2.21 -14.05 -2.08
C SER A 47 2.19 -15.00 -0.89
N ASN A 48 3.37 -15.38 -0.39
CA ASN A 48 3.43 -16.25 0.77
C ASN A 48 2.83 -15.59 2.00
N ILE A 49 3.13 -14.31 2.22
CA ILE A 49 2.57 -13.57 3.34
C ILE A 49 1.06 -13.49 3.23
N GLU A 50 0.55 -13.19 2.02
CA GLU A 50 -0.89 -13.11 1.83
C GLU A 50 -1.56 -14.44 2.09
N LYS A 51 -0.97 -15.54 1.61
CA LYS A 51 -1.56 -16.86 1.83
C LYS A 51 -1.54 -17.21 3.31
N VAL A 52 -0.46 -16.90 4.02
CA VAL A 52 -0.39 -17.17 5.45
C VAL A 52 -1.46 -16.40 6.19
N ILE A 53 -1.60 -15.10 5.87
CA ILE A 53 -2.60 -14.28 6.56
C ILE A 53 -4.01 -14.79 6.28
N ARG A 54 -4.28 -15.14 5.02
CA ARG A 54 -5.65 -15.50 4.64
C ARG A 54 -6.05 -16.88 5.15
N GLU A 55 -5.14 -17.85 5.07
CA GLU A 55 -5.52 -19.25 5.29
C GLU A 55 -4.90 -19.89 6.52
N ASP A 56 -3.99 -19.22 7.22
CA ASP A 56 -3.28 -19.88 8.31
C ASP A 56 -3.42 -19.19 9.66
N THR A 57 -3.37 -17.87 9.71
CA THR A 57 -3.34 -17.16 10.99
C THR A 57 -4.70 -17.17 11.67
N CYS A 58 -4.69 -17.35 12.98
CA CYS A 58 -5.86 -17.17 13.82
C CYS A 58 -5.84 -15.85 14.59
N LYS A 59 -4.66 -15.31 14.83
CA LYS A 59 -4.50 -14.00 15.46
C LYS A 59 -3.55 -13.17 14.61
N PHE A 60 -3.67 -11.85 14.76
CA PHE A 60 -2.82 -10.90 14.04
C PHE A 60 -2.31 -9.87 15.06
N LEU A 61 -1.06 -10.02 15.47
CA LEU A 61 -0.43 -9.08 16.39
C LEU A 61 0.37 -8.06 15.58
N LEU A 62 0.17 -6.79 15.88
CA LEU A 62 0.82 -5.70 15.18
C LEU A 62 1.76 -4.98 16.14
N VAL A 63 3.04 -4.91 15.78
CA VAL A 63 4.01 -4.18 16.57
C VAL A 63 3.90 -2.70 16.22
N SER A 64 3.11 -1.96 16.98
CA SER A 64 2.79 -0.57 16.68
C SER A 64 3.87 0.32 17.27
N SER A 65 4.74 0.85 16.41
CA SER A 65 5.79 1.76 16.84
C SER A 65 5.88 2.96 15.91
N SER A 66 6.89 3.79 16.09
CA SER A 66 7.05 4.95 15.21
C SER A 66 7.50 4.54 13.82
N TYR A 67 8.32 3.49 13.72
CA TYR A 67 8.80 3.04 12.41
C TYR A 67 7.71 2.32 11.64
N SER A 68 6.91 1.50 12.32
CA SER A 68 5.89 0.69 11.69
C SER A 68 4.56 1.42 11.56
N ASN A 69 4.50 2.70 11.92
CA ASN A 69 3.24 3.44 11.82
C ASN A 69 2.81 3.61 10.37
N GLN A 70 3.73 4.06 9.51
CA GLN A 70 3.43 4.34 8.11
C GLN A 70 4.39 3.60 7.19
N ARG A 71 4.58 2.31 7.45
CA ARG A 71 5.38 1.46 6.58
C ARG A 71 4.47 0.74 5.61
N GLU A 72 4.81 0.79 4.32
CA GLU A 72 3.89 0.34 3.28
C GLU A 72 3.57 -1.14 3.40
N GLY A 73 4.59 -1.97 3.66
CA GLY A 73 4.33 -3.40 3.80
C GLY A 73 3.45 -3.71 4.99
N VAL A 74 3.70 -3.02 6.11
CA VAL A 74 2.86 -3.18 7.30
C VAL A 74 1.42 -2.79 6.99
N LEU A 75 1.24 -1.71 6.23
CA LEU A 75 -0.12 -1.26 5.89
C LEU A 75 -0.82 -2.25 4.97
N LYS A 76 -0.10 -2.82 4.01
CA LYS A 76 -0.69 -3.85 3.14
C LYS A 76 -1.11 -5.07 3.96
N GLU A 77 -0.24 -5.50 4.88
CA GLU A 77 -0.59 -6.62 5.75
C GLU A 77 -1.80 -6.28 6.61
N LEU A 78 -1.87 -5.04 7.10
CA LEU A 78 -3.01 -4.62 7.90
C LEU A 78 -4.30 -4.64 7.10
N ALA A 79 -4.25 -4.19 5.84
CA ALA A 79 -5.44 -4.21 5.00
C ALA A 79 -5.92 -5.64 4.75
N VAL A 80 -4.99 -6.53 4.42
CA VAL A 80 -5.37 -7.93 4.18
C VAL A 80 -5.91 -8.56 5.46
N ALA A 81 -5.30 -8.22 6.61
CA ALA A 81 -5.78 -8.73 7.89
C ALA A 81 -7.18 -8.22 8.20
N ALA A 82 -7.46 -6.96 7.88
CA ALA A 82 -8.80 -6.41 8.08
C ALA A 82 -9.82 -7.13 7.21
N LYS A 83 -9.46 -7.42 5.96
CA LYS A 83 -10.37 -8.17 5.09
C LYS A 83 -10.62 -9.58 5.66
N VAL A 84 -9.57 -10.25 6.12
CA VAL A 84 -9.72 -11.59 6.67
C VAL A 84 -10.56 -11.55 7.94
N LYS A 85 -10.37 -10.53 8.77
CA LYS A 85 -11.16 -10.39 10.00
C LYS A 85 -12.63 -10.14 9.68
N LYS A 86 -12.90 -9.32 8.67
CA LYS A 86 -14.27 -9.10 8.24
C LYS A 86 -14.90 -10.40 7.76
N GLN A 87 -14.14 -11.20 7.01
CA GLN A 87 -14.66 -12.49 6.56
C GLN A 87 -14.90 -13.44 7.73
N LEU A 88 -14.03 -13.43 8.73
CA LEU A 88 -14.09 -14.36 9.85
C LEU A 88 -15.11 -13.96 10.91
N LYS A 89 -15.63 -12.73 10.86
CA LYS A 89 -16.56 -12.22 11.88
C LYS A 89 -15.94 -12.29 13.27
N ASP A 90 -14.65 -12.01 13.37
CA ASP A 90 -13.92 -12.00 14.63
C ASP A 90 -13.51 -10.57 14.95
N ASP A 91 -14.00 -10.05 16.07
CA ASP A 91 -13.73 -8.67 16.44
C ASP A 91 -12.32 -8.47 16.96
N LYS A 92 -11.73 -9.49 17.58
CA LYS A 92 -10.41 -9.39 18.19
C LYS A 92 -9.33 -10.05 17.34
N PHE A 93 -9.44 -9.94 16.02
CA PHE A 93 -8.42 -10.52 15.15
C PHE A 93 -7.12 -9.73 15.20
N ILE A 94 -7.20 -8.40 15.12
CA ILE A 94 -6.03 -7.54 15.08
C ILE A 94 -5.79 -7.01 16.49
N ILE A 95 -4.58 -7.23 17.00
CA ILE A 95 -4.20 -6.77 18.33
C ILE A 95 -2.93 -5.94 18.22
N PRO A 96 -3.02 -4.62 18.18
CA PRO A 96 -1.79 -3.81 18.16
C PRO A 96 -1.03 -3.93 19.48
N LEU A 97 0.29 -3.77 19.39
CA LEU A 97 1.17 -3.84 20.55
C LEU A 97 2.00 -2.55 20.59
N ALA A 98 1.60 -1.63 21.46
CA ALA A 98 2.27 -0.33 21.56
C ALA A 98 3.60 -0.51 22.29
N ILE A 99 4.69 -0.47 21.54
CA ILE A 99 6.02 -0.69 22.11
C ILE A 99 6.87 0.56 22.12
N ASP A 100 6.44 1.64 21.46
CA ASP A 100 7.24 2.85 21.32
C ASP A 100 6.59 3.97 22.12
N GLU A 101 7.37 4.59 23.00
CA GLU A 101 6.88 5.73 23.76
C GLU A 101 6.83 7.01 22.94
N GLN A 102 7.74 7.16 21.98
CA GLN A 102 7.81 8.37 21.18
C GLN A 102 6.63 8.52 20.21
N LEU A 103 5.86 7.46 19.99
CA LEU A 103 4.68 7.52 19.14
C LEU A 103 3.47 7.86 20.01
N SER A 104 2.93 9.06 19.83
CA SER A 104 1.79 9.50 20.62
C SER A 104 0.55 8.66 20.27
N TYR A 105 -0.33 8.52 21.26
CA TYR A 105 -1.56 7.76 21.06
C TYR A 105 -2.55 8.47 20.15
N ASP A 106 -2.31 9.74 19.82
CA ASP A 106 -3.16 10.49 18.91
C ASP A 106 -2.64 10.52 17.48
N ASP A 107 -1.42 10.04 17.24
CA ASP A 107 -0.80 10.07 15.92
C ASP A 107 -0.86 8.72 15.22
N ILE A 108 -1.57 7.74 15.79
CA ILE A 108 -1.63 6.42 15.15
C ILE A 108 -2.45 6.50 13.86
N ASN A 109 -2.19 5.56 12.97
CA ASN A 109 -2.83 5.57 11.65
C ASN A 109 -4.30 5.17 11.77
N ILE A 110 -5.02 5.37 10.66
CA ILE A 110 -6.46 5.16 10.63
C ILE A 110 -6.87 3.70 10.68
N ASP A 111 -5.93 2.78 10.46
CA ASP A 111 -6.29 1.36 10.42
C ASP A 111 -6.53 0.81 11.82
N ILE A 112 -5.76 1.27 12.80
CA ILE A 112 -5.85 0.78 14.17
C ILE A 112 -6.33 1.87 15.13
N VAL A 113 -6.92 2.94 14.59
CA VAL A 113 -7.34 4.05 15.44
C VAL A 113 -8.52 3.69 16.33
N ARG A 114 -9.22 2.60 16.02
CA ARG A 114 -10.38 2.19 16.80
C ARG A 114 -10.12 0.93 17.63
N LEU A 115 -8.93 0.37 17.56
CA LEU A 115 -8.57 -0.82 18.34
C LEU A 115 -7.75 -0.41 19.55
N ASN A 116 -7.99 -1.10 20.67
CA ASN A 116 -7.26 -0.84 21.90
C ASN A 116 -5.99 -1.68 21.92
N ALA A 117 -4.85 -1.01 22.08
CA ALA A 117 -3.56 -1.67 22.03
C ALA A 117 -3.26 -2.35 23.37
N ILE A 118 -2.09 -2.99 23.42
CA ILE A 118 -1.59 -3.60 24.64
C ILE A 118 -0.29 -2.88 25.02
N ASP A 119 -0.24 -2.35 26.22
CA ASP A 119 0.85 -1.46 26.62
C ASP A 119 2.12 -2.25 26.85
N PHE A 120 3.08 -2.10 25.95
CA PHE A 120 4.41 -2.67 26.11
C PHE A 120 5.47 -1.62 26.45
N LYS A 121 5.07 -0.36 26.62
CA LYS A 121 6.05 0.70 26.88
C LYS A 121 6.58 0.62 28.31
N MET A 122 5.69 0.35 29.28
CA MET A 122 6.11 0.30 30.67
C MET A 122 6.94 -0.95 30.96
N SER A 123 6.48 -2.11 30.48
CA SER A 123 7.15 -3.37 30.78
C SER A 123 6.79 -4.39 29.72
N TRP A 124 7.80 -5.06 29.17
CA TRP A 124 7.54 -6.10 28.18
C TRP A 124 6.89 -7.33 28.81
N ALA A 125 7.23 -7.63 30.07
CA ALA A 125 6.66 -8.81 30.71
C ALA A 125 5.20 -8.59 31.09
N ARG A 126 4.85 -7.37 31.51
CA ARG A 126 3.44 -7.06 31.75
C ARG A 126 2.64 -7.10 30.47
N GLY A 127 3.23 -6.60 29.37
CA GLY A 127 2.56 -6.72 28.08
C GLY A 127 2.36 -8.17 27.66
N LEU A 128 3.37 -9.01 27.89
CA LEU A 128 3.23 -10.43 27.58
C LEU A 128 2.16 -11.09 28.45
N LYS A 129 2.08 -10.68 29.72
CA LYS A 129 1.03 -11.17 30.60
C LYS A 129 -0.35 -10.79 30.06
N ASP A 130 -0.49 -9.54 29.61
CA ASP A 130 -1.76 -9.11 29.01
C ASP A 130 -2.09 -9.92 27.77
N ILE A 131 -1.08 -10.17 26.93
CA ILE A 131 -1.29 -10.95 25.71
C ILE A 131 -1.76 -12.36 26.06
N LEU A 132 -1.11 -12.98 27.04
CA LEU A 132 -1.47 -14.33 27.41
C LEU A 132 -2.87 -14.38 28.03
N GLU A 133 -3.22 -13.39 28.83
CA GLU A 133 -4.58 -13.34 29.39
C GLU A 133 -5.62 -13.20 28.29
N ALA A 134 -5.37 -12.33 27.31
CA ALA A 134 -6.30 -12.16 26.20
C ALA A 134 -6.41 -13.44 25.39
N PHE A 135 -5.29 -14.13 25.16
CA PHE A 135 -5.31 -15.38 24.40
C PHE A 135 -6.08 -16.46 25.14
N GLU A 136 -5.90 -16.56 26.45
CA GLU A 136 -6.64 -17.54 27.24
C GLU A 136 -8.13 -17.22 27.26
N LYS A 137 -8.49 -15.93 27.32
CA LYS A 137 -9.89 -15.55 27.27
C LYS A 137 -10.50 -15.89 25.91
N GLN A 138 -9.75 -15.67 24.83
CA GLN A 138 -10.25 -15.90 23.48
C GLN A 138 -10.02 -17.34 23.02
N LYS A 139 -9.42 -18.19 23.85
CA LYS A 139 -9.25 -19.62 23.56
C LYS A 139 -8.48 -19.84 22.25
N VAL A 140 -7.35 -19.17 22.13
CA VAL A 140 -6.49 -19.37 20.96
C VAL A 140 -5.92 -20.79 21.01
N PRO A 141 -5.97 -21.55 19.90
CA PRO A 141 -5.47 -22.93 19.93
C PRO A 141 -3.98 -22.97 20.28
N LYS A 142 -3.60 -24.00 21.02
CA LYS A 142 -2.22 -24.16 21.47
C LYS A 142 -1.97 -25.62 21.82
N GLU A 143 -0.88 -26.17 21.30
CA GLU A 143 -0.49 -27.55 21.57
C GLU A 143 0.80 -27.54 22.39
N VAL A 144 0.73 -28.06 23.61
CA VAL A 144 1.88 -28.07 24.50
C VAL A 144 2.74 -29.31 24.24
N ALA A 147 6.26 -29.80 27.89
CA ALA A 147 5.03 -29.76 28.69
C ALA A 147 5.28 -29.07 30.02
N SER A 148 6.18 -29.64 30.82
CA SER A 148 6.53 -29.02 32.10
C SER A 148 7.23 -27.69 31.89
N LYS A 149 8.11 -27.61 30.88
CA LYS A 149 8.85 -26.37 30.62
C LYS A 149 7.90 -25.22 30.26
N SER A 150 6.87 -25.51 29.45
CA SER A 150 5.92 -24.47 29.08
C SER A 150 5.16 -23.96 30.29
N ASN A 151 4.73 -24.87 31.17
CA ASN A 151 4.03 -24.46 32.39
C ASN A 151 4.95 -23.64 33.30
N LEU A 152 6.22 -24.05 33.39
CA LEU A 152 7.16 -23.30 34.23
C LEU A 152 7.36 -21.89 33.69
N LEU A 153 7.51 -21.75 32.37
CA LEU A 153 7.67 -20.42 31.78
C LEU A 153 6.41 -19.58 31.95
N TYR A 154 5.23 -20.19 31.78
CA TYR A 154 3.98 -19.47 31.95
C TYR A 154 3.83 -18.97 33.38
N GLN A 155 4.14 -19.83 34.35
CA GLN A 155 4.05 -19.43 35.75
C GLN A 155 5.09 -18.36 36.09
N GLN A 156 6.28 -18.47 35.51
CA GLN A 156 7.31 -17.45 35.72
C GLN A 156 6.87 -16.09 35.20
N ILE A 157 6.25 -16.07 34.02
CA ILE A 157 5.76 -14.81 33.47
C ILE A 157 4.62 -14.26 34.34
N PHE A 158 3.72 -15.14 34.78
CA PHE A 158 2.55 -14.67 35.54
C PHE A 158 2.92 -14.27 36.97
N LEU A 159 3.98 -14.85 37.53
CA LEU A 159 4.36 -14.57 38.91
C LEU A 159 5.47 -13.54 39.04
N HIS A 160 5.91 -12.95 37.94
CA HIS A 160 7.00 -11.98 38.02
C HIS A 160 6.56 -10.65 38.61
N ASP A 161 5.25 -10.37 38.64
CA ASP A 161 4.72 -9.11 39.12
C ASP A 161 4.04 -9.23 40.47
N LYS A 162 4.18 -10.37 41.15
CA LYS A 162 3.56 -10.55 42.45
C LYS A 162 4.16 -9.59 43.47
N SER A 163 3.31 -8.97 44.28
CA SER A 163 3.74 -7.96 45.24
C SER A 163 2.85 -8.04 46.47
N VAL A 164 2.93 -7.01 47.30
CA VAL A 164 2.23 -6.99 48.58
C VAL A 164 0.84 -6.39 48.40
N ILE A 165 -0.02 -6.61 49.39
CA ILE A 165 -1.38 -6.09 49.40
C ILE A 165 -1.53 -5.18 50.61
N GLU A 166 -2.44 -4.21 50.49
CA GLU A 166 -2.68 -3.24 51.56
C GLU A 166 -3.57 -3.87 52.62
N LYS A 167 -2.93 -4.56 53.57
CA LYS A 167 -3.63 -5.22 54.67
C LYS A 167 -2.98 -4.84 55.98
N GLU A 168 -3.81 -4.62 57.01
CA GLU A 168 -3.29 -4.32 58.33
C GLU A 168 -2.70 -5.57 58.97
N GLU A 169 -1.49 -5.43 59.52
CA GLU A 169 -0.79 -6.55 60.13
C GLU A 169 -0.30 -6.16 61.52
N ILE A 170 -0.39 -7.09 62.46
CA ILE A 170 0.02 -6.88 63.84
C ILE A 170 1.13 -7.87 64.16
N TYR A 171 2.23 -7.34 64.70
CA TYR A 171 3.42 -8.14 65.00
C TYR A 171 3.71 -8.10 66.49
N ASP A 172 4.14 -9.24 67.02
CA ASP A 172 4.58 -9.38 68.40
C ASP A 172 6.09 -9.28 68.45
N SER A 173 6.59 -8.38 69.29
CA SER A 173 8.03 -8.18 69.45
C SER A 173 8.51 -8.87 70.72
N ASN A 174 9.77 -8.65 71.06
CA ASN A 174 10.36 -9.18 72.30
C ASN A 174 10.73 -8.07 73.28
N TRP A 175 10.26 -6.85 73.04
CA TRP A 175 10.54 -5.73 73.92
C TRP A 175 9.45 -5.64 74.97
N LEU A 176 9.84 -5.72 76.24
CA LEU A 176 8.92 -5.54 77.36
C LEU A 176 9.08 -4.11 77.87
N SER A 177 8.04 -3.29 77.67
CA SER A 177 8.12 -1.89 78.07
C SER A 177 8.05 -1.75 79.58
N ILE A 178 8.84 -0.82 80.12
CA ILE A 178 8.86 -0.55 81.55
C ILE A 178 7.82 0.52 81.84
N LEU A 179 6.89 0.22 82.76
CA LEU A 179 5.78 1.11 83.04
C LEU A 179 6.07 2.07 84.19
N SER A 180 6.57 1.55 85.31
CA SER A 180 6.77 2.34 86.51
C SER A 180 8.25 2.43 86.86
N PHE A 181 8.63 3.54 87.47
CA PHE A 181 9.99 3.82 87.89
C PHE A 181 9.97 4.32 89.32
N PRO A 182 11.09 4.18 90.05
CA PRO A 182 11.16 4.75 91.40
C PRO A 182 11.06 6.27 91.35
N GLU A 183 10.57 6.85 92.45
CA GLU A 183 10.30 8.28 92.48
C GLU A 183 11.58 9.10 92.28
N GLU A 184 12.68 8.69 92.92
CA GLU A 184 13.90 9.47 92.86
C GLU A 184 15.10 8.54 92.86
N LEU A 185 16.21 9.05 92.31
CA LEU A 185 17.49 8.36 92.34
C LEU A 185 18.28 8.85 93.55
N ARG A 186 18.72 7.93 94.39
CA ARG A 186 19.30 8.27 95.68
C ARG A 186 20.81 8.06 95.65
N PHE A 187 21.55 9.10 96.06
CA PHE A 187 23.00 9.06 96.19
C PHE A 187 23.33 9.11 97.69
N HIS A 188 23.74 7.98 98.24
CA HIS A 188 23.99 7.86 99.68
C HIS A 188 25.48 8.01 99.94
N GLU A 189 25.86 9.12 100.58
CA GLU A 189 27.26 9.39 100.92
C GLU A 189 27.62 8.56 102.15
N TYR A 190 27.99 7.30 101.90
CA TYR A 190 28.30 6.37 102.97
C TYR A 190 29.70 6.55 103.54
N ASN A 191 30.53 7.40 102.93
CA ASN A 191 31.90 7.65 103.37
C ASN A 191 32.65 6.32 103.36
N TRP A 192 33.36 5.94 104.42
CA TRP A 192 34.04 4.65 104.45
C TRP A 192 33.04 3.51 104.48
N MET A 193 32.22 3.45 105.53
CA MET A 193 31.19 2.43 105.68
C MET A 193 31.77 1.03 105.58
N LEU A 194 32.94 0.83 106.20
CA LEU A 194 33.67 -0.43 106.17
C LEU A 194 33.87 -0.90 104.73
N PRO A 195 34.58 -0.07 103.97
CA PRO A 195 34.84 -0.26 102.54
C PRO A 195 33.56 -0.27 101.71
N LYS A 196 32.43 0.10 102.31
CA LYS A 196 31.14 0.17 101.62
C LYS A 196 30.78 -1.15 100.95
N ARG A 197 31.14 -2.26 101.60
CA ARG A 197 30.90 -3.61 101.08
C ARG A 197 31.47 -3.75 99.67
N PHE A 198 32.80 -3.68 99.61
CA PHE A 198 33.53 -3.57 98.35
C PHE A 198 33.13 -4.60 97.30
N ASP A 199 32.49 -5.69 97.71
CA ASP A 199 32.01 -6.68 96.74
C ASP A 199 30.96 -6.05 95.82
N VAL A 200 30.06 -5.22 96.37
CA VAL A 200 28.98 -4.52 95.67
C VAL A 200 28.23 -5.42 94.70
N ARG A 201 28.31 -6.73 94.91
CA ARG A 201 27.61 -7.69 94.08
C ARG A 201 26.90 -8.78 94.87
N GLU A 202 27.21 -8.95 96.15
CA GLU A 202 26.51 -9.90 97.01
C GLU A 202 25.45 -9.23 97.88
N LEU A 203 25.22 -7.93 97.69
CA LEU A 203 24.26 -7.20 98.50
C LEU A 203 22.83 -7.64 98.16
N THR A 204 21.95 -7.52 99.16
CA THR A 204 20.55 -7.89 98.96
C THR A 204 19.83 -6.97 97.98
N PHE A 205 20.36 -5.77 97.74
CA PHE A 205 19.79 -4.83 96.79
C PHE A 205 20.88 -4.35 95.84
N PRO A 206 20.52 -3.97 94.62
CA PRO A 206 21.53 -3.51 93.66
C PRO A 206 22.20 -2.23 94.14
N ALA A 207 23.54 -2.26 94.17
CA ALA A 207 24.33 -1.13 94.65
C ALA A 207 25.52 -0.92 93.74
N VAL A 208 26.00 0.33 93.71
CA VAL A 208 27.15 0.73 92.90
C VAL A 208 27.69 2.03 93.45
N ARG A 209 28.99 2.26 93.25
CA ARG A 209 29.70 3.40 93.81
C ARG A 209 30.19 4.29 92.68
N TYR A 210 29.63 5.50 92.57
CA TYR A 210 30.03 6.41 91.50
C TYR A 210 31.29 7.19 91.85
N LYS A 211 31.23 8.03 92.88
CA LYS A 211 32.41 8.64 93.47
C LYS A 211 32.60 8.21 94.91
N ASN A 212 31.63 8.51 95.77
CA ASN A 212 31.50 7.95 97.10
C ASN A 212 30.07 7.57 97.44
N TYR A 213 29.08 8.17 96.77
CA TYR A 213 27.68 7.92 97.05
C TYR A 213 27.24 6.63 96.36
N LEU A 214 26.73 5.69 97.14
CA LEU A 214 26.05 4.54 96.56
C LEU A 214 24.81 4.99 95.82
N CYS A 215 24.64 4.46 94.60
CA CYS A 215 23.49 4.80 93.76
C CYS A 215 22.41 3.75 93.99
N THR A 216 21.37 4.11 94.75
CA THR A 216 20.29 3.20 95.07
C THR A 216 18.96 3.88 94.88
N PHE A 217 17.95 3.09 94.51
CA PHE A 217 16.57 3.55 94.52
C PHE A 217 15.87 3.26 95.84
N ALA A 218 16.50 2.52 96.74
CA ALA A 218 15.94 2.17 98.04
C ALA A 218 16.45 3.15 99.10
N TRP A 219 16.17 2.83 100.36
CA TRP A 219 16.57 3.66 101.49
C TRP A 219 17.88 3.17 102.09
N ALA A 220 18.50 4.03 102.89
CA ALA A 220 19.77 3.69 103.52
C ALA A 220 19.59 2.54 104.51
N TYR A 221 18.54 2.60 105.34
CA TYR A 221 18.33 1.56 106.34
C TYR A 221 18.00 0.21 105.73
N ASP A 222 17.69 0.15 104.43
CA ASP A 222 17.53 -1.13 103.75
C ASP A 222 18.85 -1.89 103.66
N PHE A 223 19.98 -1.22 103.84
CA PHE A 223 21.30 -1.84 103.80
C PHE A 223 21.90 -2.01 105.18
N THR A 224 21.07 -1.97 106.24
CA THR A 224 21.60 -2.07 107.60
C THR A 224 22.23 -3.43 107.86
N TYR A 225 21.63 -4.50 107.37
CA TYR A 225 22.16 -5.84 107.63
C TYR A 225 23.54 -6.01 107.02
N HIS A 226 23.69 -5.68 105.74
CA HIS A 226 24.99 -5.85 105.08
C HIS A 226 25.98 -4.79 105.54
N LEU A 227 25.49 -3.59 105.89
CA LEU A 227 26.34 -2.49 106.34
C LEU A 227 25.79 -1.97 107.66
N PRO A 228 26.22 -2.54 108.79
CA PRO A 228 25.76 -2.01 110.09
C PRO A 228 26.14 -0.57 110.32
N LYS A 229 27.25 -0.11 109.70
CA LYS A 229 27.63 1.29 109.83
C LYS A 229 26.56 2.23 109.30
N THR A 230 25.85 1.80 108.24
CA THR A 230 24.76 2.62 107.71
C THR A 230 23.63 2.78 108.71
N GLU A 231 23.57 1.95 109.75
CA GLU A 231 22.63 2.19 110.84
C GLU A 231 22.92 3.51 111.54
N THR A 232 24.20 3.81 111.77
CA THR A 232 24.61 5.07 112.36
C THR A 232 24.83 6.17 111.34
N TYR A 233 24.73 5.85 110.04
CA TYR A 233 24.90 6.86 109.00
C TYR A 233 23.72 7.83 109.03
N HIS A 234 24.04 9.13 109.01
CA HIS A 234 23.01 10.16 109.02
C HIS A 234 22.24 10.10 107.70
N LYS A 235 20.92 9.97 107.79
CA LYS A 235 20.08 9.81 106.60
C LYS A 235 20.05 11.13 105.84
N SER A 236 20.89 11.24 104.81
CA SER A 236 20.90 12.41 103.94
C SER A 236 20.45 12.06 102.52
N LYS A 237 21.14 11.14 101.86
CA LYS A 237 20.80 10.67 100.52
C LYS A 237 20.46 11.85 99.60
N THR A 238 21.46 12.69 99.37
CA THR A 238 21.24 14.00 98.78
C THR A 238 20.98 13.89 97.28
N ILE A 239 21.00 15.05 96.61
CA ILE A 239 20.73 15.21 95.19
C ILE A 239 19.27 14.87 94.90
N ARG A 240 18.93 13.58 94.96
CA ARG A 240 17.56 13.09 94.74
C ARG A 240 16.99 13.60 93.42
N ILE A 241 17.59 13.16 92.33
CA ILE A 241 17.08 13.56 91.00
C ILE A 241 15.77 12.83 90.75
N PRO A 242 14.69 13.54 90.42
CA PRO A 242 13.45 12.85 90.02
C PRO A 242 13.67 12.06 88.74
N THR A 243 13.07 10.87 88.69
CA THR A 243 13.33 9.95 87.58
C THR A 243 12.85 10.53 86.25
N GLU A 244 11.71 11.22 86.26
CA GLU A 244 11.17 11.76 85.02
C GLU A 244 12.10 12.83 84.44
N GLU A 245 12.77 13.59 85.31
CA GLU A 245 13.65 14.64 84.83
C GLU A 245 14.93 14.06 84.21
N ILE A 246 15.53 13.08 84.87
CA ILE A 246 16.77 12.50 84.36
C ILE A 246 16.49 11.70 83.09
N LEU A 247 15.40 10.92 83.07
CA LEU A 247 15.08 10.13 81.89
C LEU A 247 14.75 10.98 80.68
N SER A 248 14.38 12.24 80.88
CA SER A 248 14.06 13.15 79.79
C SER A 248 15.27 13.93 79.30
N GLY A 249 16.47 13.61 79.78
CA GLY A 249 17.66 14.33 79.40
C GLY A 249 17.70 15.76 79.89
N SER A 250 17.24 16.00 81.13
CA SER A 250 17.23 17.33 81.71
C SER A 250 18.28 17.53 82.79
N TYR A 251 18.66 16.48 83.52
CA TYR A 251 19.69 16.62 84.53
C TYR A 251 21.03 16.93 83.89
N ASP A 252 21.82 17.77 84.55
CA ASP A 252 23.05 18.30 83.99
C ASP A 252 24.02 18.55 85.14
N SER A 253 25.03 19.39 84.88
CA SER A 253 26.01 19.88 85.84
C SER A 253 27.16 18.89 86.02
N ASN A 254 28.25 19.36 86.62
CA ASN A 254 29.51 18.62 86.67
C ASN A 254 29.55 17.52 87.71
N PHE A 255 28.51 17.40 88.56
CA PHE A 255 28.52 16.33 89.55
C PHE A 255 28.52 14.97 88.88
N ILE A 256 27.64 14.77 87.89
CA ILE A 256 27.62 13.55 87.10
C ILE A 256 26.91 13.83 85.78
N ARG A 257 27.48 13.36 84.67
CA ARG A 257 26.93 13.63 83.36
C ARG A 257 25.62 12.88 83.14
N ASN A 258 24.83 13.36 82.17
CA ASN A 258 23.55 12.73 81.87
C ASN A 258 23.73 11.32 81.33
N ALA A 259 24.68 11.14 80.40
CA ALA A 259 24.91 9.81 79.84
C ALA A 259 25.39 8.84 80.90
N GLU A 260 26.27 9.31 81.81
CA GLU A 260 26.70 8.46 82.91
C GLU A 260 25.53 8.10 83.81
N CYS A 261 24.62 9.05 84.07
CA CYS A 261 23.44 8.76 84.87
C CYS A 261 22.59 7.67 84.22
N LYS A 262 22.37 7.78 82.91
CA LYS A 262 21.58 6.77 82.20
C LYS A 262 22.26 5.41 82.25
N ARG A 263 23.58 5.38 82.08
CA ARG A 263 24.30 4.11 82.14
C ARG A 263 24.21 3.48 83.52
N LEU A 264 24.30 4.29 84.57
CA LEU A 264 24.15 3.77 85.93
C LEU A 264 22.73 3.25 86.16
N ILE A 265 21.73 3.93 85.61
CA ILE A 265 20.36 3.44 85.71
C ILE A 265 20.23 2.08 85.02
N VAL A 266 20.84 1.94 83.84
CA VAL A 266 20.79 0.66 83.11
C VAL A 266 21.47 -0.43 83.92
N GLN A 267 22.63 -0.12 84.52
CA GLN A 267 23.34 -1.09 85.34
C GLN A 267 22.50 -1.53 86.53
N LEU A 268 21.85 -0.57 87.19
CA LEU A 268 20.97 -0.91 88.31
C LEU A 268 19.82 -1.80 87.86
N LEU A 269 19.24 -1.50 86.70
CA LEU A 269 18.14 -2.33 86.18
C LEU A 269 18.61 -3.75 85.90
N ASN A 270 19.79 -3.89 85.29
CA ASN A 270 20.32 -5.23 85.01
C ASN A 270 20.60 -5.99 86.29
N LYS A 271 21.19 -5.33 87.29
CA LYS A 271 21.47 -6.00 88.55
C LYS A 271 20.18 -6.44 89.24
N ALA A 272 19.16 -5.59 89.23
CA ALA A 272 17.88 -5.94 89.83
C ALA A 272 17.22 -7.10 89.08
N PHE A 273 17.33 -7.10 87.75
CA PHE A 273 16.77 -8.20 86.98
C PHE A 273 17.46 -9.52 87.33
N GLU A 274 18.79 -9.50 87.44
CA GLU A 274 19.51 -10.72 87.82
C GLU A 274 19.12 -11.17 89.22
N LEU A 275 19.01 -10.24 90.17
CA LEU A 275 18.64 -10.60 91.53
C LEU A 275 17.24 -11.20 91.59
N ARG A 276 16.29 -10.60 90.86
CA ARG A 276 14.93 -11.13 90.82
C ARG A 276 14.90 -12.51 90.19
N MET A 277 15.68 -12.72 89.12
CA MET A 277 15.70 -14.03 88.48
C MET A 277 16.28 -15.09 89.41
N LYS A 278 17.34 -14.75 90.14
CA LYS A 278 17.88 -15.70 91.11
C LYS A 278 16.91 -15.91 92.27
N ASP A 279 16.06 -14.93 92.56
CA ASP A 279 15.02 -15.11 93.57
C ASP A 279 13.96 -16.09 93.10
N LYS A 280 13.76 -16.21 91.79
CA LYS A 280 12.69 -17.04 91.23
C LYS A 280 13.05 -18.52 91.17
N GLU A 281 14.26 -18.90 91.58
CA GLU A 281 14.71 -20.30 91.56
C GLU A 281 14.64 -20.88 90.16
N VAL A 282 15.42 -20.29 89.25
CA VAL A 282 15.51 -20.71 87.87
C VAL A 282 16.94 -21.10 87.56
N GLN A 283 17.12 -22.19 86.82
CA GLN A 283 18.45 -22.66 86.48
C GLN A 283 19.19 -21.64 85.64
N GLU A 284 20.50 -21.52 85.90
CA GLU A 284 21.34 -20.50 85.28
C GLU A 284 22.31 -21.14 84.31
N TYR A 285 22.57 -20.44 83.21
CA TYR A 285 23.53 -20.85 82.20
C TYR A 285 24.46 -19.69 81.90
N GLU A 286 25.77 -19.93 81.99
CA GLU A 286 26.77 -18.90 81.74
C GLU A 286 27.21 -18.97 80.29
N MET A 287 27.26 -17.81 79.64
CA MET A 287 27.58 -17.71 78.22
C MET A 287 28.80 -16.80 78.05
N SER A 288 29.20 -16.62 76.79
CA SER A 288 30.38 -15.81 76.49
C SER A 288 30.09 -14.32 76.69
N ASN A 289 28.88 -13.87 76.33
CA ASN A 289 28.54 -12.46 76.38
C ASN A 289 27.37 -12.12 77.29
N LYS A 290 26.71 -13.11 77.89
CA LYS A 290 25.53 -12.86 78.72
C LYS A 290 25.30 -14.07 79.60
N THR A 291 24.15 -14.10 80.27
CA THR A 291 23.71 -15.24 81.05
C THR A 291 22.24 -15.51 80.75
N ALA A 292 21.87 -16.77 80.78
CA ALA A 292 20.52 -17.19 80.43
C ALA A 292 19.88 -17.96 81.56
N TYR A 293 18.54 -17.98 81.56
CA TYR A 293 17.77 -18.62 82.61
C TYR A 293 16.80 -19.62 82.00
N TRP A 294 16.84 -20.86 82.49
CA TRP A 294 16.01 -21.93 81.99
C TRP A 294 15.41 -22.70 83.16
N LEU A 295 14.18 -23.16 82.99
CA LEU A 295 13.49 -23.92 84.02
C LEU A 295 13.92 -25.38 83.99
N GLU A 296 13.59 -26.10 85.06
CA GLU A 296 13.87 -27.52 85.16
C GLU A 296 12.65 -28.33 84.74
N LYS A 297 12.84 -29.65 84.69
CA LYS A 297 11.78 -30.54 84.24
C LYS A 297 10.59 -30.51 85.19
N GLY A 298 10.84 -30.45 86.49
CA GLY A 298 9.79 -30.45 87.48
C GLY A 298 9.18 -29.10 87.80
N LYS A 299 9.60 -28.03 87.11
CA LYS A 299 9.05 -26.72 87.40
C LYS A 299 7.61 -26.58 86.92
N LEU A 300 7.23 -27.31 85.88
CA LEU A 300 5.89 -27.25 85.32
C LEU A 300 5.32 -28.65 85.21
N GLU A 301 3.99 -28.74 85.30
CA GLU A 301 3.28 -30.03 85.25
C GLU A 301 2.21 -29.95 84.17
N LYS A 302 2.50 -30.54 83.01
CA LYS A 302 3.79 -31.16 82.74
C LYS A 302 4.48 -30.44 81.59
N ASP A 303 5.18 -29.36 81.91
CA ASP A 303 5.88 -28.54 80.93
C ASP A 303 4.95 -28.15 79.78
N LYS A 304 3.72 -27.75 80.13
CA LYS A 304 2.69 -27.44 79.14
C LYS A 304 1.97 -26.15 79.51
N PHE A 305 2.74 -25.11 79.83
CA PHE A 305 2.15 -23.82 80.17
C PHE A 305 1.38 -23.28 78.97
N GLU A 306 0.06 -23.17 79.11
CA GLU A 306 -0.83 -22.65 78.07
C GLU A 306 -0.71 -23.46 76.77
N LYS A 307 -0.46 -24.76 76.91
CA LYS A 307 -0.35 -25.67 75.76
C LYS A 307 0.71 -25.20 74.77
N THR A 308 1.84 -24.71 75.30
CA THR A 308 2.94 -24.24 74.49
C THR A 308 4.17 -25.15 74.53
N MET A 309 4.40 -25.82 75.67
CA MET A 309 5.53 -26.72 75.89
C MET A 309 6.84 -25.96 75.97
N LEU A 310 7.61 -26.19 77.05
CA LEU A 310 8.91 -25.59 77.23
C LEU A 310 10.04 -26.60 77.39
N VAL A 311 9.72 -27.86 77.67
CA VAL A 311 10.71 -28.92 77.79
C VAL A 311 10.32 -30.05 76.84
N GLY A 312 11.32 -30.65 76.21
CA GLY A 312 11.03 -31.72 75.28
C GLY A 312 12.23 -32.61 75.05
N LYS A 313 12.03 -33.67 74.26
CA LYS A 313 13.08 -34.62 73.96
C LYS A 313 13.48 -34.49 72.49
N GLN A 314 14.77 -34.34 72.24
CA GLN A 314 15.25 -34.27 70.85
C GLN A 314 15.41 -35.66 70.27
N LYS A 315 16.39 -36.42 70.77
CA LYS A 315 16.45 -37.86 70.53
C LYS A 315 16.52 -38.60 71.86
N ASP A 316 17.48 -38.19 72.70
CA ASP A 316 17.62 -38.73 74.04
C ASP A 316 17.97 -37.66 75.07
N LYS A 317 18.17 -36.42 74.64
CA LYS A 317 18.49 -35.32 75.54
C LYS A 317 17.27 -34.42 75.73
N ASN A 318 17.23 -33.74 76.86
CA ASN A 318 16.09 -32.90 77.23
C ASN A 318 16.43 -31.45 76.89
N TRP A 319 15.73 -30.91 75.91
CA TRP A 319 15.88 -29.51 75.53
C TRP A 319 14.92 -28.66 76.34
N HIS A 320 15.39 -27.47 76.72
CA HIS A 320 14.63 -26.50 77.48
C HIS A 320 14.77 -25.13 76.86
N PHE A 321 13.67 -24.38 76.85
CA PHE A 321 13.71 -22.98 76.45
C PHE A 321 14.44 -22.17 77.51
N ALA A 322 15.20 -21.17 77.06
CA ALA A 322 15.99 -20.34 77.96
C ALA A 322 15.82 -18.88 77.56
N ILE A 323 15.79 -18.00 78.56
CA ILE A 323 15.49 -16.60 78.35
C ILE A 323 16.70 -15.77 78.74
N SER A 324 16.85 -14.63 78.10
CA SER A 324 17.90 -13.68 78.44
C SER A 324 17.32 -12.27 78.40
N GLY A 325 17.66 -11.47 79.39
CA GLY A 325 17.13 -10.12 79.51
C GLY A 325 18.21 -9.07 79.42
N ALA A 326 17.88 -7.93 78.84
CA ALA A 326 18.80 -6.81 78.77
C ALA A 326 18.00 -5.51 78.84
N SER A 327 18.20 -4.75 79.91
CA SER A 327 17.50 -3.48 80.08
C SER A 327 18.19 -2.39 79.29
N LYS A 328 17.40 -1.58 78.59
CA LYS A 328 17.94 -0.48 77.80
C LYS A 328 16.98 0.70 77.86
N LEU A 329 17.51 1.88 77.52
CA LEU A 329 16.72 3.11 77.54
C LEU A 329 16.48 3.70 76.16
N TYR A 330 17.20 3.25 75.14
CA TYR A 330 17.01 3.77 73.79
C TYR A 330 16.18 2.79 72.97
N PRO A 331 15.13 3.24 72.29
CA PRO A 331 14.62 4.62 72.23
C PRO A 331 13.83 5.02 73.46
N PHE A 332 13.17 4.05 74.11
CA PHE A 332 12.45 4.27 75.35
C PHE A 332 12.74 3.11 76.29
N PRO A 333 12.68 3.35 77.61
CA PRO A 333 13.03 2.29 78.57
C PRO A 333 12.28 0.99 78.35
N VAL A 334 13.00 -0.05 77.92
CA VAL A 334 12.43 -1.36 77.64
C VAL A 334 13.41 -2.44 78.10
N LEU A 335 12.96 -3.69 77.98
CA LEU A 335 13.76 -4.87 78.22
C LEU A 335 13.77 -5.69 76.93
N MET A 336 14.93 -5.80 76.30
CA MET A 336 15.09 -6.75 75.20
C MET A 336 15.19 -8.17 75.74
N ILE A 337 14.43 -9.08 75.13
CA ILE A 337 14.36 -10.47 75.56
C ILE A 337 14.86 -11.35 74.42
N SER A 338 15.81 -12.22 74.72
CA SER A 338 16.41 -13.11 73.75
C SER A 338 16.13 -14.56 74.12
N SER A 339 15.97 -15.39 73.08
CA SER A 339 15.59 -16.78 73.23
C SER A 339 16.76 -17.70 72.93
N HIS A 340 16.86 -18.78 73.68
CA HIS A 340 17.90 -19.80 73.47
C HIS A 340 17.31 -21.16 73.78
N ILE A 341 18.01 -22.20 73.33
CA ILE A 341 17.65 -23.59 73.60
C ILE A 341 18.85 -24.27 74.24
N PHE A 342 18.63 -24.91 75.39
CA PHE A 342 19.72 -25.56 76.12
C PHE A 342 19.39 -27.02 76.36
N PHE A 343 20.38 -27.87 76.18
CA PHE A 343 20.21 -29.32 76.22
C PHE A 343 20.87 -29.88 77.48
N THR A 344 20.11 -30.71 78.22
CA THR A 344 20.60 -31.38 79.41
C THR A 344 20.37 -32.88 79.26
N ALA A 345 21.39 -33.68 79.55
CA ALA A 345 21.27 -35.12 79.40
C ALA A 345 20.36 -35.71 80.48
N ASP A 346 20.52 -35.26 81.72
CA ASP A 346 19.78 -35.80 82.85
C ASP A 346 18.82 -34.74 83.41
N GLY A 347 18.17 -35.09 84.53
CA GLY A 347 17.18 -34.19 85.10
C GLY A 347 17.76 -32.86 85.53
N LYS A 348 18.88 -32.90 86.24
CA LYS A 348 19.58 -31.70 86.71
C LYS A 348 21.05 -31.85 86.39
N LYS A 349 21.45 -31.43 85.19
CA LYS A 349 22.83 -31.54 84.74
C LYS A 349 23.02 -30.62 83.54
N LEU A 350 24.22 -30.68 82.96
CA LEU A 350 24.54 -29.91 81.77
C LEU A 350 25.60 -30.66 80.98
N ILE A 351 25.70 -30.33 79.69
CA ILE A 351 26.64 -30.96 78.79
C ILE A 351 27.89 -30.08 78.72
N ASP A 352 29.04 -30.66 79.07
CA ASP A 352 30.27 -29.88 79.15
C ASP A 352 30.70 -29.35 77.79
N SER A 353 30.60 -30.18 76.75
CA SER A 353 31.08 -29.79 75.43
C SER A 353 30.15 -28.75 74.83
N SER A 354 30.68 -27.55 74.58
CA SER A 354 29.88 -26.50 73.96
C SER A 354 29.64 -26.77 72.49
N SER A 355 30.53 -27.53 71.84
CA SER A 355 30.36 -27.83 70.42
C SER A 355 29.12 -28.69 70.18
N VAL A 356 28.98 -29.77 70.96
CA VAL A 356 27.80 -30.60 70.81
C VAL A 356 26.54 -29.85 71.24
N GLN A 357 26.65 -28.96 72.23
CA GLN A 357 25.51 -28.13 72.62
C GLN A 357 25.07 -27.23 71.46
N HIS A 358 26.03 -26.59 70.80
CA HIS A 358 25.71 -25.71 69.68
C HIS A 358 25.13 -26.50 68.51
N SER A 359 25.70 -27.67 68.22
CA SER A 359 25.17 -28.51 67.13
C SER A 359 23.74 -28.95 67.43
N SER A 360 23.47 -29.35 68.68
CA SER A 360 22.12 -29.74 69.06
C SER A 360 21.15 -28.57 68.95
N ARG A 361 21.58 -27.38 69.38
CA ARG A 361 20.72 -26.21 69.27
C ARG A 361 20.39 -25.90 67.81
N ARG A 362 21.40 -25.97 66.94
CA ARG A 362 21.16 -25.68 65.53
C ARG A 362 20.27 -26.73 64.89
N ARG A 363 20.42 -28.00 65.28
CA ARG A 363 19.55 -29.04 64.76
C ARG A 363 18.12 -28.88 65.25
N GLN A 364 17.95 -28.46 66.51
CA GLN A 364 16.61 -28.33 67.06
C GLN A 364 15.88 -27.12 66.48
N GLY A 365 16.58 -26.01 66.31
CA GLY A 365 15.93 -24.79 65.84
C GLY A 365 15.56 -24.77 64.38
N LYS A 366 15.87 -25.83 63.63
CA LYS A 366 15.59 -25.87 62.20
C LYS A 366 14.13 -26.12 61.87
N ASN A 367 13.32 -26.56 62.83
CA ASN A 367 11.94 -26.95 62.58
C ASN A 367 11.01 -26.38 63.65
N TRP A 368 11.15 -25.09 63.93
CA TRP A 368 10.33 -24.44 64.94
C TRP A 368 9.43 -23.35 64.35
N TRP A 369 10.00 -22.42 63.59
CA TRP A 369 9.28 -21.33 62.93
C TRP A 369 8.79 -20.27 63.91
N ASN A 370 8.35 -19.14 63.34
CA ASN A 370 8.06 -17.95 64.14
C ASN A 370 6.89 -18.18 65.10
N ASN A 371 5.89 -18.97 64.69
CA ASN A 371 4.75 -19.20 65.57
C ASN A 371 5.19 -19.91 66.85
N THR A 372 6.00 -20.97 66.71
CA THR A 372 6.51 -21.68 67.88
C THR A 372 7.42 -20.78 68.72
N TRP A 373 8.31 -20.03 68.06
CA TRP A 373 9.19 -19.14 68.80
C TRP A 373 8.40 -18.14 69.63
N ARG A 374 7.40 -17.50 69.00
CA ARG A 374 6.60 -16.49 69.68
C ARG A 374 5.78 -17.09 70.81
N THR A 375 5.14 -18.25 70.57
CA THR A 375 4.33 -18.86 71.61
C THR A 375 5.19 -19.25 72.81
N LYS A 376 6.37 -19.83 72.56
CA LYS A 376 7.24 -20.21 73.66
C LYS A 376 7.73 -18.98 74.43
N LEU A 377 8.10 -17.92 73.71
CA LEU A 377 8.53 -16.69 74.37
C LEU A 377 7.42 -16.11 75.25
N LEU A 378 6.20 -16.04 74.71
CA LEU A 378 5.09 -15.48 75.46
C LEU A 378 4.76 -16.34 76.68
N ALA A 379 4.80 -17.66 76.53
CA ALA A 379 4.53 -18.54 77.66
C ALA A 379 5.59 -18.37 78.74
N PHE A 380 6.86 -18.30 78.36
CA PHE A 380 7.92 -18.09 79.34
C PHE A 380 7.74 -16.76 80.07
N ILE A 381 7.43 -15.69 79.33
CA ILE A 381 7.27 -14.39 79.95
C ILE A 381 6.06 -14.39 80.89
N LYS A 382 4.95 -15.00 80.46
CA LYS A 382 3.76 -15.04 81.30
C LYS A 382 4.00 -15.85 82.56
N TYR A 383 4.79 -16.92 82.46
CA TYR A 383 5.21 -17.64 83.66
C TYR A 383 6.03 -16.73 84.57
N LEU A 384 6.93 -15.95 83.98
CA LEU A 384 7.75 -15.03 84.76
C LEU A 384 6.92 -13.92 85.39
N SER A 385 5.71 -13.66 84.89
CA SER A 385 4.88 -12.59 85.42
C SER A 385 4.32 -12.98 86.78
N ASP A 386 4.43 -12.07 87.75
CA ASP A 386 3.93 -12.30 89.10
C ASP A 386 2.49 -11.86 89.29
N ASP A 387 1.91 -11.15 88.34
CA ASP A 387 0.57 -10.60 88.49
C ASP A 387 -0.21 -10.85 87.19
N ASP A 388 -1.38 -10.22 87.09
CA ASP A 388 -2.23 -10.45 85.93
C ASP A 388 -1.67 -9.79 84.67
N THR A 389 -1.12 -8.58 84.79
CA THR A 389 -0.69 -7.85 83.61
C THR A 389 0.66 -7.16 83.78
N SER A 390 1.45 -7.54 84.79
CA SER A 390 2.75 -6.92 84.99
C SER A 390 3.55 -7.77 85.97
N PHE A 391 4.86 -7.54 86.01
CA PHE A 391 5.71 -8.09 87.05
C PHE A 391 6.72 -7.04 87.48
N TYR A 392 7.20 -7.17 88.71
CA TYR A 392 7.96 -6.11 89.35
C TYR A 392 9.40 -6.52 89.62
N LEU A 393 10.27 -5.53 89.56
CA LEU A 393 11.68 -5.66 89.93
C LEU A 393 11.90 -4.87 91.22
N GLU A 394 12.55 -5.50 92.19
CA GLU A 394 12.72 -4.92 93.52
C GLU A 394 13.97 -4.04 93.54
N MET A 395 13.78 -2.74 93.72
CA MET A 395 14.88 -1.80 93.86
C MET A 395 15.26 -1.63 95.33
N GLU A 398 11.73 -1.43 99.43
CA GLU A 398 10.36 -0.94 99.29
C GLU A 398 10.10 -0.43 97.88
N GLU A 399 11.09 0.25 97.30
CA GLU A 399 10.96 0.75 95.94
C GLU A 399 10.94 -0.40 94.95
N LYS A 400 10.15 -0.23 93.88
CA LYS A 400 10.03 -1.26 92.87
C LYS A 400 9.69 -0.62 91.53
N VAL A 401 9.97 -1.35 90.46
CA VAL A 401 9.62 -0.94 89.11
C VAL A 401 8.71 -1.99 88.50
N PHE A 402 7.87 -1.56 87.57
CA PHE A 402 6.85 -2.42 86.96
C PHE A 402 7.15 -2.55 85.47
N VAL A 403 7.14 -3.79 84.97
CA VAL A 403 7.32 -4.06 83.55
C VAL A 403 6.19 -4.98 83.10
N SER A 404 5.54 -4.62 82.01
CA SER A 404 4.40 -5.37 81.52
C SER A 404 4.83 -6.74 80.99
N ASN A 405 3.97 -7.73 81.19
CA ASN A 405 4.22 -9.08 80.68
C ASN A 405 3.79 -9.23 79.22
N GLU A 406 3.17 -8.21 78.64
CA GLU A 406 2.77 -8.26 77.24
C GLU A 406 3.76 -7.45 76.42
N PRO A 407 4.51 -8.08 75.50
CA PRO A 407 5.46 -7.32 74.69
C PRO A 407 4.73 -6.31 73.81
N VAL A 408 5.40 -5.18 73.57
CA VAL A 408 4.77 -4.09 72.84
C VAL A 408 4.58 -4.49 71.38
N LYS A 409 3.38 -4.25 70.87
CA LYS A 409 3.02 -4.67 69.52
C LYS A 409 3.54 -3.67 68.49
N PHE A 410 3.58 -4.12 67.24
CA PHE A 410 3.89 -3.25 66.11
C PHE A 410 2.82 -3.41 65.05
N LYS A 411 2.56 -2.34 64.30
CA LYS A 411 1.50 -2.32 63.31
C LYS A 411 2.05 -1.93 61.95
N GLY A 412 1.57 -2.64 60.92
CA GLY A 412 1.96 -2.34 59.56
C GLY A 412 0.75 -2.29 58.64
N ASN A 413 0.93 -1.59 57.53
CA ASN A 413 -0.14 -1.38 56.56
C ASN A 413 -0.04 -2.28 55.34
N VAL A 414 0.93 -3.19 55.31
CA VAL A 414 1.09 -4.12 54.20
C VAL A 414 1.30 -5.52 54.75
N SER A 415 0.96 -6.51 53.94
CA SER A 415 1.11 -7.93 54.30
C SER A 415 0.94 -8.74 53.02
N TYR A 416 0.93 -10.06 53.16
CA TYR A 416 0.77 -10.99 52.06
C TYR A 416 -0.39 -11.93 52.35
N ASN A 417 -0.62 -12.88 51.44
CA ASN A 417 -1.76 -13.79 51.52
C ASN A 417 -1.28 -15.24 51.45
N ILE A 418 -0.26 -15.56 52.26
CA ILE A 418 0.26 -16.92 52.39
C ILE A 418 0.74 -17.45 51.04
N MET B 1 2.53 0.62 70.83
CA MET B 1 1.85 0.51 69.55
C MET B 1 2.44 1.52 68.55
N LYS B 2 3.32 1.03 67.68
CA LYS B 2 4.02 1.87 66.72
C LYS B 2 3.82 1.34 65.32
N GLU B 3 3.88 2.24 64.35
CA GLU B 3 3.61 1.94 62.96
C GLU B 3 4.90 1.68 62.19
N LEU B 4 4.88 0.66 61.34
CA LEU B 4 5.99 0.34 60.45
C LEU B 4 5.66 0.85 59.04
N ILE B 5 6.58 1.62 58.47
CA ILE B 5 6.42 2.03 57.08
C ILE B 5 6.88 0.88 56.18
N TYR B 6 6.56 0.97 54.90
CA TYR B 6 6.99 -0.02 53.92
C TYR B 6 7.72 0.69 52.79
N ILE B 7 8.91 0.20 52.46
CA ILE B 7 9.73 0.77 51.40
C ILE B 7 9.57 -0.10 50.16
N GLU B 8 9.20 0.52 49.04
CA GLU B 8 8.95 -0.23 47.82
C GLU B 8 10.22 -0.91 47.34
N GLU B 9 10.05 -2.09 46.77
CA GLU B 9 11.19 -2.89 46.33
C GLU B 9 11.89 -2.20 45.16
N PRO B 10 13.22 -2.08 45.20
CA PRO B 10 13.93 -1.48 44.06
C PRO B 10 13.96 -2.42 42.86
N LYS B 11 14.35 -1.86 41.73
CA LYS B 11 14.36 -2.59 40.47
C LYS B 11 15.75 -2.52 39.84
N ILE B 12 16.12 -3.58 39.13
CA ILE B 12 17.39 -3.65 38.45
C ILE B 12 17.14 -3.63 36.94
N LEU B 13 18.15 -3.20 36.19
CA LEU B 13 18.02 -2.92 34.77
C LEU B 13 18.71 -4.02 33.97
N PHE B 14 17.91 -4.83 33.28
CA PHE B 14 18.39 -5.92 32.44
C PHE B 14 18.46 -5.46 30.98
N ALA B 15 18.65 -6.42 30.07
CA ALA B 15 18.77 -6.13 28.66
C ALA B 15 17.45 -5.59 28.10
N HIS B 16 17.57 -4.94 26.93
CA HIS B 16 16.45 -4.33 26.22
C HIS B 16 15.81 -3.18 27.01
N GLY B 17 16.52 -2.66 28.02
CA GLY B 17 15.99 -1.60 28.84
C GLY B 17 14.97 -2.04 29.85
N GLN B 18 14.73 -3.34 29.99
CA GLN B 18 13.68 -3.85 30.85
C GLN B 18 14.12 -3.86 32.31
N LYS B 19 13.13 -3.83 33.20
CA LYS B 19 13.36 -3.79 34.63
C LYS B 19 12.70 -5.00 35.29
N CYS B 20 13.23 -5.38 36.45
CA CYS B 20 12.68 -6.48 37.21
C CYS B 20 13.18 -6.37 38.65
N THR B 21 12.65 -7.23 39.51
CA THR B 21 13.05 -7.27 40.92
C THR B 21 13.98 -8.41 41.24
N ASP B 22 13.87 -9.53 40.54
CA ASP B 22 14.69 -10.71 40.77
C ASP B 22 15.67 -10.87 39.62
N ALA B 23 16.95 -11.12 39.96
CA ALA B 23 17.96 -11.28 38.93
C ALA B 23 17.73 -12.53 38.09
N ARG B 24 17.29 -13.62 38.73
CA ARG B 24 17.02 -14.84 38.00
C ARG B 24 15.84 -14.67 37.05
N ASP B 25 14.84 -13.89 37.44
CA ASP B 25 13.69 -13.66 36.58
C ASP B 25 13.94 -12.62 35.51
N GLY B 26 15.01 -11.84 35.62
CA GLY B 26 15.34 -10.86 34.61
C GLY B 26 16.33 -11.40 33.59
N LEU B 27 17.26 -12.23 34.06
CA LEU B 27 18.22 -12.85 33.14
C LEU B 27 17.56 -13.90 32.27
N ALA B 28 16.63 -14.67 32.85
CA ALA B 28 15.98 -15.73 32.08
C ALA B 28 14.99 -15.18 31.07
N LEU B 29 14.45 -13.99 31.32
CA LEU B 29 13.46 -13.40 30.43
C LEU B 29 14.08 -12.45 29.41
N PHE B 30 14.93 -11.53 29.86
CA PHE B 30 15.47 -10.48 29.00
C PHE B 30 16.92 -10.70 28.63
N GLY B 31 17.81 -10.89 29.60
CA GLY B 31 19.20 -11.16 29.32
C GLY B 31 20.16 -10.18 29.97
N PRO B 32 21.45 -10.45 29.85
CA PRO B 32 22.45 -9.56 30.45
C PRO B 32 22.55 -8.24 29.71
N LEU B 33 23.08 -7.24 30.41
CA LEU B 33 23.18 -5.90 29.85
C LEU B 33 24.05 -5.88 28.60
N ASN B 34 25.33 -6.20 28.75
CA ASN B 34 26.27 -6.24 27.65
C ASN B 34 26.57 -7.68 27.27
N ASN B 35 26.93 -7.88 26.01
CA ASN B 35 27.15 -9.21 25.47
C ASN B 35 28.64 -9.43 25.20
N LEU B 36 29.13 -10.61 25.59
CA LEU B 36 30.42 -11.10 25.15
C LEU B 36 30.21 -12.33 24.27
N TYR B 37 31.26 -12.73 23.57
CA TYR B 37 31.13 -13.78 22.57
C TYR B 37 31.36 -15.17 23.13
N GLY B 38 32.05 -15.30 24.25
CA GLY B 38 32.28 -16.61 24.83
C GLY B 38 33.28 -16.50 25.96
N ILE B 39 33.32 -17.57 26.75
CA ILE B 39 34.23 -17.67 27.88
C ILE B 39 35.26 -18.75 27.57
N LYS B 40 36.52 -18.34 27.44
CA LYS B 40 37.63 -19.27 27.25
C LYS B 40 38.18 -19.63 28.62
N SER B 41 37.89 -20.84 29.08
CA SER B 41 38.15 -21.23 30.45
C SER B 41 39.48 -21.97 30.56
N GLY B 42 40.31 -21.51 31.50
CA GLY B 42 41.50 -22.22 31.89
C GLY B 42 41.25 -23.00 33.17
N VAL B 43 41.86 -24.17 33.26
CA VAL B 43 41.67 -25.08 34.39
C VAL B 43 43.03 -25.48 34.92
N ILE B 44 43.15 -25.60 36.24
CA ILE B 44 44.37 -26.09 36.88
C ILE B 44 43.98 -27.17 37.89
N GLY B 45 44.69 -28.28 37.85
CA GLY B 45 44.51 -29.31 38.85
C GLY B 45 44.82 -30.68 38.27
N THR B 46 44.43 -31.69 39.03
CA THR B 46 44.64 -33.08 38.61
C THR B 46 43.69 -33.44 37.48
N LYS B 47 44.01 -34.53 36.78
CA LYS B 47 43.18 -34.97 35.67
C LYS B 47 41.78 -35.34 36.14
N GLN B 48 41.65 -35.84 37.37
CA GLN B 48 40.32 -36.08 37.94
C GLN B 48 39.55 -34.77 38.09
N GLY B 49 40.23 -33.72 38.53
CA GLY B 49 39.58 -32.41 38.63
C GLY B 49 39.13 -31.89 37.28
N LEU B 50 39.96 -32.06 36.25
CA LEU B 50 39.58 -31.66 34.90
C LEU B 50 38.37 -32.46 34.42
N LYS B 51 38.35 -33.76 34.71
CA LYS B 51 37.20 -34.59 34.33
C LYS B 51 35.94 -34.11 35.01
N ILE B 52 36.02 -33.81 36.31
CA ILE B 52 34.85 -33.33 37.04
C ILE B 52 34.36 -32.00 36.49
N PHE B 53 35.30 -31.08 36.22
CA PHE B 53 34.91 -29.78 35.69
C PHE B 53 34.30 -29.89 34.31
N ARG B 54 34.85 -30.77 33.45
CA ARG B 54 34.27 -30.98 32.14
C ARG B 54 32.85 -31.57 32.25
N ASP B 55 32.67 -32.51 33.17
CA ASP B 55 31.34 -33.09 33.37
C ASP B 55 30.34 -32.01 33.78
N TYR B 56 30.72 -31.16 34.74
CA TYR B 56 29.82 -30.11 35.17
C TYR B 56 29.55 -29.11 34.05
N LEU B 57 30.58 -28.76 33.27
CA LEU B 57 30.42 -27.77 32.21
C LEU B 57 29.49 -28.29 31.12
N ASP B 58 29.60 -29.57 30.76
CA ASP B 58 28.66 -30.13 29.81
C ASP B 58 27.27 -30.30 30.41
N HIS B 59 27.18 -30.50 31.73
CA HIS B 59 25.88 -30.63 32.38
C HIS B 59 25.16 -29.29 32.44
N ILE B 60 25.90 -28.18 32.50
CA ILE B 60 25.29 -26.86 32.68
C ILE B 60 24.50 -26.46 31.44
N GLN B 61 24.92 -26.89 30.24
CA GLN B 61 24.33 -26.39 29.01
C GLN B 61 22.87 -26.81 28.83
N LYS B 62 22.41 -27.80 29.59
CA LYS B 62 21.02 -28.19 29.47
C LYS B 62 20.19 -27.57 30.58
N PRO B 63 18.89 -27.36 30.36
CA PRO B 63 18.04 -26.85 31.44
C PRO B 63 18.03 -27.78 32.65
N ILE B 64 18.08 -27.19 33.84
CA ILE B 64 18.07 -27.92 35.09
C ILE B 64 16.92 -27.43 35.94
N TYR B 65 16.13 -28.35 36.48
CA TYR B 65 14.94 -28.03 37.26
C TYR B 65 15.17 -28.33 38.72
N ASN B 66 14.45 -27.60 39.57
CA ASN B 66 14.50 -27.78 41.02
C ASN B 66 13.26 -28.56 41.48
N SER B 67 13.14 -28.73 42.80
CA SER B 67 11.97 -29.38 43.36
C SER B 67 10.72 -28.52 43.16
N ASN B 68 10.80 -27.24 43.51
CA ASN B 68 9.72 -26.29 43.28
C ASN B 68 10.28 -25.10 42.53
N SER B 69 9.74 -24.83 41.34
CA SER B 69 10.28 -23.79 40.49
C SER B 69 9.83 -22.39 40.90
N ILE B 70 8.79 -22.28 41.73
CA ILE B 70 8.30 -20.96 42.13
C ILE B 70 9.32 -20.26 43.01
N THR B 71 9.83 -20.95 44.03
CA THR B 71 10.86 -20.38 44.88
C THR B 71 12.21 -20.36 44.17
N ARG B 72 12.48 -21.38 43.35
CA ARG B 72 13.76 -21.52 42.67
C ARG B 72 13.50 -21.58 41.16
N PRO B 73 13.58 -20.45 40.47
CA PRO B 73 13.41 -20.48 39.01
C PRO B 73 14.45 -21.39 38.36
N MET B 74 14.00 -22.13 37.36
CA MET B 74 14.86 -23.11 36.70
C MET B 74 15.98 -22.42 35.96
N PHE B 75 17.09 -23.15 35.77
CA PHE B 75 18.21 -22.65 34.99
C PHE B 75 18.04 -23.10 33.55
N PRO B 76 17.81 -22.18 32.61
CA PRO B 76 17.54 -22.60 31.22
C PRO B 76 18.79 -22.89 30.41
N GLY B 77 19.94 -23.05 31.06
CA GLY B 77 21.17 -23.29 30.33
C GLY B 77 21.94 -22.01 30.08
N PHE B 78 23.27 -22.14 30.07
CA PHE B 78 24.13 -20.97 30.05
C PHE B 78 23.93 -20.15 28.78
N GLU B 79 23.89 -20.82 27.62
CA GLU B 79 23.74 -20.10 26.36
C GLU B 79 22.37 -19.44 26.26
N ALA B 80 21.32 -20.10 26.75
CA ALA B 80 19.98 -19.56 26.67
C ALA B 80 19.75 -18.40 27.62
N VAL B 81 20.65 -18.17 28.59
CA VAL B 81 20.51 -17.05 29.52
C VAL B 81 21.46 -15.93 29.15
N PHE B 82 22.75 -16.23 29.11
CA PHE B 82 23.77 -15.19 28.96
C PHE B 82 24.15 -14.93 27.51
N ASP B 83 23.57 -15.68 26.57
CA ASP B 83 23.77 -15.44 25.14
C ASP B 83 25.25 -15.47 24.76
N CYS B 84 26.01 -16.36 25.40
CA CYS B 84 27.41 -16.53 25.09
C CYS B 84 27.82 -17.96 25.42
N LYS B 85 28.88 -18.41 24.77
CA LYS B 85 29.28 -19.82 24.82
C LYS B 85 30.24 -20.05 25.97
N TRP B 86 29.89 -20.98 26.87
CA TRP B 86 30.79 -21.48 27.91
C TRP B 86 30.77 -23.00 27.78
N GLU B 87 31.63 -23.52 26.91
CA GLU B 87 31.66 -24.94 26.59
C GLU B 87 32.93 -25.57 27.12
N SER B 88 33.00 -26.89 27.00
CA SER B 88 34.20 -27.63 27.39
C SER B 88 35.20 -27.76 26.26
N THR B 89 34.91 -27.21 25.09
CA THR B 89 35.86 -27.21 23.98
C THR B 89 36.78 -26.01 23.99
N GLY B 90 36.56 -25.05 24.89
CA GLY B 90 37.45 -23.93 25.09
C GLY B 90 38.35 -24.04 26.30
N ILE B 91 38.46 -25.23 26.88
CA ILE B 91 39.20 -25.42 28.12
C ILE B 91 40.70 -25.56 27.79
N THR B 92 41.52 -24.82 28.51
CA THR B 92 42.97 -24.98 28.47
C THR B 92 43.40 -25.54 29.82
N PHE B 93 43.88 -26.77 29.83
CA PHE B 93 44.11 -27.52 31.06
C PHE B 93 45.57 -27.47 31.46
N LYS B 94 45.80 -27.35 32.77
CA LYS B 94 47.13 -27.42 33.36
C LYS B 94 47.09 -28.46 34.47
N GLU B 95 48.07 -29.36 34.45
CA GLU B 95 48.07 -30.53 35.33
C GLU B 95 48.93 -30.25 36.56
N VAL B 96 48.35 -30.49 37.73
CA VAL B 96 49.07 -30.50 38.99
C VAL B 96 49.08 -31.94 39.47
N THR B 97 50.26 -32.57 39.48
CA THR B 97 50.35 -33.98 39.80
C THR B 97 50.05 -34.21 41.28
N ASN B 98 49.31 -35.28 41.55
CA ASN B 98 49.03 -35.66 42.94
C ASN B 98 50.31 -35.96 43.71
N GLU B 99 51.38 -36.36 43.02
CA GLU B 99 52.67 -36.56 43.68
C GLU B 99 53.20 -35.24 44.25
N ASP B 100 53.09 -34.15 43.49
CA ASP B 100 53.55 -32.86 43.97
C ASP B 100 52.58 -32.25 44.99
N ILE B 101 51.32 -32.66 44.97
CA ILE B 101 50.37 -32.16 45.96
C ILE B 101 50.72 -32.71 47.34
N GLY B 102 51.06 -33.99 47.42
CA GLY B 102 51.43 -34.61 48.67
C GLY B 102 52.84 -34.36 49.13
N LYS B 103 53.64 -33.65 48.34
CA LYS B 103 54.99 -33.30 48.75
C LYS B 103 55.04 -32.10 49.68
N PHE B 104 54.08 -31.18 49.56
CA PHE B 104 53.99 -30.03 50.45
C PHE B 104 52.88 -30.13 51.47
N LEU B 105 51.83 -30.93 51.19
CA LEU B 105 50.65 -30.96 52.03
C LEU B 105 50.91 -31.54 53.42
N TYR B 106 51.98 -32.31 53.60
CA TYR B 106 52.22 -32.99 54.87
C TYR B 106 53.34 -32.34 55.68
N ASN B 107 53.58 -31.05 55.48
CA ASN B 107 54.49 -30.32 56.35
C ASN B 107 53.82 -30.06 57.69
N SER B 108 54.61 -30.13 58.76
CA SER B 108 54.05 -30.00 60.11
C SER B 108 53.43 -28.62 60.32
N SER B 109 54.10 -27.57 59.88
CA SER B 109 53.60 -26.22 60.05
C SER B 109 52.54 -25.90 59.00
N THR B 110 51.41 -25.35 59.44
CA THR B 110 50.35 -24.98 58.50
C THR B 110 50.80 -23.85 57.59
N HIS B 111 51.57 -22.90 58.13
CA HIS B 111 52.01 -21.74 57.35
C HIS B 111 52.86 -22.18 56.15
N LYS B 112 53.89 -22.99 56.41
CA LYS B 112 54.78 -23.42 55.34
C LYS B 112 54.05 -24.30 54.33
N ARG B 113 53.17 -25.19 54.82
CA ARG B 113 52.41 -26.03 53.91
C ARG B 113 51.55 -25.20 52.98
N THR B 114 50.80 -24.25 53.54
CA THR B 114 49.91 -23.43 52.74
C THR B 114 50.70 -22.55 51.77
N TYR B 115 51.84 -22.00 52.20
CA TYR B 115 52.63 -21.17 51.31
C TYR B 115 53.18 -21.97 50.14
N ASP B 116 53.76 -23.15 50.44
CA ASP B 116 54.34 -23.96 49.38
C ASP B 116 53.29 -24.42 48.39
N LEU B 117 52.13 -24.82 48.90
CA LEU B 117 51.10 -25.38 48.03
C LEU B 117 50.41 -24.29 47.22
N VAL B 118 50.21 -23.12 47.81
CA VAL B 118 49.70 -21.98 47.05
C VAL B 118 50.70 -21.59 45.96
N SER B 119 51.99 -21.60 46.28
CA SER B 119 52.99 -21.27 45.27
C SER B 119 52.98 -22.29 44.14
N LEU B 120 52.82 -23.57 44.47
CA LEU B 120 52.72 -24.60 43.44
C LEU B 120 51.53 -24.36 42.53
N PHE B 121 50.39 -23.97 43.10
CA PHE B 121 49.23 -23.67 42.26
C PHE B 121 49.40 -22.37 41.47
N ILE B 122 50.17 -21.42 42.01
CA ILE B 122 50.22 -20.07 41.45
C ILE B 122 51.22 -19.97 40.32
N ASP B 123 52.35 -20.68 40.43
CA ASP B 123 53.40 -20.58 39.43
C ASP B 123 52.91 -21.02 38.05
N LYS B 124 52.12 -22.10 38.00
CA LYS B 124 51.60 -22.58 36.72
C LYS B 124 50.67 -21.56 36.08
N ILE B 125 49.81 -20.93 36.87
CA ILE B 125 48.92 -19.90 36.34
C ILE B 125 49.72 -18.74 35.76
N ILE B 126 50.72 -18.28 36.50
CA ILE B 126 51.51 -17.14 36.03
C ILE B 126 52.29 -17.51 34.76
N SER B 127 52.89 -18.71 34.74
CA SER B 127 53.65 -19.13 33.58
C SER B 127 52.76 -19.27 32.34
N ALA B 128 51.57 -19.85 32.51
CA ALA B 128 50.64 -19.94 31.38
C ALA B 128 50.10 -18.58 30.97
N ASN B 129 50.11 -17.60 31.88
CA ASN B 129 49.72 -16.25 31.50
C ASN B 129 50.80 -15.58 30.67
N LYS B 130 52.07 -15.75 31.04
CA LYS B 130 53.15 -15.04 30.36
C LYS B 130 53.74 -15.81 29.19
N ASN B 131 53.91 -17.13 29.33
CA ASN B 131 54.71 -17.92 28.39
C ASN B 131 53.86 -18.78 27.47
N GLU B 132 52.58 -18.47 27.31
CA GLU B 132 51.72 -19.24 26.42
C GLU B 132 50.91 -18.30 25.54
N ASP B 133 50.58 -18.78 24.34
CA ASP B 133 49.93 -17.96 23.34
C ASP B 133 48.42 -18.03 23.38
N GLU B 134 47.84 -18.85 24.25
CA GLU B 134 46.39 -18.86 24.39
C GLU B 134 45.92 -17.65 25.17
N ASN B 135 44.63 -17.34 25.02
CA ASN B 135 43.99 -16.27 25.76
C ASN B 135 42.92 -16.89 26.64
N VAL B 136 43.05 -16.70 27.95
CA VAL B 136 42.17 -17.32 28.94
C VAL B 136 41.41 -16.22 29.65
N ASP B 137 40.09 -16.34 29.71
CA ASP B 137 39.26 -15.35 30.39
C ASP B 137 39.30 -15.56 31.91
N VAL B 138 38.85 -16.73 32.36
CA VAL B 138 38.79 -17.06 33.78
C VAL B 138 39.58 -18.34 34.00
N TRP B 139 40.40 -18.36 35.06
CA TRP B 139 41.17 -19.54 35.45
C TRP B 139 40.38 -20.26 36.53
N PHE B 140 39.91 -21.47 36.22
CA PHE B 140 39.10 -22.26 37.15
C PHE B 140 40.01 -23.22 37.89
N VAL B 141 40.34 -22.89 39.13
CA VAL B 141 41.26 -23.67 39.94
C VAL B 141 40.43 -24.70 40.71
N ILE B 142 40.45 -25.94 40.26
CA ILE B 142 39.74 -27.02 40.94
C ILE B 142 40.64 -27.54 42.04
N VAL B 143 40.13 -27.50 43.26
CA VAL B 143 40.91 -27.75 44.48
C VAL B 143 40.30 -28.97 45.16
N PRO B 144 41.07 -30.04 45.37
CA PRO B 144 40.53 -31.23 46.06
C PRO B 144 40.09 -30.94 47.49
N ASP B 145 39.59 -31.98 48.15
CA ASP B 145 39.11 -31.83 49.52
C ASP B 145 40.23 -31.88 50.55
N GLU B 146 41.28 -32.67 50.31
CA GLU B 146 42.38 -32.80 51.27
C GLU B 146 43.12 -31.48 51.42
N ILE B 147 43.42 -30.82 50.32
CA ILE B 147 43.99 -29.47 50.33
C ILE B 147 43.09 -28.49 51.06
N TYR B 148 41.78 -28.53 50.77
CA TYR B 148 40.88 -27.54 51.37
C TYR B 148 40.76 -27.72 52.87
N LYS B 149 40.67 -28.97 53.34
CA LYS B 149 40.43 -29.22 54.75
C LYS B 149 41.62 -28.78 55.61
N TYR B 150 42.84 -29.03 55.14
CA TYR B 150 44.05 -28.75 55.90
C TYR B 150 44.72 -27.45 55.48
N CYS B 151 43.94 -26.45 55.06
CA CYS B 151 44.46 -25.16 54.64
C CYS B 151 43.66 -24.03 55.29
N ARG B 152 43.44 -24.16 56.59
CA ARG B 152 42.76 -23.16 57.40
C ARG B 152 43.65 -22.80 58.57
N PRO B 153 43.46 -21.61 59.16
CA PRO B 153 44.35 -21.20 60.26
C PRO B 153 44.37 -22.15 61.44
N ASN B 154 43.22 -22.75 61.76
CA ASN B 154 43.12 -23.66 62.91
C ASN B 154 43.17 -25.13 62.51
N SER B 155 43.30 -25.45 61.23
CA SER B 155 43.32 -26.83 60.79
C SER B 155 44.60 -27.53 61.25
N VAL B 156 44.48 -28.82 61.57
CA VAL B 156 45.61 -29.63 62.00
C VAL B 156 45.59 -30.93 61.21
N LEU B 157 46.78 -31.53 61.08
CA LEU B 157 46.89 -32.78 60.36
C LEU B 157 46.35 -33.95 61.20
N PRO B 158 45.81 -34.98 60.56
CA PRO B 158 45.21 -36.10 61.31
C PRO B 158 46.24 -37.08 61.88
N LYS B 159 47.05 -36.57 62.82
CA LYS B 159 48.02 -37.39 63.55
C LYS B 159 48.96 -38.13 62.60
N GLU B 160 49.41 -37.42 61.56
CA GLU B 160 50.29 -38.00 60.53
C GLU B 160 49.67 -39.24 59.91
N ASN B 201 54.46 -13.49 57.11
CA ASN B 201 54.25 -12.63 55.95
C ASN B 201 52.82 -12.72 55.44
N TYR B 202 52.49 -13.86 54.84
CA TYR B 202 51.17 -14.08 54.28
C TYR B 202 50.27 -14.80 55.28
N ASP B 203 48.97 -14.81 54.97
CA ASP B 203 48.00 -15.48 55.82
C ASP B 203 48.12 -16.99 55.67
N ALA B 204 47.47 -17.71 56.58
CA ALA B 204 47.44 -19.16 56.55
C ALA B 204 46.26 -19.72 55.77
N GLN B 205 45.36 -18.86 55.30
CA GLN B 205 44.20 -19.31 54.54
C GLN B 205 44.57 -19.50 53.07
N PHE B 206 44.11 -20.61 52.49
CA PHE B 206 44.45 -20.92 51.11
C PHE B 206 43.81 -19.93 50.14
N HIS B 207 42.53 -19.62 50.33
CA HIS B 207 41.81 -18.79 49.37
C HIS B 207 42.33 -17.35 49.36
N ASP B 208 42.46 -16.75 50.55
CA ASP B 208 42.92 -15.37 50.62
C ASP B 208 44.36 -15.24 50.12
N GLN B 209 45.22 -16.19 50.49
CA GLN B 209 46.59 -16.17 49.98
C GLN B 209 46.63 -16.32 48.47
N PHE B 210 45.82 -17.24 47.94
CA PHE B 210 45.79 -17.47 46.50
C PHE B 210 45.36 -16.22 45.76
N LYS B 211 44.34 -15.53 46.26
CA LYS B 211 43.87 -14.32 45.58
C LYS B 211 44.81 -13.15 45.79
N ALA B 212 45.54 -13.11 46.92
CA ALA B 212 46.46 -12.02 47.18
C ALA B 212 47.75 -12.16 46.38
N ARG B 213 48.15 -13.38 46.04
CA ARG B 213 49.40 -13.57 45.32
C ARG B 213 49.24 -13.39 43.80
N LEU B 214 48.02 -13.15 43.31
CA LEU B 214 47.80 -12.84 41.90
C LEU B 214 47.46 -11.38 41.67
N LEU B 215 47.52 -10.54 42.72
CA LEU B 215 47.04 -9.17 42.57
C LEU B 215 47.97 -8.30 41.75
N LYS B 216 49.24 -8.67 41.63
CA LYS B 216 50.16 -7.95 40.77
C LYS B 216 50.14 -8.46 39.33
N HIS B 217 49.37 -9.50 39.05
CA HIS B 217 49.24 -10.04 37.70
C HIS B 217 47.85 -9.86 37.11
N THR B 218 46.87 -9.43 37.90
CA THR B 218 45.51 -9.15 37.45
C THR B 218 44.93 -10.32 36.64
N ILE B 219 44.83 -11.47 37.31
CA ILE B 219 44.26 -12.66 36.68
C ILE B 219 42.97 -13.03 37.43
N PRO B 220 41.81 -12.96 36.79
CA PRO B 220 40.55 -13.31 37.46
C PRO B 220 40.36 -14.83 37.50
N THR B 221 40.44 -15.39 38.70
CA THR B 221 40.34 -16.82 38.90
C THR B 221 39.15 -17.16 39.80
N GLN B 222 38.59 -18.35 39.57
CA GLN B 222 37.50 -18.88 40.38
C GLN B 222 37.97 -20.19 41.01
N ILE B 223 37.95 -20.23 42.34
CA ILE B 223 38.35 -21.43 43.07
C ILE B 223 37.13 -22.32 43.26
N PHE B 224 37.26 -23.59 42.91
CA PHE B 224 36.19 -24.57 43.01
C PHE B 224 36.64 -25.71 43.90
N ARG B 225 35.68 -26.36 44.54
CA ARG B 225 35.91 -27.56 45.31
C ARG B 225 35.32 -28.76 44.58
N GLU B 226 36.05 -29.88 44.59
CA GLU B 226 35.57 -31.06 43.90
C GLU B 226 34.21 -31.51 44.42
N SER B 227 33.93 -31.26 45.70
CA SER B 227 32.62 -31.59 46.25
C SER B 227 31.53 -30.70 45.66
N THR B 228 31.87 -29.47 45.27
CA THR B 228 30.87 -28.59 44.68
C THR B 228 30.37 -29.13 43.34
N LEU B 229 31.29 -29.62 42.50
CA LEU B 229 30.92 -30.10 41.17
C LEU B 229 30.63 -31.58 41.12
N ALA B 230 31.13 -32.36 42.09
CA ALA B 230 30.97 -33.81 42.11
C ALA B 230 30.40 -34.24 43.46
N TRP B 231 29.35 -33.58 43.91
CA TRP B 231 28.75 -33.90 45.21
C TRP B 231 28.17 -35.30 45.24
N ARG B 232 27.66 -35.79 44.11
CA ARG B 232 27.08 -37.12 44.07
C ARG B 232 28.12 -38.20 44.37
N ASP B 233 29.34 -37.99 43.91
CA ASP B 233 30.41 -38.98 44.07
C ASP B 233 31.13 -38.88 45.40
N PHE B 234 30.76 -37.95 46.25
CA PHE B 234 31.38 -37.77 47.56
C PHE B 234 30.40 -38.17 48.65
N LYS B 235 30.79 -39.14 49.48
CA LYS B 235 29.96 -39.62 50.56
C LYS B 235 30.82 -39.75 51.81
N ASN B 236 30.16 -39.80 52.97
CA ASN B 236 30.86 -39.79 54.25
C ASN B 236 30.71 -41.11 55.02
N ALA B 237 29.48 -41.51 55.34
CA ALA B 237 29.27 -42.66 56.22
C ALA B 237 28.48 -43.78 55.57
N PHE B 238 27.29 -43.51 55.05
CA PHE B 238 26.36 -44.53 54.61
C PHE B 238 25.98 -44.36 53.15
N GLY B 239 26.93 -43.90 52.33
CA GLY B 239 26.67 -43.73 50.92
C GLY B 239 25.82 -42.51 50.57
N LEU B 240 25.59 -41.61 51.52
CA LEU B 240 24.82 -40.41 51.25
C LEU B 240 25.76 -39.22 51.05
N PRO B 241 25.39 -38.27 50.19
CA PRO B 241 26.25 -37.10 49.97
C PRO B 241 26.35 -36.23 51.21
N ILE B 242 27.53 -35.66 51.40
CA ILE B 242 27.72 -34.71 52.50
C ILE B 242 26.97 -33.41 52.22
N ARG B 243 26.98 -32.96 50.96
CA ARG B 243 26.26 -31.77 50.53
C ARG B 243 25.11 -32.21 49.64
N ASP B 244 23.88 -31.97 50.10
CA ASP B 244 22.68 -32.40 49.37
C ASP B 244 22.29 -31.31 48.38
N PHE B 245 22.80 -31.42 47.16
CA PHE B 245 22.51 -30.48 46.09
C PHE B 245 21.34 -30.92 45.22
N SER B 246 20.66 -32.01 45.58
CA SER B 246 19.64 -32.57 44.69
C SER B 246 18.48 -31.60 44.49
N LYS B 247 18.05 -30.92 45.55
CA LYS B 247 16.91 -30.01 45.45
C LYS B 247 17.28 -28.63 44.93
N ILE B 248 18.57 -28.27 44.92
CA ILE B 248 18.97 -26.90 44.64
C ILE B 248 19.94 -26.82 43.46
N GLU B 249 20.00 -27.88 42.64
CA GLU B 249 20.96 -27.92 41.54
C GLU B 249 20.84 -26.70 40.62
N GLY B 250 19.61 -26.28 40.34
CA GLY B 250 19.42 -25.12 39.49
C GLY B 250 19.98 -23.85 40.10
N HIS B 251 19.82 -23.69 41.42
CA HIS B 251 20.37 -22.51 42.10
C HIS B 251 21.89 -22.53 42.08
N LEU B 252 22.49 -23.71 42.26
CA LEU B 252 23.94 -23.83 42.17
C LEU B 252 24.43 -23.45 40.78
N ALA B 253 23.75 -23.93 39.74
CA ALA B 253 24.11 -23.57 38.38
C ALA B 253 23.96 -22.07 38.15
N TRP B 254 22.88 -21.48 38.67
CA TRP B 254 22.68 -20.04 38.54
C TRP B 254 23.83 -19.26 39.16
N THR B 255 24.20 -19.61 40.40
CA THR B 255 25.26 -18.88 41.08
C THR B 255 26.59 -19.03 40.35
N ILE B 256 26.92 -20.26 39.95
CA ILE B 256 28.19 -20.50 39.27
C ILE B 256 28.25 -19.74 37.95
N SER B 257 27.17 -19.82 37.17
CA SER B 257 27.14 -19.15 35.87
C SER B 257 27.23 -17.64 36.02
N THR B 258 26.51 -17.07 37.00
CA THR B 258 26.58 -15.63 37.20
C THR B 258 27.98 -15.19 37.62
N ALA B 259 28.61 -15.94 38.53
CA ALA B 259 29.96 -15.60 38.95
C ALA B 259 30.95 -15.68 37.78
N ALA B 260 30.85 -16.74 36.98
CA ALA B 260 31.77 -16.90 35.85
C ALA B 260 31.53 -15.82 34.79
N PHE B 261 30.25 -15.47 34.55
CA PHE B 261 29.94 -14.43 33.57
C PHE B 261 30.48 -13.07 34.03
N TYR B 262 30.34 -12.76 35.32
CA TYR B 262 30.88 -11.50 35.83
C TYR B 262 32.40 -11.49 35.75
N LYS B 263 33.04 -12.62 36.07
CA LYS B 263 34.50 -12.69 36.06
C LYS B 263 35.07 -12.54 34.66
N ALA B 264 34.31 -12.91 33.63
CA ALA B 264 34.80 -12.89 32.26
C ALA B 264 34.55 -11.56 31.56
N GLY B 265 34.02 -10.56 32.28
CA GLY B 265 33.78 -9.25 31.70
C GLY B 265 32.33 -8.88 31.53
N GLY B 266 31.40 -9.74 31.94
CA GLY B 266 29.99 -9.47 31.74
C GLY B 266 29.43 -8.43 32.68
N LYS B 267 28.25 -7.93 32.32
CA LYS B 267 27.49 -7.00 33.14
C LYS B 267 26.09 -7.58 33.29
N PRO B 268 25.91 -8.50 34.24
CA PRO B 268 24.63 -9.22 34.30
C PRO B 268 23.43 -8.32 34.53
N TRP B 269 23.58 -7.26 35.32
CA TRP B 269 22.49 -6.31 35.56
C TRP B 269 23.08 -5.06 36.19
N LYS B 270 22.22 -4.06 36.37
CA LYS B 270 22.62 -2.82 37.02
C LYS B 270 21.38 -2.18 37.65
N LEU B 271 21.64 -1.32 38.63
CA LEU B 271 20.56 -0.63 39.32
C LEU B 271 19.89 0.38 38.41
N SER B 272 18.57 0.46 38.49
CA SER B 272 17.79 1.36 37.65
C SER B 272 17.46 2.68 38.32
N ASP B 273 17.13 2.66 39.62
CA ASP B 273 16.69 3.84 40.34
C ASP B 273 17.83 4.55 41.06
N VAL B 274 19.07 4.36 40.61
CA VAL B 274 20.20 5.07 41.22
C VAL B 274 20.04 6.56 40.95
N ARG B 275 20.30 7.35 41.98
CA ARG B 275 19.96 8.77 41.97
C ARG B 275 21.00 9.57 41.16
N ASN B 276 20.98 10.88 41.35
CA ASN B 276 21.86 11.81 40.67
C ASN B 276 23.24 11.77 41.31
N GLY B 277 24.03 12.83 41.12
CA GLY B 277 25.44 12.83 41.42
C GLY B 277 25.86 12.45 42.83
N VAL B 278 24.89 12.15 43.70
CA VAL B 278 25.22 11.57 45.00
C VAL B 278 25.93 10.25 44.80
N CYS B 279 27.03 10.06 45.53
CA CYS B 279 27.85 8.86 45.45
C CYS B 279 27.90 8.18 46.82
N TYR B 280 27.93 6.85 46.81
CA TYR B 280 27.95 6.05 48.02
C TYR B 280 29.34 5.45 48.23
N LEU B 281 29.76 5.39 49.48
CA LEU B 281 31.02 4.80 49.88
C LEU B 281 30.75 3.90 51.07
N GLY B 282 31.61 2.89 51.24
CA GLY B 282 31.46 1.98 52.36
C GLY B 282 32.79 1.55 52.93
N LEU B 283 32.97 1.68 54.24
CA LEU B 283 34.24 1.38 54.89
C LEU B 283 34.12 0.13 55.74
N VAL B 284 35.19 -0.67 55.76
CA VAL B 284 35.26 -1.86 56.60
C VAL B 284 36.66 -1.93 57.20
N TYR B 285 36.74 -2.17 58.50
CA TYR B 285 38.00 -2.32 59.21
C TYR B 285 38.28 -3.80 59.44
N LYS B 286 39.54 -4.17 59.26
CA LYS B 286 39.99 -5.55 59.40
C LYS B 286 41.25 -5.57 60.25
N LYS B 287 41.52 -6.72 60.86
CA LYS B 287 42.71 -6.91 61.67
C LYS B 287 43.81 -7.54 60.82
N VAL B 288 44.94 -6.84 60.70
CA VAL B 288 46.05 -7.32 59.89
C VAL B 288 46.76 -8.51 60.52
N GLU B 289 46.43 -8.83 61.78
CA GLU B 289 47.01 -9.96 62.49
C GLU B 289 48.52 -9.79 62.68
N LYS B 290 49.23 -10.90 62.86
CA LYS B 290 50.66 -10.87 63.15
C LYS B 290 51.48 -10.81 61.86
N SER B 291 51.24 -9.77 61.07
CA SER B 291 52.03 -9.50 59.88
C SER B 291 53.17 -8.54 60.19
N LYS B 292 52.83 -7.32 60.63
CA LYS B 292 53.82 -6.37 61.12
C LYS B 292 53.13 -5.51 62.19
N ASN B 293 53.29 -5.93 63.46
CA ASN B 293 52.71 -5.27 64.64
C ASN B 293 51.19 -5.34 64.61
N PRO B 294 50.53 -5.23 65.78
CA PRO B 294 49.06 -5.19 65.78
C PRO B 294 48.53 -3.94 65.08
N ARG B 295 47.86 -4.14 63.95
CA ARG B 295 47.41 -3.04 63.11
C ARG B 295 45.99 -3.30 62.65
N ASN B 296 45.28 -2.22 62.31
CA ASN B 296 43.96 -2.29 61.70
C ASN B 296 44.03 -1.65 60.33
N ALA B 297 43.37 -2.27 59.36
CA ALA B 297 43.37 -1.80 57.98
C ALA B 297 41.95 -1.48 57.55
N CYS B 298 41.74 -0.27 57.05
CA CYS B 298 40.43 0.15 56.54
C CYS B 298 40.45 0.08 55.03
N CYS B 299 39.48 -0.65 54.48
CA CYS B 299 39.30 -0.80 53.04
C CYS B 299 37.91 -0.34 52.65
N ALA B 300 37.79 0.27 51.48
CA ALA B 300 36.54 0.91 51.10
C ALA B 300 36.03 0.37 49.77
N ALA B 301 34.76 0.62 49.53
CA ALA B 301 34.14 0.41 48.22
C ALA B 301 33.37 1.66 47.86
N GLN B 302 33.22 1.92 46.56
CA GLN B 302 32.53 3.11 46.10
C GLN B 302 31.59 2.76 44.96
N MET B 303 30.52 3.54 44.85
CA MET B 303 29.44 3.26 43.91
C MET B 303 28.79 4.58 43.51
N PHE B 304 28.49 4.73 42.23
CA PHE B 304 27.75 5.89 41.73
C PHE B 304 27.33 5.61 40.30
N LEU B 305 26.82 6.65 39.63
CA LEU B 305 26.31 6.55 38.26
C LEU B 305 27.03 7.58 37.40
N ASP B 306 27.52 7.14 36.24
CA ASP B 306 28.28 7.99 35.35
C ASP B 306 27.35 8.72 34.37
N ASN B 307 27.95 9.53 33.50
CA ASN B 307 27.17 10.30 32.54
C ASN B 307 26.46 9.42 31.52
N GLY B 308 26.93 8.19 31.32
CA GLY B 308 26.30 7.27 30.41
C GLY B 308 25.13 6.49 30.99
N ASP B 309 24.65 6.90 32.17
CA ASP B 309 23.55 6.28 32.90
C ASP B 309 23.89 4.88 33.41
N GLY B 310 25.13 4.43 33.22
CA GLY B 310 25.56 3.16 33.76
C GLY B 310 25.89 3.26 35.23
N THR B 311 26.36 2.13 35.77
CA THR B 311 26.68 2.01 37.19
C THR B 311 28.18 1.77 37.34
N VAL B 312 28.86 2.64 38.09
CA VAL B 312 30.25 2.45 38.47
C VAL B 312 30.28 1.90 39.88
N PHE B 313 30.99 0.79 40.06
CA PHE B 313 31.02 0.09 41.35
C PHE B 313 32.41 -0.53 41.48
N LYS B 314 33.28 0.11 42.25
CA LYS B 314 34.66 -0.35 42.41
C LYS B 314 35.03 -0.27 43.88
N GLY B 315 36.31 -0.43 44.18
CA GLY B 315 36.80 -0.34 45.54
C GLY B 315 37.85 0.75 45.68
N GLU B 316 38.01 1.23 46.91
CA GLU B 316 39.13 2.06 47.30
C GLU B 316 40.07 1.19 48.13
N VAL B 317 41.27 0.95 47.60
CA VAL B 317 42.18 -0.04 48.14
C VAL B 317 43.47 0.66 48.53
N GLY B 318 44.46 -0.11 48.96
CA GLY B 318 45.61 0.46 49.63
C GLY B 318 45.19 0.78 51.04
N PRO B 319 44.91 -0.28 51.81
CA PRO B 319 44.16 -0.11 53.07
C PRO B 319 44.86 0.87 53.99
N TRP B 320 44.06 1.76 54.58
CA TRP B 320 44.60 2.81 55.44
C TRP B 320 44.77 2.24 56.85
N TYR B 321 45.96 2.41 57.42
CA TYR B 321 46.37 1.66 58.59
C TYR B 321 46.29 2.52 59.85
N ASN B 322 45.65 1.97 60.88
CA ASN B 322 45.65 2.51 62.23
C ASN B 322 46.44 1.58 63.13
N PRO B 323 47.56 2.03 63.71
CA PRO B 323 48.40 1.12 64.49
C PRO B 323 47.89 0.83 65.89
N LYS B 324 46.86 1.52 66.36
CA LYS B 324 46.38 1.33 67.73
C LYS B 324 45.51 0.08 67.79
N ASN B 325 45.83 -0.81 68.74
CA ASN B 325 45.08 -2.05 68.89
C ASN B 325 43.68 -1.75 69.42
N GLY B 326 42.67 -2.34 68.77
CA GLY B 326 41.30 -2.14 69.19
C GLY B 326 40.68 -0.83 68.73
N GLN B 327 41.41 0.01 68.01
CA GLN B 327 40.92 1.30 67.55
C GLN B 327 40.53 1.17 66.08
N TYR B 328 39.25 1.36 65.80
CA TYR B 328 38.71 1.30 64.44
C TYR B 328 38.30 2.69 63.96
N HIS B 329 39.10 3.70 64.32
CA HIS B 329 38.89 5.07 63.88
C HIS B 329 40.11 5.53 63.12
N LEU B 330 39.89 6.17 61.97
CA LEU B 330 40.98 6.59 61.12
C LEU B 330 41.57 7.90 61.62
N GLU B 331 42.90 7.99 61.55
CA GLU B 331 43.60 9.21 61.91
C GLU B 331 43.29 10.30 60.88
N PRO B 332 43.40 11.58 61.27
CA PRO B 332 42.98 12.65 60.35
C PRO B 332 43.70 12.65 59.01
N LYS B 333 45.00 12.36 58.99
CA LYS B 333 45.72 12.30 57.72
C LYS B 333 45.17 11.19 56.84
N GLU B 334 44.95 10.01 57.42
CA GLU B 334 44.47 8.87 56.65
C GLU B 334 43.08 9.14 56.09
N ALA B 335 42.21 9.73 56.91
CA ALA B 335 40.86 10.06 56.45
C ALA B 335 40.89 11.12 55.36
N LYS B 336 41.76 12.12 55.50
CA LYS B 336 41.91 13.12 54.45
C LYS B 336 42.33 12.48 53.14
N ALA B 337 43.32 11.58 53.20
CA ALA B 337 43.78 10.91 51.99
C ALA B 337 42.66 10.07 51.37
N LEU B 338 41.91 9.36 52.20
CA LEU B 338 40.85 8.50 51.69
C LEU B 338 39.76 9.32 50.98
N LEU B 339 39.28 10.38 51.64
CA LEU B 339 38.23 11.19 51.00
C LEU B 339 38.77 11.90 49.76
N SER B 340 40.02 12.34 49.79
CA SER B 340 40.60 12.99 48.62
C SER B 340 40.67 12.02 47.44
N GLN B 341 41.09 10.78 47.69
CA GLN B 341 41.14 9.79 46.61
C GLN B 341 39.76 9.48 46.07
N SER B 342 38.77 9.34 46.96
CA SER B 342 37.40 9.05 46.50
C SER B 342 36.87 10.19 45.65
N LEU B 343 37.07 11.44 46.09
CA LEU B 343 36.59 12.59 45.33
C LEU B 343 37.32 12.71 44.01
N GLN B 344 38.63 12.43 44.00
CA GLN B 344 39.38 12.47 42.75
C GLN B 344 38.88 11.43 41.76
N SER B 345 38.59 10.22 42.24
CA SER B 345 38.05 9.19 41.36
C SER B 345 36.70 9.61 40.79
N TYR B 346 35.82 10.16 41.65
CA TYR B 346 34.52 10.59 41.16
C TYR B 346 34.66 11.70 40.13
N LYS B 347 35.53 12.68 40.39
CA LYS B 347 35.67 13.79 39.45
C LYS B 347 36.31 13.35 38.14
N GLU B 348 37.23 12.38 38.18
CA GLU B 348 37.81 11.86 36.96
C GLU B 348 36.78 11.10 36.14
N GLN B 349 35.92 10.31 36.80
CA GLN B 349 34.95 9.52 36.06
C GLN B 349 33.79 10.37 35.53
N ILE B 350 33.38 11.39 36.28
CA ILE B 350 32.20 12.19 35.96
C ILE B 350 32.57 13.50 35.28
N GLY B 351 33.52 14.25 35.86
CA GLY B 351 33.90 15.55 35.34
C GLY B 351 33.58 16.71 36.27
N GLU B 352 32.95 16.47 37.40
CA GLU B 352 32.65 17.51 38.37
C GLU B 352 32.69 16.89 39.77
N TYR B 353 32.19 17.63 40.76
CA TYR B 353 32.25 17.07 42.10
C TYR B 353 30.87 16.60 42.54
N PRO B 354 30.81 15.53 43.33
CA PRO B 354 29.50 14.98 43.71
C PRO B 354 28.71 15.94 44.58
N LYS B 355 27.38 15.94 44.38
CA LYS B 355 26.52 16.80 45.17
C LYS B 355 26.44 16.33 46.61
N GLU B 356 26.23 15.03 46.82
CA GLU B 356 26.13 14.45 48.15
C GLU B 356 26.94 13.16 48.20
N VAL B 357 27.64 12.95 49.31
CA VAL B 357 28.45 11.75 49.52
C VAL B 357 27.94 11.05 50.76
N PHE B 358 27.47 9.82 50.60
CA PHE B 358 27.05 8.98 51.71
C PHE B 358 28.18 8.02 52.07
N ILE B 359 28.37 7.78 53.37
CA ILE B 359 29.47 6.95 53.86
C ILE B 359 28.88 5.93 54.82
N HIS B 360 28.68 4.70 54.35
CA HIS B 360 28.26 3.61 55.21
C HIS B 360 29.47 3.03 55.95
N ALA B 361 29.26 2.66 57.21
CA ALA B 361 30.29 2.02 57.99
C ALA B 361 29.64 1.13 59.03
N LYS B 362 30.40 0.16 59.52
CA LYS B 362 29.95 -0.69 60.61
C LYS B 362 30.31 -0.12 61.98
N THR B 363 31.07 0.96 62.02
CA THR B 363 31.48 1.62 63.25
C THR B 363 30.91 3.03 63.29
N ARG B 364 31.28 3.78 64.33
CA ARG B 364 30.82 5.14 64.54
C ARG B 364 32.00 6.09 64.40
N PHE B 365 31.83 7.12 63.57
CA PHE B 365 32.89 8.10 63.36
C PHE B 365 32.97 9.06 64.53
N ASN B 366 34.17 9.30 65.02
CA ASN B 366 34.37 10.32 66.05
C ASN B 366 34.46 11.70 65.39
N HIS B 367 34.56 12.74 66.22
CA HIS B 367 34.49 14.10 65.69
C HIS B 367 35.75 14.50 64.94
N GLN B 368 36.91 13.97 65.35
CA GLN B 368 38.14 14.26 64.63
C GLN B 368 38.08 13.73 63.19
N GLU B 369 37.51 12.54 63.02
CA GLU B 369 37.35 11.97 61.67
C GLU B 369 36.51 12.88 60.80
N TRP B 370 35.40 13.38 61.32
CA TRP B 370 34.52 14.22 60.52
C TRP B 370 35.13 15.59 60.26
N ASP B 371 35.90 16.12 61.23
CA ASP B 371 36.63 17.35 60.97
C ASP B 371 37.64 17.17 59.86
N ALA B 372 38.36 16.04 59.86
CA ALA B 372 39.30 15.76 58.77
C ALA B 372 38.58 15.58 57.44
N PHE B 373 37.42 14.93 57.45
CA PHE B 373 36.67 14.73 56.22
C PHE B 373 36.18 16.06 55.65
N LEU B 374 35.69 16.96 56.51
CA LEU B 374 35.14 18.22 56.05
C LEU B 374 36.22 19.18 55.57
N GLU B 375 37.47 19.00 56.02
CA GLU B 375 38.55 19.86 55.55
C GLU B 375 38.98 19.53 54.13
N VAL B 376 38.50 18.44 53.55
CA VAL B 376 38.79 18.07 52.17
C VAL B 376 37.55 18.33 51.33
N THR B 377 36.39 18.16 51.93
CA THR B 377 35.13 18.30 51.21
C THR B 377 34.96 19.73 50.70
N PRO B 378 34.56 19.92 49.44
CA PRO B 378 34.24 21.26 48.96
C PRO B 378 32.94 21.78 49.55
N LYS B 379 32.56 23.02 49.21
CA LYS B 379 31.40 23.64 49.83
C LYS B 379 30.10 23.01 49.33
N GLU B 380 29.99 22.79 48.02
CA GLU B 380 28.74 22.29 47.46
C GLU B 380 28.48 20.82 47.75
N THR B 381 29.46 20.10 48.29
CA THR B 381 29.30 18.68 48.59
C THR B 381 28.83 18.50 50.03
N ASN B 382 27.74 17.75 50.20
CA ASN B 382 27.16 17.49 51.51
C ASN B 382 27.47 16.06 51.92
N LEU B 383 27.98 15.89 53.13
CA LEU B 383 28.42 14.59 53.63
C LEU B 383 27.44 14.04 54.65
N VAL B 384 27.09 12.77 54.51
CA VAL B 384 26.30 12.04 55.48
C VAL B 384 27.08 10.77 55.84
N GLY B 385 27.26 10.55 57.14
CA GLY B 385 27.93 9.36 57.61
C GLY B 385 26.97 8.46 58.35
N VAL B 386 26.67 7.30 57.77
CA VAL B 386 25.63 6.39 58.24
C VAL B 386 26.29 5.13 58.77
N THR B 387 25.83 4.68 59.93
CA THR B 387 26.34 3.48 60.59
C THR B 387 25.27 2.39 60.52
N ILE B 388 25.64 1.23 59.96
CA ILE B 388 24.73 0.10 59.84
C ILE B 388 25.26 -1.02 60.73
N SER B 389 24.39 -1.51 61.61
CA SER B 389 24.75 -2.57 62.53
C SER B 389 23.62 -3.60 62.57
N LYS B 390 23.98 -4.83 62.92
CA LYS B 390 23.04 -5.94 62.98
C LYS B 390 23.17 -6.69 64.29
N THR B 391 23.22 -5.93 65.40
CA THR B 391 23.34 -6.53 66.72
C THR B 391 22.25 -6.12 67.70
N LYS B 392 21.39 -5.18 67.35
CA LYS B 392 20.29 -4.81 68.23
C LYS B 392 19.25 -5.92 68.22
N PRO B 393 18.93 -6.52 69.37
CA PRO B 393 18.00 -7.68 69.40
C PRO B 393 16.53 -7.31 69.39
N LEU B 394 16.00 -7.05 68.19
CA LEU B 394 14.58 -6.79 67.99
C LEU B 394 14.05 -7.80 66.97
N LYS B 395 13.19 -8.70 67.41
CA LYS B 395 12.54 -9.67 66.55
C LYS B 395 11.05 -9.42 66.54
N LEU B 396 10.46 -9.34 65.35
CA LEU B 396 9.02 -9.13 65.19
C LEU B 396 8.39 -10.44 64.76
N TYR B 397 7.50 -10.97 65.57
CA TYR B 397 6.81 -12.22 65.29
C TYR B 397 5.40 -11.92 64.80
N LYS B 398 5.01 -12.55 63.69
CA LYS B 398 3.64 -12.45 63.23
C LYS B 398 2.72 -13.19 64.20
N THR B 399 1.53 -12.63 64.42
CA THR B 399 0.68 -13.11 65.50
C THR B 399 0.02 -14.44 65.17
N GLU B 400 -0.23 -14.72 63.89
CA GLU B 400 -0.98 -15.92 63.54
C GLU B 400 -0.27 -16.76 62.48
N GLY B 401 0.52 -16.14 61.62
CA GLY B 401 1.09 -16.84 60.49
C GLY B 401 2.25 -17.74 60.88
N ASP B 402 2.53 -18.70 59.99
CA ASP B 402 3.71 -19.56 60.12
C ASP B 402 4.93 -18.99 59.43
N TYR B 403 4.79 -17.88 58.71
CA TYR B 403 5.89 -17.22 58.04
C TYR B 403 6.33 -16.00 58.86
N THR B 404 7.33 -15.30 58.35
CA THR B 404 7.97 -14.21 59.09
C THR B 404 7.54 -12.85 58.54
N ILE B 405 8.09 -11.80 59.12
CA ILE B 405 7.73 -10.43 58.77
C ILE B 405 8.21 -10.11 57.36
N LEU B 406 7.49 -9.24 56.68
CA LEU B 406 7.80 -8.85 55.31
C LEU B 406 9.19 -8.21 55.24
N ARG B 407 9.84 -8.38 54.09
CA ARG B 407 11.10 -7.71 53.82
C ARG B 407 10.83 -6.31 53.28
N GLY B 408 11.62 -5.35 53.75
CA GLY B 408 11.42 -3.95 53.41
C GLY B 408 10.63 -3.18 54.44
N ASN B 409 10.04 -3.85 55.41
CA ASN B 409 9.39 -3.17 56.52
C ASN B 409 10.42 -2.36 57.31
N ALA B 410 10.05 -1.14 57.66
CA ALA B 410 10.95 -0.26 58.40
C ALA B 410 10.22 0.33 59.59
N TYR B 411 10.97 0.55 60.68
CA TYR B 411 10.45 1.14 61.90
C TYR B 411 11.36 2.32 62.24
N VAL B 412 10.96 3.52 61.81
CA VAL B 412 11.76 4.72 62.06
C VAL B 412 11.68 5.05 63.54
N VAL B 413 12.77 4.79 64.27
CA VAL B 413 12.82 5.16 65.68
C VAL B 413 12.70 6.67 65.83
N ASN B 414 13.46 7.41 65.04
CA ASN B 414 13.42 8.87 65.03
C ASN B 414 14.15 9.35 63.78
N GLU B 415 14.21 10.67 63.63
CA GLU B 415 14.74 11.29 62.42
C GLU B 415 16.17 10.89 62.11
N ARG B 416 16.87 10.22 63.03
CA ARG B 416 18.24 9.80 62.79
C ARG B 416 18.47 8.33 63.09
N SER B 417 17.42 7.55 63.33
CA SER B 417 17.59 6.14 63.64
C SER B 417 16.36 5.36 63.17
N ALA B 418 16.60 4.19 62.60
CA ALA B 418 15.52 3.35 62.12
C ALA B 418 15.97 1.90 62.09
N PHE B 419 14.99 1.01 61.99
CA PHE B 419 15.22 -0.42 61.76
C PHE B 419 14.72 -0.77 60.37
N LEU B 420 15.49 -1.59 59.66
CA LEU B 420 15.12 -2.03 58.33
C LEU B 420 15.21 -3.55 58.24
N TRP B 421 14.17 -4.16 57.67
CA TRP B 421 14.12 -5.61 57.51
C TRP B 421 14.52 -5.93 56.07
N THR B 422 15.83 -6.00 55.84
CA THR B 422 16.35 -6.40 54.55
C THR B 422 16.25 -7.91 54.31
N VAL B 423 15.98 -8.68 55.36
CA VAL B 423 15.71 -10.11 55.25
C VAL B 423 14.30 -10.36 55.78
N GLY B 424 13.46 -10.97 54.96
CA GLY B 424 12.11 -11.25 55.37
C GLY B 424 11.37 -12.00 54.28
N TYR B 425 10.08 -12.19 54.51
CA TYR B 425 9.25 -12.88 53.52
C TYR B 425 9.17 -12.07 52.24
N VAL B 426 9.33 -12.74 51.11
CA VAL B 426 9.22 -12.14 49.79
C VAL B 426 8.00 -12.76 49.11
N PRO B 427 6.94 -11.98 48.85
CA PRO B 427 5.75 -12.56 48.21
C PRO B 427 6.02 -13.16 46.84
N LYS B 428 7.01 -12.64 46.12
CA LYS B 428 7.28 -13.15 44.78
C LYS B 428 7.81 -14.58 44.83
N ILE B 429 8.82 -14.84 45.67
CA ILE B 429 9.38 -16.17 45.79
C ILE B 429 8.72 -16.99 46.89
N GLN B 430 7.79 -16.39 47.64
CA GLN B 430 6.96 -17.11 48.63
C GLN B 430 7.82 -17.86 49.64
N THR B 431 8.91 -17.23 50.08
CA THR B 431 9.77 -17.80 51.10
C THR B 431 10.72 -16.71 51.60
N ALA B 432 10.84 -16.61 52.92
CA ALA B 432 11.73 -15.62 53.51
C ALA B 432 13.19 -15.97 53.22
N LEU B 433 14.02 -14.94 53.17
CA LEU B 433 15.45 -15.13 52.93
C LEU B 433 16.16 -15.84 54.08
N SER B 434 15.52 -15.95 55.24
CA SER B 434 16.07 -16.67 56.38
C SER B 434 15.03 -17.64 56.91
N MET B 435 15.51 -18.80 57.38
CA MET B 435 14.60 -19.82 57.88
C MET B 435 13.99 -19.41 59.22
N GLU B 436 14.81 -18.92 60.14
CA GLU B 436 14.33 -18.49 61.45
C GLU B 436 13.74 -17.09 61.35
N VAL B 437 13.47 -16.48 62.49
CA VAL B 437 12.97 -15.11 62.54
C VAL B 437 14.13 -14.18 62.18
N PRO B 438 14.01 -13.37 61.13
CA PRO B 438 15.14 -12.54 60.70
C PRO B 438 15.42 -11.40 61.66
N ASN B 439 16.68 -10.96 61.65
CA ASN B 439 17.12 -9.82 62.42
C ASN B 439 17.27 -8.60 61.52
N PRO B 440 16.83 -7.43 61.97
CA PRO B 440 16.89 -6.24 61.13
C PRO B 440 18.15 -5.42 61.34
N LEU B 441 18.54 -4.70 60.29
CA LEU B 441 19.62 -3.73 60.41
C LEU B 441 19.14 -2.51 61.19
N PHE B 442 20.01 -2.01 62.06
CA PHE B 442 19.75 -0.77 62.78
C PHE B 442 20.54 0.34 62.09
N ILE B 443 19.87 1.11 61.25
CA ILE B 443 20.52 2.14 60.45
C ILE B 443 20.38 3.47 61.17
N GLU B 444 21.51 4.08 61.52
CA GLU B 444 21.55 5.31 62.29
C GLU B 444 22.43 6.32 61.55
N ILE B 445 21.90 7.53 61.35
CA ILE B 445 22.68 8.58 60.70
C ILE B 445 23.61 9.20 61.72
N ASN B 446 24.84 8.68 61.79
CA ASN B 446 25.77 9.11 62.83
C ASN B 446 26.16 10.57 62.66
N LYS B 447 26.51 10.98 61.45
CA LYS B 447 26.99 12.34 61.20
C LYS B 447 26.27 12.95 60.01
N GLY B 448 26.06 14.26 60.08
CA GLY B 448 25.38 14.97 59.03
C GLY B 448 23.88 14.83 59.13
N GLU B 449 23.18 15.59 58.28
CA GLU B 449 21.74 15.64 58.26
C GLU B 449 21.23 15.28 56.87
N ALA B 450 20.29 14.33 56.82
CA ALA B 450 19.67 13.90 55.57
C ALA B 450 18.38 13.17 55.91
N ASP B 451 17.54 13.00 54.89
CA ASP B 451 16.27 12.31 55.07
C ASP B 451 16.52 10.84 55.37
N ILE B 452 15.98 10.36 56.50
CA ILE B 452 16.20 8.97 56.89
C ILE B 452 15.50 8.02 55.93
N LYS B 453 14.35 8.43 55.37
CA LYS B 453 13.66 7.58 54.41
C LYS B 453 14.49 7.39 53.15
N GLN B 454 15.16 8.45 52.69
CA GLN B 454 16.04 8.33 51.53
C GLN B 454 17.22 7.41 51.84
N VAL B 455 17.75 7.48 53.06
CA VAL B 455 18.84 6.60 53.46
C VAL B 455 18.38 5.15 53.42
N LEU B 456 17.19 4.88 53.95
CA LEU B 456 16.66 3.52 53.94
C LEU B 456 16.44 3.01 52.53
N LYS B 457 15.89 3.86 51.66
CA LYS B 457 15.68 3.47 50.27
C LYS B 457 17.00 3.19 49.56
N ASP B 458 18.01 4.02 49.80
CA ASP B 458 19.31 3.81 49.18
C ASP B 458 19.95 2.51 49.66
N ILE B 459 19.82 2.21 50.95
CA ILE B 459 20.39 0.96 51.48
C ILE B 459 19.67 -0.24 50.88
N LEU B 460 18.34 -0.18 50.82
CA LEU B 460 17.59 -1.30 50.24
C LEU B 460 17.93 -1.49 48.77
N SER B 461 18.18 -0.39 48.05
CA SER B 461 18.60 -0.51 46.65
C SER B 461 20.00 -1.11 46.56
N LEU B 462 20.92 -0.69 47.44
CA LEU B 462 22.28 -1.21 47.42
C LEU B 462 22.33 -2.68 47.79
N THR B 463 21.34 -3.19 48.49
CA THR B 463 21.33 -4.63 48.76
C THR B 463 21.05 -5.48 47.50
N LYS B 464 21.02 -4.93 46.29
CA LYS B 464 20.67 -5.69 45.09
C LYS B 464 21.82 -5.85 44.11
N LEU B 465 23.04 -5.47 44.50
CA LEU B 465 24.17 -5.45 43.58
C LEU B 465 25.23 -6.50 43.92
N ASN B 466 24.80 -7.64 44.45
CA ASN B 466 25.72 -8.72 44.79
C ASN B 466 25.98 -9.56 43.53
N TYR B 467 27.04 -9.20 42.81
CA TYR B 467 27.43 -9.95 41.62
C TYR B 467 28.10 -11.28 41.93
N ASN B 468 28.47 -11.52 43.20
CA ASN B 468 29.06 -12.78 43.58
C ASN B 468 28.04 -13.92 43.66
N ALA B 469 26.75 -13.60 43.61
CA ALA B 469 25.71 -14.61 43.77
C ALA B 469 24.49 -14.20 42.98
N CYS B 470 23.65 -15.19 42.68
CA CYS B 470 22.38 -14.97 42.00
C CYS B 470 21.27 -15.25 43.01
N ILE B 471 20.87 -14.20 43.73
CA ILE B 471 19.85 -14.28 44.75
C ILE B 471 18.88 -13.12 44.55
N PHE B 472 17.75 -13.18 45.26
CA PHE B 472 16.81 -12.07 45.23
C PHE B 472 17.44 -10.82 45.83
N ALA B 473 18.01 -10.93 47.02
CA ALA B 473 18.72 -9.85 47.69
C ALA B 473 19.38 -10.43 48.93
N ASP B 474 20.23 -9.63 49.56
CA ASP B 474 20.87 -10.02 50.81
C ASP B 474 20.61 -8.96 51.87
N GLY B 475 20.84 -9.35 53.13
CA GLY B 475 20.54 -8.50 54.25
C GLY B 475 21.55 -7.42 54.56
N GLU B 476 22.65 -7.36 53.83
CA GLU B 476 23.66 -6.35 54.08
C GLU B 476 23.89 -5.51 52.83
N PRO B 477 24.11 -4.21 52.96
CA PRO B 477 24.45 -3.41 51.78
C PRO B 477 25.68 -3.96 51.10
N VAL B 478 25.67 -3.95 49.76
CA VAL B 478 26.74 -4.59 49.01
C VAL B 478 28.04 -3.82 49.10
N THR B 479 28.00 -2.53 49.45
CA THR B 479 29.23 -1.77 49.61
C THR B 479 30.05 -2.31 50.77
N LEU B 480 29.42 -2.50 51.93
CA LEU B 480 30.12 -3.04 53.09
C LEU B 480 30.59 -4.47 52.84
N ARG B 481 29.74 -5.29 52.22
CA ARG B 481 30.09 -6.68 51.95
C ARG B 481 31.30 -6.76 51.02
N PHE B 482 31.32 -5.95 49.96
CA PHE B 482 32.44 -6.00 49.03
C PHE B 482 33.70 -5.36 49.61
N ALA B 483 33.54 -4.36 50.49
CA ALA B 483 34.71 -3.84 51.21
C ALA B 483 35.30 -4.90 52.12
N ASP B 484 34.45 -5.68 52.80
CA ASP B 484 34.93 -6.80 53.60
C ASP B 484 35.64 -7.82 52.75
N LYS B 485 35.09 -8.14 51.58
CA LYS B 485 35.72 -9.10 50.69
C LYS B 485 37.08 -8.60 50.23
N ILE B 486 37.19 -7.30 49.91
CA ILE B 486 38.46 -6.72 49.49
C ILE B 486 39.47 -6.79 50.64
N GLY B 487 39.03 -6.43 51.85
CA GLY B 487 39.95 -6.39 52.97
C GLY B 487 40.47 -7.75 53.38
N GLU B 488 39.60 -8.78 53.33
CA GLU B 488 40.03 -10.11 53.72
C GLU B 488 41.14 -10.63 52.80
N ILE B 489 41.20 -10.12 51.58
CA ILE B 489 42.26 -10.51 50.65
C ILE B 489 43.48 -9.60 50.79
N LEU B 490 43.25 -8.29 50.95
CA LEU B 490 44.37 -7.36 51.05
C LEU B 490 45.20 -7.61 52.30
N THR B 491 44.55 -7.90 53.43
CA THR B 491 45.28 -8.12 54.67
C THR B 491 45.89 -9.51 54.76
N ALA B 492 45.73 -10.34 53.74
CA ALA B 492 46.34 -11.66 53.71
C ALA B 492 47.76 -11.64 53.15
N SER B 493 48.26 -10.48 52.73
CA SER B 493 49.60 -10.38 52.18
C SER B 493 50.18 -9.03 52.56
N THR B 494 51.51 -8.94 52.52
CA THR B 494 52.22 -7.72 52.90
C THR B 494 52.93 -7.06 51.73
N ASP B 495 52.98 -7.68 50.57
CA ASP B 495 53.72 -7.15 49.43
C ASP B 495 52.86 -6.36 48.46
N ILE B 496 51.58 -6.17 48.77
CA ILE B 496 50.70 -5.42 47.87
C ILE B 496 51.04 -3.93 47.96
N LYS B 497 51.15 -3.28 46.81
CA LYS B 497 51.47 -1.86 46.74
C LYS B 497 50.36 -1.04 46.11
N THR B 498 49.92 -1.39 44.91
CA THR B 498 48.85 -0.69 44.20
C THR B 498 47.83 -1.71 43.72
N PRO B 499 46.91 -2.12 44.57
CA PRO B 499 45.96 -3.17 44.19
C PRO B 499 45.01 -2.67 43.10
N PRO B 500 44.52 -3.56 42.24
CA PRO B 500 43.52 -3.16 41.26
C PRO B 500 42.18 -2.83 41.91
N LEU B 501 41.40 -2.01 41.20
CA LEU B 501 40.11 -1.56 41.71
C LEU B 501 38.98 -2.52 41.35
N ALA B 502 39.13 -3.28 40.26
CA ALA B 502 38.05 -4.15 39.80
C ALA B 502 37.80 -5.29 40.79
N PHE B 503 36.53 -5.67 40.90
CA PHE B 503 36.12 -6.69 41.87
C PHE B 503 36.38 -8.10 41.39
N LYS B 504 36.52 -8.32 40.08
CA LYS B 504 36.74 -9.66 39.58
C LYS B 504 38.07 -10.25 40.00
N TYR B 505 39.00 -9.43 40.49
CA TYR B 505 40.26 -9.92 41.02
C TYR B 505 40.17 -10.31 42.50
N TYR B 506 39.05 -10.03 43.16
CA TYR B 506 38.87 -10.35 44.57
C TYR B 506 37.76 -11.35 44.79
N ILE B 507 36.56 -11.08 44.29
CA ILE B 507 35.42 -11.95 44.50
C ILE B 507 35.58 -13.25 43.72
N ASN C 3 20.35 -33.35 -7.51
CA ASN C 3 21.44 -33.53 -6.56
C ASN C 3 22.43 -32.36 -6.62
N LYS C 4 22.59 -31.81 -7.82
CA LYS C 4 23.55 -30.73 -8.01
C LYS C 4 22.93 -29.38 -7.64
N ILE C 5 23.81 -28.39 -7.44
CA ILE C 5 23.43 -27.03 -7.10
C ILE C 5 24.06 -26.13 -8.15
N PHE C 6 23.23 -25.53 -8.99
CA PHE C 6 23.72 -24.72 -10.10
C PHE C 6 24.04 -23.31 -9.62
N ILE C 7 25.19 -22.79 -10.03
CA ILE C 7 25.56 -21.42 -9.74
C ILE C 7 25.73 -20.69 -11.07
N SER C 8 25.00 -19.58 -11.23
CA SER C 8 25.05 -18.77 -12.44
C SER C 8 25.48 -17.37 -12.08
N HIS C 9 26.40 -16.81 -12.86
CA HIS C 9 26.99 -15.52 -12.55
C HIS C 9 27.50 -14.89 -13.85
N ALA C 10 28.08 -13.69 -13.72
CA ALA C 10 28.79 -13.06 -14.82
C ALA C 10 30.19 -13.67 -14.90
N THR C 11 30.47 -14.36 -16.00
CA THR C 11 31.67 -15.20 -16.07
C THR C 11 32.97 -14.45 -15.83
N PRO C 12 33.24 -13.29 -16.43
CA PRO C 12 34.51 -12.60 -16.17
C PRO C 12 34.47 -11.50 -15.12
N ASP C 13 33.34 -11.26 -14.46
CA ASP C 13 33.18 -10.12 -13.57
C ASP C 13 32.99 -10.48 -12.11
N ASP C 14 32.22 -11.53 -11.81
CA ASP C 14 31.91 -11.91 -10.44
C ASP C 14 32.57 -13.23 -10.05
N ASN C 15 33.81 -13.43 -10.51
CA ASN C 15 34.51 -14.69 -10.24
C ASN C 15 35.05 -14.77 -8.82
N ASP C 16 35.43 -13.64 -8.23
CA ASP C 16 36.01 -13.66 -6.89
C ASP C 16 35.02 -14.20 -5.86
N PHE C 17 33.75 -13.76 -5.94
CA PHE C 17 32.74 -14.29 -5.03
C PHE C 17 32.31 -15.69 -5.40
N THR C 18 32.20 -15.98 -6.71
CA THR C 18 31.67 -17.26 -7.15
C THR C 18 32.62 -18.40 -6.83
N ARG C 19 33.92 -18.20 -7.04
CA ARG C 19 34.89 -19.22 -6.68
C ARG C 19 34.87 -19.51 -5.19
N TRP C 20 34.83 -18.46 -4.37
CA TRP C 20 34.74 -18.62 -2.92
C TRP C 20 33.50 -19.41 -2.52
N LEU C 21 32.34 -19.02 -3.06
CA LEU C 21 31.09 -19.68 -2.69
C LEU C 21 31.08 -21.14 -3.15
N ALA C 22 31.53 -21.40 -4.37
CA ALA C 22 31.53 -22.76 -4.90
C ALA C 22 32.45 -23.67 -4.08
N LEU C 23 33.65 -23.18 -3.76
CA LEU C 23 34.56 -24.00 -2.96
C LEU C 23 34.02 -24.22 -1.56
N LYS C 24 33.41 -23.18 -0.96
CA LYS C 24 32.83 -23.34 0.37
C LYS C 24 31.70 -24.37 0.37
N LEU C 25 30.84 -24.33 -0.65
CA LEU C 25 29.71 -25.27 -0.69
C LEU C 25 30.18 -26.68 -1.01
N ILE C 26 31.20 -26.82 -1.87
CA ILE C 26 31.74 -28.14 -2.18
C ILE C 26 32.38 -28.76 -0.95
N GLY C 27 33.14 -27.97 -0.20
CA GLY C 27 33.77 -28.49 1.01
C GLY C 27 32.79 -28.89 2.09
N LEU C 28 31.54 -28.45 2.00
CA LEU C 28 30.53 -28.76 3.00
C LEU C 28 29.69 -29.97 2.65
N GLY C 29 29.99 -30.65 1.54
CA GLY C 29 29.30 -31.86 1.14
C GLY C 29 28.37 -31.68 -0.04
N TYR C 30 27.96 -30.45 -0.35
CA TYR C 30 27.06 -30.23 -1.47
C TYR C 30 27.79 -30.42 -2.80
N GLU C 31 27.07 -30.95 -3.79
CA GLU C 31 27.57 -31.08 -5.14
C GLU C 31 27.23 -29.81 -5.90
N VAL C 32 28.25 -29.12 -6.43
CA VAL C 32 28.10 -27.80 -7.01
C VAL C 32 28.46 -27.85 -8.49
N TRP C 33 27.60 -27.27 -9.33
CA TRP C 33 27.86 -27.12 -10.76
C TRP C 33 28.03 -25.63 -11.05
N CYS C 34 29.27 -25.25 -11.37
CA CYS C 34 29.60 -23.89 -11.77
C CYS C 34 30.52 -23.97 -12.98
N ASP C 35 30.39 -23.02 -13.90
CA ASP C 35 31.11 -23.11 -15.16
C ASP C 35 32.62 -22.91 -14.97
N ILE C 36 33.02 -22.18 -13.93
CA ILE C 36 34.45 -21.93 -13.71
C ILE C 36 35.16 -23.09 -13.03
N LEU C 37 34.43 -24.16 -12.71
CA LEU C 37 35.04 -25.36 -12.14
C LEU C 37 35.58 -26.30 -13.21
N PHE C 38 35.36 -26.00 -14.49
CA PHE C 38 35.84 -26.82 -15.59
C PHE C 38 36.81 -26.01 -16.43
N LEU C 39 37.99 -26.59 -16.66
CA LEU C 39 39.01 -25.92 -17.46
C LEU C 39 38.88 -26.22 -18.95
N ASP C 40 37.94 -27.07 -19.35
CA ASP C 40 37.75 -27.45 -20.75
C ASP C 40 36.29 -27.34 -21.19
N LYS C 41 35.87 -26.11 -21.48
CA LYS C 41 34.51 -25.87 -21.94
C LYS C 41 34.41 -26.18 -23.43
N GLY C 42 33.53 -27.11 -23.78
CA GLY C 42 33.33 -27.46 -25.17
C GLY C 42 32.57 -26.38 -25.93
N VAL C 43 32.59 -26.51 -27.26
CA VAL C 43 31.88 -25.55 -28.12
C VAL C 43 30.38 -25.60 -27.84
N ASP C 44 29.83 -26.80 -27.75
CA ASP C 44 28.41 -26.98 -27.45
C ASP C 44 28.16 -27.05 -25.95
N PHE C 45 28.68 -26.06 -25.21
CA PHE C 45 28.52 -26.07 -23.76
C PHE C 45 27.14 -25.64 -23.31
N TRP C 46 26.45 -24.82 -24.13
CA TRP C 46 25.12 -24.37 -23.73
C TRP C 46 24.13 -25.54 -23.67
N SER C 47 24.28 -26.52 -24.57
CA SER C 47 23.44 -27.70 -24.49
C SER C 47 23.66 -28.46 -23.20
N ASN C 48 24.92 -28.60 -22.78
CA ASN C 48 25.22 -29.24 -21.52
C ASN C 48 24.67 -28.46 -20.34
N ILE C 49 24.74 -27.12 -20.40
CA ILE C 49 24.21 -26.29 -19.33
C ILE C 49 22.70 -26.48 -19.21
N GLU C 50 22.00 -26.45 -20.36
CA GLU C 50 20.55 -26.64 -20.34
C GLU C 50 20.20 -28.04 -19.83
N LYS C 51 20.94 -29.06 -20.25
CA LYS C 51 20.67 -30.42 -19.79
C LYS C 51 20.87 -30.54 -18.29
N VAL C 52 21.95 -29.94 -17.75
CA VAL C 52 22.21 -30.05 -16.33
C VAL C 52 21.16 -29.28 -15.53
N ILE C 53 20.70 -28.14 -16.05
CA ILE C 53 19.64 -27.40 -15.37
C ILE C 53 18.35 -28.20 -15.36
N ARG C 54 18.02 -28.84 -16.49
CA ARG C 54 16.74 -29.54 -16.59
C ARG C 54 16.72 -30.82 -15.77
N GLU C 55 17.81 -31.60 -15.82
CA GLU C 55 17.78 -32.96 -15.30
C GLU C 55 18.57 -33.19 -14.02
N ASP C 56 19.44 -32.26 -13.62
CA ASP C 56 20.35 -32.51 -12.51
C ASP C 56 20.12 -31.62 -11.31
N THR C 57 20.09 -30.30 -11.51
CA THR C 57 20.09 -29.39 -10.36
C THR C 57 18.79 -29.47 -9.57
N CYS C 58 18.93 -29.39 -8.25
CA CYS C 58 17.78 -29.26 -7.35
C CYS C 58 17.61 -27.84 -6.84
N LYS C 59 18.65 -27.02 -6.87
CA LYS C 59 18.56 -25.61 -6.52
C LYS C 59 19.35 -24.81 -7.53
N PHE C 60 18.88 -23.59 -7.79
CA PHE C 60 19.48 -22.69 -8.77
C PHE C 60 19.85 -21.39 -8.07
N LEU C 61 21.10 -21.27 -7.64
CA LEU C 61 21.59 -20.05 -7.02
C LEU C 61 22.04 -19.07 -8.10
N LEU C 62 21.58 -17.83 -8.01
CA LEU C 62 21.90 -16.81 -8.99
C LEU C 62 22.59 -15.65 -8.30
N VAL C 63 23.82 -15.35 -8.72
CA VAL C 63 24.58 -14.25 -8.14
C VAL C 63 24.06 -12.96 -8.74
N SER C 64 23.35 -12.16 -7.94
CA SER C 64 22.74 -10.92 -8.42
C SER C 64 23.70 -9.77 -8.21
N SER C 65 24.12 -9.14 -9.30
CA SER C 65 25.01 -7.99 -9.24
C SER C 65 24.65 -7.07 -10.39
N SER C 66 25.33 -5.91 -10.44
CA SER C 66 25.10 -4.97 -11.52
C SER C 66 25.53 -5.56 -12.86
N TYR C 67 26.63 -6.33 -12.86
CA TYR C 67 27.08 -6.97 -14.09
C TYR C 67 26.12 -8.06 -14.56
N SER C 68 25.63 -8.87 -13.62
CA SER C 68 24.78 -10.01 -13.95
C SER C 68 23.30 -9.65 -14.04
N ASN C 69 22.95 -8.38 -13.82
CA ASN C 69 21.53 -8.00 -13.84
C ASN C 69 20.94 -8.15 -15.23
N GLN C 70 21.67 -7.73 -16.27
CA GLN C 70 21.15 -7.73 -17.62
C GLN C 70 22.03 -8.54 -18.58
N ARG C 71 22.85 -9.44 -18.06
CA ARG C 71 23.70 -10.25 -18.93
C ARG C 71 22.86 -11.27 -19.69
N GLU C 72 23.15 -11.40 -20.98
CA GLU C 72 22.30 -12.20 -21.87
C GLU C 72 22.34 -13.68 -21.50
N GLY C 73 23.53 -14.23 -21.29
CA GLY C 73 23.63 -15.63 -20.91
C GLY C 73 23.00 -15.93 -19.57
N VAL C 74 23.18 -15.01 -18.61
CA VAL C 74 22.56 -15.18 -17.30
C VAL C 74 21.03 -15.13 -17.43
N LEU C 75 20.52 -14.26 -18.28
CA LEU C 75 19.06 -14.19 -18.49
C LEU C 75 18.54 -15.46 -19.16
N LYS C 76 19.29 -16.02 -20.11
CA LYS C 76 18.88 -17.28 -20.73
C LYS C 76 18.86 -18.41 -19.70
N GLU C 77 19.88 -18.48 -18.85
CA GLU C 77 19.90 -19.48 -17.80
C GLU C 77 18.75 -19.27 -16.83
N LEU C 78 18.40 -18.01 -16.54
CA LEU C 78 17.28 -17.72 -15.67
C LEU C 78 15.96 -18.19 -16.28
N ALA C 79 15.79 -17.99 -17.59
CA ALA C 79 14.58 -18.45 -18.25
C ALA C 79 14.47 -19.97 -18.20
N VAL C 80 15.57 -20.67 -18.48
CA VAL C 80 15.54 -22.14 -18.42
C VAL C 80 15.24 -22.60 -16.99
N ALA C 81 15.87 -21.95 -16.00
CA ALA C 81 15.62 -22.32 -14.61
C ALA C 81 14.17 -22.07 -14.23
N ALA C 82 13.58 -20.98 -14.71
CA ALA C 82 12.17 -20.72 -14.44
C ALA C 82 11.28 -21.79 -15.06
N LYS C 83 11.61 -22.22 -16.28
CA LYS C 83 10.84 -23.29 -16.90
C LYS C 83 10.89 -24.57 -16.06
N VAL C 84 12.10 -24.96 -15.63
CA VAL C 84 12.22 -26.15 -14.79
C VAL C 84 11.52 -25.95 -13.45
N LYS C 85 11.54 -24.73 -12.91
CA LYS C 85 10.87 -24.46 -11.64
C LYS C 85 9.36 -24.63 -11.76
N LYS C 86 8.76 -24.12 -12.84
CA LYS C 86 7.34 -24.33 -13.06
C LYS C 86 7.03 -25.80 -13.29
N GLN C 87 7.90 -26.51 -14.01
CA GLN C 87 7.66 -27.93 -14.25
C GLN C 87 7.72 -28.75 -12.96
N LEU C 88 8.69 -28.46 -12.10
CA LEU C 88 8.98 -29.27 -10.92
C LEU C 88 8.09 -28.96 -9.73
N LYS C 89 7.21 -27.95 -9.83
CA LYS C 89 6.35 -27.52 -8.73
C LYS C 89 7.17 -27.22 -7.47
N ASP C 90 8.30 -26.54 -7.66
CA ASP C 90 9.19 -26.14 -6.56
C ASP C 90 9.17 -24.63 -6.45
N ASP C 91 8.56 -24.13 -5.37
CA ASP C 91 8.43 -22.68 -5.21
C ASP C 91 9.76 -22.01 -4.97
N LYS C 92 10.74 -22.72 -4.41
CA LYS C 92 12.03 -22.14 -4.03
C LYS C 92 13.16 -22.74 -4.84
N PHE C 93 12.94 -22.91 -6.15
CA PHE C 93 14.00 -23.43 -7.01
C PHE C 93 15.07 -22.39 -7.29
N ILE C 94 14.67 -21.14 -7.51
CA ILE C 94 15.59 -20.06 -7.84
C ILE C 94 15.84 -19.25 -6.57
N ILE C 95 17.11 -19.12 -6.20
CA ILE C 95 17.50 -18.35 -5.02
C ILE C 95 18.50 -17.27 -5.44
N PRO C 96 18.12 -16.01 -5.42
CA PRO C 96 19.08 -14.95 -5.74
C PRO C 96 19.90 -14.55 -4.52
N LEU C 97 21.21 -14.43 -4.72
CA LEU C 97 22.15 -13.98 -3.71
C LEU C 97 22.59 -12.57 -4.08
N ALA C 98 22.10 -11.58 -3.35
CA ALA C 98 22.42 -10.19 -3.62
C ALA C 98 23.79 -9.86 -3.04
N ILE C 99 24.75 -9.57 -3.90
CA ILE C 99 26.13 -9.35 -3.47
C ILE C 99 26.64 -7.95 -3.79
N ASP C 100 25.92 -7.17 -4.59
CA ASP C 100 26.39 -5.87 -5.06
C ASP C 100 25.62 -4.76 -4.34
N GLU C 101 26.35 -3.85 -3.69
CA GLU C 101 25.71 -2.72 -3.04
C GLU C 101 25.26 -1.66 -4.02
N GLN C 102 25.91 -1.56 -5.18
CA GLN C 102 25.53 -0.56 -6.17
C GLN C 102 24.17 -0.84 -6.75
N LEU C 103 23.88 -2.10 -7.08
CA LEU C 103 22.59 -2.47 -7.65
C LEU C 103 21.51 -2.37 -6.58
N SER C 104 20.65 -1.37 -6.69
CA SER C 104 19.58 -1.20 -5.72
C SER C 104 18.54 -2.31 -5.86
N TYR C 105 17.75 -2.47 -4.81
CA TYR C 105 16.68 -3.47 -4.83
C TYR C 105 15.54 -3.09 -5.77
N ASP C 106 15.53 -1.87 -6.29
CA ASP C 106 14.50 -1.41 -7.21
C ASP C 106 14.90 -1.61 -8.68
N ASP C 107 16.07 -2.17 -8.94
CA ASP C 107 16.56 -2.32 -10.31
C ASP C 107 16.75 -3.77 -10.74
N ILE C 108 16.41 -4.73 -9.90
CA ILE C 108 16.56 -6.13 -10.28
C ILE C 108 15.61 -6.46 -11.43
N ASN C 109 16.00 -7.45 -12.23
CA ASN C 109 15.25 -7.77 -13.44
C ASN C 109 13.88 -8.35 -13.09
N ILE C 110 13.05 -8.52 -14.12
CA ILE C 110 11.65 -8.86 -13.93
C ILE C 110 11.48 -10.27 -13.36
N ASP C 111 12.39 -11.20 -13.70
CA ASP C 111 12.28 -12.57 -13.23
C ASP C 111 12.75 -12.74 -11.79
N ILE C 112 13.28 -11.70 -11.17
CA ILE C 112 13.86 -11.79 -9.84
C ILE C 112 13.19 -10.87 -8.83
N VAL C 113 12.55 -9.79 -9.28
CA VAL C 113 12.05 -8.75 -8.39
C VAL C 113 11.01 -9.25 -7.39
N ARG C 114 10.50 -10.47 -7.55
CA ARG C 114 9.48 -11.01 -6.66
C ARG C 114 10.01 -12.02 -5.65
N LEU C 115 11.29 -12.40 -5.75
CA LEU C 115 11.82 -13.47 -4.94
C LEU C 115 12.54 -12.94 -3.71
N ASN C 116 12.58 -13.76 -2.66
CA ASN C 116 13.28 -13.43 -1.42
C ASN C 116 14.77 -13.72 -1.60
N ALA C 117 15.59 -12.67 -1.53
CA ALA C 117 17.01 -12.78 -1.78
C ALA C 117 17.79 -12.94 -0.48
N ILE C 118 19.04 -13.38 -0.62
CA ILE C 118 19.96 -13.54 0.50
C ILE C 118 20.99 -12.41 0.42
N ASP C 119 21.15 -11.69 1.53
CA ASP C 119 21.95 -10.47 1.55
C ASP C 119 23.40 -10.82 1.83
N PHE C 120 24.23 -10.78 0.79
CA PHE C 120 25.67 -10.94 0.91
C PHE C 120 26.41 -9.61 0.95
N LYS C 121 25.69 -8.49 0.94
CA LYS C 121 26.35 -7.19 0.84
C LYS C 121 27.11 -6.85 2.11
N MET C 122 26.48 -7.01 3.27
CA MET C 122 27.11 -6.60 4.52
C MET C 122 28.17 -7.58 4.99
N SER C 123 27.94 -8.88 4.78
CA SER C 123 28.87 -9.89 5.27
C SER C 123 28.69 -11.17 4.47
N TRP C 124 29.79 -11.73 3.97
CA TRP C 124 29.72 -13.00 3.26
C TRP C 124 29.48 -14.18 4.20
N ALA C 125 30.00 -14.10 5.43
CA ALA C 125 29.80 -15.17 6.40
C ALA C 125 28.32 -15.30 6.76
N ARG C 126 27.65 -14.16 6.97
CA ARG C 126 26.22 -14.20 7.25
C ARG C 126 25.44 -14.76 6.06
N GLY C 127 25.85 -14.39 4.84
CA GLY C 127 25.20 -14.94 3.67
C GLY C 127 25.35 -16.46 3.56
N LEU C 128 26.55 -16.96 3.83
CA LEU C 128 26.77 -18.41 3.78
C LEU C 128 26.01 -19.12 4.89
N LYS C 129 25.93 -18.50 6.08
CA LYS C 129 25.12 -19.07 7.15
C LYS C 129 23.66 -19.16 6.73
N ASP C 130 23.14 -18.11 6.09
CA ASP C 130 21.76 -18.13 5.60
C ASP C 130 21.57 -19.21 4.53
N ILE C 131 22.56 -19.35 3.64
CA ILE C 131 22.46 -20.36 2.58
C ILE C 131 22.38 -21.75 3.19
N LEU C 132 23.26 -22.03 4.16
CA LEU C 132 23.26 -23.35 4.78
C LEU C 132 21.98 -23.59 5.58
N GLU C 133 21.49 -22.54 6.27
CA GLU C 133 20.25 -22.67 7.02
C GLU C 133 19.08 -23.00 6.09
N ALA C 134 18.99 -22.31 4.95
CA ALA C 134 17.95 -22.61 3.99
C ALA C 134 18.11 -24.02 3.42
N PHE C 135 19.34 -24.44 3.15
CA PHE C 135 19.56 -25.75 2.56
C PHE C 135 19.17 -26.87 3.52
N GLU C 136 19.50 -26.74 4.81
CA GLU C 136 19.04 -27.75 5.76
C GLU C 136 17.53 -27.66 5.99
N LYS C 137 16.96 -26.44 5.93
CA LYS C 137 15.53 -26.29 6.13
C LYS C 137 14.72 -26.89 4.97
N GLN C 138 15.25 -26.79 3.75
CA GLN C 138 14.55 -27.27 2.56
C GLN C 138 14.97 -28.68 2.16
N LYS C 139 15.76 -29.35 3.00
CA LYS C 139 16.16 -30.74 2.77
C LYS C 139 16.90 -30.93 1.45
N VAL C 140 17.77 -29.98 1.13
CA VAL C 140 18.60 -30.10 -0.07
C VAL C 140 19.59 -31.24 0.13
N PRO C 141 19.68 -32.19 -0.82
CA PRO C 141 20.57 -33.35 -0.60
C PRO C 141 22.02 -32.94 -0.48
N LYS C 142 22.74 -33.64 0.40
CA LYS C 142 24.14 -33.35 0.65
C LYS C 142 24.80 -34.58 1.24
N GLU C 143 26.11 -34.67 1.04
CA GLU C 143 26.91 -35.76 1.59
C GLU C 143 27.63 -35.28 2.85
N VAL C 144 28.50 -36.13 3.38
CA VAL C 144 29.28 -35.75 4.56
C VAL C 144 30.31 -34.69 4.18
N ALA C 145 30.58 -33.78 5.11
CA ALA C 145 31.51 -32.70 4.84
C ALA C 145 32.92 -33.25 4.65
N ASP C 146 33.64 -32.67 3.69
CA ASP C 146 34.99 -33.13 3.37
C ASP C 146 35.72 -31.98 2.69
N ALA C 147 36.73 -31.44 3.35
CA ALA C 147 37.55 -30.38 2.78
C ALA C 147 38.52 -30.89 1.72
N SER C 148 38.74 -32.20 1.65
CA SER C 148 39.65 -32.76 0.66
C SER C 148 39.14 -32.50 -0.76
N LYS C 149 37.82 -32.54 -0.96
CA LYS C 149 37.27 -32.26 -2.28
C LYS C 149 37.54 -30.81 -2.69
N SER C 150 37.34 -29.87 -1.77
CA SER C 150 37.63 -28.47 -2.07
C SER C 150 39.11 -28.26 -2.35
N ASN C 151 39.98 -28.89 -1.55
CA ASN C 151 41.41 -28.76 -1.78
C ASN C 151 41.81 -29.31 -3.14
N LEU C 152 41.28 -30.48 -3.50
CA LEU C 152 41.61 -31.09 -4.78
C LEU C 152 41.13 -30.24 -5.95
N LEU C 153 39.90 -29.73 -5.86
CA LEU C 153 39.39 -28.89 -6.95
C LEU C 153 40.18 -27.60 -7.08
N TYR C 154 40.54 -26.99 -5.95
CA TYR C 154 41.36 -25.78 -5.99
C TYR C 154 42.72 -26.07 -6.62
N GLN C 155 43.33 -27.21 -6.28
CA GLN C 155 44.61 -27.57 -6.87
C GLN C 155 44.48 -27.79 -8.37
N GLN C 156 43.41 -28.47 -8.80
CA GLN C 156 43.29 -28.84 -10.21
C GLN C 156 42.96 -27.64 -11.08
N ILE C 157 42.00 -26.81 -10.66
CA ILE C 157 41.43 -25.80 -11.56
C ILE C 157 42.22 -24.51 -11.50
N PHE C 158 42.28 -23.89 -10.33
CA PHE C 158 42.87 -22.57 -10.18
C PHE C 158 44.36 -22.61 -9.90
N LEU C 159 44.99 -23.79 -9.92
CA LEU C 159 46.40 -23.94 -9.60
C LEU C 159 47.08 -24.86 -10.59
N HIS C 160 46.69 -24.81 -11.86
CA HIS C 160 47.25 -25.70 -12.88
C HIS C 160 48.25 -25.01 -13.79
N ASP C 161 48.02 -23.76 -14.16
CA ASP C 161 48.96 -23.02 -14.99
C ASP C 161 49.96 -22.21 -14.16
N LYS C 162 49.91 -22.32 -12.83
CA LYS C 162 50.81 -21.60 -11.93
C LYS C 162 51.58 -22.63 -11.13
N SER C 163 52.68 -23.11 -11.69
CA SER C 163 53.55 -24.09 -11.03
C SER C 163 54.88 -24.10 -11.73
N VAL C 164 55.83 -24.85 -11.17
CA VAL C 164 57.15 -25.00 -11.77
C VAL C 164 57.11 -26.16 -12.76
N ILE C 165 58.05 -26.13 -13.71
CA ILE C 165 58.17 -27.18 -14.71
C ILE C 165 59.63 -27.59 -14.83
N GLU C 166 59.84 -28.82 -15.29
CA GLU C 166 61.20 -29.38 -15.43
C GLU C 166 61.78 -28.94 -16.77
N LYS C 167 62.31 -27.72 -16.79
CA LYS C 167 62.96 -27.18 -17.96
C LYS C 167 64.31 -26.59 -17.56
N GLU C 168 65.29 -26.71 -18.46
CA GLU C 168 66.63 -26.20 -18.20
C GLU C 168 66.68 -24.69 -18.41
N GLU C 169 67.32 -24.00 -17.48
CA GLU C 169 67.49 -22.55 -17.57
C GLU C 169 68.95 -22.19 -17.32
N ILE C 170 69.40 -21.11 -17.94
CA ILE C 170 70.76 -20.63 -17.82
C ILE C 170 70.71 -19.22 -17.25
N TYR C 171 71.43 -18.99 -16.15
CA TYR C 171 71.45 -17.71 -15.48
C TYR C 171 72.81 -17.06 -15.63
N ASP C 172 72.82 -15.75 -15.82
CA ASP C 172 74.05 -14.97 -15.96
C ASP C 172 74.33 -14.27 -14.64
N SER C 173 75.50 -14.50 -14.08
CA SER C 173 75.86 -14.01 -12.76
C SER C 173 76.65 -12.71 -12.89
N ASN C 174 77.20 -12.26 -11.76
CA ASN C 174 78.09 -11.09 -11.73
C ASN C 174 79.48 -11.45 -11.24
N TRP C 175 79.84 -12.73 -11.28
CA TRP C 175 81.15 -13.20 -10.85
C TRP C 175 82.07 -13.31 -12.06
N LEU C 176 83.30 -12.83 -11.89
CA LEU C 176 84.30 -12.84 -12.96
C LEU C 176 85.40 -13.83 -12.58
N SER C 177 85.28 -15.05 -13.10
CA SER C 177 86.29 -16.06 -12.83
C SER C 177 87.64 -15.62 -13.37
N ILE C 178 88.67 -15.75 -12.55
CA ILE C 178 90.03 -15.38 -12.93
C ILE C 178 90.73 -16.60 -13.49
N LEU C 179 91.29 -16.48 -14.69
CA LEU C 179 91.89 -17.62 -15.38
C LEU C 179 93.38 -17.73 -15.13
N SER C 180 94.12 -16.65 -15.36
CA SER C 180 95.58 -16.67 -15.31
C SER C 180 96.09 -15.85 -14.14
N PHE C 181 97.05 -16.42 -13.41
CA PHE C 181 97.73 -15.80 -12.30
C PHE C 181 99.24 -15.84 -12.53
N PRO C 182 99.99 -14.89 -11.98
CA PRO C 182 101.45 -14.97 -12.07
C PRO C 182 101.97 -16.22 -11.39
N GLU C 183 103.07 -16.75 -11.94
CA GLU C 183 103.60 -18.02 -11.46
C GLU C 183 104.03 -17.94 -10.00
N GLU C 184 104.69 -16.84 -9.62
CA GLU C 184 105.25 -16.72 -8.27
C GLU C 184 104.97 -15.35 -7.69
N LEU C 185 104.86 -15.33 -6.36
CA LEU C 185 104.70 -14.11 -5.57
C LEU C 185 106.00 -13.86 -4.83
N ARG C 186 106.51 -12.62 -4.91
CA ARG C 186 107.84 -12.29 -4.44
C ARG C 186 107.77 -11.34 -3.25
N PHE C 187 108.54 -11.66 -2.21
CA PHE C 187 108.75 -10.81 -1.05
C PHE C 187 110.18 -10.29 -1.14
N HIS C 188 110.33 -9.04 -1.57
CA HIS C 188 111.65 -8.44 -1.70
C HIS C 188 112.13 -7.91 -0.35
N GLU C 189 113.33 -8.31 0.06
CA GLU C 189 113.90 -7.86 1.33
C GLU C 189 114.57 -6.52 1.11
N TYR C 190 113.76 -5.47 1.05
CA TYR C 190 114.25 -4.11 0.83
C TYR C 190 114.76 -3.46 2.11
N ASN C 191 114.59 -4.10 3.26
CA ASN C 191 115.04 -3.60 4.57
C ASN C 191 114.33 -2.26 4.82
N TRP C 192 115.03 -1.22 5.25
CA TRP C 192 114.38 0.06 5.54
C TRP C 192 113.91 0.73 4.25
N MET C 193 114.86 1.04 3.36
CA MET C 193 114.56 1.69 2.07
C MET C 193 113.78 2.99 2.27
N LEU C 194 114.20 3.77 3.26
CA LEU C 194 113.54 5.04 3.61
C LEU C 194 112.05 4.81 3.89
N PRO C 195 111.79 4.01 4.93
CA PRO C 195 110.45 3.60 5.32
C PRO C 195 109.75 2.78 4.23
N LYS C 196 110.52 2.27 3.27
CA LYS C 196 110.00 1.44 2.18
C LYS C 196 108.85 2.13 1.46
N ARG C 197 109.01 3.43 1.20
CA ARG C 197 107.99 4.25 0.55
C ARG C 197 106.66 4.15 1.31
N PHE C 198 106.70 4.70 2.54
CA PHE C 198 105.63 4.56 3.53
C PHE C 198 104.23 4.77 2.94
N ASP C 199 104.12 5.58 1.88
CA ASP C 199 102.82 5.74 1.23
C ASP C 199 102.31 4.42 0.68
N VAL C 200 103.19 3.65 0.03
CA VAL C 200 102.89 2.33 -0.51
C VAL C 200 101.76 2.37 -1.53
N ARG C 201 100.60 2.90 -1.12
CA ARG C 201 99.43 2.93 -1.97
C ARG C 201 99.62 3.79 -3.22
N GLU C 202 100.64 4.66 -3.22
CA GLU C 202 100.92 5.53 -4.35
C GLU C 202 101.93 4.93 -5.32
N LEU C 203 102.32 3.67 -5.12
CA LEU C 203 103.29 3.02 -5.99
C LEU C 203 102.69 2.74 -7.36
N THR C 204 103.56 2.49 -8.34
CA THR C 204 103.11 2.17 -9.68
C THR C 204 102.55 0.75 -9.80
N PHE C 205 102.88 -0.13 -8.86
CA PHE C 205 102.41 -1.50 -8.89
C PHE C 205 101.78 -1.85 -7.54
N PRO C 206 100.82 -2.76 -7.53
CA PRO C 206 100.21 -3.18 -6.26
C PRO C 206 101.20 -3.96 -5.42
N ALA C 207 101.49 -3.44 -4.23
CA ALA C 207 102.42 -4.08 -3.31
C ALA C 207 101.98 -3.79 -1.88
N VAL C 208 102.34 -4.70 -0.97
CA VAL C 208 102.02 -4.57 0.44
C VAL C 208 103.31 -4.72 1.25
N ARG C 209 103.21 -4.40 2.54
CA ARG C 209 104.37 -4.43 3.44
C ARG C 209 104.16 -5.54 4.46
N TYR C 210 105.01 -6.57 4.39
CA TYR C 210 105.00 -7.66 5.35
C TYR C 210 105.97 -7.34 6.48
N LYS C 211 106.33 -8.35 7.29
CA LYS C 211 107.23 -8.18 8.43
C LYS C 211 108.44 -7.31 8.10
N ASN C 212 109.27 -7.78 7.17
CA ASN C 212 110.41 -6.98 6.71
C ASN C 212 110.62 -7.16 5.21
N TYR C 213 109.53 -7.39 4.47
CA TYR C 213 109.59 -7.59 3.03
C TYR C 213 108.49 -6.78 2.36
N LEU C 214 108.72 -6.46 1.09
CA LEU C 214 107.71 -5.87 0.22
C LEU C 214 107.13 -6.98 -0.65
N CYS C 215 105.85 -7.27 -0.47
CA CYS C 215 105.19 -8.38 -1.13
C CYS C 215 104.46 -7.89 -2.37
N THR C 216 104.79 -8.49 -3.52
CA THR C 216 104.18 -8.09 -4.78
C THR C 216 104.40 -9.19 -5.82
N PHE C 217 103.67 -9.09 -6.92
CA PHE C 217 103.80 -10.02 -8.03
C PHE C 217 104.75 -9.51 -9.11
N ALA C 218 105.35 -8.34 -8.92
CA ALA C 218 106.21 -7.74 -9.92
C ALA C 218 107.68 -7.95 -9.57
N TRP C 219 108.56 -7.47 -10.44
CA TRP C 219 109.99 -7.59 -10.23
C TRP C 219 110.48 -6.55 -9.22
N ALA C 220 111.77 -6.66 -8.87
CA ALA C 220 112.37 -5.74 -7.93
C ALA C 220 112.66 -4.37 -8.55
N TYR C 221 113.10 -4.36 -9.82
CA TYR C 221 113.54 -3.13 -10.45
C TYR C 221 112.40 -2.26 -10.95
N ASP C 222 111.16 -2.75 -10.89
CA ASP C 222 110.02 -1.96 -11.35
C ASP C 222 109.74 -0.76 -10.45
N PHE C 223 110.27 -0.75 -9.23
CA PHE C 223 110.04 0.33 -8.28
C PHE C 223 111.20 1.31 -8.20
N THR C 224 112.13 1.26 -9.16
CA THR C 224 113.29 2.16 -9.13
C THR C 224 112.86 3.62 -9.29
N TYR C 225 111.79 3.88 -10.03
CA TYR C 225 111.37 5.25 -10.29
C TYR C 225 110.96 5.95 -8.99
N HIS C 226 110.06 5.33 -8.22
CA HIS C 226 109.62 5.94 -6.97
C HIS C 226 110.65 5.78 -5.87
N LEU C 227 111.30 4.63 -5.79
CA LEU C 227 112.27 4.35 -4.73
C LEU C 227 113.60 3.95 -5.35
N PRO C 228 114.65 4.74 -5.22
CA PRO C 228 115.93 4.41 -5.89
C PRO C 228 116.79 3.42 -5.13
N LYS C 229 116.46 3.11 -3.87
CA LYS C 229 117.28 2.18 -3.10
C LYS C 229 117.30 0.80 -3.72
N THR C 230 116.23 0.40 -4.39
CA THR C 230 116.19 -0.90 -5.06
C THR C 230 117.06 -0.94 -6.30
N GLU C 231 117.60 0.20 -6.75
CA GLU C 231 118.49 0.19 -7.91
C GLU C 231 119.76 -0.59 -7.63
N THR C 232 120.20 -0.63 -6.37
CA THR C 232 121.36 -1.41 -5.98
C THR C 232 121.00 -2.71 -5.27
N TYR C 233 119.74 -2.87 -4.88
CA TYR C 233 119.32 -4.09 -4.20
C TYR C 233 119.40 -5.28 -5.15
N HIS C 234 119.96 -6.38 -4.67
CA HIS C 234 120.20 -7.57 -5.48
C HIS C 234 119.05 -8.56 -5.34
N LYS C 235 119.01 -9.53 -6.25
CA LYS C 235 117.96 -10.52 -6.29
C LYS C 235 118.12 -11.61 -5.25
N SER C 236 119.24 -11.64 -4.53
CA SER C 236 119.44 -12.66 -3.49
C SER C 236 118.44 -12.48 -2.35
N LYS C 237 118.19 -11.24 -1.93
CA LYS C 237 117.35 -10.95 -0.77
C LYS C 237 115.88 -10.91 -1.19
N THR C 238 115.33 -12.10 -1.47
CA THR C 238 113.92 -12.21 -1.78
C THR C 238 113.44 -13.61 -1.44
N ILE C 239 112.14 -13.72 -1.18
CA ILE C 239 111.47 -14.99 -0.94
C ILE C 239 110.44 -15.18 -2.04
N ARG C 240 110.59 -16.25 -2.83
CA ARG C 240 109.69 -16.54 -3.92
C ARG C 240 108.78 -17.70 -3.53
N ILE C 241 107.48 -17.52 -3.70
CA ILE C 241 106.53 -18.57 -3.32
C ILE C 241 105.63 -18.88 -4.52
N PRO C 242 105.11 -20.10 -4.64
CA PRO C 242 104.21 -20.41 -5.76
C PRO C 242 102.75 -20.10 -5.46
N THR C 243 102.13 -19.27 -6.30
CA THR C 243 100.75 -18.87 -6.05
C THR C 243 99.80 -20.06 -6.12
N GLU C 244 99.98 -20.93 -7.12
CA GLU C 244 99.07 -22.05 -7.31
C GLU C 244 99.07 -22.99 -6.10
N GLU C 245 100.22 -23.16 -5.46
CA GLU C 245 100.28 -23.98 -4.26
C GLU C 245 99.46 -23.35 -3.12
N ILE C 246 99.51 -22.03 -2.99
CA ILE C 246 98.75 -21.35 -1.94
C ILE C 246 97.25 -21.44 -2.23
N LEU C 247 96.85 -21.21 -3.48
CA LEU C 247 95.43 -21.29 -3.81
C LEU C 247 94.86 -22.68 -3.60
N SER C 248 95.70 -23.71 -3.59
CA SER C 248 95.27 -25.08 -3.37
C SER C 248 95.29 -25.49 -1.91
N GLY C 249 95.58 -24.56 -1.00
CA GLY C 249 95.62 -24.88 0.42
C GLY C 249 96.75 -25.80 0.82
N SER C 250 97.96 -25.56 0.32
CA SER C 250 99.10 -26.44 0.59
C SER C 250 100.14 -25.86 1.53
N TYR C 251 100.19 -24.53 1.68
CA TYR C 251 101.22 -23.92 2.51
C TYR C 251 100.98 -24.18 3.99
N ASP C 252 102.06 -24.17 4.75
CA ASP C 252 102.06 -24.51 6.17
C ASP C 252 103.17 -23.73 6.85
N SER C 253 103.56 -24.17 8.04
CA SER C 253 104.68 -23.63 8.83
C SER C 253 104.31 -22.31 9.49
N ASN C 254 105.14 -21.87 10.44
CA ASN C 254 104.84 -20.71 11.25
C ASN C 254 105.35 -19.40 10.66
N PHE C 255 106.11 -19.45 9.56
CA PHE C 255 106.57 -18.22 8.93
C PHE C 255 105.40 -17.39 8.42
N ILE C 256 104.42 -18.05 7.81
CA ILE C 256 103.24 -17.37 7.28
C ILE C 256 102.08 -18.35 7.27
N ARG C 257 100.88 -17.84 7.47
CA ARG C 257 99.67 -18.64 7.48
C ARG C 257 99.01 -18.60 6.11
N ASN C 258 98.31 -19.69 5.79
CA ASN C 258 97.63 -19.78 4.48
C ASN C 258 96.55 -18.72 4.35
N ALA C 259 95.77 -18.50 5.42
CA ALA C 259 94.74 -17.48 5.38
C ALA C 259 95.33 -16.09 5.19
N GLU C 260 96.45 -15.82 5.84
CA GLU C 260 97.12 -14.54 5.66
C GLU C 260 97.62 -14.38 4.23
N CYS C 261 98.12 -15.45 3.63
CA CYS C 261 98.54 -15.39 2.23
C CYS C 261 97.36 -15.09 1.31
N LYS C 262 96.23 -15.75 1.55
CA LYS C 262 95.04 -15.49 0.74
C LYS C 262 94.57 -14.04 0.91
N ARG C 263 94.60 -13.54 2.14
CA ARG C 263 94.22 -12.15 2.38
C ARG C 263 95.15 -11.18 1.67
N LEU C 264 96.46 -11.46 1.68
CA LEU C 264 97.41 -10.62 0.97
C LEU C 264 97.16 -10.64 -0.53
N ILE C 265 96.83 -11.82 -1.07
CA ILE C 265 96.51 -11.91 -2.50
C ILE C 265 95.26 -11.10 -2.81
N VAL C 266 94.26 -11.17 -1.94
CA VAL C 266 93.03 -10.39 -2.14
C VAL C 266 93.35 -8.90 -2.13
N GLN C 267 94.19 -8.47 -1.18
CA GLN C 267 94.59 -7.07 -1.10
C GLN C 267 95.29 -6.62 -2.37
N LEU C 268 96.24 -7.43 -2.86
CA LEU C 268 96.96 -7.09 -4.07
C LEU C 268 96.02 -7.01 -5.27
N LEU C 269 95.09 -7.95 -5.38
CA LEU C 269 94.16 -7.95 -6.50
C LEU C 269 93.25 -6.73 -6.45
N ASN C 270 92.76 -6.36 -5.27
CA ASN C 270 91.91 -5.18 -5.15
C ASN C 270 92.68 -3.92 -5.53
N LYS C 271 93.93 -3.79 -5.06
CA LYS C 271 94.72 -2.62 -5.42
C LYS C 271 94.96 -2.57 -6.93
N ALA C 272 95.29 -3.71 -7.54
CA ALA C 272 95.53 -3.75 -8.97
C ALA C 272 94.27 -3.38 -9.74
N PHE C 273 93.11 -3.87 -9.29
CA PHE C 273 91.86 -3.51 -9.95
C PHE C 273 91.60 -2.02 -9.85
N GLU C 274 91.87 -1.43 -8.69
CA GLU C 274 91.67 0.01 -8.53
C GLU C 274 92.58 0.80 -9.48
N LEU C 275 93.86 0.43 -9.55
CA LEU C 275 94.77 1.14 -10.44
C LEU C 275 94.37 0.97 -11.91
N ARG C 276 94.01 -0.24 -12.31
CA ARG C 276 93.61 -0.45 -13.70
C ARG C 276 92.33 0.30 -14.04
N MET C 277 91.37 0.33 -13.10
CA MET C 277 90.15 1.08 -13.35
C MET C 277 90.43 2.57 -13.43
N LYS C 278 91.41 3.05 -12.66
CA LYS C 278 91.84 4.44 -12.81
C LYS C 278 92.46 4.67 -14.20
N ASP C 279 93.20 3.67 -14.70
CA ASP C 279 93.84 3.81 -16.01
C ASP C 279 92.81 3.99 -17.13
N LYS C 280 91.60 3.49 -16.94
CA LYS C 280 90.56 3.61 -17.95
C LYS C 280 90.02 5.03 -18.08
N GLU C 281 90.40 5.93 -17.17
CA GLU C 281 90.01 7.35 -17.23
C GLU C 281 88.49 7.52 -17.20
N VAL C 282 87.90 7.09 -16.07
CA VAL C 282 86.47 7.24 -15.84
C VAL C 282 86.28 8.01 -14.54
N GLN C 283 85.05 8.47 -14.31
CA GLN C 283 84.73 9.18 -13.08
C GLN C 283 84.60 8.19 -11.92
N GLU C 284 85.06 8.61 -10.75
CA GLU C 284 85.08 7.78 -9.55
C GLU C 284 84.19 8.39 -8.48
N TYR C 285 83.31 7.57 -7.90
CA TYR C 285 82.42 7.98 -6.83
C TYR C 285 82.83 7.25 -5.55
N GLU C 286 83.03 8.01 -4.48
CA GLU C 286 83.43 7.47 -3.18
C GLU C 286 82.20 7.24 -2.33
N MET C 287 81.83 5.97 -2.13
CA MET C 287 80.68 5.63 -1.31
C MET C 287 81.07 5.64 0.17
N SER C 288 80.17 5.15 1.02
CA SER C 288 80.45 5.12 2.46
C SER C 288 81.56 4.15 2.79
N ASN C 289 81.57 2.98 2.15
CA ASN C 289 82.54 1.93 2.47
C ASN C 289 83.16 1.29 1.23
N LYS C 290 82.98 1.87 0.05
CA LYS C 290 83.53 1.33 -1.19
C LYS C 290 83.65 2.46 -2.20
N THR C 291 84.02 2.10 -3.43
CA THR C 291 84.15 3.06 -4.51
C THR C 291 83.56 2.47 -5.78
N ALA C 292 83.00 3.34 -6.62
CA ALA C 292 82.36 2.92 -7.86
C ALA C 292 82.91 3.74 -9.02
N TYR C 293 82.79 3.19 -10.22
CA TYR C 293 83.32 3.79 -11.43
C TYR C 293 82.19 3.98 -12.44
N TRP C 294 82.02 5.22 -12.91
CA TRP C 294 80.96 5.57 -13.83
C TRP C 294 81.50 6.42 -14.96
N LEU C 295 80.81 6.37 -16.10
CA LEU C 295 81.17 7.12 -17.29
C LEU C 295 80.42 8.45 -17.33
N GLU C 296 81.01 9.43 -18.00
CA GLU C 296 80.40 10.74 -18.13
C GLU C 296 79.50 10.80 -19.36
N LYS C 297 78.73 11.90 -19.44
CA LYS C 297 77.75 12.04 -20.52
C LYS C 297 78.42 12.09 -21.88
N GLY C 298 79.53 12.81 -22.00
CA GLY C 298 80.19 13.01 -23.28
C GLY C 298 81.28 12.02 -23.63
N LYS C 299 81.44 10.95 -22.85
CA LYS C 299 82.51 10.00 -23.12
C LYS C 299 82.21 9.14 -24.34
N LEU C 300 80.98 8.66 -24.46
CA LEU C 300 80.60 7.73 -25.52
C LEU C 300 79.77 8.45 -26.58
N GLU C 301 79.65 7.81 -27.73
CA GLU C 301 78.93 8.34 -28.89
C GLU C 301 77.91 7.31 -29.34
N LYS C 302 76.69 7.40 -28.82
CA LYS C 302 76.32 8.38 -27.80
C LYS C 302 75.71 7.68 -26.60
N ASP C 303 76.57 7.22 -25.70
CA ASP C 303 76.17 6.54 -24.47
C ASP C 303 75.23 5.37 -24.77
N LYS C 304 75.51 4.66 -25.85
CA LYS C 304 74.69 3.53 -26.28
C LYS C 304 75.57 2.37 -26.72
N PHE C 305 76.58 2.05 -25.91
CA PHE C 305 77.46 0.92 -26.22
C PHE C 305 76.66 -0.37 -26.32
N GLU C 306 76.86 -1.10 -27.41
CA GLU C 306 76.15 -2.35 -27.69
C GLU C 306 74.64 -2.16 -27.72
N LYS C 307 74.19 -0.94 -28.03
CA LYS C 307 72.76 -0.60 -28.09
C LYS C 307 72.05 -0.94 -26.78
N THR C 308 72.70 -0.61 -25.65
CA THR C 308 72.14 -0.85 -24.34
C THR C 308 71.87 0.41 -23.53
N MET C 309 72.51 1.54 -23.87
CA MET C 309 72.38 2.81 -23.16
C MET C 309 73.05 2.75 -21.79
N LEU C 310 73.83 3.78 -21.46
CA LEU C 310 74.55 3.78 -20.19
C LEU C 310 74.32 5.08 -19.44
N VAL C 311 74.06 6.17 -20.17
CA VAL C 311 73.78 7.47 -19.58
C VAL C 311 72.46 7.96 -20.16
N GLY C 312 71.60 8.48 -19.29
CA GLY C 312 70.31 8.98 -19.72
C GLY C 312 69.82 10.14 -18.88
N LYS C 313 68.57 10.55 -19.06
CA LYS C 313 67.98 11.63 -18.27
C LYS C 313 66.63 11.18 -17.74
N GLN C 314 66.38 11.45 -16.45
CA GLN C 314 65.09 11.08 -15.85
C GLN C 314 64.03 12.15 -16.10
N LYS C 315 64.21 13.32 -15.50
CA LYS C 315 63.39 14.50 -15.80
C LYS C 315 64.23 15.70 -16.21
N ASP C 316 65.22 16.05 -15.40
CA ASP C 316 66.17 17.11 -15.72
C ASP C 316 67.61 16.77 -15.38
N LYS C 317 67.86 15.76 -14.57
CA LYS C 317 69.21 15.32 -14.25
C LYS C 317 69.63 14.20 -15.17
N ASN C 318 70.88 13.79 -15.02
CA ASN C 318 71.47 12.73 -15.83
C ASN C 318 71.81 11.54 -14.94
N TRP C 319 71.31 10.37 -15.31
CA TRP C 319 71.56 9.13 -14.61
C TRP C 319 72.66 8.37 -15.32
N HIS C 320 73.57 7.80 -14.52
CA HIS C 320 74.71 7.04 -15.04
C HIS C 320 74.81 5.72 -14.32
N PHE C 321 74.95 4.65 -15.10
CA PHE C 321 75.23 3.32 -14.56
C PHE C 321 76.67 3.24 -14.10
N ALA C 322 76.90 2.44 -13.05
CA ALA C 322 78.24 2.28 -12.50
C ALA C 322 78.37 0.89 -11.89
N ILE C 323 79.61 0.43 -11.79
CA ILE C 323 79.91 -0.86 -11.21
C ILE C 323 80.98 -0.70 -10.14
N SER C 324 80.91 -1.55 -9.13
CA SER C 324 81.91 -1.61 -8.07
C SER C 324 82.43 -3.04 -7.97
N GLY C 325 83.74 -3.20 -7.95
CA GLY C 325 84.36 -4.52 -8.00
C GLY C 325 85.16 -4.81 -6.74
N ALA C 326 85.21 -6.09 -6.39
CA ALA C 326 85.98 -6.54 -5.24
C ALA C 326 86.38 -7.99 -5.45
N SER C 327 87.69 -8.26 -5.45
CA SER C 327 88.15 -9.62 -5.68
C SER C 327 87.88 -10.50 -4.45
N LYS C 328 87.81 -11.81 -4.70
CA LYS C 328 87.54 -12.77 -3.64
C LYS C 328 88.11 -14.12 -4.03
N LEU C 329 88.46 -14.91 -3.01
CA LEU C 329 89.03 -16.24 -3.21
C LEU C 329 88.15 -17.35 -2.65
N TYR C 330 86.88 -17.08 -2.39
CA TYR C 330 85.96 -18.10 -1.89
C TYR C 330 84.69 -18.06 -2.74
N PRO C 331 84.29 -19.18 -3.35
CA PRO C 331 84.94 -20.50 -3.32
C PRO C 331 86.09 -20.61 -4.31
N PHE C 332 86.05 -19.84 -5.40
CA PHE C 332 87.13 -19.76 -6.37
C PHE C 332 87.43 -18.30 -6.66
N PRO C 333 88.65 -17.98 -7.09
CA PRO C 333 88.99 -16.57 -7.36
C PRO C 333 88.04 -15.96 -8.37
N VAL C 334 87.30 -14.94 -7.92
CA VAL C 334 86.34 -14.22 -8.73
C VAL C 334 86.40 -12.75 -8.36
N LEU C 335 85.58 -11.95 -9.06
CA LEU C 335 85.47 -10.51 -8.82
C LEU C 335 83.99 -10.20 -8.61
N MET C 336 83.59 -10.01 -7.36
CA MET C 336 82.25 -9.51 -7.06
C MET C 336 82.04 -8.19 -7.77
N ILE C 337 80.94 -8.09 -8.52
CA ILE C 337 80.59 -6.88 -9.25
C ILE C 337 79.18 -6.47 -8.84
N SER C 338 79.04 -5.24 -8.35
CA SER C 338 77.76 -4.72 -7.89
C SER C 338 77.38 -3.50 -8.71
N SER C 339 76.11 -3.42 -9.10
CA SER C 339 75.63 -2.34 -9.95
C SER C 339 75.06 -1.21 -9.10
N HIS C 340 75.23 0.02 -9.60
CA HIS C 340 74.74 1.21 -8.92
C HIS C 340 74.36 2.26 -9.95
N ILE C 341 73.59 3.24 -9.51
CA ILE C 341 73.16 4.36 -10.34
C ILE C 341 73.53 5.66 -9.64
N PHE C 342 74.08 6.61 -10.40
CA PHE C 342 74.45 7.91 -9.87
C PHE C 342 73.76 9.02 -10.66
N PHE C 343 73.44 10.10 -9.97
CA PHE C 343 72.68 11.22 -10.54
C PHE C 343 73.51 12.48 -10.51
N THR C 344 73.61 13.15 -11.65
CA THR C 344 74.34 14.40 -11.79
C THR C 344 73.43 15.47 -12.34
N ALA C 345 73.47 16.66 -11.73
CA ALA C 345 72.62 17.76 -12.20
C ALA C 345 72.96 18.15 -13.63
N ASP C 346 74.25 18.25 -13.94
CA ASP C 346 74.72 18.59 -15.27
C ASP C 346 75.16 17.32 -16.00
N GLY C 347 75.72 17.48 -17.19
CA GLY C 347 76.19 16.33 -17.94
C GLY C 347 77.37 15.64 -17.28
N LYS C 348 78.33 16.41 -16.78
CA LYS C 348 79.50 15.87 -16.07
C LYS C 348 79.68 16.69 -14.79
N LYS C 349 79.01 16.27 -13.72
CA LYS C 349 79.05 16.94 -12.43
C LYS C 349 78.63 15.93 -11.38
N LEU C 350 78.30 16.41 -10.19
CA LEU C 350 77.75 15.56 -9.15
C LEU C 350 76.86 16.38 -8.23
N ILE C 351 75.81 15.75 -7.72
CA ILE C 351 74.91 16.38 -6.77
C ILE C 351 75.44 16.11 -5.37
N ASP C 352 75.83 17.17 -4.66
CA ASP C 352 76.51 17.01 -3.38
C ASP C 352 75.63 16.33 -2.34
N SER C 353 74.36 16.75 -2.25
CA SER C 353 73.47 16.19 -1.25
C SER C 353 73.17 14.72 -1.55
N SER C 354 73.21 13.89 -0.52
CA SER C 354 72.96 12.47 -0.66
C SER C 354 71.48 12.10 -0.57
N SER C 355 70.66 12.93 0.08
CA SER C 355 69.24 12.63 0.19
C SER C 355 68.56 12.64 -1.19
N VAL C 356 68.86 13.66 -1.99
CA VAL C 356 68.28 13.74 -3.33
C VAL C 356 68.78 12.59 -4.19
N GLN C 357 70.08 12.26 -4.07
CA GLN C 357 70.63 11.15 -4.84
C GLN C 357 69.94 9.84 -4.50
N HIS C 358 69.76 9.58 -3.20
CA HIS C 358 69.10 8.33 -2.79
C HIS C 358 67.64 8.29 -3.23
N SER C 359 66.93 9.41 -3.07
CA SER C 359 65.52 9.44 -3.49
C SER C 359 65.39 9.23 -4.99
N SER C 360 66.25 9.87 -5.78
CA SER C 360 66.20 9.71 -7.23
C SER C 360 66.59 8.30 -7.64
N ARG C 361 67.57 7.70 -6.96
CA ARG C 361 67.95 6.33 -7.27
C ARG C 361 66.79 5.37 -7.01
N ARG C 362 66.12 5.53 -5.87
CA ARG C 362 64.99 4.66 -5.56
C ARG C 362 63.81 4.92 -6.49
N ARG C 363 63.64 6.17 -6.95
CA ARG C 363 62.58 6.46 -7.90
C ARG C 363 62.88 5.85 -9.27
N GLN C 364 64.14 5.84 -9.68
CA GLN C 364 64.50 5.30 -10.98
C GLN C 364 64.47 3.77 -11.00
N GLY C 365 64.96 3.14 -9.93
CA GLY C 365 65.09 1.69 -9.92
C GLY C 365 63.77 0.94 -9.97
N LYS C 366 62.64 1.64 -9.78
CA LYS C 366 61.34 0.98 -9.75
C LYS C 366 60.91 0.44 -11.12
N ASN C 367 61.56 0.87 -12.20
CA ASN C 367 61.11 0.54 -13.55
C ASN C 367 62.27 0.11 -14.43
N TRP C 368 63.15 -0.75 -13.91
CA TRP C 368 64.27 -1.26 -14.70
C TRP C 368 64.16 -2.77 -14.92
N TRP C 369 64.09 -3.56 -13.85
CA TRP C 369 63.90 -5.01 -13.92
C TRP C 369 65.12 -5.78 -14.42
N ASN C 370 64.96 -7.10 -14.51
CA ASN C 370 66.08 -8.01 -14.63
C ASN C 370 66.82 -7.82 -15.94
N ASN C 371 66.08 -7.76 -17.06
CA ASN C 371 66.73 -7.66 -18.36
C ASN C 371 67.54 -6.37 -18.48
N THR C 372 66.96 -5.25 -18.02
CA THR C 372 67.68 -3.99 -18.08
C THR C 372 68.94 -4.03 -17.23
N TRP C 373 68.82 -4.52 -15.99
CA TRP C 373 69.98 -4.58 -15.11
C TRP C 373 71.08 -5.45 -15.73
N ARG C 374 70.70 -6.62 -16.25
CA ARG C 374 71.70 -7.53 -16.81
C ARG C 374 72.36 -6.95 -18.04
N THR C 375 71.57 -6.37 -18.95
CA THR C 375 72.14 -5.80 -20.17
C THR C 375 73.08 -4.65 -19.86
N LYS C 376 72.68 -3.76 -18.94
CA LYS C 376 73.53 -2.64 -18.60
C LYS C 376 74.82 -3.09 -17.94
N LEU C 377 74.72 -4.07 -17.02
CA LEU C 377 75.92 -4.58 -16.37
C LEU C 377 76.86 -5.23 -17.38
N LEU C 378 76.31 -6.04 -18.29
CA LEU C 378 77.13 -6.72 -19.28
C LEU C 378 77.78 -5.73 -20.23
N ALA C 379 77.06 -4.69 -20.64
CA ALA C 379 77.65 -3.69 -21.53
C ALA C 379 78.75 -2.91 -20.83
N PHE C 380 78.52 -2.48 -19.59
CA PHE C 380 79.54 -1.76 -18.85
C PHE C 380 80.77 -2.63 -18.64
N ILE C 381 80.57 -3.94 -18.43
CA ILE C 381 81.69 -4.82 -18.16
C ILE C 381 82.42 -5.20 -19.44
N LYS C 382 81.73 -5.21 -20.57
CA LYS C 382 82.37 -5.47 -21.87
C LYS C 382 83.12 -4.24 -22.37
N TYR C 383 82.69 -3.05 -21.97
CA TYR C 383 83.41 -1.84 -22.36
C TYR C 383 84.85 -1.88 -21.86
N LEU C 384 85.06 -2.40 -20.66
CA LEU C 384 86.39 -2.44 -20.06
C LEU C 384 87.26 -3.57 -20.60
N SER C 385 86.73 -4.43 -21.46
CA SER C 385 87.51 -5.55 -21.99
C SER C 385 88.69 -5.04 -22.81
N ASP C 386 89.87 -5.60 -22.54
CA ASP C 386 91.09 -5.22 -23.24
C ASP C 386 91.40 -6.11 -24.44
N ASP C 387 90.65 -7.19 -24.62
CA ASP C 387 90.85 -8.09 -25.75
C ASP C 387 89.50 -8.70 -26.11
N ASP C 388 89.51 -9.79 -26.88
CA ASP C 388 88.27 -10.40 -27.34
C ASP C 388 87.42 -10.88 -26.17
N THR C 389 88.01 -11.64 -25.25
CA THR C 389 87.24 -12.25 -24.18
C THR C 389 87.99 -12.18 -22.85
N SER C 390 88.63 -11.04 -22.56
CA SER C 390 89.35 -10.87 -21.29
C SER C 390 89.70 -9.39 -21.14
N PHE C 391 90.26 -9.06 -19.98
CA PHE C 391 90.82 -7.74 -19.73
C PHE C 391 91.84 -7.89 -18.59
N TYR C 392 92.89 -7.08 -18.65
CA TYR C 392 94.07 -7.29 -17.84
C TYR C 392 94.20 -6.26 -16.72
N LEU C 393 94.81 -6.70 -15.62
CA LEU C 393 95.19 -5.85 -14.50
C LEU C 393 96.69 -5.94 -14.32
N GLU C 394 97.32 -4.80 -14.04
CA GLU C 394 98.77 -4.76 -13.88
C GLU C 394 99.19 -5.46 -12.59
N MET C 395 100.20 -6.31 -12.68
CA MET C 395 100.69 -7.06 -11.53
C MET C 395 102.01 -6.52 -11.03
N GLU C 398 105.71 -5.91 -15.80
CA GLU C 398 106.04 -7.17 -16.45
C GLU C 398 104.83 -8.11 -16.48
N GLU C 399 104.52 -8.70 -15.33
CA GLU C 399 103.42 -9.64 -15.24
C GLU C 399 102.08 -8.91 -15.17
N LYS C 400 101.02 -9.65 -15.51
CA LYS C 400 99.66 -9.12 -15.46
C LYS C 400 98.70 -10.27 -15.23
N VAL C 401 97.49 -9.93 -14.78
CA VAL C 401 96.46 -10.92 -14.48
C VAL C 401 95.26 -10.66 -15.38
N PHE C 402 94.81 -11.71 -16.08
CA PHE C 402 93.71 -11.59 -17.03
C PHE C 402 92.42 -12.13 -16.42
N VAL C 403 91.34 -11.37 -16.61
CA VAL C 403 90.03 -11.70 -16.07
C VAL C 403 89.04 -11.78 -17.23
N SER C 404 88.23 -12.84 -17.24
CA SER C 404 87.24 -13.02 -18.29
C SER C 404 86.15 -11.95 -18.19
N ASN C 405 85.71 -11.47 -19.35
CA ASN C 405 84.61 -10.52 -19.41
C ASN C 405 83.24 -11.18 -19.45
N GLU C 406 83.19 -12.52 -19.53
CA GLU C 406 81.94 -13.24 -19.53
C GLU C 406 81.71 -13.85 -18.16
N PRO C 407 80.72 -13.39 -17.40
CA PRO C 407 80.51 -13.94 -16.06
C PRO C 407 80.10 -15.42 -16.12
N VAL C 408 80.45 -16.15 -15.07
CA VAL C 408 80.18 -17.58 -15.01
C VAL C 408 78.68 -17.82 -14.98
N LYS C 409 78.21 -18.69 -15.87
CA LYS C 409 76.79 -19.00 -15.96
C LYS C 409 76.42 -20.13 -15.01
N PHE C 410 75.16 -20.17 -14.62
CA PHE C 410 74.63 -21.18 -13.74
C PHE C 410 73.52 -21.95 -14.44
N LYS C 411 73.42 -23.25 -14.14
CA LYS C 411 72.45 -24.14 -14.75
C LYS C 411 71.37 -24.50 -13.74
N GLY C 412 70.12 -24.40 -14.15
CA GLY C 412 69.01 -24.79 -13.30
C GLY C 412 68.13 -25.80 -14.01
N ASN C 413 67.61 -26.76 -13.25
CA ASN C 413 66.81 -27.83 -13.81
C ASN C 413 65.31 -27.52 -13.83
N VAL C 414 64.87 -26.45 -13.16
CA VAL C 414 63.47 -26.08 -13.13
C VAL C 414 63.34 -24.59 -13.41
N SER C 415 62.15 -24.19 -13.82
CA SER C 415 61.85 -22.80 -14.14
C SER C 415 60.32 -22.66 -14.24
N TYR C 416 59.87 -21.52 -14.72
CA TYR C 416 58.45 -21.21 -14.87
C TYR C 416 58.16 -20.89 -16.34
N ASN C 417 56.90 -20.56 -16.61
CA ASN C 417 56.42 -20.34 -17.97
C ASN C 417 55.74 -18.99 -18.10
N ILE C 418 56.38 -17.95 -17.57
CA ILE C 418 55.91 -16.57 -17.70
C ILE C 418 54.48 -16.40 -17.20
N MET D 1 81.12 -23.74 -15.45
CA MET D 1 79.73 -23.32 -15.32
C MET D 1 79.02 -24.25 -14.34
N LYS D 2 78.47 -23.67 -13.27
CA LYS D 2 77.99 -24.42 -12.13
C LYS D 2 76.51 -24.75 -12.25
N GLU D 3 76.06 -25.68 -11.41
CA GLU D 3 74.70 -26.18 -11.41
C GLU D 3 73.95 -25.70 -10.16
N LEU D 4 72.63 -25.78 -10.23
CA LEU D 4 71.75 -25.41 -9.13
C LEU D 4 70.87 -26.60 -8.75
N ILE D 5 70.31 -26.52 -7.55
CA ILE D 5 69.39 -27.53 -7.04
C ILE D 5 68.13 -26.82 -6.55
N TYR D 6 66.97 -27.40 -6.85
CA TYR D 6 65.68 -26.83 -6.47
C TYR D 6 65.18 -27.48 -5.19
N ILE D 7 64.64 -26.65 -4.30
CA ILE D 7 64.06 -27.09 -3.04
C ILE D 7 62.56 -26.82 -3.12
N GLU D 8 61.76 -27.86 -2.92
CA GLU D 8 60.33 -27.75 -3.08
C GLU D 8 59.74 -26.77 -2.07
N GLU D 9 58.70 -26.06 -2.49
CA GLU D 9 58.05 -25.09 -1.62
C GLU D 9 57.36 -25.80 -0.46
N PRO D 10 57.61 -25.37 0.78
CA PRO D 10 56.95 -26.03 1.92
C PRO D 10 55.47 -25.73 1.95
N LYS D 11 54.74 -26.63 2.62
CA LYS D 11 53.29 -26.50 2.78
C LYS D 11 52.97 -26.25 4.24
N ILE D 12 52.17 -25.22 4.51
CA ILE D 12 51.72 -24.92 5.85
C ILE D 12 50.37 -25.59 6.06
N LEU D 13 49.99 -25.73 7.33
CA LEU D 13 48.82 -26.50 7.72
C LEU D 13 47.72 -25.56 8.21
N PHE D 14 46.47 -25.92 7.92
CA PHE D 14 45.32 -25.09 8.24
C PHE D 14 44.21 -25.94 8.87
N ALA D 15 43.01 -25.38 8.98
CA ALA D 15 41.90 -26.12 9.58
C ALA D 15 41.57 -27.36 8.76
N HIS D 16 41.02 -28.36 9.45
CA HIS D 16 40.65 -29.65 8.86
C HIS D 16 41.86 -30.42 8.33
N GLY D 17 43.05 -30.08 8.80
CA GLY D 17 44.25 -30.78 8.36
C GLY D 17 44.56 -30.59 6.88
N GLN D 18 44.30 -29.40 6.36
CA GLN D 18 44.46 -29.11 4.93
C GLN D 18 45.74 -28.33 4.72
N LYS D 19 46.58 -28.81 3.79
CA LYS D 19 47.86 -28.20 3.51
C LYS D 19 47.75 -27.26 2.31
N CYS D 20 48.56 -26.20 2.34
CA CYS D 20 48.59 -25.23 1.26
C CYS D 20 49.92 -24.50 1.31
N THR D 21 50.25 -23.81 0.22
CA THR D 21 51.46 -23.00 0.15
C THR D 21 51.21 -21.54 0.50
N ASP D 22 50.06 -21.00 0.13
CA ASP D 22 49.73 -19.60 0.40
C ASP D 22 48.91 -19.52 1.69
N ALA D 23 49.37 -18.68 2.61
CA ALA D 23 48.64 -18.49 3.86
C ALA D 23 47.27 -17.87 3.61
N ARG D 24 47.21 -16.88 2.70
CA ARG D 24 45.96 -16.20 2.44
C ARG D 24 44.92 -17.14 1.84
N ASP D 25 45.32 -17.96 0.88
CA ASP D 25 44.37 -18.90 0.27
C ASP D 25 43.93 -19.96 1.27
N GLY D 26 44.86 -20.50 2.04
CA GLY D 26 44.50 -21.50 3.03
C GLY D 26 43.55 -20.95 4.08
N LEU D 27 43.76 -19.70 4.50
CA LEU D 27 42.85 -19.05 5.42
C LEU D 27 41.48 -18.83 4.77
N ALA D 28 41.47 -18.44 3.50
CA ALA D 28 40.20 -18.18 2.82
C ALA D 28 39.36 -19.44 2.66
N LEU D 29 39.98 -20.55 2.24
CA LEU D 29 39.20 -21.75 1.97
C LEU D 29 38.83 -22.49 3.26
N PHE D 30 39.82 -22.85 4.07
CA PHE D 30 39.61 -23.72 5.23
C PHE D 30 39.45 -22.91 6.52
N GLY D 31 40.43 -22.09 6.86
CA GLY D 31 40.34 -21.26 8.03
C GLY D 31 41.39 -21.56 9.07
N PRO D 32 41.37 -20.81 10.17
CA PRO D 32 42.39 -21.01 11.22
C PRO D 32 42.17 -22.29 11.99
N LEU D 33 43.25 -22.73 12.65
CA LEU D 33 43.16 -23.91 13.50
C LEU D 33 42.38 -23.61 14.78
N ASN D 34 42.61 -22.44 15.37
CA ASN D 34 41.94 -22.07 16.60
C ASN D 34 40.48 -21.68 16.33
N ASN D 35 39.70 -21.64 17.42
CA ASN D 35 38.31 -21.19 17.37
C ASN D 35 38.15 -20.08 18.41
N LEU D 36 38.49 -18.85 18.01
CA LEU D 36 38.19 -17.70 18.85
C LEU D 36 36.71 -17.39 18.76
N TYR D 37 36.14 -16.96 19.89
CA TYR D 37 34.72 -16.59 19.90
C TYR D 37 34.53 -15.17 19.41
N GLY D 38 35.46 -14.28 19.71
CA GLY D 38 35.37 -12.91 19.25
C GLY D 38 36.50 -12.11 19.84
N ILE D 39 36.71 -10.92 19.27
CA ILE D 39 37.77 -10.02 19.69
C ILE D 39 37.13 -8.79 20.32
N LYS D 40 37.47 -8.51 21.57
CA LYS D 40 37.04 -7.30 22.25
C LYS D 40 38.20 -6.31 22.22
N SER D 41 37.98 -5.16 21.59
CA SER D 41 39.03 -4.21 21.28
C SER D 41 38.93 -2.98 22.16
N GLY D 42 40.08 -2.51 22.65
CA GLY D 42 40.18 -1.26 23.39
C GLY D 42 40.95 -0.25 22.57
N VAL D 43 40.35 0.91 22.35
CA VAL D 43 40.88 1.94 21.46
C VAL D 43 41.32 3.13 22.30
N ILE D 44 42.52 3.63 22.04
CA ILE D 44 43.09 4.78 22.74
C ILE D 44 43.46 5.83 21.71
N GLY D 45 43.08 7.06 21.96
CA GLY D 45 43.41 8.15 21.06
C GLY D 45 42.33 9.21 21.10
N THR D 46 42.55 10.25 20.31
CA THR D 46 41.59 11.34 20.20
C THR D 46 40.29 10.82 19.59
N LYS D 47 39.27 11.68 19.61
CA LYS D 47 37.98 11.30 19.05
C LYS D 47 38.08 11.05 17.55
N GLN D 48 38.92 11.80 16.85
CA GLN D 48 39.16 11.54 15.44
C GLN D 48 39.78 10.16 15.24
N GLY D 49 40.72 9.78 16.11
CA GLY D 49 41.29 8.45 16.03
C GLY D 49 40.27 7.36 16.24
N LEU D 50 39.37 7.54 17.21
CA LEU D 50 38.30 6.56 17.44
C LEU D 50 37.38 6.46 16.23
N LYS D 51 37.03 7.60 15.65
CA LYS D 51 36.19 7.59 14.44
C LYS D 51 36.89 6.86 13.30
N ILE D 52 38.19 7.11 13.12
CA ILE D 52 38.95 6.46 12.06
C ILE D 52 38.97 4.96 12.28
N PHE D 53 39.22 4.53 13.51
CA PHE D 53 39.29 3.09 13.80
C PHE D 53 37.91 2.44 13.61
N ARG D 54 36.85 3.11 14.04
CA ARG D 54 35.51 2.56 13.86
C ARG D 54 35.17 2.43 12.38
N ASP D 55 35.51 3.45 11.58
CA ASP D 55 35.25 3.38 10.15
C ASP D 55 36.03 2.24 9.50
N TYR D 56 37.29 2.06 9.88
CA TYR D 56 38.07 0.97 9.31
C TYR D 56 37.53 -0.39 9.74
N LEU D 57 37.08 -0.50 11.00
CA LEU D 57 36.51 -1.75 11.47
C LEU D 57 35.23 -2.09 10.72
N ASP D 58 34.40 -1.09 10.43
CA ASP D 58 33.21 -1.33 9.61
C ASP D 58 33.58 -1.70 8.18
N HIS D 59 34.64 -1.09 7.65
CA HIS D 59 35.09 -1.36 6.29
C HIS D 59 35.67 -2.76 6.16
N ILE D 60 36.26 -3.29 7.23
CA ILE D 60 36.93 -4.59 7.17
C ILE D 60 35.93 -5.70 6.85
N GLN D 61 34.73 -5.64 7.45
CA GLN D 61 33.79 -6.75 7.36
C GLN D 61 33.37 -7.02 5.92
N LYS D 62 33.18 -5.98 5.12
CA LYS D 62 32.80 -6.16 3.73
C LYS D 62 34.00 -6.63 2.91
N PRO D 63 33.77 -7.38 1.83
CA PRO D 63 34.88 -7.86 1.01
C PRO D 63 35.67 -6.70 0.42
N ILE D 64 36.98 -6.89 0.31
CA ILE D 64 37.90 -5.87 -0.17
C ILE D 64 38.73 -6.47 -1.29
N TYR D 65 38.84 -5.73 -2.40
CA TYR D 65 39.49 -6.21 -3.61
C TYR D 65 40.78 -5.44 -3.88
N ASN D 66 41.68 -6.10 -4.60
CA ASN D 66 42.91 -5.50 -5.09
C ASN D 66 42.83 -5.32 -6.61
N SER D 67 43.86 -4.67 -7.16
CA SER D 67 43.89 -4.44 -8.60
C SER D 67 43.95 -5.75 -9.36
N ASN D 68 44.75 -6.71 -8.88
CA ASN D 68 44.85 -8.03 -9.48
C ASN D 68 44.63 -9.07 -8.38
N SER D 69 43.62 -9.91 -8.57
CA SER D 69 43.30 -10.95 -7.60
C SER D 69 44.10 -12.23 -7.81
N ILE D 70 44.95 -12.28 -8.85
CA ILE D 70 45.85 -13.40 -9.04
C ILE D 70 47.16 -13.17 -8.30
N THR D 71 47.77 -11.99 -8.48
CA THR D 71 48.98 -11.66 -7.76
C THR D 71 48.71 -11.48 -6.26
N ARG D 72 47.69 -10.72 -5.93
CA ARG D 72 47.34 -10.43 -4.54
C ARG D 72 45.91 -10.89 -4.26
N PRO D 73 45.72 -11.96 -3.48
CA PRO D 73 44.35 -12.43 -3.23
C PRO D 73 43.52 -11.40 -2.49
N MET D 74 42.21 -11.43 -2.74
CA MET D 74 41.27 -10.50 -2.12
C MET D 74 40.99 -10.91 -0.68
N PHE D 75 40.37 -9.98 0.06
CA PHE D 75 39.97 -10.22 1.44
C PHE D 75 38.46 -10.35 1.52
N PRO D 76 37.92 -11.53 1.82
CA PRO D 76 36.46 -11.71 1.85
C PRO D 76 35.78 -11.21 3.11
N GLY D 77 36.47 -10.48 3.98
CA GLY D 77 35.89 -10.04 5.23
C GLY D 77 36.44 -10.82 6.41
N PHE D 78 36.40 -10.19 7.58
CA PHE D 78 37.04 -10.78 8.75
C PHE D 78 36.35 -12.07 9.19
N GLU D 79 35.03 -12.03 9.32
CA GLU D 79 34.32 -13.20 9.84
C GLU D 79 34.27 -14.33 8.82
N ALA D 80 34.23 -14.00 7.53
CA ALA D 80 34.24 -15.04 6.50
C ALA D 80 35.55 -15.82 6.48
N VAL D 81 36.64 -15.23 6.94
CA VAL D 81 37.94 -15.89 6.97
C VAL D 81 38.16 -16.56 8.31
N PHE D 82 38.14 -15.78 9.38
CA PHE D 82 38.56 -16.26 10.69
C PHE D 82 37.41 -16.84 11.52
N ASP D 83 36.16 -16.71 11.06
CA ASP D 83 35.00 -17.29 11.74
C ASP D 83 34.90 -16.81 13.19
N CYS D 84 35.19 -15.53 13.41
CA CYS D 84 35.04 -14.93 14.72
C CYS D 84 34.73 -13.45 14.53
N LYS D 85 34.13 -12.85 15.56
CA LYS D 85 33.63 -11.49 15.47
C LYS D 85 34.68 -10.49 15.95
N TRP D 86 35.01 -9.52 15.09
CA TRP D 86 35.80 -8.35 15.46
C TRP D 86 35.02 -7.15 14.93
N GLU D 87 34.07 -6.67 15.73
CA GLU D 87 33.15 -5.62 15.32
C GLU D 87 33.49 -4.31 16.03
N SER D 88 32.86 -3.24 15.55
CA SER D 88 33.02 -1.93 16.17
C SER D 88 32.14 -1.74 17.40
N THR D 89 31.19 -2.63 17.64
CA THR D 89 30.33 -2.53 18.81
C THR D 89 31.03 -2.97 20.09
N GLY D 90 32.07 -3.79 19.99
CA GLY D 90 32.79 -4.26 21.15
C GLY D 90 33.95 -3.37 21.53
N ILE D 91 33.95 -2.15 21.01
CA ILE D 91 35.05 -1.22 21.22
C ILE D 91 34.91 -0.57 22.59
N THR D 92 36.02 -0.50 23.32
CA THR D 92 36.10 0.23 24.59
C THR D 92 37.04 1.41 24.37
N PHE D 93 36.56 2.62 24.67
CA PHE D 93 37.27 3.84 24.33
C PHE D 93 37.89 4.45 25.59
N LYS D 94 39.17 4.83 25.49
CA LYS D 94 39.87 5.58 26.53
C LYS D 94 40.42 6.83 25.87
N GLU D 95 39.69 7.94 25.97
CA GLU D 95 40.02 9.13 25.21
C GLU D 95 41.31 9.77 25.69
N VAL D 96 42.14 10.20 24.75
CA VAL D 96 43.32 11.01 25.03
C VAL D 96 43.10 12.35 24.34
N THR D 97 43.15 13.42 25.12
CA THR D 97 42.84 14.75 24.59
C THR D 97 43.95 15.26 23.69
N ASN D 98 43.55 16.03 22.67
CA ASN D 98 44.53 16.65 21.80
C ASN D 98 45.37 17.68 22.54
N GLU D 99 44.76 18.40 23.49
CA GLU D 99 45.51 19.35 24.30
C GLU D 99 46.57 18.64 25.14
N ASP D 100 46.23 17.48 25.70
CA ASP D 100 47.21 16.70 26.45
C ASP D 100 48.35 16.24 25.57
N ILE D 101 48.04 15.83 24.33
CA ILE D 101 49.09 15.42 23.40
C ILE D 101 50.01 16.60 23.08
N GLY D 102 49.42 17.76 22.82
CA GLY D 102 50.21 18.93 22.49
C GLY D 102 51.00 19.49 23.65
N LYS D 103 50.57 19.21 24.88
CA LYS D 103 51.32 19.67 26.05
C LYS D 103 52.72 19.04 26.10
N PHE D 104 52.83 17.77 25.71
CA PHE D 104 54.10 17.07 25.75
C PHE D 104 54.78 16.97 24.39
N LEU D 105 54.04 17.17 23.30
CA LEU D 105 54.59 16.93 21.97
C LEU D 105 55.71 17.91 21.64
N TYR D 106 55.52 19.19 21.94
CA TYR D 106 56.47 20.23 21.56
C TYR D 106 57.41 20.47 22.74
N ASN D 107 58.50 19.71 22.77
CA ASN D 107 59.50 19.83 23.82
C ASN D 107 60.89 19.83 23.20
N SER D 108 61.84 20.46 23.91
CA SER D 108 63.19 20.60 23.38
C SER D 108 63.88 19.24 23.27
N SER D 109 63.72 18.38 24.26
CA SER D 109 64.39 17.09 24.31
C SER D 109 63.48 16.01 23.74
N THR D 110 64.01 15.21 22.81
CA THR D 110 63.22 14.13 22.23
C THR D 110 63.03 12.99 23.23
N HIS D 111 64.00 12.77 24.12
CA HIS D 111 63.86 11.75 25.15
C HIS D 111 62.71 12.08 26.08
N LYS D 112 62.68 13.32 26.58
CA LYS D 112 61.61 13.74 27.48
C LYS D 112 60.26 13.69 26.80
N ARG D 113 60.19 14.14 25.55
CA ARG D 113 58.92 14.16 24.82
C ARG D 113 58.39 12.75 24.61
N THR D 114 59.25 11.84 24.14
CA THR D 114 58.79 10.47 23.91
C THR D 114 58.44 9.79 25.22
N TYR D 115 59.19 10.06 26.29
CA TYR D 115 58.85 9.48 27.59
C TYR D 115 57.50 9.98 28.08
N ASP D 116 57.23 11.28 27.92
CA ASP D 116 55.97 11.83 28.39
C ASP D 116 54.79 11.28 27.60
N LEU D 117 54.91 11.20 26.28
CA LEU D 117 53.80 10.66 25.48
C LEU D 117 53.58 9.18 25.76
N VAL D 118 54.67 8.42 25.84
CA VAL D 118 54.58 6.99 26.14
C VAL D 118 53.93 6.77 27.50
N SER D 119 54.32 7.56 28.50
CA SER D 119 53.72 7.45 29.82
C SER D 119 52.25 7.86 29.79
N LEU D 120 51.91 8.87 29.00
CA LEU D 120 50.52 9.31 28.92
C LEU D 120 49.63 8.21 28.37
N PHE D 121 50.11 7.46 27.38
CA PHE D 121 49.31 6.34 26.86
C PHE D 121 49.30 5.16 27.83
N ILE D 122 50.46 4.81 28.38
CA ILE D 122 50.55 3.63 29.25
C ILE D 122 49.77 3.81 30.54
N ASP D 123 49.73 5.03 31.09
CA ASP D 123 48.97 5.25 32.31
C ASP D 123 47.50 4.91 32.10
N LYS D 124 46.93 5.36 30.97
CA LYS D 124 45.56 5.01 30.65
C LYS D 124 45.41 3.51 30.42
N ILE D 125 46.38 2.89 29.76
CA ILE D 125 46.30 1.44 29.52
C ILE D 125 46.20 0.68 30.83
N ILE D 126 47.13 0.95 31.76
CA ILE D 126 47.16 0.22 33.01
C ILE D 126 45.96 0.56 33.89
N SER D 127 45.54 1.83 33.89
CA SER D 127 44.37 2.20 34.68
C SER D 127 43.12 1.48 34.18
N ALA D 128 42.97 1.36 32.86
CA ALA D 128 41.83 0.64 32.31
C ALA D 128 41.95 -0.86 32.54
N ASN D 129 43.19 -1.38 32.57
CA ASN D 129 43.37 -2.82 32.80
C ASN D 129 43.05 -3.18 34.25
N LYS D 130 43.38 -2.31 35.19
CA LYS D 130 43.22 -2.64 36.61
C LYS D 130 41.86 -2.22 37.17
N ASN D 131 41.39 -1.02 36.85
CA ASN D 131 40.26 -0.42 37.53
C ASN D 131 38.96 -0.48 36.72
N GLU D 132 38.93 -1.20 35.61
CA GLU D 132 37.72 -1.32 34.80
C GLU D 132 37.29 -2.78 34.75
N ASP D 133 35.97 -2.99 34.72
CA ASP D 133 35.39 -4.32 34.85
C ASP D 133 35.20 -5.03 33.53
N GLU D 134 35.48 -4.39 32.40
CA GLU D 134 35.32 -5.02 31.10
C GLU D 134 36.60 -5.71 30.68
N ASN D 135 36.45 -6.75 29.86
CA ASN D 135 37.56 -7.53 29.35
C ASN D 135 37.95 -7.03 27.96
N VAL D 136 39.24 -6.77 27.77
CA VAL D 136 39.76 -6.29 26.50
C VAL D 136 40.85 -7.26 26.05
N ASP D 137 40.70 -7.82 24.85
CA ASP D 137 41.68 -8.77 24.35
C ASP D 137 42.93 -8.08 23.85
N VAL D 138 42.78 -7.10 22.96
CA VAL D 138 43.90 -6.34 22.40
C VAL D 138 43.59 -4.86 22.53
N TRP D 139 44.60 -4.07 22.85
CA TRP D 139 44.49 -2.62 22.92
C TRP D 139 45.07 -2.02 21.66
N PHE D 140 44.26 -1.21 20.95
CA PHE D 140 44.67 -0.58 19.71
C PHE D 140 44.97 0.89 19.98
N VAL D 141 46.23 1.27 19.80
CA VAL D 141 46.69 2.62 20.09
C VAL D 141 46.76 3.38 18.77
N ILE D 142 45.80 4.27 18.56
CA ILE D 142 45.78 5.14 17.37
C ILE D 142 46.65 6.36 17.68
N VAL D 143 47.71 6.53 16.90
CA VAL D 143 48.75 7.53 17.18
C VAL D 143 48.68 8.59 16.08
N PRO D 144 48.52 9.87 16.43
CA PRO D 144 48.59 10.91 15.40
C PRO D 144 49.96 10.95 14.74
N ASP D 145 49.98 11.31 13.47
CA ASP D 145 51.20 11.24 12.68
C ASP D 145 52.29 12.17 13.20
N GLU D 146 51.93 13.24 13.92
CA GLU D 146 52.94 14.09 14.54
C GLU D 146 53.74 13.32 15.57
N ILE D 147 53.08 12.49 16.38
CA ILE D 147 53.76 11.71 17.39
C ILE D 147 54.76 10.75 16.74
N TYR D 148 54.35 10.10 15.66
CA TYR D 148 55.28 9.23 14.92
C TYR D 148 56.44 10.02 14.34
N LYS D 149 56.16 11.20 13.79
CA LYS D 149 57.20 11.96 13.10
C LYS D 149 58.24 12.49 14.08
N TYR D 150 57.82 12.94 15.26
CA TYR D 150 58.68 13.70 16.16
C TYR D 150 59.18 12.88 17.35
N CYS D 151 58.98 11.56 17.36
CA CYS D 151 59.45 10.72 18.45
C CYS D 151 60.51 9.71 18.00
N ARG D 152 61.06 9.87 16.81
CA ARG D 152 62.11 8.98 16.36
C ARG D 152 63.43 9.29 17.07
N PRO D 153 64.34 8.32 17.15
CA PRO D 153 65.62 8.57 17.83
C PRO D 153 66.39 9.74 17.26
N ASN D 154 66.38 9.93 15.95
CA ASN D 154 67.12 10.99 15.30
C ASN D 154 66.23 12.12 14.80
N SER D 155 64.94 12.10 15.13
CA SER D 155 64.05 13.16 14.68
C SER D 155 64.38 14.48 15.35
N VAL D 156 64.21 15.57 14.61
CA VAL D 156 64.46 16.92 15.12
C VAL D 156 63.15 17.70 15.06
N LEU D 157 62.87 18.43 16.12
CA LEU D 157 61.67 19.26 16.19
C LEU D 157 61.98 20.65 15.66
N PRO D 158 61.20 21.15 14.70
CA PRO D 158 61.47 22.49 14.16
C PRO D 158 61.43 23.55 15.24
N LYS D 159 62.35 24.51 15.14
CA LYS D 159 62.50 25.54 16.17
C LYS D 159 61.29 26.45 16.26
N GLU D 160 60.48 26.54 15.21
CA GLU D 160 59.29 27.39 15.24
C GLU D 160 58.16 26.79 16.06
N MET D 161 58.03 25.47 16.06
CA MET D 161 56.92 24.81 16.76
C MET D 161 57.28 24.37 18.16
N VAL D 162 58.49 24.64 18.64
CA VAL D 162 58.91 24.22 19.97
C VAL D 162 58.10 24.92 21.05
N ASN D 201 67.19 6.35 31.41
CA ASN D 201 67.39 5.35 30.37
C ASN D 201 66.29 5.44 29.32
N TYR D 202 65.86 4.26 28.84
CA TYR D 202 64.78 4.11 27.86
C TYR D 202 65.20 4.61 26.48
N ASP D 203 64.76 3.92 25.45
CA ASP D 203 65.06 4.31 24.08
C ASP D 203 64.20 5.49 23.65
N ALA D 204 64.76 6.35 22.81
CA ALA D 204 64.05 7.51 22.28
C ALA D 204 63.22 7.14 21.06
N GLN D 205 62.41 6.09 21.19
CA GLN D 205 61.56 5.62 20.12
C GLN D 205 60.21 5.26 20.72
N PHE D 206 59.13 5.77 20.11
CA PHE D 206 57.81 5.59 20.69
C PHE D 206 57.41 4.12 20.76
N HIS D 207 57.64 3.39 19.67
CA HIS D 207 57.14 2.02 19.60
C HIS D 207 57.87 1.08 20.56
N ASP D 208 59.21 1.10 20.52
CA ASP D 208 59.98 0.18 21.34
C ASP D 208 59.83 0.49 22.82
N GLN D 209 59.88 1.77 23.18
CA GLN D 209 59.69 2.15 24.58
C GLN D 209 58.26 1.89 25.04
N PHE D 210 57.29 2.05 24.14
CA PHE D 210 55.90 1.76 24.48
C PHE D 210 55.72 0.28 24.79
N LYS D 211 56.24 -0.60 23.93
CA LYS D 211 56.07 -2.03 24.15
C LYS D 211 56.96 -2.55 25.28
N ALA D 212 58.08 -1.88 25.55
CA ALA D 212 58.97 -2.33 26.62
C ALA D 212 58.43 -2.00 28.00
N ARG D 213 57.70 -0.89 28.13
CA ARG D 213 57.16 -0.47 29.42
C ARG D 213 55.80 -1.10 29.73
N LEU D 214 55.29 -1.94 28.83
CA LEU D 214 54.03 -2.66 29.06
C LEU D 214 54.25 -4.14 29.33
N LEU D 215 55.51 -4.58 29.48
CA LEU D 215 55.80 -5.99 29.66
C LEU D 215 55.52 -6.49 31.07
N LYS D 216 55.43 -5.57 32.05
CA LYS D 216 55.13 -5.99 33.41
C LYS D 216 53.67 -6.40 33.58
N HIS D 217 52.79 -5.94 32.70
CA HIS D 217 51.37 -6.20 32.82
C HIS D 217 50.83 -7.15 31.75
N THR D 218 51.67 -7.57 30.80
CA THR D 218 51.31 -8.57 29.80
C THR D 218 50.04 -8.20 29.05
N ILE D 219 50.11 -7.07 28.34
CA ILE D 219 48.98 -6.57 27.56
C ILE D 219 49.37 -6.55 26.08
N PRO D 220 48.76 -7.37 25.24
CA PRO D 220 49.04 -7.29 23.79
C PRO D 220 48.51 -6.00 23.21
N THR D 221 49.36 -5.31 22.45
CA THR D 221 49.05 -3.98 21.93
C THR D 221 49.33 -3.92 20.45
N GLN D 222 48.44 -3.25 19.71
CA GLN D 222 48.63 -2.99 18.29
C GLN D 222 48.66 -1.49 18.08
N ILE D 223 49.78 -0.98 17.61
CA ILE D 223 49.97 0.46 17.40
C ILE D 223 49.66 0.77 15.93
N PHE D 224 48.71 1.67 15.71
CA PHE D 224 48.33 2.11 14.39
C PHE D 224 48.62 3.60 14.25
N ARG D 225 48.90 4.03 13.03
CA ARG D 225 48.97 5.45 12.71
C ARG D 225 47.68 5.85 12.04
N GLU D 226 47.24 7.09 12.30
CA GLU D 226 45.99 7.57 11.74
C GLU D 226 46.03 7.57 10.22
N SER D 227 47.21 7.75 9.62
CA SER D 227 47.32 7.74 8.17
C SER D 227 47.25 6.34 7.59
N THR D 228 47.42 5.29 8.41
CA THR D 228 47.34 3.93 7.92
C THR D 228 45.90 3.54 7.62
N LEU D 229 44.98 3.86 8.53
CA LEU D 229 43.58 3.50 8.38
C LEU D 229 42.75 4.57 7.69
N ALA D 230 43.30 5.76 7.49
CA ALA D 230 42.60 6.84 6.80
C ALA D 230 43.53 7.51 5.80
N TRP D 231 44.21 6.69 4.98
CA TRP D 231 45.17 7.22 4.03
C TRP D 231 44.54 8.17 3.01
N ARG D 232 43.23 8.07 2.79
CA ARG D 232 42.58 8.96 1.85
C ARG D 232 42.53 10.40 2.36
N ASP D 233 42.40 10.59 3.67
CA ASP D 233 42.20 11.92 4.23
C ASP D 233 43.49 12.70 4.40
N PHE D 234 44.65 12.08 4.24
CA PHE D 234 45.94 12.75 4.38
C PHE D 234 46.56 12.87 2.99
N LYS D 235 46.60 14.10 2.47
CA LYS D 235 47.11 14.37 1.14
C LYS D 235 48.31 15.30 1.22
N ASN D 236 49.11 15.29 0.15
CA ASN D 236 50.30 16.13 0.07
C ASN D 236 49.94 17.46 -0.57
N ALA D 237 50.97 18.25 -0.92
CA ALA D 237 50.75 19.55 -1.54
C ALA D 237 50.13 19.45 -2.93
N PHE D 238 50.18 18.28 -3.57
CA PHE D 238 49.66 18.10 -4.90
C PHE D 238 48.22 17.59 -4.91
N GLY D 239 47.59 17.46 -3.75
CA GLY D 239 46.21 16.99 -3.70
C GLY D 239 46.02 15.50 -3.86
N LEU D 240 47.07 14.71 -3.60
CA LEU D 240 46.99 13.27 -3.69
C LEU D 240 47.49 12.66 -2.39
N PRO D 241 47.00 11.49 -2.00
CA PRO D 241 47.42 10.89 -0.73
C PRO D 241 48.91 10.57 -0.72
N ILE D 242 49.50 10.71 0.47
CA ILE D 242 50.92 10.37 0.62
C ILE D 242 51.13 8.88 0.45
N ARG D 243 50.28 8.07 1.06
CA ARG D 243 50.33 6.61 0.95
C ARG D 243 49.15 6.15 0.11
N ASP D 244 49.44 5.43 -0.97
CA ASP D 244 48.41 4.98 -1.90
C ASP D 244 48.13 3.50 -1.65
N PHE D 245 46.97 3.21 -1.06
CA PHE D 245 46.52 1.85 -0.82
C PHE D 245 45.38 1.46 -1.75
N SER D 246 45.21 2.18 -2.87
CA SER D 246 44.07 1.93 -3.74
C SER D 246 44.10 0.53 -4.34
N LYS D 247 45.30 0.07 -4.74
CA LYS D 247 45.44 -1.24 -5.35
C LYS D 247 45.80 -2.34 -4.38
N ILE D 248 46.10 -2.01 -3.12
CA ILE D 248 46.52 -3.00 -2.15
C ILE D 248 45.68 -2.91 -0.88
N GLU D 249 44.43 -2.47 -1.03
CA GLU D 249 43.54 -2.37 0.13
C GLU D 249 43.32 -3.73 0.79
N GLY D 250 43.06 -4.75 -0.02
CA GLY D 250 42.86 -6.09 0.53
C GLY D 250 44.10 -6.66 1.18
N HIS D 251 45.28 -6.33 0.66
CA HIS D 251 46.51 -6.78 1.30
C HIS D 251 46.69 -6.14 2.68
N LEU D 252 46.38 -4.85 2.79
CA LEU D 252 46.40 -4.18 4.09
C LEU D 252 45.41 -4.83 5.04
N ALA D 253 44.21 -5.13 4.55
CA ALA D 253 43.21 -5.79 5.38
C ALA D 253 43.70 -7.16 5.85
N TRP D 254 44.29 -7.93 4.94
CA TRP D 254 44.85 -9.24 5.28
C TRP D 254 45.88 -9.11 6.40
N THR D 255 46.85 -8.20 6.23
CA THR D 255 47.92 -8.08 7.20
C THR D 255 47.38 -7.65 8.56
N ILE D 256 46.52 -6.63 8.58
CA ILE D 256 46.00 -6.12 9.83
C ILE D 256 45.14 -7.17 10.54
N SER D 257 44.27 -7.85 9.80
CA SER D 257 43.40 -8.85 10.41
C SER D 257 44.20 -10.03 10.93
N THR D 258 45.22 -10.48 10.20
CA THR D 258 46.04 -11.59 10.69
C THR D 258 46.80 -11.20 11.94
N ALA D 259 47.37 -9.99 11.97
CA ALA D 259 48.06 -9.55 13.18
C ALA D 259 47.12 -9.46 14.37
N ALA D 260 45.92 -8.91 14.16
CA ALA D 260 44.96 -8.78 15.25
C ALA D 260 44.51 -10.16 15.74
N PHE D 261 44.29 -11.09 14.81
CA PHE D 261 43.87 -12.44 15.21
C PHE D 261 44.96 -13.15 16.00
N TYR D 262 46.22 -12.99 15.59
CA TYR D 262 47.31 -13.61 16.34
C TYR D 262 47.45 -12.98 17.73
N LYS D 263 47.32 -11.65 17.81
CA LYS D 263 47.48 -10.97 19.09
C LYS D 263 46.39 -11.34 20.09
N ALA D 264 45.23 -11.81 19.61
CA ALA D 264 44.12 -12.14 20.49
C ALA D 264 44.18 -13.58 20.99
N GLY D 265 45.20 -14.34 20.61
CA GLY D 265 45.35 -15.71 21.05
C GLY D 265 44.90 -16.77 20.08
N GLY D 266 44.92 -16.50 18.77
CA GLY D 266 44.54 -17.47 17.77
C GLY D 266 45.74 -17.93 16.97
N LYS D 267 45.67 -19.17 16.48
CA LYS D 267 46.73 -19.73 15.65
C LYS D 267 46.22 -19.84 14.22
N PRO D 268 46.72 -19.03 13.28
CA PRO D 268 46.18 -19.06 11.92
C PRO D 268 46.67 -20.24 11.10
N TRP D 269 47.92 -20.65 11.28
CA TRP D 269 48.47 -21.78 10.55
C TRP D 269 49.67 -22.33 11.32
N LYS D 270 50.22 -23.43 10.82
CA LYS D 270 51.37 -24.07 11.44
C LYS D 270 52.09 -24.89 10.38
N LEU D 271 53.36 -25.21 10.67
CA LEU D 271 54.15 -26.02 9.76
C LEU D 271 53.64 -27.45 9.72
N SER D 272 53.86 -28.11 8.57
CA SER D 272 53.32 -29.44 8.33
C SER D 272 54.38 -30.52 8.14
N ASP D 273 55.60 -30.17 7.75
CA ASP D 273 56.61 -31.17 7.40
C ASP D 273 57.78 -31.24 8.38
N VAL D 274 57.73 -30.47 9.48
CA VAL D 274 58.86 -30.44 10.40
C VAL D 274 59.00 -31.78 11.10
N ARG D 275 60.25 -32.18 11.34
CA ARG D 275 60.56 -33.46 11.94
C ARG D 275 60.41 -33.42 13.45
N ASN D 276 60.44 -34.60 14.06
CA ASN D 276 60.32 -34.72 15.52
C ASN D 276 61.70 -34.78 16.17
N GLY D 277 61.78 -34.23 17.38
CA GLY D 277 62.99 -34.30 18.16
C GLY D 277 64.03 -33.26 17.87
N VAL D 278 63.76 -32.31 16.97
CA VAL D 278 64.70 -31.27 16.58
C VAL D 278 64.16 -29.93 17.04
N CYS D 279 65.02 -29.13 17.67
CA CYS D 279 64.67 -27.82 18.19
C CYS D 279 65.48 -26.75 17.46
N TYR D 280 64.79 -25.74 16.95
CA TYR D 280 65.43 -24.64 16.23
C TYR D 280 65.61 -23.46 17.16
N LEU D 281 66.84 -22.95 17.23
CA LEU D 281 67.18 -21.77 18.02
C LEU D 281 67.67 -20.68 17.09
N GLY D 282 67.31 -19.44 17.41
CA GLY D 282 67.77 -18.29 16.66
C GLY D 282 68.31 -17.21 17.57
N LEU D 283 69.58 -16.85 17.40
CA LEU D 283 70.29 -15.95 18.30
C LEU D 283 70.56 -14.63 17.59
N VAL D 284 70.20 -13.52 18.25
CA VAL D 284 70.43 -12.19 17.70
C VAL D 284 71.02 -11.30 18.79
N TYR D 285 72.09 -10.58 18.44
CA TYR D 285 72.73 -9.64 19.34
C TYR D 285 72.29 -8.22 19.01
N LYS D 286 72.09 -7.41 20.05
CA LYS D 286 71.69 -6.02 19.90
C LYS D 286 72.54 -5.14 20.82
N LYS D 287 72.79 -3.92 20.37
CA LYS D 287 73.54 -2.95 21.16
C LYS D 287 72.61 -2.21 22.11
N VAL D 288 73.05 -2.08 23.36
CA VAL D 288 72.29 -1.39 24.39
C VAL D 288 72.99 -0.07 24.68
N GLU D 289 72.36 1.04 24.30
CA GLU D 289 72.89 2.37 24.57
C GLU D 289 72.27 3.01 25.81
N LYS D 290 71.34 2.32 26.48
CA LYS D 290 70.73 2.88 27.68
C LYS D 290 71.76 3.04 28.80
N SER D 291 72.63 2.06 28.97
CA SER D 291 73.66 2.12 30.00
C SER D 291 74.84 2.96 29.53
N LYS D 292 75.64 3.42 30.50
CA LYS D 292 76.86 4.16 30.18
C LYS D 292 77.84 3.28 29.42
N ASN D 293 78.01 2.03 29.86
CA ASN D 293 78.88 1.09 29.19
C ASN D 293 78.08 0.31 28.15
N PRO D 294 78.47 0.34 26.88
CA PRO D 294 77.74 -0.41 25.87
C PRO D 294 77.80 -1.91 26.14
N ARG D 295 76.68 -2.59 25.84
CA ARG D 295 76.59 -4.03 26.01
C ARG D 295 75.90 -4.63 24.80
N ASN D 296 76.16 -5.93 24.58
CA ASN D 296 75.57 -6.67 23.47
C ASN D 296 74.65 -7.73 24.06
N ALA D 297 73.35 -7.42 24.08
CA ALA D 297 72.36 -8.33 24.62
C ALA D 297 71.98 -9.35 23.56
N CYS D 298 72.01 -10.63 23.93
CA CYS D 298 71.70 -11.72 23.03
C CYS D 298 70.33 -12.30 23.39
N CYS D 299 69.39 -12.21 22.45
CA CYS D 299 68.06 -12.78 22.60
C CYS D 299 67.91 -13.96 21.64
N ALA D 300 66.96 -14.84 21.93
CA ALA D 300 66.79 -16.03 21.11
C ALA D 300 65.32 -16.29 20.86
N ALA D 301 65.07 -17.11 19.84
CA ALA D 301 63.75 -17.63 19.55
C ALA D 301 63.85 -19.14 19.42
N GLN D 302 62.83 -19.85 19.93
CA GLN D 302 62.86 -21.31 19.99
C GLN D 302 61.60 -21.87 19.35
N MET D 303 61.78 -22.84 18.46
CA MET D 303 60.67 -23.51 17.78
C MET D 303 60.87 -25.01 17.82
N PHE D 304 59.78 -25.74 18.02
CA PHE D 304 59.80 -27.20 17.96
C PHE D 304 58.37 -27.72 17.86
N LEU D 305 58.21 -29.04 17.98
CA LEU D 305 56.93 -29.72 17.86
C LEU D 305 56.59 -30.41 19.17
N ASP D 306 55.36 -30.23 19.63
CA ASP D 306 54.91 -30.92 20.83
C ASP D 306 54.25 -32.26 20.46
N ASN D 307 53.90 -33.03 21.49
CA ASN D 307 53.29 -34.34 21.26
C ASN D 307 51.88 -34.22 20.71
N GLY D 308 51.24 -33.07 20.83
CA GLY D 308 49.94 -32.82 20.26
C GLY D 308 49.96 -32.34 18.82
N ASP D 309 51.10 -32.44 18.15
CA ASP D 309 51.32 -32.03 16.76
C ASP D 309 51.21 -30.52 16.57
N GLY D 310 51.20 -29.74 17.65
CA GLY D 310 51.17 -28.29 17.54
C GLY D 310 52.58 -27.72 17.55
N THR D 311 52.77 -26.66 16.77
CA THR D 311 54.08 -26.03 16.66
C THR D 311 54.27 -25.05 17.81
N VAL D 312 55.24 -25.34 18.68
CA VAL D 312 55.57 -24.46 19.79
C VAL D 312 56.64 -23.49 19.29
N PHE D 313 56.26 -22.23 19.16
CA PHE D 313 57.14 -21.17 18.68
C PHE D 313 57.07 -20.02 19.69
N LYS D 314 58.18 -19.76 20.38
CA LYS D 314 58.17 -18.74 21.42
C LYS D 314 59.57 -18.14 21.50
N GLY D 315 59.79 -17.32 22.52
CA GLY D 315 61.04 -16.64 22.71
C GLY D 315 61.95 -17.33 23.72
N GLU D 316 63.13 -16.72 23.90
CA GLU D 316 64.11 -17.16 24.88
C GLU D 316 64.82 -15.89 25.31
N VAL D 317 64.51 -15.43 26.53
CA VAL D 317 64.78 -14.06 26.92
C VAL D 317 65.55 -14.04 28.23
N GLY D 318 65.76 -12.84 28.77
CA GLY D 318 66.77 -12.62 29.77
C GLY D 318 68.08 -12.36 29.04
N PRO D 319 68.09 -11.32 28.19
CA PRO D 319 69.16 -11.18 27.20
C PRO D 319 70.54 -11.20 27.81
N TRP D 320 71.31 -12.25 27.49
CA TRP D 320 72.62 -12.46 28.09
C TRP D 320 73.60 -11.44 27.52
N TYR D 321 74.09 -10.56 28.38
CA TYR D 321 74.86 -9.41 27.95
C TYR D 321 76.34 -9.77 27.80
N ASN D 322 77.06 -8.89 27.10
CA ASN D 322 78.51 -9.01 26.96
C ASN D 322 79.11 -7.63 27.25
N PRO D 323 80.07 -7.54 28.18
CA PRO D 323 80.58 -6.22 28.58
C PRO D 323 81.60 -5.63 27.61
N LYS D 324 82.08 -6.38 26.63
CA LYS D 324 83.06 -5.88 25.68
C LYS D 324 82.35 -5.28 24.48
N ASN D 325 82.64 -4.01 24.19
CA ASN D 325 82.05 -3.36 23.03
C ASN D 325 82.64 -3.93 21.75
N GLY D 326 81.78 -4.12 20.75
CA GLY D 326 82.21 -4.62 19.46
C GLY D 326 82.37 -6.12 19.35
N GLN D 327 82.15 -6.86 20.44
CA GLN D 327 82.25 -8.32 20.43
C GLN D 327 80.86 -8.91 20.54
N TYR D 328 80.53 -9.81 19.61
CA TYR D 328 79.22 -10.43 19.55
C TYR D 328 79.31 -11.93 19.78
N HIS D 329 80.11 -12.33 20.77
CA HIS D 329 80.27 -13.72 21.15
C HIS D 329 79.96 -13.88 22.63
N LEU D 330 79.23 -14.95 22.96
CA LEU D 330 78.79 -15.16 24.32
C LEU D 330 79.90 -15.73 25.20
N GLU D 331 79.85 -15.40 26.48
CA GLU D 331 80.74 -15.99 27.46
C GLU D 331 80.36 -17.45 27.70
N PRO D 332 81.31 -18.26 28.19
CA PRO D 332 80.96 -19.66 28.50
C PRO D 332 79.83 -19.79 29.51
N LYS D 333 79.80 -18.92 30.53
CA LYS D 333 78.72 -19.00 31.52
C LYS D 333 77.38 -18.64 30.90
N GLU D 334 77.33 -17.56 30.12
CA GLU D 334 76.07 -17.16 29.50
C GLU D 334 75.64 -18.17 28.44
N ALA D 335 76.59 -18.73 27.69
CA ALA D 335 76.23 -19.77 26.72
C ALA D 335 75.68 -21.01 27.41
N LYS D 336 76.30 -21.41 28.52
CA LYS D 336 75.78 -22.54 29.29
C LYS D 336 74.38 -22.25 29.80
N ALA D 337 74.15 -21.04 30.32
CA ALA D 337 72.82 -20.69 30.81
C ALA D 337 71.80 -20.71 29.68
N LEU D 338 72.15 -20.16 28.53
CA LEU D 338 71.22 -20.14 27.39
C LEU D 338 70.84 -21.55 26.97
N LEU D 339 71.84 -22.41 26.75
CA LEU D 339 71.54 -23.75 26.28
C LEU D 339 70.81 -24.57 27.34
N SER D 340 71.18 -24.39 28.61
CA SER D 340 70.48 -25.09 29.68
C SER D 340 69.02 -24.68 29.75
N GLN D 341 68.74 -23.38 29.64
CA GLN D 341 67.35 -22.93 29.65
C GLN D 341 66.58 -23.48 28.47
N SER D 342 67.18 -23.46 27.27
CA SER D 342 66.49 -23.99 26.09
C SER D 342 66.20 -25.48 26.23
N LEU D 343 67.20 -26.24 26.68
CA LEU D 343 67.02 -27.68 26.84
C LEU D 343 65.99 -27.99 27.93
N GLN D 344 66.01 -27.22 29.03
CA GLN D 344 65.03 -27.44 30.09
C GLN D 344 63.62 -27.13 29.63
N SER D 345 63.45 -26.05 28.85
CA SER D 345 62.12 -25.75 28.31
C SER D 345 61.65 -26.85 27.37
N TYR D 346 62.54 -27.34 26.50
CA TYR D 346 62.15 -28.43 25.60
C TYR D 346 61.77 -29.68 26.37
N LYS D 347 62.55 -30.03 27.39
CA LYS D 347 62.27 -31.22 28.18
C LYS D 347 60.96 -31.08 28.95
N GLU D 348 60.70 -29.90 29.51
CA GLU D 348 59.45 -29.68 30.23
C GLU D 348 58.26 -29.78 29.31
N GLN D 349 58.37 -29.23 28.09
CA GLN D 349 57.24 -29.27 27.17
C GLN D 349 57.05 -30.64 26.54
N ILE D 350 58.11 -31.42 26.38
CA ILE D 350 58.06 -32.71 25.69
C ILE D 350 58.22 -33.88 26.67
N GLY D 351 59.33 -33.93 27.39
CA GLY D 351 59.59 -35.03 28.29
C GLY D 351 61.00 -35.57 28.20
N GLU D 352 61.70 -35.25 27.11
CA GLU D 352 63.06 -35.71 26.92
C GLU D 352 63.85 -34.65 26.16
N TYR D 353 65.17 -34.74 26.26
CA TYR D 353 66.04 -33.80 25.58
C TYR D 353 65.93 -33.96 24.06
N PRO D 354 66.09 -32.87 23.31
CA PRO D 354 65.98 -32.97 21.85
C PRO D 354 67.11 -33.78 21.25
N LYS D 355 66.80 -34.46 20.14
CA LYS D 355 67.82 -35.22 19.44
C LYS D 355 68.77 -34.30 18.68
N GLU D 356 68.25 -33.26 18.05
CA GLU D 356 69.05 -32.32 17.29
C GLU D 356 68.71 -30.89 17.72
N VAL D 357 69.72 -30.03 17.68
CA VAL D 357 69.57 -28.62 18.00
C VAL D 357 70.24 -27.80 16.91
N PHE D 358 69.50 -26.87 16.32
CA PHE D 358 70.01 -25.98 15.29
C PHE D 358 70.00 -24.55 15.82
N ILE D 359 71.11 -23.86 15.69
CA ILE D 359 71.28 -22.51 16.23
C ILE D 359 71.54 -21.59 15.03
N HIS D 360 70.47 -20.98 14.52
CA HIS D 360 70.60 -20.00 13.45
C HIS D 360 71.06 -18.67 14.02
N ALA D 361 72.15 -18.14 13.48
CA ALA D 361 72.66 -16.85 13.94
C ALA D 361 73.26 -16.10 12.77
N LYS D 362 73.12 -14.78 12.81
CA LYS D 362 73.71 -13.92 11.79
C LYS D 362 75.22 -13.80 11.93
N THR D 363 75.79 -14.29 13.02
CA THR D 363 77.23 -14.26 13.28
C THR D 363 77.80 -15.67 13.24
N ARG D 364 79.12 -15.75 13.37
CA ARG D 364 79.83 -17.03 13.36
C ARG D 364 80.27 -17.36 14.77
N PHE D 365 79.87 -18.54 15.24
CA PHE D 365 80.27 -18.99 16.57
C PHE D 365 81.77 -19.29 16.60
N ASN D 366 82.42 -18.96 17.71
CA ASN D 366 83.83 -19.25 17.88
C ASN D 366 84.02 -20.54 18.68
N HIS D 367 85.28 -20.87 18.93
CA HIS D 367 85.60 -22.17 19.53
C HIS D 367 85.20 -22.23 21.00
N GLN D 368 85.51 -21.19 21.77
CA GLN D 368 85.23 -21.21 23.21
C GLN D 368 83.73 -21.29 23.48
N GLU D 369 82.94 -20.51 22.75
CA GLU D 369 81.50 -20.51 22.96
C GLU D 369 80.90 -21.87 22.58
N TRP D 370 81.39 -22.47 21.49
CA TRP D 370 80.87 -23.77 21.09
C TRP D 370 81.26 -24.86 22.08
N ASP D 371 82.49 -24.80 22.62
CA ASP D 371 82.88 -25.75 23.65
C ASP D 371 82.01 -25.59 24.89
N ALA D 372 81.69 -24.34 25.26
CA ALA D 372 80.76 -24.12 26.36
C ALA D 372 79.39 -24.71 26.06
N PHE D 373 78.91 -24.54 24.83
CA PHE D 373 77.62 -25.09 24.44
C PHE D 373 77.63 -26.62 24.54
N LEU D 374 78.72 -27.25 24.10
CA LEU D 374 78.79 -28.70 24.08
C LEU D 374 78.90 -29.31 25.48
N GLU D 375 79.32 -28.53 26.47
CA GLU D 375 79.43 -29.03 27.84
C GLU D 375 78.07 -29.22 28.50
N VAL D 376 77.00 -28.66 27.92
CA VAL D 376 75.66 -28.80 28.46
C VAL D 376 74.89 -29.92 27.77
N THR D 377 75.05 -30.06 26.47
CA THR D 377 74.29 -31.05 25.71
C THR D 377 74.68 -32.46 26.15
N PRO D 378 73.71 -33.38 26.25
CA PRO D 378 74.05 -34.78 26.51
C PRO D 378 74.61 -35.45 25.27
N LYS D 379 74.95 -36.74 25.38
CA LYS D 379 75.50 -37.46 24.24
C LYS D 379 74.46 -37.63 23.14
N GLU D 380 73.20 -37.81 23.51
CA GLU D 380 72.13 -38.04 22.54
C GLU D 380 71.75 -36.79 21.76
N THR D 381 72.18 -35.61 22.19
CA THR D 381 71.81 -34.36 21.54
C THR D 381 72.94 -33.92 20.62
N ASN D 382 72.62 -33.73 19.35
CA ASN D 382 73.58 -33.26 18.35
C ASN D 382 73.44 -31.75 18.20
N LEU D 383 74.54 -31.03 18.37
CA LEU D 383 74.56 -29.58 18.28
C LEU D 383 75.06 -29.15 16.90
N VAL D 384 74.26 -28.37 16.20
CA VAL D 384 74.62 -27.82 14.90
C VAL D 384 74.49 -26.30 14.97
N GLY D 385 75.55 -25.60 14.58
CA GLY D 385 75.54 -24.16 14.55
C GLY D 385 75.65 -23.62 13.14
N VAL D 386 74.58 -23.01 12.66
CA VAL D 386 74.46 -22.53 11.29
C VAL D 386 74.51 -21.01 11.29
N THR D 387 75.26 -20.46 10.34
CA THR D 387 75.36 -19.02 10.14
C THR D 387 74.56 -18.62 8.90
N ILE D 388 73.69 -17.64 9.05
CA ILE D 388 72.83 -17.16 7.96
C ILE D 388 73.14 -15.69 7.74
N SER D 389 73.50 -15.33 6.51
CA SER D 389 73.89 -13.97 6.20
C SER D 389 73.26 -13.55 4.87
N LYS D 390 73.17 -12.23 4.68
CA LYS D 390 72.64 -11.65 3.45
C LYS D 390 73.60 -10.58 2.92
N THR D 391 74.90 -10.76 3.16
CA THR D 391 75.91 -9.80 2.76
C THR D 391 76.62 -10.19 1.47
N LYS D 392 76.76 -11.48 1.19
CA LYS D 392 77.48 -11.94 0.01
C LYS D 392 76.80 -11.44 -1.26
N PRO D 393 77.51 -10.70 -2.12
CA PRO D 393 76.92 -10.12 -3.34
C PRO D 393 76.96 -11.03 -4.57
N LEU D 394 76.05 -11.99 -4.62
CA LEU D 394 75.88 -12.85 -5.79
C LEU D 394 74.48 -12.63 -6.35
N LYS D 395 74.39 -12.18 -7.59
CA LYS D 395 73.12 -11.92 -8.25
C LYS D 395 73.06 -12.73 -9.54
N LEU D 396 71.95 -13.45 -9.73
CA LEU D 396 71.72 -14.26 -10.92
C LEU D 396 70.65 -13.59 -11.77
N TYR D 397 71.01 -13.27 -13.01
CA TYR D 397 70.12 -12.61 -13.96
C TYR D 397 69.65 -13.63 -14.98
N LYS D 398 68.33 -13.77 -15.11
CA LYS D 398 67.80 -14.59 -16.20
C LYS D 398 68.12 -13.94 -17.54
N THR D 399 68.55 -14.77 -18.50
CA THR D 399 69.11 -14.24 -19.73
C THR D 399 68.05 -13.56 -20.60
N GLU D 400 66.89 -14.18 -20.76
CA GLU D 400 65.93 -13.80 -21.79
C GLU D 400 64.55 -13.52 -21.20
N GLY D 401 64.50 -12.71 -20.14
CA GLY D 401 63.21 -12.38 -19.56
C GLY D 401 63.27 -11.13 -18.71
N ASP D 402 62.09 -10.62 -18.41
CA ASP D 402 61.92 -9.47 -17.51
C ASP D 402 61.63 -9.89 -16.08
N TYR D 403 61.60 -11.19 -15.80
CA TYR D 403 61.36 -11.69 -14.46
C TYR D 403 62.67 -12.21 -13.86
N THR D 404 62.59 -12.72 -12.65
CA THR D 404 63.77 -13.05 -11.86
C THR D 404 63.89 -14.56 -11.66
N ILE D 405 64.91 -14.95 -10.90
CA ILE D 405 65.19 -16.36 -10.66
C ILE D 405 64.11 -16.95 -9.76
N LEU D 406 63.80 -18.22 -9.98
CA LEU D 406 62.75 -18.90 -9.24
C LEU D 406 63.10 -19.00 -7.76
N ARG D 407 62.07 -18.94 -6.91
CA ARG D 407 62.24 -19.07 -5.48
C ARG D 407 62.41 -20.53 -5.11
N GLY D 408 63.37 -20.79 -4.22
CA GLY D 408 63.72 -22.15 -3.83
C GLY D 408 64.98 -22.67 -4.47
N ASN D 409 65.50 -21.99 -5.49
CA ASN D 409 66.74 -22.41 -6.11
C ASN D 409 67.89 -22.32 -5.11
N ALA D 410 68.83 -23.25 -5.23
CA ALA D 410 69.98 -23.28 -4.33
C ALA D 410 71.25 -23.53 -5.14
N TYR D 411 72.37 -23.07 -4.59
CA TYR D 411 73.69 -23.25 -5.20
C TYR D 411 74.61 -23.75 -4.08
N VAL D 412 74.71 -25.08 -3.95
CA VAL D 412 75.52 -25.68 -2.90
C VAL D 412 76.98 -25.44 -3.23
N VAL D 413 77.63 -24.54 -2.48
CA VAL D 413 79.04 -24.26 -2.71
C VAL D 413 79.89 -25.47 -2.35
N ASN D 414 79.65 -26.05 -1.18
CA ASN D 414 80.34 -27.26 -0.74
C ASN D 414 79.55 -27.88 0.40
N GLU D 415 80.10 -28.96 0.96
CA GLU D 415 79.39 -29.76 1.96
C GLU D 415 79.00 -28.97 3.20
N ARG D 416 79.48 -27.73 3.36
CA ARG D 416 79.15 -26.91 4.52
C ARG D 416 78.67 -25.52 4.15
N SER D 417 78.49 -25.23 2.86
CA SER D 417 78.11 -23.88 2.45
C SER D 417 77.24 -23.95 1.21
N ALA D 418 76.21 -23.11 1.18
CA ALA D 418 75.29 -23.07 0.05
C ALA D 418 74.65 -21.68 -0.01
N PHE D 419 74.02 -21.41 -1.16
CA PHE D 419 73.21 -20.22 -1.36
C PHE D 419 71.76 -20.64 -1.51
N LEU D 420 70.85 -19.88 -0.91
CA LEU D 420 69.42 -20.17 -0.98
C LEU D 420 68.69 -18.92 -1.44
N TRP D 421 67.80 -19.08 -2.41
CA TRP D 421 67.05 -17.94 -2.97
C TRP D 421 65.64 -17.96 -2.39
N THR D 422 65.52 -17.39 -1.18
CA THR D 422 64.22 -17.33 -0.52
C THR D 422 63.33 -16.24 -1.08
N VAL D 423 63.89 -15.30 -1.82
CA VAL D 423 63.14 -14.25 -2.49
C VAL D 423 63.33 -14.42 -3.99
N GLY D 424 62.25 -14.29 -4.75
CA GLY D 424 62.33 -14.44 -6.18
C GLY D 424 60.95 -14.61 -6.79
N TYR D 425 60.92 -15.06 -8.03
CA TYR D 425 59.66 -15.26 -8.72
C TYR D 425 58.93 -16.46 -8.14
N VAL D 426 57.68 -16.25 -7.73
CA VAL D 426 56.80 -17.29 -7.24
C VAL D 426 55.75 -17.56 -8.32
N PRO D 427 55.74 -18.73 -8.94
CA PRO D 427 54.75 -18.99 -10.00
C PRO D 427 53.32 -18.91 -9.53
N LYS D 428 53.06 -19.18 -8.24
CA LYS D 428 51.70 -19.20 -7.74
C LYS D 428 51.06 -17.82 -7.82
N ILE D 429 51.81 -16.77 -7.44
CA ILE D 429 51.30 -15.41 -7.51
C ILE D 429 51.73 -14.68 -8.78
N GLN D 430 52.50 -15.35 -9.64
CA GLN D 430 52.92 -14.79 -10.94
C GLN D 430 53.64 -13.46 -10.77
N THR D 431 54.42 -13.34 -9.70
CA THR D 431 55.19 -12.13 -9.44
C THR D 431 56.32 -12.48 -8.49
N ALA D 432 57.29 -11.58 -8.39
CA ALA D 432 58.46 -11.77 -7.56
C ALA D 432 58.29 -11.05 -6.22
N LEU D 433 58.77 -11.69 -5.15
CA LEU D 433 58.75 -11.05 -3.85
C LEU D 433 59.74 -9.90 -3.77
N SER D 434 60.84 -9.98 -4.51
CA SER D 434 61.85 -8.93 -4.51
C SER D 434 61.38 -7.74 -5.36
N MET D 435 62.19 -6.68 -5.37
CA MET D 435 61.84 -5.46 -6.08
C MET D 435 62.54 -5.36 -7.44
N GLU D 436 63.87 -5.45 -7.45
CA GLU D 436 64.63 -5.37 -8.70
C GLU D 436 65.32 -6.68 -9.02
N VAL D 437 66.19 -7.16 -8.13
CA VAL D 437 66.88 -8.43 -8.28
C VAL D 437 67.05 -9.02 -6.88
N PRO D 438 66.53 -10.21 -6.61
CA PRO D 438 66.58 -10.75 -5.24
C PRO D 438 68.01 -11.04 -4.81
N ASN D 439 68.23 -10.94 -3.50
CA ASN D 439 69.50 -11.28 -2.88
C ASN D 439 69.45 -12.67 -2.27
N PRO D 440 70.53 -13.43 -2.35
CA PRO D 440 70.54 -14.78 -1.80
C PRO D 440 71.00 -14.81 -0.34
N LEU D 441 70.67 -15.91 0.31
CA LEU D 441 71.09 -16.19 1.67
C LEU D 441 72.27 -17.15 1.63
N PHE D 442 73.40 -16.71 2.16
CA PHE D 442 74.59 -17.56 2.22
C PHE D 442 74.50 -18.37 3.51
N ILE D 443 74.00 -19.60 3.41
CA ILE D 443 73.79 -20.45 4.57
C ILE D 443 74.98 -21.37 4.70
N GLU D 444 75.65 -21.32 5.84
CA GLU D 444 76.87 -22.06 6.08
C GLU D 444 76.76 -22.81 7.41
N ILE D 445 77.03 -24.11 7.38
CA ILE D 445 77.06 -24.90 8.60
C ILE D 445 78.39 -24.68 9.29
N ASN D 446 78.44 -23.70 10.19
CA ASN D 446 79.71 -23.31 10.80
C ASN D 446 80.24 -24.41 11.71
N LYS D 447 79.40 -24.95 12.58
CA LYS D 447 79.84 -25.94 13.55
C LYS D 447 78.91 -27.14 13.54
N GLY D 448 79.50 -28.32 13.77
CA GLY D 448 78.73 -29.54 13.82
C GLY D 448 78.60 -30.21 12.46
N GLU D 449 77.98 -31.39 12.48
CA GLU D 449 77.79 -32.20 11.29
C GLU D 449 76.31 -32.30 10.97
N ALA D 450 75.93 -31.92 9.75
CA ALA D 450 74.56 -31.99 9.31
C ALA D 450 74.53 -31.96 7.79
N ASP D 451 73.38 -32.32 7.23
CA ASP D 451 73.20 -32.29 5.79
C ASP D 451 72.82 -30.89 5.35
N ILE D 452 73.56 -30.34 4.37
CA ILE D 452 73.34 -28.96 3.96
C ILE D 452 71.99 -28.80 3.28
N LYS D 453 71.59 -29.79 2.48
CA LYS D 453 70.28 -29.73 1.84
C LYS D 453 69.16 -29.74 2.87
N GLN D 454 69.31 -30.54 3.92
CA GLN D 454 68.33 -30.53 5.00
C GLN D 454 68.25 -29.18 5.69
N VAL D 455 69.39 -28.53 5.88
CA VAL D 455 69.41 -27.20 6.48
C VAL D 455 68.68 -26.21 5.60
N LEU D 456 68.92 -26.26 4.28
CA LEU D 456 68.24 -25.36 3.36
C LEU D 456 66.74 -25.60 3.38
N LYS D 457 66.32 -26.87 3.41
CA LYS D 457 64.90 -27.18 3.49
C LYS D 457 64.28 -26.65 4.77
N ASP D 458 65.00 -26.81 5.90
CA ASP D 458 64.48 -26.32 7.17
C ASP D 458 64.33 -24.80 7.16
N ILE D 459 65.30 -24.09 6.61
CA ILE D 459 65.20 -22.63 6.54
C ILE D 459 64.06 -22.21 5.64
N LEU D 460 63.92 -22.84 4.47
CA LEU D 460 62.88 -22.46 3.53
C LEU D 460 61.50 -22.81 4.08
N SER D 461 61.41 -23.81 4.96
CA SER D 461 60.15 -24.07 5.66
C SER D 461 59.90 -23.08 6.78
N LEU D 462 60.97 -22.61 7.44
CA LEU D 462 60.82 -21.62 8.50
C LEU D 462 60.34 -20.28 7.94
N THR D 463 60.70 -19.97 6.70
CA THR D 463 60.31 -18.69 6.11
C THR D 463 58.80 -18.53 5.96
N LYS D 464 58.03 -19.55 6.32
CA LYS D 464 56.58 -19.53 6.17
C LYS D 464 55.83 -19.24 7.47
N LEU D 465 56.55 -18.96 8.56
CA LEU D 465 55.95 -18.90 9.88
C LEU D 465 55.81 -17.46 10.41
N ASN D 466 55.92 -16.46 9.55
CA ASN D 466 55.81 -15.08 9.99
C ASN D 466 54.36 -14.77 10.32
N TYR D 467 54.07 -14.55 11.60
CA TYR D 467 52.72 -14.20 12.05
C TYR D 467 52.49 -12.70 12.14
N ASN D 468 53.55 -11.89 11.99
CA ASN D 468 53.38 -10.45 11.97
C ASN D 468 52.78 -9.96 10.67
N ALA D 469 52.82 -10.77 9.61
CA ALA D 469 52.35 -10.39 8.29
C ALA D 469 51.58 -11.55 7.67
N CYS D 470 50.66 -11.22 6.77
CA CYS D 470 49.92 -12.21 5.99
C CYS D 470 50.37 -12.07 4.53
N ILE D 471 51.44 -12.80 4.18
CA ILE D 471 52.05 -12.74 2.87
C ILE D 471 52.49 -14.15 2.48
N PHE D 472 53.01 -14.27 1.26
CA PHE D 472 53.81 -15.44 0.91
C PHE D 472 55.11 -15.40 1.70
N ALA D 473 55.83 -16.52 1.68
CA ALA D 473 57.02 -16.66 2.52
C ALA D 473 58.01 -15.53 2.28
N ASP D 474 58.58 -15.02 3.35
CA ASP D 474 59.51 -13.90 3.27
C ASP D 474 60.94 -14.42 3.14
N GLY D 475 61.91 -13.53 3.24
CA GLY D 475 63.30 -13.91 3.02
C GLY D 475 63.95 -14.63 4.18
N GLU D 476 64.07 -13.96 5.31
CA GLU D 476 64.79 -14.50 6.45
C GLU D 476 63.96 -15.55 7.17
N PRO D 477 64.61 -16.47 7.89
CA PRO D 477 63.86 -17.43 8.71
C PRO D 477 63.14 -16.73 9.85
N VAL D 478 62.04 -17.34 10.28
CA VAL D 478 61.20 -16.71 11.30
C VAL D 478 61.91 -16.66 12.65
N THR D 479 62.82 -17.60 12.91
CA THR D 479 63.52 -17.60 14.19
C THR D 479 64.38 -16.35 14.35
N LEU D 480 65.23 -16.07 13.35
CA LEU D 480 66.08 -14.90 13.42
C LEU D 480 65.26 -13.61 13.43
N ARG D 481 64.22 -13.54 12.61
CA ARG D 481 63.41 -12.33 12.55
C ARG D 481 62.72 -12.04 13.88
N PHE D 482 62.15 -13.07 14.50
CA PHE D 482 61.44 -12.84 15.75
C PHE D 482 62.39 -12.65 16.93
N ALA D 483 63.58 -13.25 16.87
CA ALA D 483 64.60 -12.93 17.86
C ALA D 483 65.03 -11.47 17.74
N ASP D 484 65.15 -10.96 16.51
CA ASP D 484 65.43 -9.54 16.32
C ASP D 484 64.31 -8.67 16.87
N LYS D 485 63.05 -9.08 16.64
CA LYS D 485 61.93 -8.32 17.16
C LYS D 485 61.93 -8.30 18.68
N ILE D 486 62.25 -9.42 19.30
CA ILE D 486 62.37 -9.47 20.76
C ILE D 486 63.49 -8.56 21.24
N GLY D 487 64.65 -8.63 20.57
CA GLY D 487 65.80 -7.86 21.01
C GLY D 487 65.59 -6.36 20.88
N GLU D 488 64.88 -5.93 19.84
CA GLU D 488 64.64 -4.50 19.68
C GLU D 488 63.80 -3.92 20.80
N ILE D 489 63.07 -4.75 21.54
CA ILE D 489 62.23 -4.29 22.63
C ILE D 489 62.89 -4.51 23.99
N LEU D 490 63.54 -5.65 24.18
CA LEU D 490 64.16 -5.94 25.48
C LEU D 490 65.34 -5.03 25.77
N THR D 491 65.96 -4.42 24.75
CA THR D 491 67.06 -3.51 24.95
C THR D 491 66.63 -2.05 24.94
N ALA D 492 65.32 -1.79 25.00
CA ALA D 492 64.80 -0.43 25.08
C ALA D 492 64.78 0.06 26.53
N SER D 493 64.11 -0.66 27.41
CA SER D 493 64.03 -0.33 28.83
C SER D 493 64.82 -1.35 29.64
N THR D 494 65.60 -0.85 30.60
CA THR D 494 66.48 -1.71 31.39
C THR D 494 65.73 -2.52 32.44
N ASP D 495 64.64 -1.98 32.98
CA ASP D 495 63.94 -2.61 34.11
C ASP D 495 63.00 -3.71 33.60
N ILE D 496 63.62 -4.78 33.11
CA ILE D 496 62.90 -5.98 32.67
C ILE D 496 63.57 -7.16 33.35
N LYS D 497 63.00 -7.63 34.46
CA LYS D 497 63.60 -8.74 35.20
C LYS D 497 63.34 -10.06 34.50
N THR D 498 62.07 -10.45 34.37
CA THR D 498 61.69 -11.70 33.73
C THR D 498 60.59 -11.41 32.72
N PRO D 499 60.92 -11.28 31.44
CA PRO D 499 59.92 -10.93 30.44
C PRO D 499 59.10 -12.14 30.04
N PRO D 500 57.91 -11.93 29.48
CA PRO D 500 57.11 -13.05 28.99
C PRO D 500 57.71 -13.66 27.74
N LEU D 501 57.28 -14.89 27.45
CA LEU D 501 57.77 -15.62 26.29
C LEU D 501 56.86 -15.52 25.07
N ALA D 502 55.57 -15.24 25.26
CA ALA D 502 54.65 -15.15 24.14
C ALA D 502 55.00 -13.97 23.24
N PHE D 503 54.77 -14.15 21.94
CA PHE D 503 55.13 -13.13 20.95
C PHE D 503 54.08 -12.04 20.80
N LYS D 504 52.88 -12.22 21.35
CA LYS D 504 51.87 -11.17 21.22
C LYS D 504 52.23 -9.93 22.01
N TYR D 505 53.16 -10.02 22.95
CA TYR D 505 53.61 -8.88 23.72
C TYR D 505 54.77 -8.14 23.06
N TYR D 506 55.35 -8.69 21.99
CA TYR D 506 56.48 -8.06 21.30
C TYR D 506 56.12 -7.62 19.89
N ILE D 507 55.63 -8.54 19.06
CA ILE D 507 55.34 -8.21 17.67
C ILE D 507 54.09 -7.34 17.58
N MET E 1 -65.30 48.60 10.92
CA MET E 1 -64.17 47.80 11.40
C MET E 1 -64.41 46.32 11.14
N LYS E 2 -63.57 45.73 10.30
CA LYS E 2 -63.69 44.33 9.93
C LYS E 2 -62.35 43.63 10.10
N GLU E 3 -62.42 42.31 10.24
CA GLU E 3 -61.26 41.47 10.51
C GLU E 3 -60.90 40.65 9.27
N LEU E 4 -59.63 40.61 8.94
CA LEU E 4 -59.11 39.81 7.83
C LEU E 4 -58.27 38.67 8.37
N ILE E 5 -58.56 37.46 7.92
CA ILE E 5 -57.75 36.30 8.27
C ILE E 5 -56.64 36.15 7.24
N TYR E 6 -55.62 35.39 7.60
CA TYR E 6 -54.45 35.18 6.74
C TYR E 6 -54.34 33.70 6.40
N ILE E 7 -54.15 33.41 5.11
CA ILE E 7 -54.01 32.05 4.61
C ILE E 7 -52.52 31.79 4.41
N GLU E 8 -52.02 30.74 5.06
CA GLU E 8 -50.60 30.41 4.95
C GLU E 8 -50.25 30.01 3.52
N GLU E 9 -49.09 30.43 3.07
CA GLU E 9 -48.67 30.18 1.69
C GLU E 9 -48.44 28.68 1.48
N PRO E 10 -49.01 28.09 0.42
CA PRO E 10 -48.80 26.66 0.18
C PRO E 10 -47.39 26.39 -0.35
N LYS E 11 -47.02 25.12 -0.30
CA LYS E 11 -45.71 24.65 -0.73
C LYS E 11 -45.85 23.70 -1.91
N ILE E 12 -44.83 23.67 -2.75
CA ILE E 12 -44.79 22.81 -3.92
C ILE E 12 -43.55 21.91 -3.82
N LEU E 13 -43.71 20.66 -4.22
CA LEU E 13 -42.69 19.63 -3.98
C LEU E 13 -41.75 19.54 -5.17
N PHE E 14 -40.46 19.74 -4.92
CA PHE E 14 -39.40 19.63 -5.90
C PHE E 14 -38.64 18.31 -5.70
N ALA E 15 -37.52 18.16 -6.42
CA ALA E 15 -36.72 16.96 -6.31
C ALA E 15 -36.16 16.81 -4.90
N HIS E 16 -35.73 15.58 -4.59
CA HIS E 16 -35.21 15.17 -3.29
C HIS E 16 -36.27 15.25 -2.19
N GLY E 17 -37.54 15.40 -2.54
CA GLY E 17 -38.58 15.54 -1.55
C GLY E 17 -38.62 16.87 -0.86
N GLN E 18 -37.96 17.89 -1.43
CA GLN E 18 -37.82 19.18 -0.79
C GLN E 18 -38.93 20.13 -1.23
N LYS E 19 -39.51 20.83 -0.27
CA LYS E 19 -40.63 21.73 -0.51
C LYS E 19 -40.17 23.18 -0.45
N CYS E 20 -40.80 24.02 -1.27
CA CYS E 20 -40.58 25.46 -1.26
C CYS E 20 -41.87 26.13 -1.70
N THR E 21 -41.87 27.47 -1.59
CA THR E 21 -43.01 28.26 -2.03
C THR E 21 -42.81 28.91 -3.39
N ASP E 22 -41.56 29.14 -3.79
CA ASP E 22 -41.25 29.76 -5.07
C ASP E 22 -40.78 28.69 -6.05
N ALA E 23 -41.38 28.69 -7.24
CA ALA E 23 -40.99 27.72 -8.26
C ALA E 23 -39.56 27.95 -8.70
N ARG E 24 -39.16 29.21 -8.89
CA ARG E 24 -37.80 29.50 -9.34
C ARG E 24 -36.77 29.10 -8.30
N ASP E 25 -37.03 29.39 -7.02
CA ASP E 25 -36.07 29.03 -5.97
C ASP E 25 -35.92 27.52 -5.87
N GLY E 26 -37.05 26.79 -5.88
CA GLY E 26 -36.98 25.34 -5.79
C GLY E 26 -36.34 24.70 -7.00
N LEU E 27 -36.57 25.27 -8.19
CA LEU E 27 -35.97 24.72 -9.39
C LEU E 27 -34.47 25.00 -9.45
N ALA E 28 -34.05 26.17 -8.96
CA ALA E 28 -32.63 26.49 -8.95
C ALA E 28 -31.88 25.70 -7.89
N LEU E 29 -32.50 25.48 -6.72
CA LEU E 29 -31.81 24.85 -5.61
C LEU E 29 -31.87 23.33 -5.67
N PHE E 30 -33.00 22.77 -6.10
CA PHE E 30 -33.20 21.33 -6.08
C PHE E 30 -33.31 20.73 -7.47
N GLY E 31 -34.22 21.24 -8.31
CA GLY E 31 -34.39 20.72 -9.64
C GLY E 31 -35.74 20.09 -9.87
N PRO E 32 -35.98 19.62 -11.09
CA PRO E 32 -37.30 19.08 -11.43
C PRO E 32 -37.55 17.73 -10.78
N LEU E 33 -38.83 17.35 -10.76
CA LEU E 33 -39.22 16.09 -10.13
C LEU E 33 -38.66 14.88 -10.87
N ASN E 34 -38.85 14.84 -12.19
CA ASN E 34 -38.46 13.70 -12.99
C ASN E 34 -37.29 14.06 -13.89
N ASN E 35 -36.60 13.03 -14.38
CA ASN E 35 -35.39 13.20 -15.17
C ASN E 35 -35.65 12.68 -16.58
N LEU E 36 -35.67 13.59 -17.55
CA LEU E 36 -35.61 13.24 -18.97
C LEU E 36 -34.23 13.60 -19.48
N TYR E 37 -33.71 12.79 -20.40
CA TYR E 37 -32.29 12.86 -20.74
C TYR E 37 -31.96 14.04 -21.65
N GLY E 38 -32.88 14.44 -22.52
CA GLY E 38 -32.61 15.58 -23.38
C GLY E 38 -33.86 15.98 -24.14
N ILE E 39 -33.77 17.13 -24.80
CA ILE E 39 -34.85 17.67 -25.61
C ILE E 39 -34.34 17.82 -27.03
N LYS E 40 -35.02 17.18 -27.97
CA LYS E 40 -34.72 17.31 -29.39
C LYS E 40 -35.77 18.21 -30.01
N SER E 41 -35.33 19.32 -30.60
CA SER E 41 -36.22 20.38 -31.06
C SER E 41 -36.29 20.40 -32.58
N GLY E 42 -37.48 20.67 -33.10
CA GLY E 42 -37.71 20.87 -34.52
C GLY E 42 -38.16 22.30 -34.77
N VAL E 43 -37.41 22.99 -35.62
CA VAL E 43 -37.62 24.41 -35.88
C VAL E 43 -38.22 24.59 -37.26
N ILE E 44 -39.23 25.46 -37.35
CA ILE E 44 -39.93 25.73 -38.60
C ILE E 44 -39.91 27.23 -38.85
N GLY E 45 -39.55 27.62 -40.06
CA GLY E 45 -39.56 29.01 -40.43
C GLY E 45 -38.44 29.29 -41.42
N THR E 46 -38.23 30.58 -41.65
CA THR E 46 -37.19 31.03 -42.55
C THR E 46 -35.81 30.81 -41.92
N LYS E 47 -34.76 30.98 -42.74
CA LYS E 47 -33.41 30.81 -42.25
C LYS E 47 -33.07 31.85 -41.18
N GLN E 48 -33.64 33.06 -41.30
CA GLN E 48 -33.46 34.06 -40.25
C GLN E 48 -34.07 33.57 -38.94
N GLY E 49 -35.25 32.93 -39.00
CA GLY E 49 -35.84 32.37 -37.80
C GLY E 49 -34.99 31.28 -37.18
N LEU E 50 -34.39 30.43 -38.02
CA LEU E 50 -33.49 29.41 -37.51
C LEU E 50 -32.28 30.03 -36.83
N LYS E 51 -31.70 31.08 -37.43
CA LYS E 51 -30.56 31.73 -36.82
C LYS E 51 -30.95 32.36 -35.48
N ILE E 52 -32.13 32.97 -35.41
CA ILE E 52 -32.59 33.57 -34.17
C ILE E 52 -32.77 32.50 -33.09
N PHE E 53 -33.40 31.37 -33.46
CA PHE E 53 -33.61 30.30 -32.49
C PHE E 53 -32.29 29.71 -32.01
N ARG E 54 -31.34 29.50 -32.93
CA ARG E 54 -30.03 28.99 -32.53
C ARG E 54 -29.31 29.96 -31.62
N ASP E 55 -29.38 31.26 -31.93
CA ASP E 55 -28.74 32.25 -31.07
C ASP E 55 -29.36 32.26 -29.68
N TYR E 56 -30.69 32.19 -29.59
CA TYR E 56 -31.32 32.18 -28.28
C TYR E 56 -30.97 30.90 -27.51
N LEU E 57 -30.93 29.76 -28.19
CA LEU E 57 -30.58 28.52 -27.52
C LEU E 57 -29.15 28.56 -27.00
N ASP E 58 -28.23 29.13 -27.79
CA ASP E 58 -26.85 29.28 -27.32
C ASP E 58 -26.78 30.24 -26.13
N HIS E 59 -27.58 31.30 -26.17
CA HIS E 59 -27.59 32.28 -25.08
C HIS E 59 -28.18 31.70 -23.80
N ILE E 60 -29.07 30.71 -23.93
CA ILE E 60 -29.75 30.15 -22.77
C ILE E 60 -28.77 29.36 -21.90
N GLN E 61 -27.81 28.68 -22.51
CA GLN E 61 -26.97 27.74 -21.77
C GLN E 61 -26.16 28.44 -20.68
N LYS E 62 -25.61 29.61 -20.98
CA LYS E 62 -24.86 30.34 -19.96
C LYS E 62 -25.83 31.02 -18.99
N PRO E 63 -25.41 31.21 -17.74
CA PRO E 63 -26.28 31.88 -16.76
C PRO E 63 -26.63 33.29 -17.19
N ILE E 64 -27.86 33.70 -16.90
CA ILE E 64 -28.37 35.03 -17.23
C ILE E 64 -28.82 35.71 -15.96
N TYR E 65 -28.52 36.99 -15.83
CA TYR E 65 -28.79 37.76 -14.62
C TYR E 65 -29.84 38.83 -14.89
N ASN E 66 -30.70 39.05 -13.90
CA ASN E 66 -31.64 40.16 -13.93
C ASN E 66 -31.02 41.40 -13.31
N SER E 67 -31.63 42.56 -13.58
CA SER E 67 -31.13 43.80 -13.01
C SER E 67 -31.23 43.79 -11.50
N ASN E 68 -32.35 43.28 -10.96
CA ASN E 68 -32.56 43.18 -9.51
C ASN E 68 -32.92 41.73 -9.20
N SER E 69 -31.96 41.00 -8.62
CA SER E 69 -32.16 39.58 -8.35
C SER E 69 -32.96 39.33 -7.07
N ILE E 70 -33.19 40.36 -6.24
CA ILE E 70 -33.98 40.17 -5.04
C ILE E 70 -35.45 39.93 -5.37
N THR E 71 -35.89 40.29 -6.57
CA THR E 71 -37.26 40.10 -7.01
C THR E 71 -37.40 39.03 -8.08
N ARG E 72 -36.51 39.02 -9.07
CA ARG E 72 -36.49 37.97 -10.09
C ARG E 72 -35.20 37.19 -9.98
N PRO E 73 -35.21 35.97 -9.45
CA PRO E 73 -33.98 35.19 -9.35
C PRO E 73 -33.36 34.96 -10.73
N MET E 74 -32.04 34.94 -10.75
CA MET E 74 -31.30 34.78 -12.00
C MET E 74 -31.49 33.39 -12.59
N PHE E 75 -31.31 33.29 -13.89
CA PHE E 75 -31.37 32.01 -14.58
C PHE E 75 -29.99 31.38 -14.60
N PRO E 76 -29.77 30.25 -13.92
CA PRO E 76 -28.42 29.66 -13.86
C PRO E 76 -28.03 28.81 -15.05
N GLY E 77 -28.79 28.82 -16.14
CA GLY E 77 -28.48 27.96 -17.26
C GLY E 77 -29.39 26.73 -17.31
N PHE E 78 -29.76 26.31 -18.52
CA PHE E 78 -30.75 25.25 -18.66
C PHE E 78 -30.28 23.94 -18.05
N GLU E 79 -29.02 23.56 -18.31
CA GLU E 79 -28.51 22.31 -17.77
C GLU E 79 -28.27 22.39 -16.27
N ALA E 80 -27.92 23.57 -15.76
CA ALA E 80 -27.71 23.74 -14.33
C ALA E 80 -28.99 23.76 -13.53
N VAL E 81 -30.15 23.83 -14.19
CA VAL E 81 -31.45 23.82 -13.52
C VAL E 81 -32.17 22.50 -13.75
N PHE E 82 -32.35 22.10 -15.00
CA PHE E 82 -33.19 20.95 -15.33
C PHE E 82 -32.38 19.68 -15.58
N ASP E 83 -31.08 19.71 -15.28
CA ASP E 83 -30.12 18.62 -15.43
C ASP E 83 -30.39 17.78 -16.69
N CYS E 84 -30.72 18.46 -17.78
CA CYS E 84 -30.99 17.82 -19.05
C CYS E 84 -30.51 18.75 -20.16
N LYS E 85 -30.31 18.18 -21.34
CA LYS E 85 -29.68 18.89 -22.45
C LYS E 85 -30.72 19.36 -23.44
N TRP E 86 -30.73 20.67 -23.72
CA TRP E 86 -31.54 21.29 -24.76
C TRP E 86 -30.60 22.22 -25.52
N GLU E 87 -29.95 21.68 -26.54
CA GLU E 87 -28.90 22.37 -27.26
C GLU E 87 -29.33 22.65 -28.70
N SER E 88 -28.48 23.39 -29.40
CA SER E 88 -28.70 23.69 -30.81
C SER E 88 -28.10 22.64 -31.75
N THR E 89 -27.42 21.63 -31.19
CA THR E 89 -26.87 20.55 -32.00
C THR E 89 -27.90 19.45 -32.29
N GLY E 90 -29.06 19.49 -31.64
CA GLY E 90 -30.09 18.50 -31.87
C GLY E 90 -31.34 19.09 -32.50
N ILE E 91 -31.14 19.98 -33.47
CA ILE E 91 -32.24 20.68 -34.12
C ILE E 91 -32.51 20.05 -35.48
N THR E 92 -33.76 19.65 -35.72
CA THR E 92 -34.21 19.16 -37.02
C THR E 92 -34.97 20.31 -37.67
N PHE E 93 -34.33 21.00 -38.60
CA PHE E 93 -34.87 22.22 -39.17
C PHE E 93 -35.69 21.92 -40.42
N LYS E 94 -36.91 22.43 -40.45
CA LYS E 94 -37.75 22.41 -41.64
C LYS E 94 -37.86 23.82 -42.18
N GLU E 95 -37.63 23.98 -43.47
CA GLU E 95 -37.50 25.30 -44.08
C GLU E 95 -38.84 25.77 -44.62
N VAL E 96 -39.18 27.02 -44.34
CA VAL E 96 -40.33 27.70 -44.93
C VAL E 96 -39.81 29.00 -45.55
N THR E 97 -39.92 29.11 -46.87
CA THR E 97 -39.34 30.23 -47.57
C THR E 97 -40.23 31.46 -47.48
N ASN E 98 -39.61 32.64 -47.63
CA ASN E 98 -40.36 33.89 -47.57
C ASN E 98 -41.35 34.02 -48.71
N GLU E 99 -41.04 33.44 -49.88
CA GLU E 99 -41.97 33.48 -51.00
C GLU E 99 -43.27 32.74 -50.68
N ASP E 100 -43.16 31.57 -50.05
CA ASP E 100 -44.35 30.82 -49.68
C ASP E 100 -45.19 31.59 -48.67
N ILE E 101 -44.53 32.23 -47.69
CA ILE E 101 -45.26 33.02 -46.70
C ILE E 101 -45.97 34.19 -47.37
N GLY E 102 -45.27 34.91 -48.25
CA GLY E 102 -45.84 36.08 -48.88
C GLY E 102 -46.87 35.77 -49.95
N LYS E 103 -46.92 34.53 -50.43
CA LYS E 103 -47.94 34.15 -51.39
C LYS E 103 -49.34 34.32 -50.81
N PHE E 104 -49.54 33.93 -49.56
CA PHE E 104 -50.83 34.04 -48.91
C PHE E 104 -50.92 35.13 -47.87
N LEU E 105 -49.78 35.63 -47.37
CA LEU E 105 -49.81 36.61 -46.29
C LEU E 105 -50.43 37.94 -46.74
N TYR E 106 -50.09 38.39 -47.94
CA TYR E 106 -50.53 39.69 -48.42
C TYR E 106 -51.82 39.62 -49.23
N ASN E 107 -52.43 38.45 -49.34
CA ASN E 107 -53.66 38.32 -50.11
C ASN E 107 -54.84 38.79 -49.27
N SER E 108 -56.04 38.74 -49.86
CA SER E 108 -57.22 39.35 -49.28
C SER E 108 -57.82 38.46 -48.20
N SER E 109 -58.92 38.93 -47.60
CA SER E 109 -59.71 38.18 -46.63
C SER E 109 -58.95 37.95 -45.32
N THR E 110 -59.68 37.64 -44.25
CA THR E 110 -59.08 37.34 -42.97
C THR E 110 -59.14 35.86 -42.60
N HIS E 111 -60.12 35.12 -43.09
CA HIS E 111 -60.21 33.70 -42.81
C HIS E 111 -59.41 32.85 -43.78
N LYS E 112 -59.34 33.26 -45.04
CA LYS E 112 -58.58 32.48 -46.03
C LYS E 112 -57.08 32.63 -45.81
N ARG E 113 -56.62 33.84 -45.50
CA ARG E 113 -55.19 34.07 -45.31
C ARG E 113 -54.65 33.26 -44.13
N THR E 114 -55.35 33.33 -42.99
CA THR E 114 -54.92 32.59 -41.81
C THR E 114 -54.97 31.09 -42.06
N TYR E 115 -56.03 30.62 -42.72
CA TYR E 115 -56.13 29.19 -43.03
C TYR E 115 -54.97 28.73 -43.90
N ASP E 116 -54.64 29.51 -44.93
CA ASP E 116 -53.56 29.12 -45.83
C ASP E 116 -52.20 29.15 -45.13
N LEU E 117 -51.97 30.16 -44.29
CA LEU E 117 -50.70 30.22 -43.56
C LEU E 117 -50.58 29.07 -42.57
N VAL E 118 -51.67 28.75 -41.87
CA VAL E 118 -51.65 27.62 -40.93
C VAL E 118 -51.42 26.31 -41.67
N SER E 119 -52.05 26.15 -42.84
CA SER E 119 -51.82 24.95 -43.63
C SER E 119 -50.37 24.84 -44.07
N LEU E 120 -49.79 25.95 -44.52
CA LEU E 120 -48.40 25.93 -44.95
C LEU E 120 -47.48 25.56 -43.79
N PHE E 121 -47.77 26.07 -42.59
CA PHE E 121 -46.92 25.74 -41.45
C PHE E 121 -47.17 24.33 -40.91
N ILE E 122 -48.35 23.76 -41.12
CA ILE E 122 -48.73 22.53 -40.46
C ILE E 122 -48.48 21.31 -41.33
N ASP E 123 -48.48 21.50 -42.66
CA ASP E 123 -48.19 20.38 -43.55
C ASP E 123 -46.78 19.89 -43.35
N LYS E 124 -45.84 20.81 -43.12
CA LYS E 124 -44.45 20.41 -42.84
C LYS E 124 -44.38 19.59 -41.56
N ILE E 125 -45.10 20.00 -40.52
CA ILE E 125 -45.09 19.26 -39.26
C ILE E 125 -45.64 17.85 -39.47
N ILE E 126 -46.78 17.74 -40.16
CA ILE E 126 -47.39 16.43 -40.35
C ILE E 126 -46.49 15.53 -41.18
N SER E 127 -45.92 16.07 -42.26
CA SER E 127 -45.06 15.25 -43.12
C SER E 127 -43.79 14.81 -42.38
N ALA E 128 -43.16 15.73 -41.64
CA ALA E 128 -41.97 15.35 -40.88
C ALA E 128 -42.30 14.41 -39.73
N ASN E 129 -43.54 14.43 -39.24
CA ASN E 129 -43.93 13.48 -38.21
C ASN E 129 -44.14 12.09 -38.80
N LYS E 130 -44.73 12.01 -39.99
CA LYS E 130 -45.03 10.71 -40.58
C LYS E 130 -43.93 10.19 -41.48
N ASN E 131 -43.30 11.05 -42.29
CA ASN E 131 -42.39 10.62 -43.35
C ASN E 131 -40.93 10.89 -43.02
N GLU E 132 -40.59 11.10 -41.76
CA GLU E 132 -39.21 11.32 -41.36
C GLU E 132 -38.84 10.37 -40.23
N ASP E 133 -37.57 10.02 -40.17
CA ASP E 133 -37.06 9.06 -39.20
C ASP E 133 -36.42 9.70 -37.98
N GLU E 134 -36.43 11.03 -37.89
CA GLU E 134 -35.89 11.72 -36.73
C GLU E 134 -36.97 11.91 -35.69
N ASN E 135 -36.63 11.64 -34.43
CA ASN E 135 -37.55 11.81 -33.32
C ASN E 135 -37.43 13.23 -32.79
N VAL E 136 -38.55 13.95 -32.74
CA VAL E 136 -38.59 15.34 -32.29
C VAL E 136 -39.52 15.41 -31.09
N ASP E 137 -39.01 15.96 -29.98
CA ASP E 137 -39.82 16.08 -28.77
C ASP E 137 -40.82 17.22 -28.90
N VAL E 138 -40.33 18.43 -29.09
CA VAL E 138 -41.16 19.62 -29.23
C VAL E 138 -40.87 20.28 -30.57
N TRP E 139 -41.91 20.75 -31.24
CA TRP E 139 -41.76 21.48 -32.50
C TRP E 139 -41.91 22.97 -32.20
N PHE E 140 -40.89 23.74 -32.52
CA PHE E 140 -40.86 25.18 -32.23
C PHE E 140 -41.15 25.95 -33.51
N VAL E 141 -42.33 26.55 -33.57
CA VAL E 141 -42.79 27.24 -34.78
C VAL E 141 -42.45 28.71 -34.61
N ILE E 142 -41.41 29.15 -35.33
CA ILE E 142 -41.01 30.55 -35.31
C ILE E 142 -41.85 31.30 -36.35
N VAL E 143 -42.63 32.26 -35.88
CA VAL E 143 -43.59 32.98 -36.71
C VAL E 143 -43.07 34.41 -36.90
N PRO E 144 -42.88 34.88 -38.13
CA PRO E 144 -42.50 36.27 -38.35
C PRO E 144 -43.57 37.23 -37.84
N ASP E 145 -43.13 38.41 -37.43
CA ASP E 145 -44.06 39.37 -36.81
C ASP E 145 -45.16 39.80 -37.77
N GLU E 146 -44.91 39.77 -39.08
CA GLU E 146 -45.95 40.12 -40.03
C GLU E 146 -47.13 39.15 -39.95
N ILE E 147 -46.84 37.85 -39.83
CA ILE E 147 -47.92 36.87 -39.71
C ILE E 147 -48.68 37.08 -38.42
N TYR E 148 -47.96 37.34 -37.32
CA TYR E 148 -48.63 37.56 -36.04
C TYR E 148 -49.53 38.80 -36.10
N LYS E 149 -49.07 39.87 -36.74
CA LYS E 149 -49.84 41.10 -36.78
C LYS E 149 -51.03 40.99 -37.71
N TYR E 150 -50.88 40.29 -38.83
CA TYR E 150 -51.90 40.26 -39.87
C TYR E 150 -52.87 39.08 -39.75
N CYS E 151 -52.80 38.32 -38.67
CA CYS E 151 -53.66 37.14 -38.49
C CYS E 151 -54.52 37.28 -37.23
N ARG E 152 -55.12 38.45 -37.04
CA ARG E 152 -56.04 38.68 -35.94
C ARG E 152 -57.48 38.76 -36.46
N PRO E 153 -58.46 38.39 -35.63
CA PRO E 153 -59.86 38.49 -36.08
C PRO E 153 -60.28 39.90 -36.47
N ASN E 154 -59.75 40.92 -35.80
CA ASN E 154 -60.12 42.30 -36.07
C ASN E 154 -59.05 43.07 -36.85
N SER E 155 -58.04 42.38 -37.36
CA SER E 155 -56.97 43.05 -38.08
C SER E 155 -57.45 43.57 -39.43
N VAL E 156 -56.81 44.63 -39.91
CA VAL E 156 -57.12 45.23 -41.20
C VAL E 156 -55.83 45.37 -42.00
N LEU E 157 -55.90 45.01 -43.28
CA LEU E 157 -54.72 45.11 -44.13
C LEU E 157 -54.30 46.56 -44.28
N PRO E 158 -52.99 46.84 -44.34
CA PRO E 158 -52.51 48.23 -44.43
C PRO E 158 -52.64 48.81 -45.83
N LYS E 159 -53.86 48.82 -46.36
CA LYS E 159 -54.16 49.36 -47.68
C LYS E 159 -53.28 48.71 -48.76
N GLU E 160 -53.11 47.41 -48.65
CA GLU E 160 -52.30 46.62 -49.59
C GLU E 160 -50.87 47.13 -49.68
N ASN E 201 -65.46 27.99 -41.20
CA ASN E 201 -65.37 26.73 -40.48
C ASN E 201 -64.31 26.78 -39.39
N TYR E 202 -63.36 27.69 -39.53
CA TYR E 202 -62.25 27.82 -38.61
C TYR E 202 -62.14 29.26 -38.12
N ASP E 203 -61.54 29.42 -36.95
CA ASP E 203 -61.33 30.74 -36.37
C ASP E 203 -60.28 31.50 -37.17
N ALA E 204 -60.34 32.83 -37.07
CA ALA E 204 -59.38 33.70 -37.74
C ALA E 204 -58.09 33.88 -36.96
N GLN E 205 -57.97 33.28 -35.77
CA GLN E 205 -56.75 33.40 -34.99
C GLN E 205 -55.73 32.38 -35.45
N PHE E 206 -54.50 32.85 -35.67
CA PHE E 206 -53.44 31.96 -36.12
C PHE E 206 -53.12 30.89 -35.08
N HIS E 207 -52.95 31.31 -33.82
CA HIS E 207 -52.50 30.39 -32.78
C HIS E 207 -53.54 29.33 -32.47
N ASP E 208 -54.80 29.75 -32.24
CA ASP E 208 -55.83 28.81 -31.86
C ASP E 208 -56.15 27.83 -32.98
N GLN E 209 -56.28 28.33 -34.21
CA GLN E 209 -56.52 27.44 -35.34
C GLN E 209 -55.35 26.50 -35.56
N PHE E 210 -54.12 27.01 -35.42
CA PHE E 210 -52.94 26.18 -35.58
C PHE E 210 -52.91 25.05 -34.57
N LYS E 211 -53.24 25.34 -33.31
CA LYS E 211 -53.25 24.29 -32.30
C LYS E 211 -54.44 23.35 -32.45
N ALA E 212 -55.55 23.84 -33.00
CA ALA E 212 -56.72 22.98 -33.18
C ALA E 212 -56.53 22.01 -34.33
N ARG E 213 -55.93 22.46 -35.43
CA ARG E 213 -55.72 21.58 -36.58
C ARG E 213 -54.66 20.51 -36.30
N LEU E 214 -53.86 20.68 -35.26
CA LEU E 214 -52.81 19.74 -34.91
C LEU E 214 -53.23 18.77 -33.82
N LEU E 215 -54.50 18.74 -33.45
CA LEU E 215 -54.95 17.91 -32.34
C LEU E 215 -55.01 16.43 -32.70
N LYS E 216 -55.38 16.10 -33.93
CA LYS E 216 -55.48 14.70 -34.33
C LYS E 216 -54.14 13.98 -34.37
N HIS E 217 -53.03 14.71 -34.33
CA HIS E 217 -51.71 14.11 -34.44
C HIS E 217 -50.91 14.16 -33.15
N THR E 218 -51.40 14.87 -32.13
CA THR E 218 -50.76 14.93 -30.81
C THR E 218 -49.28 15.29 -30.90
N ILE E 219 -49.03 16.49 -31.43
CA ILE E 219 -47.68 17.01 -31.57
C ILE E 219 -47.55 18.22 -30.64
N PRO E 220 -46.76 18.13 -29.56
CA PRO E 220 -46.59 19.30 -28.69
C PRO E 220 -45.72 20.37 -29.34
N THR E 221 -46.31 21.53 -29.63
CA THR E 221 -45.61 22.60 -30.32
C THR E 221 -45.63 23.86 -29.48
N GLN E 222 -44.53 24.62 -29.59
CA GLN E 222 -44.41 25.93 -28.96
C GLN E 222 -44.30 26.98 -30.06
N ILE E 223 -45.21 27.94 -30.05
CA ILE E 223 -45.22 29.01 -31.04
C ILE E 223 -44.41 30.18 -30.50
N PHE E 224 -43.33 30.52 -31.20
CA PHE E 224 -42.45 31.62 -30.83
C PHE E 224 -42.59 32.74 -31.85
N ARG E 225 -42.30 33.95 -31.42
CA ARG E 225 -42.25 35.11 -32.31
C ARG E 225 -40.81 35.54 -32.50
N GLU E 226 -40.52 36.08 -33.68
CA GLU E 226 -39.17 36.57 -33.95
C GLU E 226 -38.80 37.71 -32.99
N SER E 227 -39.75 38.60 -32.73
CA SER E 227 -39.49 39.71 -31.81
C SER E 227 -39.36 39.26 -30.38
N THR E 228 -39.81 38.05 -30.04
CA THR E 228 -39.64 37.55 -28.68
C THR E 228 -38.18 37.18 -28.40
N LEU E 229 -37.55 36.46 -29.34
CA LEU E 229 -36.17 36.04 -29.18
C LEU E 229 -35.18 37.03 -29.76
N ALA E 230 -35.61 37.90 -30.67
CA ALA E 230 -34.73 38.90 -31.27
C ALA E 230 -35.27 40.30 -30.97
N TRP E 231 -35.65 40.53 -29.72
CA TRP E 231 -36.21 41.82 -29.34
C TRP E 231 -35.19 42.95 -29.50
N ARG E 232 -33.91 42.64 -29.35
CA ARG E 232 -32.87 43.68 -29.42
C ARG E 232 -32.78 44.30 -30.81
N ASP E 233 -33.28 43.64 -31.85
CA ASP E 233 -33.16 44.13 -33.22
C ASP E 233 -34.44 44.69 -33.79
N PHE E 234 -35.57 44.59 -33.09
CA PHE E 234 -36.84 45.11 -33.58
C PHE E 234 -37.11 46.48 -32.96
N LYS E 235 -36.40 47.48 -33.49
CA LYS E 235 -36.52 48.85 -33.01
C LYS E 235 -37.74 49.53 -33.64
N ASN E 236 -38.18 50.62 -33.00
CA ASN E 236 -39.40 51.30 -33.41
C ASN E 236 -39.15 52.70 -33.94
N ALA E 237 -38.54 53.60 -33.16
CA ALA E 237 -38.44 55.00 -33.53
C ALA E 237 -37.01 55.49 -33.71
N PHE E 238 -36.16 55.34 -32.70
CA PHE E 238 -34.80 55.83 -32.75
C PHE E 238 -33.83 54.79 -32.20
N GLY E 239 -34.03 53.53 -32.58
CA GLY E 239 -33.24 52.44 -32.07
C GLY E 239 -33.76 51.84 -30.78
N LEU E 240 -34.80 52.42 -30.19
CA LEU E 240 -35.39 51.86 -28.98
C LEU E 240 -36.21 50.62 -29.33
N PRO E 241 -35.94 49.47 -28.73
CA PRO E 241 -36.70 48.26 -29.06
C PRO E 241 -38.16 48.40 -28.67
N ILE E 242 -39.04 47.75 -29.43
CA ILE E 242 -40.46 47.77 -29.13
C ILE E 242 -40.71 47.16 -27.76
N ARG E 243 -40.08 46.02 -27.47
CA ARG E 243 -40.18 45.37 -26.18
C ARG E 243 -38.81 45.39 -25.51
N ASP E 244 -38.76 45.89 -24.28
CA ASP E 244 -37.51 46.02 -23.53
C ASP E 244 -37.37 44.84 -22.58
N PHE E 245 -36.52 43.89 -22.93
CA PHE E 245 -36.23 42.72 -22.12
C PHE E 245 -34.88 42.82 -21.42
N SER E 246 -34.30 44.03 -21.38
CA SER E 246 -32.94 44.19 -20.87
C SER E 246 -32.84 43.79 -19.41
N LYS E 247 -33.79 44.23 -18.58
CA LYS E 247 -33.81 43.88 -17.17
C LYS E 247 -34.65 42.65 -16.88
N ILE E 248 -35.27 42.07 -17.90
CA ILE E 248 -36.17 40.94 -17.72
C ILE E 248 -35.57 39.61 -18.21
N GLU E 249 -34.55 39.66 -19.06
CA GLU E 249 -33.98 38.52 -19.77
C GLU E 249 -33.94 37.23 -18.94
N GLY E 250 -33.60 37.35 -17.65
CA GLY E 250 -33.62 36.18 -16.79
C GLY E 250 -35.00 35.57 -16.64
N HIS E 251 -36.02 36.42 -16.46
CA HIS E 251 -37.37 35.91 -16.32
C HIS E 251 -37.88 35.32 -17.62
N LEU E 252 -37.53 35.93 -18.75
CA LEU E 252 -37.89 35.35 -20.05
C LEU E 252 -37.25 34.00 -20.25
N ALA E 253 -35.97 33.87 -19.87
CA ALA E 253 -35.30 32.57 -19.93
C ALA E 253 -35.98 31.56 -19.04
N TRP E 254 -36.35 31.96 -17.82
CA TRP E 254 -37.05 31.06 -16.90
C TRP E 254 -38.35 30.57 -17.51
N THR E 255 -39.15 31.49 -18.04
CA THR E 255 -40.46 31.11 -18.60
C THR E 255 -40.30 30.18 -19.79
N ILE E 256 -39.40 30.52 -20.71
CA ILE E 256 -39.21 29.71 -21.91
C ILE E 256 -38.68 28.33 -21.55
N SER E 257 -37.71 28.27 -20.63
CA SER E 257 -37.16 26.98 -20.23
C SER E 257 -38.20 26.12 -19.55
N THR E 258 -39.02 26.71 -18.66
CA THR E 258 -40.05 25.93 -17.99
C THR E 258 -41.08 25.41 -18.98
N ALA E 259 -41.51 26.24 -19.92
CA ALA E 259 -42.50 25.80 -20.91
C ALA E 259 -41.93 24.69 -21.79
N ALA E 260 -40.69 24.83 -22.23
CA ALA E 260 -40.07 23.80 -23.07
C ALA E 260 -39.90 22.50 -22.30
N PHE E 261 -39.48 22.58 -21.03
CA PHE E 261 -39.30 21.38 -20.22
C PHE E 261 -40.63 20.69 -19.97
N TYR E 262 -41.71 21.46 -19.78
CA TYR E 262 -43.01 20.84 -19.56
C TYR E 262 -43.55 20.19 -20.83
N LYS E 263 -43.40 20.86 -21.97
CA LYS E 263 -43.91 20.28 -23.22
C LYS E 263 -43.10 19.06 -23.64
N ALA E 264 -41.83 18.99 -23.25
CA ALA E 264 -41.00 17.83 -23.58
C ALA E 264 -41.37 16.60 -22.77
N GLY E 265 -42.22 16.73 -21.75
CA GLY E 265 -42.60 15.63 -20.91
C GLY E 265 -42.04 15.65 -19.51
N GLY E 266 -41.47 16.77 -19.06
CA GLY E 266 -40.90 16.84 -17.73
C GLY E 266 -41.88 17.37 -16.70
N LYS E 267 -41.65 16.98 -15.45
CA LYS E 267 -42.46 17.42 -14.31
C LYS E 267 -41.65 18.38 -13.46
N PRO E 268 -41.87 19.69 -13.56
CA PRO E 268 -41.00 20.62 -12.84
C PRO E 268 -41.30 20.70 -11.35
N TRP E 269 -42.58 20.64 -10.97
CA TRP E 269 -42.96 20.66 -9.57
C TRP E 269 -44.36 20.08 -9.43
N LYS E 270 -44.73 19.81 -8.18
CA LYS E 270 -46.06 19.29 -7.87
C LYS E 270 -46.50 19.84 -6.52
N LEU E 271 -47.81 19.83 -6.30
CA LEU E 271 -48.35 20.31 -5.04
C LEU E 271 -48.06 19.33 -3.92
N SER E 272 -47.63 19.85 -2.77
CA SER E 272 -47.25 19.01 -1.63
C SER E 272 -48.34 18.84 -0.59
N ASP E 273 -49.26 19.80 -0.48
CA ASP E 273 -50.29 19.77 0.55
C ASP E 273 -51.66 19.38 -0.01
N VAL E 274 -51.70 18.45 -0.95
CA VAL E 274 -52.97 17.99 -1.49
C VAL E 274 -53.66 17.09 -0.48
N ARG E 275 -54.99 17.20 -0.41
CA ARG E 275 -55.79 16.49 0.57
C ARG E 275 -56.02 15.04 0.13
N ASN E 276 -57.00 14.38 0.75
CA ASN E 276 -57.36 13.00 0.47
C ASN E 276 -58.11 12.93 -0.85
N GLY E 277 -58.89 11.87 -1.05
CA GLY E 277 -59.49 11.54 -2.33
C GLY E 277 -60.35 12.60 -2.99
N VAL E 278 -60.48 13.77 -2.35
CA VAL E 278 -61.20 14.89 -2.95
C VAL E 278 -60.64 15.18 -4.35
N CYS E 279 -61.54 15.47 -5.28
CA CYS E 279 -61.19 15.78 -6.66
C CYS E 279 -61.71 17.16 -7.03
N TYR E 280 -60.86 17.97 -7.65
CA TYR E 280 -61.22 19.32 -8.06
C TYR E 280 -61.54 19.34 -9.54
N LEU E 281 -62.63 20.02 -9.90
CA LEU E 281 -63.07 20.16 -11.28
C LEU E 281 -63.38 21.62 -11.54
N GLY E 282 -63.22 22.04 -12.78
CA GLY E 282 -63.52 23.42 -13.12
C GLY E 282 -64.15 23.56 -14.49
N LEU E 283 -65.27 24.26 -14.57
CA LEU E 283 -66.02 24.42 -15.80
C LEU E 283 -65.89 25.84 -16.34
N VAL E 284 -65.66 25.95 -17.64
CA VAL E 284 -65.58 27.24 -18.32
C VAL E 284 -66.41 27.17 -19.59
N TYR E 285 -67.26 28.17 -19.80
CA TYR E 285 -68.12 28.25 -20.98
C TYR E 285 -67.52 29.22 -21.99
N LYS E 286 -67.70 28.89 -23.27
CA LYS E 286 -67.16 29.67 -24.37
C LYS E 286 -68.21 29.77 -25.47
N LYS E 287 -68.09 30.82 -26.28
CA LYS E 287 -68.95 31.02 -27.43
C LYS E 287 -68.31 30.40 -28.66
N VAL E 288 -69.10 29.64 -29.41
CA VAL E 288 -68.63 29.01 -30.64
C VAL E 288 -68.91 29.97 -31.79
N GLU E 289 -69.25 31.22 -31.45
CA GLU E 289 -69.50 32.34 -32.36
C GLU E 289 -70.32 31.93 -33.58
N LYS E 290 -70.06 32.56 -34.72
CA LYS E 290 -70.84 32.33 -35.93
C LYS E 290 -70.31 31.13 -36.73
N SER E 291 -70.21 29.98 -36.07
CA SER E 291 -69.76 28.76 -36.74
C SER E 291 -70.96 27.94 -37.23
N LYS E 292 -71.81 27.49 -36.31
CA LYS E 292 -73.03 26.76 -36.67
C LYS E 292 -74.05 27.03 -35.57
N ASN E 293 -74.90 28.04 -35.79
CA ASN E 293 -75.96 28.47 -34.87
C ASN E 293 -75.39 28.96 -33.54
N PRO E 294 -76.12 29.80 -32.81
CA PRO E 294 -75.68 30.19 -31.46
C PRO E 294 -75.50 28.96 -30.57
N ARG E 295 -74.29 28.79 -30.06
CA ARG E 295 -73.97 27.65 -29.20
C ARG E 295 -72.99 28.08 -28.14
N ASN E 296 -73.04 27.38 -27.00
CA ASN E 296 -72.10 27.60 -25.91
C ASN E 296 -71.46 26.26 -25.55
N ALA E 297 -70.13 26.23 -25.55
CA ALA E 297 -69.38 25.00 -25.30
C ALA E 297 -68.72 25.09 -23.93
N CYS E 298 -68.95 24.09 -23.09
CA CYS E 298 -68.38 24.02 -21.76
C CYS E 298 -67.25 23.00 -21.75
N CYS E 299 -66.10 23.41 -21.20
CA CYS E 299 -64.93 22.56 -21.08
C CYS E 299 -64.50 22.51 -19.61
N ALA E 300 -63.93 21.38 -19.21
CA ALA E 300 -63.58 21.16 -17.81
C ALA E 300 -62.10 20.86 -17.66
N ALA E 301 -61.56 21.24 -16.51
CA ALA E 301 -60.22 20.87 -16.09
C ALA E 301 -60.29 20.13 -14.76
N GLN E 302 -59.56 19.01 -14.65
CA GLN E 302 -59.66 18.11 -13.52
C GLN E 302 -58.31 17.91 -12.87
N MET E 303 -58.29 17.94 -11.54
CA MET E 303 -57.10 17.66 -10.76
C MET E 303 -57.44 16.78 -9.58
N PHE E 304 -56.50 15.92 -9.20
CA PHE E 304 -56.60 15.14 -7.98
C PHE E 304 -55.23 14.54 -7.67
N LEU E 305 -55.19 13.72 -6.62
CA LEU E 305 -53.97 13.09 -6.15
C LEU E 305 -54.06 11.59 -6.42
N ASP E 306 -53.07 11.05 -7.13
CA ASP E 306 -53.05 9.62 -7.44
C ASP E 306 -52.42 8.85 -6.28
N ASN E 307 -52.39 7.53 -6.42
CA ASN E 307 -51.82 6.68 -5.38
C ASN E 307 -50.30 6.71 -5.34
N GLY E 308 -49.65 7.33 -6.33
CA GLY E 308 -48.21 7.41 -6.36
C GLY E 308 -47.67 8.70 -5.77
N ASP E 309 -48.49 9.39 -4.97
CA ASP E 309 -48.18 10.62 -4.27
C ASP E 309 -47.96 11.81 -5.20
N GLY E 310 -48.07 11.63 -6.50
CA GLY E 310 -47.99 12.74 -7.44
C GLY E 310 -49.31 13.46 -7.53
N THR E 311 -49.46 14.26 -8.59
CA THR E 311 -50.71 14.95 -8.86
C THR E 311 -51.11 14.71 -10.31
N VAL E 312 -52.37 14.32 -10.50
CA VAL E 312 -52.94 14.17 -11.83
C VAL E 312 -53.69 15.45 -12.15
N PHE E 313 -53.31 16.09 -13.26
CA PHE E 313 -53.87 17.40 -13.65
C PHE E 313 -54.06 17.35 -15.16
N LYS E 314 -55.28 17.08 -15.59
CA LYS E 314 -55.58 16.95 -17.02
C LYS E 314 -56.88 17.70 -17.30
N GLY E 315 -57.42 17.48 -18.49
CA GLY E 315 -58.65 18.16 -18.86
C GLY E 315 -59.77 17.22 -19.27
N GLU E 316 -60.97 17.48 -18.77
CA GLU E 316 -62.17 16.78 -19.23
C GLU E 316 -62.73 17.57 -20.41
N VAL E 317 -62.73 16.95 -21.59
CA VAL E 317 -63.01 17.64 -22.84
C VAL E 317 -64.10 16.90 -23.59
N GLY E 318 -64.36 17.32 -24.83
CA GLY E 318 -65.59 16.99 -25.50
C GLY E 318 -66.61 18.05 -25.16
N PRO E 319 -66.29 19.31 -25.52
CA PRO E 319 -67.03 20.46 -24.99
C PRO E 319 -68.53 20.32 -25.10
N TRP E 320 -69.20 20.26 -23.95
CA TRP E 320 -70.64 20.01 -23.95
C TRP E 320 -71.38 21.27 -24.38
N TYR E 321 -72.33 21.10 -25.30
CA TYR E 321 -72.92 22.22 -26.01
C TYR E 321 -74.31 22.56 -25.48
N ASN E 322 -74.64 23.84 -25.54
CA ASN E 322 -75.95 24.36 -25.22
C ASN E 322 -76.41 25.24 -26.37
N PRO E 323 -77.60 25.00 -26.94
CA PRO E 323 -78.02 25.78 -28.11
C PRO E 323 -78.58 27.16 -27.76
N LYS E 324 -79.00 27.39 -26.51
CA LYS E 324 -79.58 28.68 -26.16
C LYS E 324 -78.50 29.76 -26.12
N ASN E 325 -78.78 30.89 -26.76
CA ASN E 325 -77.83 32.00 -26.81
C ASN E 325 -77.88 32.78 -25.50
N GLY E 326 -76.71 33.07 -24.94
CA GLY E 326 -76.60 33.86 -23.74
C GLY E 326 -76.76 33.07 -22.45
N GLN E 327 -77.05 31.78 -22.51
CA GLN E 327 -77.19 30.95 -21.32
C GLN E 327 -75.92 30.14 -21.12
N TYR E 328 -75.37 30.21 -19.92
CA TYR E 328 -74.14 29.50 -19.57
C TYR E 328 -74.41 28.45 -18.50
N HIS E 329 -75.53 27.75 -18.64
CA HIS E 329 -75.92 26.68 -17.73
C HIS E 329 -76.09 25.40 -18.52
N LEU E 330 -75.45 24.33 -18.07
CA LEU E 330 -75.47 23.07 -18.81
C LEU E 330 -76.83 22.40 -18.69
N GLU E 331 -77.29 21.81 -19.80
CA GLU E 331 -78.53 21.06 -19.78
C GLU E 331 -78.37 19.81 -18.93
N PRO E 332 -79.48 19.29 -18.38
CA PRO E 332 -79.37 18.17 -17.42
C PRO E 332 -78.67 16.95 -17.99
N LYS E 333 -78.99 16.54 -19.22
CA LYS E 333 -78.36 15.35 -19.78
C LYS E 333 -76.86 15.53 -19.95
N GLU E 334 -76.44 16.69 -20.44
CA GLU E 334 -75.01 16.94 -20.65
C GLU E 334 -74.29 17.07 -19.31
N ALA E 335 -74.95 17.65 -18.30
CA ALA E 335 -74.34 17.72 -16.97
C ALA E 335 -74.15 16.34 -16.38
N LYS E 336 -75.15 15.46 -16.52
CA LYS E 336 -75.00 14.09 -16.05
C LYS E 336 -73.88 13.38 -16.79
N ALA E 337 -73.79 13.59 -18.11
CA ALA E 337 -72.71 12.98 -18.88
C ALA E 337 -71.35 13.46 -18.41
N LEU E 338 -71.22 14.77 -18.15
CA LEU E 338 -69.96 15.33 -17.67
C LEU E 338 -69.55 14.71 -16.33
N LEU E 339 -70.49 14.68 -15.38
CA LEU E 339 -70.15 14.12 -14.07
C LEU E 339 -69.84 12.63 -14.16
N SER E 340 -70.59 11.89 -14.98
CA SER E 340 -70.32 10.46 -15.12
C SER E 340 -68.94 10.22 -15.72
N GLN E 341 -68.58 10.99 -16.75
CA GLN E 341 -67.26 10.83 -17.35
C GLN E 341 -66.15 11.16 -16.36
N SER E 342 -66.29 12.26 -15.62
CA SER E 342 -65.26 12.64 -14.65
C SER E 342 -65.14 11.61 -13.54
N LEU E 343 -66.27 11.13 -13.03
CA LEU E 343 -66.25 10.13 -11.97
C LEU E 343 -65.63 8.82 -12.46
N GLN E 344 -65.94 8.43 -13.71
CA GLN E 344 -65.34 7.22 -14.26
C GLN E 344 -63.84 7.37 -14.43
N SER E 345 -63.40 8.55 -14.88
CA SER E 345 -61.96 8.78 -14.99
C SER E 345 -61.28 8.70 -13.63
N TYR E 346 -61.89 9.29 -12.60
CA TYR E 346 -61.31 9.20 -11.26
C TYR E 346 -61.28 7.76 -10.77
N LYS E 347 -62.36 7.01 -10.99
CA LYS E 347 -62.41 5.63 -10.53
C LYS E 347 -61.36 4.78 -11.22
N GLU E 348 -61.16 4.98 -12.52
CA GLU E 348 -60.13 4.25 -13.25
C GLU E 348 -58.74 4.64 -12.76
N GLN E 349 -58.51 5.92 -12.49
CA GLN E 349 -57.18 6.37 -12.07
C GLN E 349 -56.84 5.85 -10.67
N ILE E 350 -57.79 5.90 -9.74
CA ILE E 350 -57.51 5.56 -8.35
C ILE E 350 -57.92 4.13 -8.04
N GLY E 351 -59.20 3.83 -8.20
CA GLY E 351 -59.71 2.51 -7.87
C GLY E 351 -61.00 2.54 -7.07
N GLU E 352 -61.33 3.72 -6.55
CA GLU E 352 -62.54 3.90 -5.76
C GLU E 352 -63.17 5.24 -6.16
N TYR E 353 -64.15 5.67 -5.39
CA TYR E 353 -64.78 6.93 -5.74
C TYR E 353 -64.31 8.05 -4.82
N PRO E 354 -64.24 9.28 -5.33
CA PRO E 354 -63.72 10.38 -4.52
C PRO E 354 -64.61 10.67 -3.31
N LYS E 355 -63.97 11.04 -2.19
CA LYS E 355 -64.72 11.39 -0.99
C LYS E 355 -65.58 12.62 -1.22
N GLU E 356 -65.03 13.64 -1.87
CA GLU E 356 -65.78 14.85 -2.20
C GLU E 356 -65.24 15.44 -3.50
N VAL E 357 -66.14 16.02 -4.27
CA VAL E 357 -65.81 16.61 -5.56
C VAL E 357 -66.15 18.10 -5.50
N PHE E 358 -65.13 18.93 -5.59
CA PHE E 358 -65.33 20.38 -5.66
C PHE E 358 -65.45 20.80 -7.11
N ILE E 359 -66.33 21.76 -7.38
CA ILE E 359 -66.55 22.28 -8.72
C ILE E 359 -66.38 23.79 -8.68
N HIS E 360 -65.55 24.31 -9.58
CA HIS E 360 -65.29 25.73 -9.71
C HIS E 360 -65.89 26.25 -11.01
N ALA E 361 -66.37 27.48 -10.98
CA ALA E 361 -66.92 28.10 -12.18
C ALA E 361 -66.90 29.61 -12.00
N LYS E 362 -66.95 30.30 -13.13
CA LYS E 362 -67.13 31.76 -13.14
C LYS E 362 -68.61 32.15 -13.12
N THR E 363 -69.51 31.18 -13.16
CA THR E 363 -70.95 31.39 -13.17
C THR E 363 -71.56 30.71 -11.95
N ARG E 364 -72.88 30.86 -11.80
CA ARG E 364 -73.62 30.28 -10.70
C ARG E 364 -74.53 29.18 -11.22
N PHE E 365 -74.41 27.98 -10.65
CA PHE E 365 -75.21 26.85 -11.08
C PHE E 365 -76.68 27.07 -10.72
N ASN E 366 -77.56 26.57 -11.58
CA ASN E 366 -78.99 26.62 -11.30
C ASN E 366 -79.43 25.30 -10.66
N HIS E 367 -80.73 25.21 -10.34
CA HIS E 367 -81.24 24.05 -9.61
C HIS E 367 -81.34 22.81 -10.49
N GLN E 368 -81.72 22.98 -11.77
CA GLN E 368 -81.91 21.83 -12.63
C GLN E 368 -80.58 21.12 -12.91
N GLU E 369 -79.55 21.88 -13.27
CA GLU E 369 -78.26 21.27 -13.54
C GLU E 369 -77.63 20.68 -12.29
N TRP E 370 -77.89 21.28 -11.12
CA TRP E 370 -77.36 20.71 -9.89
C TRP E 370 -78.08 19.41 -9.53
N ASP E 371 -79.39 19.35 -9.76
CA ASP E 371 -80.12 18.10 -9.55
C ASP E 371 -79.62 17.03 -10.52
N ALA E 372 -79.36 17.40 -11.76
CA ALA E 372 -78.77 16.45 -12.71
C ALA E 372 -77.40 15.97 -12.23
N PHE E 373 -76.60 16.89 -11.69
CA PHE E 373 -75.31 16.52 -11.12
C PHE E 373 -75.48 15.52 -9.99
N LEU E 374 -76.43 15.77 -9.09
CA LEU E 374 -76.61 14.91 -7.93
C LEU E 374 -77.20 13.55 -8.30
N GLU E 375 -77.97 13.49 -9.40
CA GLU E 375 -78.56 12.22 -9.80
C GLU E 375 -77.50 11.18 -10.12
N VAL E 376 -76.33 11.61 -10.59
CA VAL E 376 -75.26 10.69 -10.92
C VAL E 376 -74.31 10.47 -9.73
N THR E 377 -74.14 11.48 -8.90
CA THR E 377 -73.17 11.39 -7.81
C THR E 377 -73.57 10.32 -6.81
N PRO E 378 -72.65 9.46 -6.38
CA PRO E 378 -72.97 8.47 -5.35
C PRO E 378 -73.19 9.14 -4.00
N LYS E 379 -73.86 8.39 -3.11
CA LYS E 379 -74.21 8.93 -1.80
C LYS E 379 -72.97 9.26 -0.98
N GLU E 380 -71.95 8.39 -1.05
CA GLU E 380 -70.75 8.61 -0.24
C GLU E 380 -69.97 9.84 -0.69
N THR E 381 -70.09 10.24 -1.95
CA THR E 381 -69.37 11.39 -2.48
C THR E 381 -70.17 12.66 -2.20
N ASN E 382 -69.50 13.68 -1.68
CA ASN E 382 -70.11 14.96 -1.36
C ASN E 382 -69.82 15.96 -2.46
N LEU E 383 -70.88 16.56 -3.01
CA LEU E 383 -70.75 17.50 -4.11
C LEU E 383 -70.77 18.92 -3.57
N VAL E 384 -69.76 19.71 -3.93
CA VAL E 384 -69.67 21.11 -3.57
C VAL E 384 -69.44 21.92 -4.85
N GLY E 385 -70.28 22.93 -5.06
CA GLY E 385 -70.13 23.80 -6.20
C GLY E 385 -69.79 25.22 -5.78
N VAL E 386 -68.62 25.69 -6.20
CA VAL E 386 -68.06 26.96 -5.76
C VAL E 386 -67.97 27.90 -6.97
N THR E 387 -68.30 29.17 -6.75
CA THR E 387 -68.23 30.19 -7.78
C THR E 387 -67.13 31.19 -7.43
N ILE E 388 -66.20 31.39 -8.36
CA ILE E 388 -65.08 32.31 -8.18
C ILE E 388 -65.20 33.41 -9.21
N SER E 389 -65.24 34.66 -8.75
CA SER E 389 -65.39 35.80 -9.64
C SER E 389 -64.39 36.89 -9.23
N LYS E 390 -64.08 37.75 -10.20
CA LYS E 390 -63.16 38.87 -10.01
C LYS E 390 -63.82 40.16 -10.46
N THR E 391 -65.07 40.37 -10.05
CA THR E 391 -65.84 41.53 -10.47
C THR E 391 -66.22 42.47 -9.34
N LYS E 392 -66.20 42.03 -8.09
CA LYS E 392 -66.58 42.90 -6.99
C LYS E 392 -65.50 43.94 -6.74
N PRO E 393 -65.82 45.23 -6.80
CA PRO E 393 -64.80 46.30 -6.63
C PRO E 393 -64.53 46.64 -5.16
N LEU E 394 -63.71 45.80 -4.52
CA LEU E 394 -63.31 45.99 -3.13
C LEU E 394 -61.79 46.16 -3.11
N LYS E 395 -61.34 47.40 -3.00
CA LYS E 395 -59.92 47.72 -3.00
C LYS E 395 -59.49 48.13 -1.59
N LEU E 396 -58.45 47.48 -1.08
CA LEU E 396 -57.90 47.79 0.24
C LEU E 396 -56.60 48.55 0.05
N TYR E 397 -56.50 49.72 0.68
CA TYR E 397 -55.32 50.57 0.61
C TYR E 397 -54.62 50.55 1.96
N LYS E 398 -53.30 50.39 1.95
CA LYS E 398 -52.53 50.48 3.18
C LYS E 398 -52.55 51.91 3.70
N THR E 399 -52.71 52.05 5.02
CA THR E 399 -52.87 53.36 5.62
C THR E 399 -51.61 54.22 5.46
N GLU E 400 -50.44 53.62 5.64
CA GLU E 400 -49.19 54.38 5.62
C GLU E 400 -48.26 53.95 4.50
N GLY E 401 -48.01 52.65 4.33
CA GLY E 401 -47.01 52.21 3.40
C GLY E 401 -47.39 52.46 1.95
N ASP E 402 -46.36 52.46 1.10
CA ASP E 402 -46.53 52.65 -0.33
C ASP E 402 -46.80 51.35 -1.08
N TYR E 403 -46.74 50.21 -0.41
CA TYR E 403 -47.01 48.93 -1.03
C TYR E 403 -48.46 48.52 -0.82
N THR E 404 -48.85 47.46 -1.51
CA THR E 404 -50.24 47.03 -1.52
C THR E 404 -50.49 46.05 -0.37
N ILE E 405 -51.67 45.43 -0.37
CA ILE E 405 -52.06 44.53 0.70
C ILE E 405 -51.36 43.19 0.53
N LEU E 406 -51.00 42.57 1.65
CA LEU E 406 -50.34 41.27 1.64
C LEU E 406 -51.19 40.23 0.92
N ARG E 407 -50.52 39.40 0.10
CA ARG E 407 -51.21 38.30 -0.57
C ARG E 407 -51.55 37.21 0.42
N GLY E 408 -52.77 36.69 0.32
CA GLY E 408 -53.26 35.69 1.24
C GLY E 408 -54.23 36.20 2.27
N ASN E 409 -54.38 37.51 2.41
CA ASN E 409 -55.36 38.08 3.33
C ASN E 409 -56.76 37.79 2.82
N ALA E 410 -57.61 37.27 3.70
CA ALA E 410 -58.95 36.85 3.32
C ALA E 410 -59.98 37.53 4.21
N TYR E 411 -61.07 38.00 3.58
CA TYR E 411 -62.18 38.65 4.27
C TYR E 411 -63.35 37.68 4.21
N VAL E 412 -63.62 36.98 5.30
CA VAL E 412 -64.72 36.03 5.38
C VAL E 412 -65.99 36.82 5.68
N VAL E 413 -66.81 37.06 4.65
CA VAL E 413 -68.04 37.81 4.84
C VAL E 413 -69.03 37.02 5.69
N ASN E 414 -69.22 35.74 5.37
CA ASN E 414 -70.12 34.87 6.11
C ASN E 414 -69.70 33.43 5.85
N GLU E 415 -70.57 32.48 6.18
CA GLU E 415 -70.21 31.06 6.08
C GLU E 415 -69.90 30.67 4.64
N ARG E 416 -70.68 31.17 3.69
CA ARG E 416 -70.53 30.79 2.29
C ARG E 416 -70.13 31.98 1.42
N SER E 417 -69.21 32.80 1.89
CA SER E 417 -68.70 33.91 1.10
C SER E 417 -67.34 34.33 1.66
N ALA E 418 -66.50 34.87 0.78
CA ALA E 418 -65.16 35.31 1.18
C ALA E 418 -64.55 36.13 0.06
N PHE E 419 -63.64 37.02 0.44
CA PHE E 419 -62.81 37.78 -0.49
C PHE E 419 -61.36 37.38 -0.24
N LEU E 420 -60.71 36.84 -1.26
CA LEU E 420 -59.35 36.34 -1.16
C LEU E 420 -58.42 37.20 -2.01
N TRP E 421 -57.27 37.57 -1.44
CA TRP E 421 -56.28 38.37 -2.15
C TRP E 421 -55.20 37.44 -2.70
N THR E 422 -55.53 36.79 -3.81
CA THR E 422 -54.58 35.90 -4.47
C THR E 422 -53.43 36.66 -5.11
N VAL E 423 -53.65 37.93 -5.46
CA VAL E 423 -52.60 38.79 -6.01
C VAL E 423 -52.41 39.96 -5.08
N GLY E 424 -51.15 40.22 -4.71
CA GLY E 424 -50.83 41.28 -3.78
C GLY E 424 -49.35 41.42 -3.54
N TYR E 425 -48.95 41.59 -2.28
CA TYR E 425 -47.56 41.73 -1.91
C TYR E 425 -47.04 40.42 -1.34
N VAL E 426 -45.90 39.97 -1.83
CA VAL E 426 -45.23 38.76 -1.38
C VAL E 426 -43.98 39.17 -0.63
N PRO E 427 -43.85 38.84 0.66
CA PRO E 427 -42.67 39.28 1.41
C PRO E 427 -41.35 38.78 0.85
N LYS E 428 -41.34 37.59 0.22
CA LYS E 428 -40.09 37.03 -0.27
C LYS E 428 -39.48 37.88 -1.37
N ILE E 429 -40.31 38.41 -2.27
CA ILE E 429 -39.86 39.25 -3.37
C ILE E 429 -40.36 40.66 -3.10
N GLN E 430 -39.42 41.61 -2.97
CA GLN E 430 -39.78 42.92 -2.45
C GLN E 430 -40.49 43.77 -3.51
N THR E 431 -41.55 43.21 -4.10
CA THR E 431 -42.43 43.93 -5.02
C THR E 431 -43.74 43.15 -5.09
N ALA E 432 -44.81 43.87 -5.44
CA ALA E 432 -46.12 43.25 -5.58
C ALA E 432 -46.22 42.51 -6.91
N LEU E 433 -47.26 41.68 -7.03
CA LEU E 433 -47.51 40.97 -8.27
C LEU E 433 -48.36 41.77 -9.26
N SER E 434 -48.89 42.92 -8.85
CA SER E 434 -49.69 43.78 -9.71
C SER E 434 -49.07 45.18 -9.71
N MET E 435 -49.67 46.08 -10.48
CA MET E 435 -49.19 47.46 -10.60
C MET E 435 -49.97 48.40 -9.70
N GLU E 436 -51.29 48.47 -9.87
CA GLU E 436 -52.14 49.27 -9.00
C GLU E 436 -52.60 48.41 -7.83
N VAL E 437 -53.58 48.89 -7.08
CA VAL E 437 -54.17 48.13 -5.99
C VAL E 437 -54.86 46.91 -6.60
N PRO E 438 -54.48 45.69 -6.21
CA PRO E 438 -55.03 44.51 -6.86
C PRO E 438 -56.49 44.28 -6.49
N ASN E 439 -57.18 43.59 -7.40
CA ASN E 439 -58.56 43.18 -7.16
C ASN E 439 -58.59 41.78 -6.54
N PRO E 440 -59.44 41.56 -5.55
CA PRO E 440 -59.52 40.23 -4.92
C PRO E 440 -60.58 39.35 -5.56
N LEU E 441 -60.33 38.05 -5.48
CA LEU E 441 -61.33 37.08 -5.90
C LEU E 441 -62.48 37.05 -4.90
N PHE E 442 -63.70 36.95 -5.42
CA PHE E 442 -64.90 36.81 -4.59
C PHE E 442 -65.34 35.35 -4.67
N ILE E 443 -64.97 34.57 -3.67
CA ILE E 443 -65.23 33.13 -3.64
C ILE E 443 -66.46 32.90 -2.78
N GLU E 444 -67.50 32.32 -3.39
CA GLU E 444 -68.76 32.07 -2.70
C GLU E 444 -69.22 30.66 -3.00
N ILE E 445 -69.45 29.87 -1.95
CA ILE E 445 -69.91 28.50 -2.12
C ILE E 445 -71.36 28.54 -2.59
N ASN E 446 -71.60 28.12 -3.83
CA ASN E 446 -72.93 28.20 -4.39
C ASN E 446 -73.81 27.05 -3.92
N LYS E 447 -73.32 25.82 -4.04
CA LYS E 447 -74.11 24.64 -3.70
C LYS E 447 -73.30 23.72 -2.80
N GLY E 448 -74.01 23.03 -1.91
CA GLY E 448 -73.38 22.13 -0.97
C GLY E 448 -72.84 22.85 0.25
N GLU E 449 -72.35 22.06 1.21
CA GLU E 449 -71.83 22.58 2.47
C GLU E 449 -70.37 22.17 2.61
N ALA E 450 -69.50 23.17 2.85
CA ALA E 450 -68.09 22.92 3.06
C ALA E 450 -67.50 24.11 3.82
N ASP E 451 -66.37 23.85 4.48
CA ASP E 451 -65.71 24.90 5.25
C ASP E 451 -65.16 25.96 4.31
N ILE E 452 -65.44 27.23 4.61
CA ILE E 452 -64.98 28.31 3.75
C ILE E 452 -63.46 28.45 3.82
N LYS E 453 -62.88 28.24 5.00
CA LYS E 453 -61.43 28.32 5.14
C LYS E 453 -60.75 27.23 4.33
N GLN E 454 -61.30 26.01 4.35
CA GLN E 454 -60.75 24.93 3.54
C GLN E 454 -60.84 25.24 2.06
N VAL E 455 -61.96 25.83 1.63
CA VAL E 455 -62.11 26.21 0.23
C VAL E 455 -61.08 27.25 -0.17
N LEU E 456 -60.87 28.26 0.68
CA LEU E 456 -59.88 29.28 0.39
C LEU E 456 -58.48 28.69 0.33
N LYS E 457 -58.15 27.77 1.25
CA LYS E 457 -56.85 27.12 1.22
C LYS E 457 -56.67 26.31 -0.05
N ASP E 458 -57.72 25.58 -0.46
CA ASP E 458 -57.64 24.78 -1.67
C ASP E 458 -57.43 25.66 -2.90
N ILE E 459 -58.12 26.80 -2.95
CA ILE E 459 -57.97 27.70 -4.09
C ILE E 459 -56.56 28.31 -4.12
N LEU E 460 -56.07 28.74 -2.97
CA LEU E 460 -54.72 29.32 -2.93
C LEU E 460 -53.66 28.29 -3.27
N SER E 461 -53.90 27.01 -2.96
CA SER E 461 -52.97 25.97 -3.37
C SER E 461 -53.10 25.69 -4.86
N LEU E 462 -54.32 25.72 -5.39
CA LEU E 462 -54.53 25.52 -6.82
C LEU E 462 -53.87 26.61 -7.66
N THR E 463 -53.73 27.80 -7.09
CA THR E 463 -53.09 28.87 -7.86
C THR E 463 -51.57 28.69 -8.03
N LYS E 464 -50.99 27.54 -7.71
CA LYS E 464 -49.55 27.34 -7.79
C LYS E 464 -49.13 26.36 -8.89
N LEU E 465 -50.06 25.90 -9.72
CA LEU E 465 -49.80 24.82 -10.67
C LEU E 465 -49.78 25.31 -12.11
N ASN E 466 -49.33 26.53 -12.36
CA ASN E 466 -49.26 27.08 -13.71
C ASN E 466 -47.94 26.65 -14.34
N TYR E 467 -48.00 25.66 -15.22
CA TYR E 467 -46.81 25.19 -15.93
C TYR E 467 -46.52 25.98 -17.20
N ASN E 468 -47.43 26.85 -17.62
CA ASN E 468 -47.19 27.71 -18.76
C ASN E 468 -46.22 28.84 -18.45
N ALA E 469 -45.88 29.06 -17.18
CA ALA E 469 -45.01 30.15 -16.79
C ALA E 469 -44.25 29.76 -15.54
N CYS E 470 -43.13 30.45 -15.31
CA CYS E 470 -42.33 30.29 -14.10
C CYS E 470 -42.47 31.58 -13.29
N ILE E 471 -43.54 31.65 -12.50
CA ILE E 471 -43.82 32.80 -11.66
C ILE E 471 -44.07 32.31 -10.25
N PHE E 472 -44.23 33.26 -9.33
CA PHE E 472 -44.56 32.91 -7.95
C PHE E 472 -45.97 32.32 -7.87
N ALA E 473 -46.97 33.08 -8.28
CA ALA E 473 -48.35 32.61 -8.34
C ALA E 473 -49.15 33.57 -9.19
N ASP E 474 -50.39 33.17 -9.49
CA ASP E 474 -51.30 34.00 -10.27
C ASP E 474 -52.62 34.15 -9.53
N GLY E 475 -53.36 35.19 -9.87
CA GLY E 475 -54.61 35.46 -9.18
C GLY E 475 -55.66 34.38 -9.39
N GLU E 476 -55.84 33.95 -10.63
CA GLU E 476 -56.85 32.95 -10.93
C GLU E 476 -56.37 31.56 -10.55
N PRO E 477 -57.26 30.70 -10.07
CA PRO E 477 -56.90 29.28 -9.92
C PRO E 477 -56.50 28.67 -11.25
N VAL E 478 -55.53 27.76 -11.20
CA VAL E 478 -55.01 27.18 -12.43
C VAL E 478 -56.05 26.32 -13.14
N THR E 479 -57.03 25.78 -12.41
CA THR E 479 -58.06 24.96 -13.04
C THR E 479 -58.89 25.78 -14.01
N LEU E 480 -59.38 26.94 -13.55
CA LEU E 480 -60.17 27.80 -14.41
C LEU E 480 -59.36 28.33 -15.58
N ARG E 481 -58.10 28.71 -15.33
CA ARG E 481 -57.25 29.23 -16.40
C ARG E 481 -56.99 28.18 -17.47
N PHE E 482 -56.68 26.96 -17.05
CA PHE E 482 -56.39 25.92 -18.05
C PHE E 482 -57.66 25.47 -18.77
N ALA E 483 -58.81 25.47 -18.08
CA ALA E 483 -60.08 25.24 -18.78
C ALA E 483 -60.34 26.34 -19.80
N ASP E 484 -59.99 27.58 -19.46
CA ASP E 484 -60.11 28.69 -20.40
C ASP E 484 -59.25 28.45 -21.64
N LYS E 485 -57.99 28.05 -21.45
CA LYS E 485 -57.11 27.78 -22.58
C LYS E 485 -57.66 26.64 -23.44
N ILE E 486 -58.09 25.55 -22.80
CA ILE E 486 -58.61 24.41 -23.53
C ILE E 486 -59.84 24.81 -24.33
N GLY E 487 -60.75 25.57 -23.72
CA GLY E 487 -61.95 25.99 -24.44
C GLY E 487 -61.65 26.91 -25.61
N GLU E 488 -60.78 27.89 -25.40
CA GLU E 488 -60.48 28.83 -26.47
C GLU E 488 -59.70 28.16 -27.60
N ILE E 489 -59.03 27.04 -27.34
CA ILE E 489 -58.41 26.30 -28.43
C ILE E 489 -59.41 25.39 -29.13
N LEU E 490 -60.25 24.69 -28.36
CA LEU E 490 -61.20 23.75 -28.95
C LEU E 490 -62.34 24.44 -29.67
N THR E 491 -62.60 25.71 -29.39
CA THR E 491 -63.66 26.44 -30.09
C THR E 491 -63.19 27.05 -31.40
N ALA E 492 -61.92 26.87 -31.77
CA ALA E 492 -61.38 27.41 -33.01
C ALA E 492 -61.56 26.48 -34.20
N SER E 493 -62.10 25.29 -33.98
CA SER E 493 -62.33 24.34 -35.07
C SER E 493 -63.47 23.41 -34.68
N THR E 494 -64.06 22.77 -35.69
CA THR E 494 -65.20 21.89 -35.50
C THR E 494 -64.92 20.45 -35.88
N ASP E 495 -63.74 20.13 -36.41
CA ASP E 495 -63.44 18.78 -36.86
C ASP E 495 -62.97 17.86 -35.74
N ILE E 496 -62.78 18.38 -34.52
CA ILE E 496 -62.25 17.58 -33.43
C ILE E 496 -63.36 16.69 -32.87
N LYS E 497 -63.09 15.39 -32.78
CA LYS E 497 -64.04 14.42 -32.27
C LYS E 497 -63.69 13.95 -30.86
N THR E 498 -62.47 13.47 -30.65
CA THR E 498 -61.99 13.02 -29.34
C THR E 498 -60.70 13.73 -29.03
N PRO E 499 -60.78 14.92 -28.41
CA PRO E 499 -59.55 15.67 -28.12
C PRO E 499 -58.73 14.98 -27.05
N PRO E 500 -57.42 15.16 -27.07
CA PRO E 500 -56.58 14.58 -26.01
C PRO E 500 -56.78 15.32 -24.69
N LEU E 501 -56.55 14.58 -23.60
CA LEU E 501 -56.72 15.15 -22.26
C LEU E 501 -55.50 15.91 -21.77
N ALA E 502 -54.31 15.61 -22.30
CA ALA E 502 -53.09 16.21 -21.79
C ALA E 502 -53.03 17.70 -22.11
N PHE E 503 -52.23 18.42 -21.33
CA PHE E 503 -52.15 19.88 -21.45
C PHE E 503 -51.05 20.35 -22.39
N LYS E 504 -50.08 19.50 -22.72
CA LYS E 504 -48.98 19.94 -23.58
C LYS E 504 -49.43 20.15 -25.02
N TYR E 505 -50.58 19.59 -25.41
CA TYR E 505 -51.11 19.79 -26.75
C TYR E 505 -51.93 21.07 -26.89
N TYR E 506 -52.20 21.77 -25.78
CA TYR E 506 -52.93 23.02 -25.82
C TYR E 506 -52.07 24.21 -25.41
N ILE E 507 -51.48 24.16 -24.21
CA ILE E 507 -50.69 25.28 -23.72
C ILE E 507 -49.39 25.39 -24.49
N ARG F 2 -5.00 24.93 6.30
CA ARG F 2 -6.27 24.35 6.71
C ARG F 2 -7.46 25.18 6.24
N ASN F 3 -8.05 24.78 5.12
CA ASN F 3 -9.25 25.43 4.63
C ASN F 3 -10.31 24.46 4.15
N LYS F 4 -10.06 23.16 4.19
CA LYS F 4 -11.00 22.19 3.67
C LYS F 4 -12.13 21.92 4.64
N ILE F 5 -13.29 21.58 4.08
CA ILE F 5 -14.46 21.15 4.83
C ILE F 5 -14.68 19.69 4.50
N PHE F 6 -14.35 18.81 5.44
CA PHE F 6 -14.43 17.37 5.19
C PHE F 6 -15.86 16.89 5.39
N ILE F 7 -16.36 16.09 4.45
CA ILE F 7 -17.71 15.54 4.53
C ILE F 7 -17.61 14.03 4.63
N SER F 8 -18.18 13.46 5.69
CA SER F 8 -18.19 12.03 5.92
C SER F 8 -19.62 11.50 5.81
N HIS F 9 -19.77 10.32 5.21
CA HIS F 9 -21.09 9.77 4.95
C HIS F 9 -20.95 8.29 4.64
N ALA F 10 -22.09 7.62 4.54
CA ALA F 10 -22.15 6.27 4.00
C ALA F 10 -22.15 6.37 2.49
N THR F 11 -21.06 5.91 1.86
CA THR F 11 -20.85 6.18 0.45
C THR F 11 -21.94 5.62 -0.46
N PRO F 12 -22.34 4.36 -0.39
CA PRO F 12 -23.35 3.85 -1.32
C PRO F 12 -24.80 4.05 -0.90
N ASP F 13 -25.06 4.88 0.11
CA ASP F 13 -26.43 5.08 0.60
C ASP F 13 -26.81 6.54 0.78
N ASP F 14 -25.87 7.46 0.93
CA ASP F 14 -26.15 8.87 1.20
C ASP F 14 -25.46 9.76 0.19
N ASN F 15 -25.44 9.35 -1.08
CA ASN F 15 -24.73 10.10 -2.10
C ASN F 15 -25.47 11.35 -2.54
N ASP F 16 -26.81 11.30 -2.59
CA ASP F 16 -27.56 12.43 -3.11
C ASP F 16 -27.37 13.68 -2.27
N PHE F 17 -27.60 13.57 -0.96
CA PHE F 17 -27.44 14.72 -0.08
C PHE F 17 -25.99 15.17 -0.02
N THR F 18 -25.05 14.22 0.01
CA THR F 18 -23.65 14.59 0.09
C THR F 18 -23.21 15.38 -1.14
N ARG F 19 -23.60 14.92 -2.33
CA ARG F 19 -23.26 15.64 -3.55
C ARG F 19 -23.94 17.00 -3.59
N TRP F 20 -25.22 17.06 -3.20
CA TRP F 20 -25.93 18.34 -3.17
C TRP F 20 -25.22 19.33 -2.26
N LEU F 21 -24.91 18.92 -1.03
CA LEU F 21 -24.26 19.81 -0.08
C LEU F 21 -22.87 20.21 -0.54
N ALA F 22 -22.11 19.26 -1.09
CA ALA F 22 -20.76 19.58 -1.55
C ALA F 22 -20.81 20.61 -2.66
N LEU F 23 -21.70 20.43 -3.64
CA LEU F 23 -21.78 21.39 -4.74
C LEU F 23 -22.28 22.74 -4.27
N LYS F 24 -23.25 22.77 -3.35
CA LYS F 24 -23.74 24.04 -2.82
C LYS F 24 -22.66 24.77 -2.05
N LEU F 25 -21.88 24.05 -1.25
CA LEU F 25 -20.81 24.68 -0.47
C LEU F 25 -19.69 25.18 -1.37
N ILE F 26 -19.35 24.41 -2.41
CA ILE F 26 -18.33 24.87 -3.35
C ILE F 26 -18.82 26.11 -4.09
N GLY F 27 -20.11 26.15 -4.43
CA GLY F 27 -20.66 27.31 -5.12
C GLY F 27 -20.72 28.56 -4.26
N LEU F 28 -20.60 28.42 -2.95
CA LEU F 28 -20.65 29.56 -2.03
C LEU F 28 -19.27 30.10 -1.69
N GLY F 29 -18.21 29.58 -2.30
CA GLY F 29 -16.87 30.08 -2.06
C GLY F 29 -16.01 29.25 -1.14
N TYR F 30 -16.50 28.11 -0.66
CA TYR F 30 -15.72 27.27 0.24
C TYR F 30 -14.93 26.23 -0.56
N GLU F 31 -14.16 25.42 0.16
CA GLU F 31 -13.43 24.30 -0.42
C GLU F 31 -13.76 23.06 0.39
N VAL F 32 -14.43 22.10 -0.24
CA VAL F 32 -14.90 20.91 0.45
C VAL F 32 -14.12 19.70 -0.04
N TRP F 33 -14.18 18.63 0.75
CA TRP F 33 -13.53 17.38 0.41
C TRP F 33 -14.46 16.23 0.75
N CYS F 34 -14.86 15.48 -0.27
CA CYS F 34 -15.62 14.24 -0.12
C CYS F 34 -15.02 13.20 -1.06
N ASP F 35 -15.20 11.93 -0.71
CA ASP F 35 -14.61 10.85 -1.49
C ASP F 35 -15.36 10.57 -2.79
N ILE F 36 -16.55 11.14 -2.97
CA ILE F 36 -17.32 10.91 -4.19
C ILE F 36 -17.04 11.96 -5.27
N LEU F 37 -16.29 13.01 -4.94
CA LEU F 37 -15.97 14.06 -5.91
C LEU F 37 -14.49 14.42 -5.97
N PHE F 38 -13.70 14.11 -4.94
CA PHE F 38 -12.32 14.54 -4.89
C PHE F 38 -11.31 13.43 -4.66
N LEU F 39 -11.75 12.22 -4.31
CA LEU F 39 -10.82 11.10 -4.17
C LEU F 39 -10.29 10.71 -5.54
N ASP F 40 -8.97 10.54 -5.62
CA ASP F 40 -8.33 10.21 -6.89
C ASP F 40 -8.45 8.72 -7.19
N LYS F 41 -8.12 8.35 -8.42
CA LYS F 41 -8.16 6.97 -8.86
C LYS F 41 -6.75 6.38 -8.85
N GLY F 42 -6.63 5.16 -8.35
CA GLY F 42 -5.34 4.52 -8.23
C GLY F 42 -4.49 5.01 -7.08
N VAL F 43 -5.10 5.64 -6.08
CA VAL F 43 -4.38 6.14 -4.92
C VAL F 43 -4.76 5.30 -3.70
N ASP F 44 -3.86 5.29 -2.72
CA ASP F 44 -4.13 4.61 -1.45
C ASP F 44 -5.12 5.47 -0.66
N PHE F 45 -6.39 5.07 -0.68
CA PHE F 45 -7.46 5.99 -0.32
C PHE F 45 -7.52 6.24 1.19
N TRP F 46 -7.23 5.22 2.01
CA TRP F 46 -7.36 5.41 3.45
C TRP F 46 -6.27 6.32 3.99
N SER F 47 -5.03 6.16 3.51
CA SER F 47 -3.96 7.06 3.92
C SER F 47 -4.23 8.48 3.46
N ASN F 48 -4.78 8.63 2.24
CA ASN F 48 -5.14 9.95 1.75
C ASN F 48 -6.21 10.60 2.61
N ILE F 49 -7.23 9.83 2.99
CA ILE F 49 -8.29 10.35 3.85
C ILE F 49 -7.74 10.77 5.20
N GLU F 50 -6.87 9.93 5.78
CA GLU F 50 -6.28 10.26 7.07
C GLU F 50 -5.42 11.52 6.98
N LYS F 51 -4.63 11.65 5.92
CA LYS F 51 -3.82 12.84 5.75
C LYS F 51 -4.67 14.08 5.57
N VAL F 52 -5.76 13.97 4.81
CA VAL F 52 -6.66 15.11 4.63
C VAL F 52 -7.26 15.54 5.96
N ILE F 53 -7.73 14.57 6.75
CA ILE F 53 -8.32 14.90 8.05
C ILE F 53 -7.28 15.54 8.96
N ARG F 54 -6.06 15.01 8.97
CA ARG F 54 -5.07 15.46 9.94
C ARG F 54 -4.46 16.80 9.58
N GLU F 55 -4.25 17.07 8.28
CA GLU F 55 -3.48 18.24 7.88
C GLU F 55 -4.24 19.23 7.01
N ASP F 56 -5.50 18.98 6.67
CA ASP F 56 -6.14 19.86 5.71
C ASP F 56 -7.47 20.43 6.18
N THR F 57 -8.26 19.67 6.92
CA THR F 57 -9.62 20.10 7.25
C THR F 57 -9.61 21.08 8.41
N CYS F 58 -10.36 22.17 8.26
CA CYS F 58 -10.64 23.10 9.35
C CYS F 58 -11.99 22.85 9.99
N LYS F 59 -12.91 22.19 9.29
CA LYS F 59 -14.19 21.76 9.83
C LYS F 59 -14.46 20.33 9.37
N PHE F 60 -15.22 19.60 10.17
CA PHE F 60 -15.51 18.19 9.91
C PHE F 60 -17.03 18.00 9.96
N LEU F 61 -17.67 18.06 8.80
CA LEU F 61 -19.11 17.82 8.71
C LEU F 61 -19.35 16.32 8.62
N LEU F 62 -20.28 15.83 9.43
CA LEU F 62 -20.55 14.39 9.52
C LEU F 62 -22.04 14.17 9.28
N VAL F 63 -22.37 13.57 8.13
CA VAL F 63 -23.76 13.30 7.79
C VAL F 63 -24.26 12.13 8.63
N SER F 64 -25.05 12.43 9.66
CA SER F 64 -25.53 11.43 10.61
C SER F 64 -26.93 10.98 10.19
N SER F 65 -27.03 9.73 9.72
CA SER F 65 -28.32 9.17 9.32
C SER F 65 -28.37 7.74 9.84
N SER F 66 -29.43 7.01 9.45
CA SER F 66 -29.57 5.63 9.89
C SER F 66 -28.51 4.72 9.26
N TYR F 67 -28.11 5.01 8.02
CA TYR F 67 -27.14 4.16 7.34
C TYR F 67 -25.75 4.34 7.92
N SER F 68 -25.32 5.58 8.17
CA SER F 68 -23.96 5.88 8.57
C SER F 68 -23.77 5.88 10.09
N ASN F 69 -24.79 5.50 10.85
CA ASN F 69 -24.66 5.48 12.30
C ASN F 69 -23.62 4.45 12.74
N GLN F 70 -23.63 3.26 12.13
CA GLN F 70 -22.73 2.17 12.49
C GLN F 70 -21.98 1.69 11.26
N ARG F 71 -21.45 2.62 10.47
CA ARG F 71 -20.61 2.29 9.32
C ARG F 71 -19.15 2.40 9.73
N GLU F 72 -18.38 1.35 9.42
CA GLU F 72 -17.01 1.26 9.95
C GLU F 72 -16.13 2.39 9.44
N GLY F 73 -16.21 2.70 8.15
CA GLY F 73 -15.38 3.78 7.62
C GLY F 73 -15.71 5.12 8.24
N VAL F 74 -17.01 5.40 8.40
CA VAL F 74 -17.43 6.65 9.01
C VAL F 74 -16.96 6.72 10.47
N LEU F 75 -17.01 5.59 11.18
CA LEU F 75 -16.54 5.55 12.56
C LEU F 75 -15.04 5.80 12.63
N LYS F 76 -14.27 5.22 11.71
CA LYS F 76 -12.83 5.43 11.69
C LYS F 76 -12.49 6.89 11.44
N GLU F 77 -13.17 7.49 10.46
CA GLU F 77 -12.95 8.91 10.16
C GLU F 77 -13.35 9.79 11.33
N LEU F 78 -14.44 9.43 12.02
CA LEU F 78 -14.88 10.18 13.19
C LEU F 78 -13.86 10.09 14.31
N ALA F 79 -13.29 8.90 14.53
CA ALA F 79 -12.28 8.75 15.57
C ALA F 79 -11.04 9.59 15.26
N VAL F 80 -10.59 9.56 14.00
CA VAL F 80 -9.44 10.37 13.62
C VAL F 80 -9.75 11.85 13.78
N ALA F 81 -10.98 12.25 13.43
CA ALA F 81 -11.39 13.63 13.60
C ALA F 81 -11.39 14.03 15.07
N ALA F 82 -11.83 13.13 15.95
CA ALA F 82 -11.82 13.41 17.38
C ALA F 82 -10.39 13.60 17.89
N LYS F 83 -9.47 12.73 17.45
CA LYS F 83 -8.07 12.91 17.86
C LYS F 83 -7.51 14.24 17.36
N VAL F 84 -7.81 14.60 16.11
CA VAL F 84 -7.29 15.86 15.57
C VAL F 84 -7.90 17.06 16.29
N LYS F 85 -9.18 16.96 16.67
CA LYS F 85 -9.81 18.03 17.44
C LYS F 85 -9.16 18.15 18.82
N LYS F 86 -8.84 17.02 19.44
CA LYS F 86 -8.14 17.04 20.72
C LYS F 86 -6.79 17.72 20.59
N GLN F 87 -6.05 17.41 19.52
CA GLN F 87 -4.76 18.08 19.29
C GLN F 87 -4.95 19.57 19.06
N LEU F 88 -5.95 19.95 18.28
CA LEU F 88 -6.14 21.35 17.87
C LEU F 88 -6.82 22.20 18.93
N LYS F 89 -7.37 21.59 19.98
CA LYS F 89 -8.11 22.30 21.02
C LYS F 89 -9.24 23.15 20.44
N ASP F 90 -9.96 22.57 19.49
CA ASP F 90 -11.08 23.23 18.81
C ASP F 90 -12.37 22.51 19.19
N ASP F 91 -13.25 23.22 19.90
CA ASP F 91 -14.48 22.58 20.39
C ASP F 91 -15.49 22.34 19.28
N LYS F 92 -15.51 23.18 18.25
CA LYS F 92 -16.51 23.11 17.18
C LYS F 92 -15.94 22.48 15.92
N PHE F 93 -15.05 21.50 16.06
CA PHE F 93 -14.46 20.84 14.91
C PHE F 93 -15.46 19.94 14.20
N ILE F 94 -16.20 19.15 14.96
CA ILE F 94 -17.10 18.14 14.40
C ILE F 94 -18.52 18.68 14.44
N ILE F 95 -19.15 18.78 13.27
CA ILE F 95 -20.52 19.23 13.16
C ILE F 95 -21.36 18.11 12.56
N PRO F 96 -22.18 17.43 13.35
CA PRO F 96 -23.11 16.45 12.78
C PRO F 96 -24.29 17.13 12.11
N LEU F 97 -24.71 16.54 10.98
CA LEU F 97 -25.85 17.02 10.21
C LEU F 97 -26.90 15.91 10.23
N ALA F 98 -28.02 16.16 10.90
CA ALA F 98 -29.09 15.17 11.03
C ALA F 98 -29.99 15.28 9.81
N ILE F 99 -29.86 14.32 8.89
CA ILE F 99 -30.63 14.31 7.65
C ILE F 99 -31.69 13.23 7.64
N ASP F 100 -31.76 12.40 8.69
CA ASP F 100 -32.69 11.28 8.75
C ASP F 100 -33.64 11.49 9.91
N GLU F 101 -34.94 11.40 9.64
CA GLU F 101 -35.96 11.45 10.67
C GLU F 101 -36.22 10.10 11.30
N GLN F 102 -35.67 9.03 10.76
CA GLN F 102 -35.85 7.68 11.30
C GLN F 102 -34.76 7.30 12.29
N LEU F 103 -33.83 8.20 12.59
CA LEU F 103 -32.79 7.95 13.59
C LEU F 103 -33.25 8.58 14.91
N SER F 104 -33.55 7.73 15.89
CA SER F 104 -33.99 8.21 17.19
C SER F 104 -32.84 8.89 17.93
N TYR F 105 -33.21 9.80 18.84
CA TYR F 105 -32.21 10.49 19.63
C TYR F 105 -31.45 9.54 20.55
N ASP F 106 -32.13 8.48 21.02
CA ASP F 106 -31.49 7.50 21.89
C ASP F 106 -30.70 6.45 21.11
N ASP F 107 -30.74 6.47 19.78
CA ASP F 107 -30.03 5.51 18.95
C ASP F 107 -28.78 6.08 18.30
N ILE F 108 -28.55 7.39 18.40
CA ILE F 108 -27.33 7.98 17.86
C ILE F 108 -26.14 7.49 18.66
N ASN F 109 -25.03 7.23 17.98
CA ASN F 109 -23.83 6.80 18.67
C ASN F 109 -23.32 7.90 19.60
N ILE F 110 -22.79 7.48 20.75
CA ILE F 110 -22.54 8.40 21.85
C ILE F 110 -21.47 9.43 21.51
N ASP F 111 -20.62 9.14 20.52
CA ASP F 111 -19.53 10.06 20.19
C ASP F 111 -20.04 11.41 19.70
N ILE F 112 -21.23 11.45 19.11
CA ILE F 112 -21.80 12.68 18.59
C ILE F 112 -23.14 13.03 19.21
N VAL F 113 -23.57 12.27 20.23
CA VAL F 113 -24.83 12.59 20.91
C VAL F 113 -24.71 13.93 21.61
N ARG F 114 -23.59 14.19 22.28
CA ARG F 114 -23.44 15.42 23.03
C ARG F 114 -23.31 16.64 22.11
N LEU F 115 -22.76 16.46 20.92
CA LEU F 115 -22.52 17.58 20.03
C LEU F 115 -23.84 18.15 19.51
N ASN F 116 -23.85 19.47 19.29
CA ASN F 116 -25.03 20.16 18.79
C ASN F 116 -25.08 20.01 17.28
N ALA F 117 -26.04 19.22 16.79
CA ALA F 117 -26.16 18.94 15.38
C ALA F 117 -26.87 20.09 14.66
N ILE F 118 -27.10 19.90 13.36
CA ILE F 118 -27.84 20.83 12.53
C ILE F 118 -28.98 20.07 11.87
N ASP F 119 -30.19 20.61 11.96
CA ASP F 119 -31.39 19.90 11.52
C ASP F 119 -31.53 20.02 10.01
N PHE F 120 -31.43 18.89 9.31
CA PHE F 120 -31.70 18.80 7.89
C PHE F 120 -32.92 17.97 7.57
N LYS F 121 -33.58 17.39 8.57
CA LYS F 121 -34.71 16.51 8.31
C LYS F 121 -35.89 17.29 7.74
N MET F 122 -36.20 18.45 8.31
CA MET F 122 -37.37 19.20 7.88
C MET F 122 -37.17 19.80 6.49
N SER F 123 -36.01 20.43 6.26
CA SER F 123 -35.77 21.11 5.01
C SER F 123 -34.26 21.28 4.81
N TRP F 124 -33.77 20.89 3.64
CA TRP F 124 -32.33 21.03 3.37
C TRP F 124 -31.91 22.48 3.26
N ALA F 125 -32.82 23.36 2.83
CA ALA F 125 -32.45 24.76 2.67
C ALA F 125 -32.28 25.45 4.02
N ARG F 126 -33.17 25.15 4.98
CA ARG F 126 -33.00 25.68 6.33
C ARG F 126 -31.72 25.13 6.96
N GLY F 127 -31.41 23.86 6.72
CA GLY F 127 -30.16 23.31 7.21
C GLY F 127 -28.94 23.99 6.59
N LEU F 128 -29.02 24.30 5.30
CA LEU F 128 -27.92 25.03 4.65
C LEU F 128 -27.79 26.43 5.22
N LYS F 129 -28.91 27.08 5.53
CA LYS F 129 -28.86 28.38 6.19
C LYS F 129 -28.19 28.27 7.55
N ASP F 130 -28.52 27.24 8.32
CA ASP F 130 -27.89 27.03 9.62
C ASP F 130 -26.40 26.77 9.46
N ILE F 131 -26.01 25.98 8.46
CA ILE F 131 -24.60 25.72 8.19
C ILE F 131 -23.87 27.02 7.88
N LEU F 132 -24.47 27.86 7.03
CA LEU F 132 -23.84 29.13 6.68
C LEU F 132 -23.70 30.03 7.89
N GLU F 133 -24.73 30.08 8.74
CA GLU F 133 -24.65 30.90 9.94
C GLU F 133 -23.56 30.41 10.88
N ALA F 134 -23.47 29.09 11.08
CA ALA F 134 -22.45 28.53 11.95
C ALA F 134 -21.05 28.80 11.40
N PHE F 135 -20.87 28.64 10.08
CA PHE F 135 -19.56 28.89 9.48
C PHE F 135 -19.17 30.35 9.59
N GLU F 136 -20.12 31.26 9.37
CA GLU F 136 -19.83 32.68 9.51
C GLU F 136 -19.48 33.05 10.95
N LYS F 137 -20.20 32.46 11.91
CA LYS F 137 -19.91 32.74 13.32
C LYS F 137 -18.56 32.17 13.73
N GLN F 138 -18.21 30.98 13.21
CA GLN F 138 -16.95 30.33 13.56
C GLN F 138 -15.78 30.84 12.73
N LYS F 139 -16.01 31.78 11.81
CA LYS F 139 -14.96 32.37 10.99
C LYS F 139 -14.20 31.30 10.19
N VAL F 140 -14.94 30.40 9.59
CA VAL F 140 -14.34 29.37 8.72
C VAL F 140 -13.76 30.06 7.49
N PRO F 141 -12.53 29.75 7.08
CA PRO F 141 -11.93 30.42 5.92
C PRO F 141 -12.73 30.18 4.66
N LYS F 142 -12.86 31.21 3.84
CA LYS F 142 -13.60 31.16 2.59
C LYS F 142 -12.90 32.02 1.56
N GLU F 143 -12.76 31.49 0.34
CA GLU F 143 -12.11 32.20 -0.76
C GLU F 143 -13.08 32.24 -1.94
N VAL F 144 -13.69 33.41 -2.17
CA VAL F 144 -14.63 33.57 -3.25
C VAL F 144 -13.88 33.79 -4.57
N ALA F 147 -17.37 35.98 -8.40
CA ALA F 147 -17.43 36.81 -7.20
C ALA F 147 -18.86 37.18 -6.86
N SER F 148 -19.61 37.63 -7.87
CA SER F 148 -21.01 37.98 -7.66
C SER F 148 -21.89 36.75 -7.56
N LYS F 149 -21.52 35.65 -8.21
CA LYS F 149 -22.34 34.44 -8.18
C LYS F 149 -22.48 33.91 -6.76
N SER F 150 -21.37 33.87 -6.01
CA SER F 150 -21.43 33.37 -4.64
C SER F 150 -22.32 34.25 -3.77
N ASN F 151 -22.22 35.57 -3.92
CA ASN F 151 -23.08 36.47 -3.15
C ASN F 151 -24.54 36.29 -3.51
N LEU F 152 -24.84 36.12 -4.80
CA LEU F 152 -26.21 35.92 -5.23
C LEU F 152 -26.78 34.63 -4.67
N LEU F 153 -25.99 33.55 -4.71
CA LEU F 153 -26.46 32.28 -4.16
C LEU F 153 -26.66 32.37 -2.65
N TYR F 154 -25.75 33.05 -1.95
CA TYR F 154 -25.89 33.25 -0.52
C TYR F 154 -27.16 34.03 -0.19
N GLN F 155 -27.43 35.11 -0.93
CA GLN F 155 -28.63 35.89 -0.70
C GLN F 155 -29.89 35.08 -1.00
N GLN F 156 -29.86 34.27 -2.06
CA GLN F 156 -31.00 33.43 -2.37
C GLN F 156 -31.27 32.42 -1.25
N ILE F 157 -30.22 31.79 -0.74
CA ILE F 157 -30.38 30.81 0.33
C ILE F 157 -30.93 31.47 1.57
N PHE F 158 -30.43 32.66 1.92
CA PHE F 158 -30.92 33.34 3.11
C PHE F 158 -32.38 33.78 2.95
N LEU F 159 -32.73 34.33 1.78
CA LEU F 159 -34.04 34.93 1.58
C LEU F 159 -35.12 33.91 1.22
N HIS F 160 -34.76 32.68 0.87
CA HIS F 160 -35.75 31.69 0.43
C HIS F 160 -36.85 31.49 1.48
N ASP F 161 -36.54 31.63 2.76
CA ASP F 161 -37.47 31.32 3.83
C ASP F 161 -38.12 32.57 4.43
N LYS F 162 -37.96 33.73 3.81
CA LYS F 162 -38.56 34.94 4.33
C LYS F 162 -40.08 34.83 4.35
N SER F 163 -40.69 35.32 5.43
CA SER F 163 -42.13 35.18 5.63
C SER F 163 -42.66 36.45 6.29
N VAL F 164 -43.89 36.38 6.77
CA VAL F 164 -44.58 37.53 7.33
C VAL F 164 -44.29 37.63 8.82
N ILE F 165 -44.59 38.80 9.38
CA ILE F 165 -44.48 39.04 10.81
C ILE F 165 -45.87 39.35 11.35
N GLU F 166 -46.10 38.97 12.61
CA GLU F 166 -47.43 39.08 13.22
C GLU F 166 -47.62 40.48 13.82
N LYS F 167 -47.76 41.45 12.92
CA LYS F 167 -48.01 42.84 13.28
C LYS F 167 -49.34 43.28 12.68
N GLU F 168 -50.21 43.83 13.52
CA GLU F 168 -51.52 44.28 13.05
C GLU F 168 -51.37 45.48 12.11
N GLU F 169 -52.32 45.59 11.18
CA GLU F 169 -52.33 46.68 10.22
C GLU F 169 -53.77 47.07 9.93
N ILE F 170 -53.94 48.32 9.48
CA ILE F 170 -55.25 48.88 9.19
C ILE F 170 -55.29 49.23 7.70
N TYR F 171 -56.33 48.75 7.02
CA TYR F 171 -56.53 48.97 5.60
C TYR F 171 -57.77 49.82 5.37
N ASP F 172 -57.66 50.80 4.49
CA ASP F 172 -58.79 51.64 4.08
C ASP F 172 -59.38 51.09 2.79
N SER F 173 -60.69 50.87 2.80
CA SER F 173 -61.39 50.35 1.65
C SER F 173 -62.01 51.50 0.85
N ASN F 174 -62.84 51.16 -0.14
CA ASN F 174 -63.58 52.14 -0.92
C ASN F 174 -65.08 51.99 -0.75
N TRP F 175 -65.53 51.42 0.36
CA TRP F 175 -66.94 51.19 0.63
C TRP F 175 -67.45 52.26 1.58
N LEU F 176 -68.52 52.96 1.18
CA LEU F 176 -69.17 53.95 2.04
C LEU F 176 -70.40 53.30 2.66
N SER F 177 -70.35 53.09 3.97
CA SER F 177 -71.44 52.40 4.65
C SER F 177 -72.67 53.31 4.78
N ILE F 178 -73.79 52.70 5.12
CA ILE F 178 -75.06 53.39 5.32
C ILE F 178 -75.40 53.38 6.80
N LEU F 179 -75.66 54.55 7.35
CA LEU F 179 -75.97 54.66 8.78
C LEU F 179 -77.47 54.62 9.04
N SER F 180 -78.23 55.52 8.42
CA SER F 180 -79.66 55.66 8.68
C SER F 180 -80.44 55.53 7.38
N PHE F 181 -81.49 54.72 7.42
CA PHE F 181 -82.47 54.56 6.36
C PHE F 181 -83.76 55.27 6.73
N PRO F 182 -84.59 55.64 5.75
CA PRO F 182 -85.86 56.29 6.07
C PRO F 182 -86.77 55.39 6.89
N GLU F 183 -87.85 55.99 7.40
CA GLU F 183 -88.76 55.26 8.28
C GLU F 183 -89.39 54.06 7.59
N GLU F 184 -89.86 54.24 6.35
CA GLU F 184 -90.51 53.16 5.63
C GLU F 184 -90.47 53.45 4.15
N LEU F 185 -90.59 52.38 3.35
CA LEU F 185 -90.68 52.48 1.91
C LEU F 185 -92.15 52.70 1.52
N ARG F 186 -92.39 53.68 0.66
CA ARG F 186 -93.74 54.13 0.36
C ARG F 186 -94.21 53.60 -0.99
N PHE F 187 -95.35 52.93 -0.99
CA PHE F 187 -96.02 52.43 -2.19
C PHE F 187 -97.29 53.25 -2.39
N HIS F 188 -97.33 54.03 -3.46
CA HIS F 188 -98.45 54.93 -3.74
C HIS F 188 -99.31 54.31 -4.84
N GLU F 189 -100.55 53.96 -4.50
CA GLU F 189 -101.46 53.30 -5.44
C GLU F 189 -102.33 54.34 -6.16
N TYR F 190 -101.67 55.24 -6.88
CA TYR F 190 -102.39 56.29 -7.58
C TYR F 190 -103.02 55.77 -8.86
N ASN F 191 -102.18 55.36 -9.82
CA ASN F 191 -102.59 54.85 -11.14
C ASN F 191 -103.19 55.97 -11.98
N TRP F 192 -103.42 57.12 -11.38
CA TRP F 192 -103.87 58.33 -12.05
C TRP F 192 -102.65 59.20 -12.36
N MET F 193 -102.88 60.48 -12.70
CA MET F 193 -101.81 61.45 -12.91
C MET F 193 -100.89 61.02 -14.07
N LEU F 194 -101.49 61.03 -15.27
CA LEU F 194 -100.78 60.77 -16.52
C LEU F 194 -100.21 59.35 -16.55
N PRO F 195 -101.11 58.37 -16.43
CA PRO F 195 -100.74 56.95 -16.43
C PRO F 195 -99.68 56.65 -15.38
N LYS F 196 -99.88 57.21 -14.19
CA LYS F 196 -98.98 57.03 -13.05
C LYS F 196 -97.56 57.53 -13.38
N ARG F 197 -97.47 58.80 -13.78
CA ARG F 197 -96.19 59.46 -14.04
C ARG F 197 -95.39 58.71 -15.10
N PHE F 198 -95.93 58.74 -16.33
CA PHE F 198 -95.40 57.94 -17.42
C PHE F 198 -93.94 58.23 -17.71
N ASP F 199 -93.44 59.42 -17.33
CA ASP F 199 -92.05 59.76 -17.57
C ASP F 199 -91.11 58.82 -16.83
N VAL F 200 -91.30 58.69 -15.50
CA VAL F 200 -90.51 57.82 -14.63
C VAL F 200 -89.04 58.22 -14.62
N ARG F 201 -88.66 59.22 -15.43
CA ARG F 201 -87.27 59.60 -15.59
C ARG F 201 -87.06 61.10 -15.52
N GLU F 202 -88.04 61.87 -15.04
CA GLU F 202 -87.91 63.31 -14.97
C GLU F 202 -88.34 63.90 -13.63
N LEU F 203 -88.93 63.11 -12.74
CA LEU F 203 -89.37 63.63 -11.45
C LEU F 203 -88.17 64.05 -10.61
N THR F 204 -88.36 65.10 -9.82
CA THR F 204 -87.27 65.64 -9.01
C THR F 204 -86.81 64.65 -7.94
N PHE F 205 -87.71 63.83 -7.43
CA PHE F 205 -87.34 62.85 -6.42
C PHE F 205 -87.35 61.44 -7.02
N PRO F 206 -86.49 60.54 -6.52
CA PRO F 206 -86.38 59.21 -7.13
C PRO F 206 -87.64 58.39 -6.89
N ALA F 207 -88.15 57.78 -7.96
CA ALA F 207 -89.31 56.92 -7.90
C ALA F 207 -89.43 56.15 -9.21
N VAL F 208 -89.82 54.88 -9.11
CA VAL F 208 -90.07 54.04 -10.26
C VAL F 208 -91.41 53.35 -10.08
N ARG F 209 -92.00 52.93 -11.20
CA ARG F 209 -93.34 52.37 -11.21
C ARG F 209 -93.32 50.87 -10.93
N TYR F 210 -94.16 50.43 -10.00
CA TYR F 210 -94.40 49.02 -9.76
C TYR F 210 -95.62 48.60 -10.60
N LYS F 211 -96.20 47.44 -10.27
CA LYS F 211 -97.36 46.92 -10.99
C LYS F 211 -98.43 48.00 -11.19
N ASN F 212 -98.95 48.52 -10.07
CA ASN F 212 -99.92 49.62 -10.13
C ASN F 212 -99.59 50.69 -9.09
N TYR F 213 -98.35 50.73 -8.61
CA TYR F 213 -97.95 51.60 -7.51
C TYR F 213 -96.65 52.29 -7.89
N LEU F 214 -96.34 53.35 -7.15
CA LEU F 214 -95.07 54.05 -7.26
C LEU F 214 -94.28 53.82 -5.98
N CYS F 215 -93.03 53.39 -6.12
CA CYS F 215 -92.17 53.09 -4.98
C CYS F 215 -91.23 54.26 -4.76
N THR F 216 -91.32 54.88 -3.59
CA THR F 216 -90.46 56.02 -3.28
C THR F 216 -90.41 56.23 -1.78
N PHE F 217 -89.37 56.95 -1.35
CA PHE F 217 -89.25 57.43 0.01
C PHE F 217 -89.78 58.84 0.19
N ALA F 218 -90.14 59.52 -0.89
CA ALA F 218 -90.69 60.87 -0.83
C ALA F 218 -92.20 60.81 -0.61
N TRP F 219 -92.76 61.97 -0.27
CA TRP F 219 -94.19 62.06 0.00
C TRP F 219 -94.98 62.20 -1.30
N ALA F 220 -96.28 61.93 -1.21
CA ALA F 220 -97.17 62.04 -2.36
C ALA F 220 -97.37 63.49 -2.80
N TYR F 221 -97.02 64.47 -1.96
CA TYR F 221 -97.21 65.87 -2.27
C TYR F 221 -95.88 66.56 -2.60
N ASP F 222 -94.91 65.79 -3.11
CA ASP F 222 -93.60 66.34 -3.45
C ASP F 222 -93.30 66.32 -4.94
N PHE F 223 -94.04 65.55 -5.73
CA PHE F 223 -93.88 65.50 -7.18
C PHE F 223 -94.84 66.43 -7.90
N THR F 224 -95.35 67.45 -7.21
CA THR F 224 -96.38 68.29 -7.78
C THR F 224 -95.88 69.13 -8.95
N TYR F 225 -94.58 69.42 -8.99
CA TYR F 225 -94.02 70.23 -10.08
C TYR F 225 -94.18 69.53 -11.42
N HIS F 226 -93.84 68.25 -11.48
CA HIS F 226 -93.98 67.46 -12.69
C HIS F 226 -95.30 66.69 -12.77
N LEU F 227 -96.09 66.70 -11.70
CA LEU F 227 -97.38 66.01 -11.69
C LEU F 227 -98.46 66.88 -11.08
N LYS F 235 -104.30 58.07 4.02
CA LYS F 235 -104.12 58.11 2.57
C LYS F 235 -104.31 56.72 1.96
N SER F 236 -104.26 56.65 0.63
CA SER F 236 -104.47 55.41 -0.10
C SER F 236 -103.18 54.67 -0.38
N LYS F 237 -102.04 55.17 0.12
CA LYS F 237 -100.77 54.48 -0.05
C LYS F 237 -100.74 53.27 0.89
N THR F 238 -100.74 52.08 0.31
CA THR F 238 -100.89 50.85 1.08
C THR F 238 -99.53 50.28 1.48
N ILE F 239 -99.58 49.23 2.31
CA ILE F 239 -98.44 48.43 2.72
C ILE F 239 -97.46 49.26 3.54
N ARG F 240 -96.72 50.15 2.86
CA ARG F 240 -95.74 51.03 3.50
C ARG F 240 -94.77 50.21 4.37
N ILE F 241 -94.00 49.37 3.71
CA ILE F 241 -93.07 48.46 4.41
C ILE F 241 -91.98 49.28 5.09
N PRO F 242 -91.66 49.01 6.35
CA PRO F 242 -90.52 49.69 6.98
C PRO F 242 -89.19 49.20 6.41
N THR F 243 -88.19 50.07 6.47
CA THR F 243 -86.88 49.73 5.92
C THR F 243 -86.13 48.75 6.81
N GLU F 244 -86.21 48.94 8.13
CA GLU F 244 -85.46 48.08 9.05
C GLU F 244 -85.93 46.64 8.98
N GLU F 245 -87.24 46.43 8.91
CA GLU F 245 -87.78 45.07 8.87
C GLU F 245 -87.42 44.37 7.56
N ILE F 246 -87.30 45.11 6.47
CA ILE F 246 -87.05 44.50 5.17
C ILE F 246 -85.56 44.35 4.87
N LEU F 247 -84.70 45.14 5.52
CA LEU F 247 -83.26 44.95 5.37
C LEU F 247 -82.84 43.58 5.88
N SER F 248 -83.42 43.14 7.00
CA SER F 248 -83.17 41.81 7.52
C SER F 248 -83.80 40.71 6.67
N GLY F 249 -84.64 41.07 5.70
CA GLY F 249 -85.27 40.09 4.85
C GLY F 249 -86.27 39.19 5.53
N SER F 250 -87.12 39.75 6.40
CA SER F 250 -88.13 38.99 7.12
C SER F 250 -89.52 39.15 6.51
N TYR F 251 -89.63 39.79 5.34
CA TYR F 251 -90.92 40.02 4.71
C TYR F 251 -91.14 39.07 3.54
N ASP F 252 -92.40 38.79 3.28
CA ASP F 252 -92.81 37.78 2.30
C ASP F 252 -94.15 38.20 1.70
N SER F 253 -94.86 37.22 1.13
CA SER F 253 -96.21 37.31 0.56
C SER F 253 -96.17 37.72 -0.91
N ASN F 254 -97.27 37.44 -1.62
CA ASN F 254 -97.32 37.51 -3.07
C ASN F 254 -97.37 38.93 -3.62
N PHE F 255 -97.54 39.94 -2.76
CA PHE F 255 -97.58 41.31 -3.26
C PHE F 255 -96.26 41.70 -3.92
N ILE F 256 -95.14 41.34 -3.28
CA ILE F 256 -93.82 41.60 -3.84
C ILE F 256 -92.83 40.70 -3.12
N ARG F 257 -91.90 40.14 -3.89
CA ARG F 257 -90.87 39.27 -3.32
C ARG F 257 -89.81 40.10 -2.61
N ASN F 258 -89.19 39.50 -1.60
CA ASN F 258 -88.20 40.19 -0.80
C ASN F 258 -87.00 40.61 -1.64
N ALA F 259 -86.53 39.71 -2.52
CA ALA F 259 -85.41 40.05 -3.40
C ALA F 259 -85.78 41.20 -4.33
N GLU F 260 -87.02 41.19 -4.84
CA GLU F 260 -87.46 42.31 -5.67
C GLU F 260 -87.57 43.60 -4.87
N CYS F 261 -87.93 43.51 -3.59
CA CYS F 261 -87.92 44.69 -2.73
C CYS F 261 -86.51 45.24 -2.59
N LYS F 262 -85.53 44.36 -2.35
CA LYS F 262 -84.15 44.81 -2.24
C LYS F 262 -83.67 45.45 -3.54
N ARG F 263 -84.05 44.86 -4.68
CA ARG F 263 -83.71 45.45 -5.97
C ARG F 263 -84.35 46.84 -6.12
N LEU F 264 -85.61 46.97 -5.71
CA LEU F 264 -86.30 48.25 -5.83
C LEU F 264 -85.61 49.31 -4.99
N ILE F 265 -85.26 48.98 -3.75
CA ILE F 265 -84.65 49.97 -2.89
C ILE F 265 -83.25 50.33 -3.37
N VAL F 266 -82.47 49.35 -3.85
CA VAL F 266 -81.13 49.68 -4.33
C VAL F 266 -81.21 50.52 -5.60
N GLN F 267 -82.21 50.28 -6.46
CA GLN F 267 -82.48 51.19 -7.56
C GLN F 267 -82.78 52.58 -7.05
N LEU F 268 -83.55 52.67 -5.96
CA LEU F 268 -83.88 53.98 -5.41
C LEU F 268 -82.63 54.72 -4.92
N LEU F 269 -81.73 54.03 -4.22
CA LEU F 269 -80.49 54.69 -3.81
C LEU F 269 -79.62 55.08 -5.00
N ASN F 270 -79.57 54.23 -6.03
CA ASN F 270 -78.77 54.58 -7.21
C ASN F 270 -79.32 55.84 -7.88
N LYS F 271 -80.64 55.90 -8.05
CA LYS F 271 -81.26 57.09 -8.65
C LYS F 271 -81.03 58.31 -7.78
N ALA F 272 -81.15 58.16 -6.45
CA ALA F 272 -80.93 59.29 -5.55
C ALA F 272 -79.49 59.78 -5.63
N PHE F 273 -78.52 58.87 -5.69
CA PHE F 273 -77.12 59.26 -5.80
C PHE F 273 -76.86 59.98 -7.10
N GLU F 274 -77.49 59.53 -8.20
CA GLU F 274 -77.33 60.22 -9.46
C GLU F 274 -77.93 61.62 -9.41
N LEU F 275 -79.16 61.74 -8.91
CA LEU F 275 -79.89 63.01 -8.98
C LEU F 275 -79.35 64.03 -7.99
N ARG F 276 -78.89 63.59 -6.81
CA ARG F 276 -78.44 64.53 -5.79
C ARG F 276 -77.23 65.33 -6.27
N MET F 277 -76.20 64.64 -6.75
CA MET F 277 -74.97 65.28 -7.15
C MET F 277 -74.90 65.50 -8.66
N LYS F 278 -75.96 65.18 -9.39
CA LYS F 278 -76.15 65.80 -10.70
C LYS F 278 -76.57 67.26 -10.57
N ASP F 279 -77.09 67.65 -9.41
CA ASP F 279 -77.43 69.03 -9.11
C ASP F 279 -76.26 69.81 -8.52
N LYS F 280 -75.11 69.15 -8.31
CA LYS F 280 -73.92 69.79 -7.77
C LYS F 280 -73.16 70.60 -8.82
N GLU F 281 -73.72 70.73 -10.02
CA GLU F 281 -73.09 71.49 -11.12
C GLU F 281 -71.72 70.92 -11.47
N VAL F 282 -71.65 69.59 -11.57
CA VAL F 282 -70.43 68.89 -11.96
C VAL F 282 -70.76 68.00 -13.14
N GLN F 283 -70.01 68.15 -14.23
CA GLN F 283 -70.25 67.35 -15.42
C GLN F 283 -69.80 65.91 -15.20
N GLU F 284 -70.22 65.03 -16.11
CA GLU F 284 -69.97 63.59 -15.97
C GLU F 284 -69.35 63.04 -17.23
N TYR F 285 -68.99 61.77 -17.17
CA TYR F 285 -68.39 61.04 -18.28
C TYR F 285 -69.19 59.77 -18.52
N GLU F 286 -69.34 59.40 -19.79
CA GLU F 286 -70.12 58.23 -20.18
C GLU F 286 -69.19 57.08 -20.51
N MET F 287 -69.41 55.94 -19.85
CA MET F 287 -68.63 54.73 -20.04
C MET F 287 -69.46 53.69 -20.78
N SER F 288 -68.86 52.49 -20.93
CA SER F 288 -69.56 51.42 -21.64
C SER F 288 -70.77 50.94 -20.87
N ASN F 289 -70.66 50.84 -19.55
CA ASN F 289 -71.76 50.35 -18.71
C ASN F 289 -72.14 51.27 -17.56
N LYS F 290 -71.24 52.14 -17.11
CA LYS F 290 -71.53 53.02 -15.98
C LYS F 290 -71.32 54.47 -16.36
N THR F 291 -71.39 55.36 -15.38
CA THR F 291 -71.12 56.78 -15.58
C THR F 291 -70.18 57.28 -14.49
N ALA F 292 -69.18 58.05 -14.90
CA ALA F 292 -68.20 58.60 -13.99
C ALA F 292 -68.23 60.13 -14.05
N TYR F 293 -67.81 60.75 -12.95
CA TYR F 293 -67.97 62.19 -12.75
C TYR F 293 -66.64 62.77 -12.30
N TRP F 294 -66.12 63.74 -13.04
CA TRP F 294 -64.84 64.36 -12.77
C TRP F 294 -64.99 65.87 -12.59
N LEU F 295 -64.13 66.43 -11.75
CA LEU F 295 -64.15 67.86 -11.48
C LEU F 295 -63.41 68.63 -12.57
N GLU F 296 -63.80 69.89 -12.75
CA GLU F 296 -63.19 70.76 -13.74
C GLU F 296 -61.90 71.38 -13.20
N LYS F 297 -61.13 71.96 -14.13
CA LYS F 297 -59.86 72.58 -13.74
C LYS F 297 -60.08 73.77 -12.82
N GLY F 298 -61.06 74.61 -13.12
CA GLY F 298 -61.32 75.81 -12.35
C GLY F 298 -62.22 75.65 -11.16
N LYS F 299 -62.72 74.44 -10.89
CA LYS F 299 -63.62 74.24 -9.77
C LYS F 299 -62.89 74.29 -8.42
N LEU F 300 -61.59 74.08 -8.41
CA LEU F 300 -60.80 74.01 -7.18
C LEU F 300 -59.72 75.08 -7.20
N GLU F 301 -59.51 75.71 -6.05
CA GLU F 301 -58.53 76.79 -5.89
C GLU F 301 -57.46 76.34 -4.90
N LYS F 302 -56.36 75.81 -5.42
CA LYS F 302 -56.16 75.57 -6.83
C LYS F 302 -55.76 74.13 -7.09
N ASP F 303 -56.76 73.27 -7.21
CA ASP F 303 -56.57 71.84 -7.48
C ASP F 303 -55.63 71.20 -6.47
N LYS F 304 -55.76 71.61 -5.20
CA LYS F 304 -54.93 71.07 -4.13
C LYS F 304 -55.76 70.83 -2.88
N PHE F 305 -56.94 70.24 -3.04
CA PHE F 305 -57.83 69.96 -1.92
C PHE F 305 -57.12 69.13 -0.86
N GLU F 306 -56.91 69.72 0.31
CA GLU F 306 -56.14 69.09 1.39
C GLU F 306 -54.75 68.67 0.94
N LYS F 307 -54.17 69.45 0.01
CA LYS F 307 -52.84 69.19 -0.54
C LYS F 307 -52.75 67.78 -1.13
N THR F 308 -53.66 67.48 -2.06
CA THR F 308 -53.74 66.16 -2.66
C THR F 308 -53.58 66.17 -4.18
N MET F 309 -53.50 67.35 -4.80
CA MET F 309 -53.25 67.48 -6.23
C MET F 309 -54.31 66.74 -7.05
N LEU F 310 -55.55 67.23 -6.94
CA LEU F 310 -56.69 66.52 -7.52
C LEU F 310 -56.61 66.47 -9.04
N VAL F 311 -56.34 67.59 -9.70
CA VAL F 311 -56.36 67.69 -11.15
C VAL F 311 -55.05 68.28 -11.63
N GLY F 312 -54.42 67.63 -12.61
CA GLY F 312 -53.17 68.11 -13.15
C GLY F 312 -53.04 67.90 -14.66
N LYS F 313 -51.82 68.08 -15.18
CA LYS F 313 -51.55 67.94 -16.61
C LYS F 313 -50.29 67.11 -16.80
N GLN F 314 -50.28 66.27 -17.84
CA GLN F 314 -49.12 65.42 -18.10
C GLN F 314 -48.04 66.17 -18.86
N LYS F 315 -48.31 66.54 -20.11
CA LYS F 315 -47.42 67.40 -20.90
C LYS F 315 -48.13 68.66 -21.35
N ASP F 316 -49.26 68.52 -22.05
CA ASP F 316 -50.14 69.64 -22.36
C ASP F 316 -51.60 69.26 -22.22
N LYS F 317 -51.91 68.02 -21.91
CA LYS F 317 -53.28 67.54 -21.73
C LYS F 317 -53.57 67.43 -20.24
N ASN F 318 -54.79 67.80 -19.84
CA ASN F 318 -55.16 67.87 -18.44
C ASN F 318 -55.89 66.60 -18.03
N TRP F 319 -55.40 65.95 -16.99
CA TRP F 319 -56.02 64.76 -16.44
C TRP F 319 -56.85 65.11 -15.22
N HIS F 320 -57.97 64.42 -15.04
CA HIS F 320 -58.89 64.67 -13.95
C HIS F 320 -59.24 63.36 -13.25
N PHE F 321 -59.27 63.41 -11.93
CA PHE F 321 -59.67 62.27 -11.10
C PHE F 321 -61.19 62.22 -11.02
N ALA F 322 -61.75 61.02 -11.23
CA ALA F 322 -63.19 60.86 -11.27
C ALA F 322 -63.62 59.69 -10.40
N ILE F 323 -64.81 59.82 -9.81
CA ILE F 323 -65.40 58.79 -8.96
C ILE F 323 -66.67 58.29 -9.62
N SER F 324 -66.80 56.97 -9.71
CA SER F 324 -68.01 56.32 -10.20
C SER F 324 -68.58 55.46 -9.09
N GLY F 325 -69.78 55.78 -8.63
CA GLY F 325 -70.38 55.13 -7.47
C GLY F 325 -71.57 54.27 -7.85
N ALA F 326 -71.81 53.23 -7.05
CA ALA F 326 -72.95 52.36 -7.23
C ALA F 326 -73.30 51.73 -5.89
N SER F 327 -74.57 51.74 -5.53
CA SER F 327 -75.03 51.21 -4.25
C SER F 327 -75.25 49.72 -4.35
N LYS F 328 -74.92 49.00 -3.28
CA LYS F 328 -75.14 47.56 -3.20
C LYS F 328 -75.58 47.20 -1.79
N LEU F 329 -76.29 46.09 -1.69
CA LEU F 329 -76.87 45.63 -0.43
C LEU F 329 -76.19 44.38 0.13
N TYR F 330 -75.35 43.71 -0.66
CA TYR F 330 -74.67 42.50 -0.21
C TYR F 330 -73.24 42.81 0.18
N PRO F 331 -72.81 42.48 1.40
CA PRO F 331 -73.56 41.79 2.46
C PRO F 331 -74.48 42.73 3.24
N PHE F 332 -74.06 43.98 3.46
CA PHE F 332 -74.84 44.99 4.14
C PHE F 332 -74.77 46.30 3.36
N PRO F 333 -75.83 47.14 3.46
CA PRO F 333 -75.99 48.24 2.49
C PRO F 333 -74.89 49.28 2.52
N VAL F 334 -74.09 49.34 1.45
CA VAL F 334 -73.03 50.32 1.28
C VAL F 334 -73.00 50.77 -0.18
N LEU F 335 -72.07 51.66 -0.48
CA LEU F 335 -71.82 52.13 -1.84
C LEU F 335 -70.38 51.79 -2.21
N MET F 336 -70.22 51.05 -3.31
CA MET F 336 -68.91 50.81 -3.91
C MET F 336 -68.62 51.95 -4.88
N ILE F 337 -67.49 52.63 -4.68
CA ILE F 337 -67.08 53.72 -5.56
C ILE F 337 -65.69 53.41 -6.09
N SER F 338 -65.49 53.62 -7.38
CA SER F 338 -64.25 53.33 -8.07
C SER F 338 -63.66 54.62 -8.63
N SER F 339 -62.34 54.59 -8.84
CA SER F 339 -61.58 55.75 -9.26
C SER F 339 -61.14 55.59 -10.72
N HIS F 340 -61.21 56.69 -11.47
CA HIS F 340 -60.84 56.71 -12.87
C HIS F 340 -60.06 57.99 -13.17
N ILE F 341 -59.36 57.97 -14.29
CA ILE F 341 -58.60 59.12 -14.78
C ILE F 341 -59.11 59.46 -16.17
N PHE F 342 -59.48 60.72 -16.38
CA PHE F 342 -60.00 61.16 -17.68
C PHE F 342 -59.15 62.31 -18.20
N PHE F 343 -58.72 62.20 -19.46
CA PHE F 343 -57.85 63.19 -20.08
C PHE F 343 -58.65 64.05 -21.03
N THR F 344 -58.50 65.37 -20.90
CA THR F 344 -59.13 66.34 -21.79
C THR F 344 -58.09 67.35 -22.23
N ALA F 345 -58.17 67.78 -23.49
CA ALA F 345 -57.20 68.73 -24.02
C ALA F 345 -57.24 70.05 -23.26
N ASP F 346 -58.44 70.55 -22.97
CA ASP F 346 -58.61 71.79 -22.23
C ASP F 346 -59.03 71.49 -20.80
N GLY F 347 -59.17 72.55 -20.00
CA GLY F 347 -59.63 72.38 -18.63
C GLY F 347 -61.06 71.88 -18.54
N LYS F 348 -61.91 72.32 -19.47
CA LYS F 348 -63.31 71.89 -19.53
C LYS F 348 -63.61 71.54 -20.98
N LYS F 349 -63.40 70.28 -21.33
CA LYS F 349 -63.62 69.80 -22.70
C LYS F 349 -63.83 68.28 -22.64
N LEU F 350 -63.78 67.64 -23.80
CA LEU F 350 -63.87 66.18 -23.86
C LEU F 350 -63.21 65.71 -25.15
N ILE F 351 -62.76 64.47 -25.13
CA ILE F 351 -62.09 63.85 -26.27
C ILE F 351 -62.87 62.60 -26.67
N ASP F 352 -63.20 62.50 -27.95
CA ASP F 352 -63.93 61.36 -28.48
C ASP F 352 -63.02 60.22 -28.92
N SER F 353 -61.70 60.39 -28.81
CA SER F 353 -60.75 59.35 -29.18
C SER F 353 -60.58 58.41 -28.00
N SER F 354 -61.28 57.26 -28.05
CA SER F 354 -61.21 56.31 -26.94
C SER F 354 -59.82 55.71 -26.81
N SER F 355 -59.17 55.41 -27.94
CA SER F 355 -57.83 54.81 -27.88
C SER F 355 -56.83 55.75 -27.24
N VAL F 356 -56.85 57.04 -27.63
CA VAL F 356 -55.93 58.01 -27.06
C VAL F 356 -56.19 58.17 -25.56
N GLN F 357 -57.46 58.27 -25.18
CA GLN F 357 -57.80 58.41 -23.77
C GLN F 357 -57.32 57.22 -22.96
N HIS F 358 -57.53 56.00 -23.47
CA HIS F 358 -57.12 54.80 -22.75
C HIS F 358 -55.61 54.72 -22.64
N SER F 359 -54.90 54.98 -23.74
CA SER F 359 -53.43 54.91 -23.70
C SER F 359 -52.85 55.94 -22.74
N SER F 360 -53.38 57.16 -22.77
CA SER F 360 -52.85 58.19 -21.87
C SER F 360 -53.23 57.90 -20.42
N ARG F 361 -54.40 57.31 -20.19
CA ARG F 361 -54.77 56.89 -18.84
C ARG F 361 -53.81 55.84 -18.32
N ARG F 362 -53.47 54.85 -19.15
CA ARG F 362 -52.52 53.82 -18.72
C ARG F 362 -51.14 54.39 -18.49
N ARG F 363 -50.75 55.40 -19.30
CA ARG F 363 -49.48 56.06 -19.07
C ARG F 363 -49.47 56.84 -17.76
N GLN F 364 -50.59 57.50 -17.44
CA GLN F 364 -50.68 58.28 -16.21
C GLN F 364 -50.72 57.39 -14.97
N GLY F 365 -51.35 56.22 -15.08
CA GLY F 365 -51.51 55.35 -13.93
C GLY F 365 -50.30 54.51 -13.57
N LYS F 366 -49.19 54.66 -14.29
CA LYS F 366 -48.01 53.83 -14.07
C LYS F 366 -47.09 54.37 -12.98
N ASN F 367 -47.33 55.59 -12.47
CA ASN F 367 -46.45 56.21 -11.49
C ASN F 367 -47.27 56.87 -10.38
N TRP F 368 -48.29 56.18 -9.89
CA TRP F 368 -49.14 56.70 -8.82
C TRP F 368 -49.03 55.90 -7.53
N TRP F 369 -49.27 54.58 -7.61
CA TRP F 369 -49.13 53.66 -6.48
C TRP F 369 -50.21 53.84 -5.41
N ASN F 370 -50.14 52.97 -4.40
CA ASN F 370 -51.22 52.84 -3.42
C ASN F 370 -51.42 54.14 -2.65
N ASN F 371 -50.33 54.78 -2.23
CA ASN F 371 -50.46 55.98 -1.41
C ASN F 371 -51.18 57.10 -2.15
N THR F 372 -50.77 57.35 -3.40
CA THR F 372 -51.43 58.40 -4.19
C THR F 372 -52.88 58.03 -4.48
N TRP F 373 -53.14 56.77 -4.82
CA TRP F 373 -54.51 56.36 -5.08
C TRP F 373 -55.40 56.59 -3.87
N ARG F 374 -54.95 56.15 -2.69
CA ARG F 374 -55.75 56.31 -1.48
C ARG F 374 -55.92 57.78 -1.11
N THR F 375 -54.86 58.57 -1.24
CA THR F 375 -54.94 59.99 -0.90
C THR F 375 -55.95 60.71 -1.78
N LYS F 376 -55.87 60.48 -3.10
CA LYS F 376 -56.79 61.15 -4.00
C LYS F 376 -58.22 60.66 -3.80
N LEU F 377 -58.40 59.36 -3.57
CA LEU F 377 -59.74 58.83 -3.31
C LEU F 377 -60.35 59.47 -2.06
N LEU F 378 -59.56 59.53 -0.98
CA LEU F 378 -60.06 60.12 0.26
C LEU F 378 -60.34 61.60 0.09
N ALA F 379 -59.49 62.33 -0.64
CA ALA F 379 -59.74 63.74 -0.87
C ALA F 379 -61.03 63.95 -1.65
N PHE F 380 -61.24 63.16 -2.71
CA PHE F 380 -62.47 63.29 -3.49
C PHE F 380 -63.69 62.97 -2.65
N ILE F 381 -63.61 61.93 -1.81
CA ILE F 381 -64.77 61.57 -1.00
C ILE F 381 -65.00 62.56 0.14
N LYS F 382 -63.95 63.27 0.58
CA LYS F 382 -64.14 64.31 1.59
C LYS F 382 -64.73 65.57 0.98
N TYR F 383 -64.34 65.91 -0.25
CA TYR F 383 -64.88 67.10 -0.89
C TYR F 383 -66.36 66.95 -1.19
N LEU F 384 -66.81 65.74 -1.53
CA LEU F 384 -68.22 65.49 -1.81
C LEU F 384 -69.08 65.53 -0.56
N SER F 385 -68.49 65.57 0.63
CA SER F 385 -69.25 65.57 1.86
C SER F 385 -69.99 66.89 2.04
N ASP F 386 -71.02 66.87 2.88
CA ASP F 386 -71.83 68.04 3.16
C ASP F 386 -71.80 68.45 4.63
N ASP F 387 -71.13 67.71 5.49
CA ASP F 387 -71.01 68.06 6.90
C ASP F 387 -69.67 67.57 7.41
N ASP F 388 -69.53 67.52 8.74
CA ASP F 388 -68.23 67.18 9.33
C ASP F 388 -67.82 65.75 9.02
N THR F 389 -68.76 64.80 9.11
CA THR F 389 -68.37 63.39 9.03
C THR F 389 -69.32 62.55 8.16
N SER F 390 -70.10 63.18 7.29
CA SER F 390 -71.02 62.43 6.41
C SER F 390 -71.54 63.39 5.35
N PHE F 391 -72.47 62.89 4.53
CA PHE F 391 -73.25 63.74 3.64
C PHE F 391 -74.59 63.05 3.38
N TYR F 392 -75.60 63.86 3.11
CA TYR F 392 -76.97 63.37 3.06
C TYR F 392 -77.50 63.37 1.63
N LEU F 393 -78.28 62.34 1.32
CA LEU F 393 -79.05 62.23 0.08
C LEU F 393 -80.51 62.53 0.39
N GLU F 394 -81.19 63.23 -0.53
CA GLU F 394 -82.55 63.67 -0.31
C GLU F 394 -83.53 62.89 -1.20
N MET F 395 -84.55 62.32 -0.58
CA MET F 395 -85.66 61.72 -1.32
C MET F 395 -86.91 62.56 -1.13
N GLU F 398 -89.05 64.02 1.08
CA GLU F 398 -88.70 64.97 2.14
C GLU F 398 -87.83 64.30 3.20
N GLU F 399 -87.38 63.09 2.90
CA GLU F 399 -86.55 62.32 3.82
C GLU F 399 -85.08 62.41 3.39
N LYS F 400 -84.20 62.00 4.30
CA LYS F 400 -82.78 62.06 4.05
C LYS F 400 -82.11 60.76 4.48
N VAL F 401 -81.08 60.37 3.74
CA VAL F 401 -80.25 59.21 4.06
C VAL F 401 -78.81 59.68 4.25
N PHE F 402 -78.23 59.38 5.40
CA PHE F 402 -76.88 59.83 5.72
C PHE F 402 -75.88 58.76 5.30
N VAL F 403 -74.90 59.15 4.50
CA VAL F 403 -73.83 58.28 4.04
C VAL F 403 -72.52 58.80 4.61
N SER F 404 -71.78 57.93 5.30
CA SER F 404 -70.53 58.34 5.90
C SER F 404 -69.50 58.67 4.83
N ASN F 405 -68.73 59.73 5.07
CA ASN F 405 -67.67 60.11 4.16
C ASN F 405 -66.36 59.36 4.42
N GLU F 406 -66.27 58.63 5.53
CA GLU F 406 -65.09 57.85 5.84
C GLU F 406 -65.32 56.40 5.48
N PRO F 407 -64.55 55.84 4.55
CA PRO F 407 -64.75 54.42 4.18
C PRO F 407 -64.44 53.50 5.34
N VAL F 408 -65.11 52.34 5.35
CA VAL F 408 -64.91 51.38 6.42
C VAL F 408 -63.47 50.88 6.41
N LYS F 409 -63.03 50.40 7.57
CA LYS F 409 -61.65 49.97 7.76
C LYS F 409 -61.59 48.47 8.04
N PHE F 410 -60.45 47.87 7.70
CA PHE F 410 -60.21 46.45 7.91
C PHE F 410 -58.96 46.28 8.76
N LYS F 411 -58.96 45.26 9.60
CA LYS F 411 -57.85 45.00 10.52
C LYS F 411 -57.23 43.64 10.19
N GLY F 412 -55.91 43.63 10.03
CA GLY F 412 -55.18 42.42 9.76
C GLY F 412 -54.18 42.13 10.86
N ASN F 413 -53.91 40.84 11.07
CA ASN F 413 -53.01 40.41 12.14
C ASN F 413 -51.57 40.20 11.69
N VAL F 414 -51.29 40.30 10.39
CA VAL F 414 -49.95 40.08 9.87
C VAL F 414 -49.62 41.18 8.87
N SER F 415 -48.32 41.44 8.72
CA SER F 415 -47.83 42.47 7.82
C SER F 415 -46.35 42.20 7.55
N TYR F 416 -45.68 43.20 6.96
CA TYR F 416 -44.27 43.12 6.62
C TYR F 416 -43.57 44.39 7.09
N ASN F 417 -42.28 44.48 6.80
CA ASN F 417 -41.45 45.61 7.23
C ASN F 417 -40.63 46.14 6.06
N ILE F 418 -41.28 46.30 4.91
CA ILE F 418 -40.65 46.85 3.71
C ILE F 418 -39.39 46.06 3.33
N ASN G 3 5.45 8.30 -22.29
CA ASN G 3 4.08 8.79 -22.39
C ASN G 3 3.11 7.67 -22.73
N LYS G 4 3.59 6.43 -22.64
CA LYS G 4 2.76 5.28 -22.98
C LYS G 4 1.84 4.93 -21.81
N ILE G 5 0.87 4.07 -22.10
CA ILE G 5 -0.07 3.57 -21.10
C ILE G 5 -0.02 2.04 -21.17
N PHE G 6 0.39 1.42 -20.06
CA PHE G 6 0.57 -0.03 -20.02
C PHE G 6 -0.67 -0.68 -19.46
N ILE G 7 -1.18 -1.68 -20.17
CA ILE G 7 -2.34 -2.45 -19.75
C ILE G 7 -1.90 -3.88 -19.48
N SER G 8 -2.09 -4.33 -18.24
CA SER G 8 -1.70 -5.66 -17.81
C SER G 8 -2.94 -6.51 -17.59
N HIS G 9 -2.94 -7.72 -18.15
CA HIS G 9 -4.12 -8.57 -18.13
C HIS G 9 -3.71 -10.02 -18.30
N ALA G 10 -4.65 -10.92 -18.02
CA ALA G 10 -4.49 -12.30 -18.41
C ALA G 10 -4.64 -12.40 -19.92
N THR G 11 -3.66 -13.01 -20.59
CA THR G 11 -3.56 -12.89 -22.04
C THR G 11 -4.75 -13.48 -22.79
N PRO G 12 -5.17 -14.74 -22.55
CA PRO G 12 -6.24 -15.29 -23.40
C PRO G 12 -7.63 -15.16 -22.82
N ASP G 13 -7.75 -14.73 -21.56
CA ASP G 13 -9.03 -14.74 -20.87
C ASP G 13 -9.72 -13.38 -20.85
N ASP G 14 -8.97 -12.30 -20.66
CA ASP G 14 -9.53 -10.94 -20.61
C ASP G 14 -9.30 -10.20 -21.92
N ASN G 15 -9.34 -10.91 -23.05
CA ASN G 15 -8.98 -10.30 -24.32
C ASN G 15 -10.05 -9.36 -24.85
N ASP G 16 -11.34 -9.66 -24.62
CA ASP G 16 -12.40 -8.82 -25.16
C ASP G 16 -12.35 -7.42 -24.56
N PHE G 17 -12.34 -7.33 -23.23
CA PHE G 17 -12.31 -6.03 -22.58
C PHE G 17 -11.01 -5.29 -22.86
N THR G 18 -9.88 -6.02 -22.90
CA THR G 18 -8.60 -5.37 -23.16
C THR G 18 -8.55 -4.79 -24.57
N ARG G 19 -9.04 -5.54 -25.56
CA ARG G 19 -9.09 -5.02 -26.93
C ARG G 19 -10.01 -3.81 -27.01
N TRP G 20 -11.19 -3.91 -26.39
CA TRP G 20 -12.13 -2.79 -26.40
C TRP G 20 -11.50 -1.53 -25.81
N LEU G 21 -10.93 -1.65 -24.60
CA LEU G 21 -10.36 -0.49 -23.93
C LEU G 21 -9.15 0.06 -24.68
N ALA G 22 -8.28 -0.83 -25.18
CA ALA G 22 -7.10 -0.37 -25.90
C ALA G 22 -7.48 0.41 -27.15
N LEU G 23 -8.44 -0.13 -27.92
CA LEU G 23 -8.85 0.57 -29.14
C LEU G 23 -9.57 1.88 -28.81
N LYS G 24 -10.38 1.89 -27.75
CA LYS G 24 -11.05 3.13 -27.37
C LYS G 24 -10.04 4.20 -26.96
N LEU G 25 -9.03 3.81 -26.18
CA LEU G 25 -8.02 4.78 -25.75
C LEU G 25 -7.17 5.25 -26.93
N ILE G 26 -6.85 4.36 -27.86
CA ILE G 26 -6.09 4.76 -29.04
C ILE G 26 -6.89 5.75 -29.87
N GLY G 27 -8.19 5.49 -30.04
CA GLY G 27 -9.03 6.40 -30.79
C GLY G 27 -9.22 7.76 -30.14
N LEU G 28 -8.93 7.86 -28.85
CA LEU G 28 -9.08 9.12 -28.11
C LEU G 28 -7.78 9.93 -28.05
N GLY G 29 -6.69 9.43 -28.62
CA GLY G 29 -5.46 10.16 -28.65
C GLY G 29 -4.42 9.79 -27.60
N TYR G 30 -4.38 8.53 -27.18
CA TYR G 30 -3.42 8.06 -26.20
C TYR G 30 -2.52 7.01 -26.82
N GLU G 31 -1.28 6.94 -26.30
CA GLU G 31 -0.34 5.89 -26.69
C GLU G 31 -0.51 4.72 -25.74
N VAL G 32 -0.98 3.60 -26.26
CA VAL G 32 -1.31 2.42 -25.44
C VAL G 32 -0.35 1.30 -25.80
N TRP G 33 0.26 0.71 -24.77
CA TRP G 33 1.12 -0.45 -24.94
C TRP G 33 0.41 -1.66 -24.34
N CYS G 34 -0.03 -2.57 -25.20
CA CYS G 34 -0.65 -3.82 -24.79
C CYS G 34 -0.06 -4.96 -25.60
N ASP G 35 0.08 -6.12 -24.95
CA ASP G 35 0.70 -7.27 -25.60
C ASP G 35 -0.16 -7.86 -26.70
N ILE G 36 -1.44 -7.48 -26.80
CA ILE G 36 -2.28 -7.94 -27.90
C ILE G 36 -2.25 -6.98 -29.08
N LEU G 37 -1.64 -5.81 -28.93
CA LEU G 37 -1.49 -4.84 -30.01
C LEU G 37 -0.23 -5.08 -30.83
N PHE G 38 0.33 -6.28 -30.78
CA PHE G 38 1.54 -6.62 -31.52
C PHE G 38 1.34 -8.01 -32.12
N LEU G 39 1.07 -8.06 -33.43
CA LEU G 39 0.78 -9.35 -34.06
C LEU G 39 2.01 -10.25 -34.08
N ASP G 40 3.20 -9.68 -34.32
CA ASP G 40 4.44 -10.44 -34.35
C ASP G 40 5.25 -10.08 -33.12
N LYS G 41 5.64 -11.10 -32.35
CA LYS G 41 6.39 -10.91 -31.11
C LYS G 41 7.87 -11.12 -31.35
N GLY G 42 8.68 -10.19 -30.85
CA GLY G 42 10.12 -10.28 -30.98
C GLY G 42 10.73 -11.27 -30.00
N VAL G 43 12.04 -11.45 -30.13
CA VAL G 43 12.76 -12.40 -29.29
C VAL G 43 12.73 -11.94 -27.84
N ASP G 44 13.00 -10.65 -27.60
CA ASP G 44 13.05 -10.10 -26.25
C ASP G 44 11.66 -9.58 -25.88
N PHE G 45 10.94 -10.37 -25.09
CA PHE G 45 9.61 -9.97 -24.62
C PHE G 45 9.63 -9.43 -23.20
N TRP G 46 10.10 -10.24 -22.24
CA TRP G 46 10.08 -9.83 -20.84
C TRP G 46 11.04 -8.67 -20.58
N SER G 47 12.23 -8.72 -21.17
CA SER G 47 13.17 -7.62 -21.03
C SER G 47 12.60 -6.34 -21.65
N ASN G 48 11.98 -6.46 -22.82
CA ASN G 48 11.35 -5.31 -23.45
C ASN G 48 10.17 -4.81 -22.63
N ILE G 49 9.41 -5.72 -22.02
CA ILE G 49 8.29 -5.31 -21.18
C ILE G 49 8.79 -4.51 -19.98
N GLU G 50 9.86 -4.99 -19.33
CA GLU G 50 10.41 -4.28 -18.19
C GLU G 50 10.98 -2.92 -18.61
N LYS G 51 11.64 -2.88 -19.77
CA LYS G 51 12.14 -1.60 -20.27
C LYS G 51 11.01 -0.63 -20.55
N VAL G 52 9.90 -1.11 -21.12
CA VAL G 52 8.74 -0.27 -21.37
C VAL G 52 8.18 0.28 -20.07
N ILE G 53 8.03 -0.59 -19.07
CA ILE G 53 7.47 -0.14 -17.79
C ILE G 53 8.39 0.89 -17.13
N ARG G 54 9.70 0.64 -17.15
CA ARG G 54 10.62 1.50 -16.43
C ARG G 54 10.88 2.83 -17.13
N GLU G 55 10.85 2.84 -18.48
CA GLU G 55 11.31 4.01 -19.22
C GLU G 55 10.24 4.73 -20.00
N ASP G 56 9.10 4.10 -20.28
CA ASP G 56 8.12 4.68 -21.20
C ASP G 56 6.80 5.03 -20.54
N THR G 57 6.18 4.10 -19.83
CA THR G 57 4.81 4.29 -19.37
C THR G 57 4.70 5.41 -18.35
N CYS G 58 3.58 6.14 -18.40
CA CYS G 58 3.23 7.13 -17.39
C CYS G 58 2.06 6.69 -16.53
N LYS G 59 1.27 5.71 -16.98
CA LYS G 59 0.22 5.11 -16.17
C LYS G 59 0.29 3.60 -16.36
N PHE G 60 -0.21 2.88 -15.37
CA PHE G 60 -0.20 1.41 -15.37
C PHE G 60 -1.62 0.94 -15.05
N LEU G 61 -2.39 0.65 -16.10
CA LEU G 61 -3.74 0.14 -15.90
C LEU G 61 -3.68 -1.38 -15.73
N LEU G 62 -4.23 -1.88 -14.63
CA LEU G 62 -4.27 -3.30 -14.33
C LEU G 62 -5.71 -3.79 -14.47
N VAL G 63 -5.91 -4.78 -15.33
CA VAL G 63 -7.23 -5.38 -15.53
C VAL G 63 -7.46 -6.41 -14.44
N SER G 64 -8.07 -5.98 -13.34
CA SER G 64 -8.24 -6.84 -12.17
C SER G 64 -9.45 -7.74 -12.38
N SER G 65 -9.21 -9.03 -12.60
CA SER G 65 -10.27 -10.01 -12.78
C SER G 65 -9.90 -11.26 -11.99
N SER G 66 -10.68 -12.33 -12.17
CA SER G 66 -10.39 -13.57 -11.48
C SER G 66 -9.20 -14.30 -12.10
N TYR G 67 -9.05 -14.20 -13.42
CA TYR G 67 -7.91 -14.84 -14.09
C TYR G 67 -6.62 -14.08 -13.83
N SER G 68 -6.70 -12.75 -13.69
CA SER G 68 -5.52 -11.92 -13.50
C SER G 68 -5.17 -11.71 -12.03
N ASN G 69 -5.87 -12.38 -11.12
CA ASN G 69 -5.61 -12.16 -9.70
C ASN G 69 -4.25 -12.73 -9.28
N GLN G 70 -3.95 -13.96 -9.70
CA GLN G 70 -2.72 -14.65 -9.30
C GLN G 70 -2.01 -15.21 -10.51
N ARG G 71 -1.85 -14.38 -11.55
CA ARG G 71 -1.11 -14.77 -12.74
C ARG G 71 0.32 -14.28 -12.62
N GLU G 72 1.29 -15.16 -12.91
CA GLU G 72 2.69 -14.88 -12.63
C GLU G 72 3.18 -13.65 -13.39
N GLY G 73 2.87 -13.59 -14.69
CA GLY G 73 3.31 -12.44 -15.47
C GLY G 73 2.70 -11.13 -15.01
N VAL G 74 1.40 -11.16 -14.68
CA VAL G 74 0.73 -9.97 -14.19
C VAL G 74 1.34 -9.52 -12.87
N LEU G 75 1.64 -10.47 -11.98
CA LEU G 75 2.24 -10.13 -10.69
C LEU G 75 3.64 -9.56 -10.86
N LYS G 76 4.43 -10.13 -11.77
CA LYS G 76 5.77 -9.60 -12.02
C LYS G 76 5.70 -8.18 -12.56
N GLU G 77 4.80 -7.94 -13.52
CA GLU G 77 4.63 -6.59 -14.03
C GLU G 77 4.14 -5.64 -12.93
N LEU G 78 3.28 -6.13 -12.04
CA LEU G 78 2.80 -5.32 -10.93
C LEU G 78 3.94 -4.93 -10.01
N ALA G 79 4.84 -5.87 -9.70
CA ALA G 79 5.98 -5.56 -8.84
C ALA G 79 6.90 -4.54 -9.50
N VAL G 80 7.19 -4.73 -10.78
CA VAL G 80 8.05 -3.78 -11.49
C VAL G 80 7.38 -2.41 -11.54
N ALA G 81 6.07 -2.37 -11.72
CA ALA G 81 5.36 -1.09 -11.77
C ALA G 81 5.33 -0.43 -10.40
N ALA G 82 5.24 -1.21 -9.33
CA ALA G 82 5.31 -0.64 -7.99
C ALA G 82 6.69 -0.03 -7.72
N LYS G 83 7.74 -0.72 -8.14
CA LYS G 83 9.09 -0.16 -8.01
C LYS G 83 9.22 1.13 -8.83
N VAL G 84 8.66 1.15 -10.05
CA VAL G 84 8.73 2.35 -10.89
C VAL G 84 7.94 3.50 -10.25
N LYS G 85 6.77 3.19 -9.69
CA LYS G 85 5.98 4.22 -9.02
C LYS G 85 6.73 4.80 -7.83
N LYS G 86 7.41 3.93 -7.07
CA LYS G 86 8.25 4.43 -5.97
C LYS G 86 9.36 5.32 -6.51
N GLN G 87 9.95 4.95 -7.65
CA GLN G 87 11.04 5.75 -8.21
C GLN G 87 10.56 7.13 -8.66
N LEU G 88 9.41 7.19 -9.34
CA LEU G 88 8.93 8.48 -9.86
C LEU G 88 8.19 9.31 -8.83
N LYS G 89 7.99 8.81 -7.61
CA LYS G 89 7.30 9.54 -6.55
C LYS G 89 5.90 9.97 -6.99
N ASP G 90 5.22 9.08 -7.71
CA ASP G 90 3.85 9.31 -8.16
C ASP G 90 2.93 8.31 -7.46
N ASP G 91 1.93 8.83 -6.74
CA ASP G 91 1.08 7.97 -5.92
C ASP G 91 0.08 7.18 -6.77
N LYS G 92 -0.35 7.72 -7.91
CA LYS G 92 -1.41 7.14 -8.71
C LYS G 92 -0.88 6.53 -10.01
N PHE G 93 0.34 5.99 -9.97
CA PHE G 93 0.91 5.36 -11.16
C PHE G 93 0.13 4.11 -11.56
N ILE G 94 -0.28 3.31 -10.59
CA ILE G 94 -1.03 2.08 -10.84
C ILE G 94 -2.51 2.35 -10.60
N ILE G 95 -3.32 2.09 -11.62
CA ILE G 95 -4.76 2.28 -11.56
C ILE G 95 -5.43 0.97 -11.92
N PRO G 96 -5.84 0.17 -10.93
CA PRO G 96 -6.53 -1.08 -11.22
C PRO G 96 -7.93 -0.84 -11.76
N LEU G 97 -8.41 -1.79 -12.56
CA LEU G 97 -9.74 -1.74 -13.15
C LEU G 97 -10.48 -3.04 -12.78
N ALA G 98 -11.52 -2.91 -11.97
CA ALA G 98 -12.31 -4.06 -11.53
C ALA G 98 -13.35 -4.37 -12.59
N ILE G 99 -13.19 -5.50 -13.27
CA ILE G 99 -14.08 -5.88 -14.36
C ILE G 99 -14.82 -7.18 -14.11
N ASP G 100 -14.47 -7.94 -13.08
CA ASP G 100 -15.02 -9.27 -12.86
C ASP G 100 -15.91 -9.26 -11.63
N GLU G 101 -17.16 -9.69 -11.79
CA GLU G 101 -18.09 -9.79 -10.67
C GLU G 101 -17.84 -11.02 -9.82
N GLN G 102 -17.15 -12.03 -10.34
CA GLN G 102 -16.85 -13.22 -9.56
C GLN G 102 -15.76 -12.96 -8.51
N LEU G 103 -14.94 -11.93 -8.72
CA LEU G 103 -13.89 -11.59 -7.77
C LEU G 103 -14.42 -10.56 -6.79
N SER G 104 -14.52 -10.95 -5.53
CA SER G 104 -14.99 -10.03 -4.49
C SER G 104 -13.94 -8.95 -4.25
N TYR G 105 -14.40 -7.81 -3.72
CA TYR G 105 -13.50 -6.71 -3.43
C TYR G 105 -12.57 -7.00 -2.24
N ASP G 106 -12.81 -8.08 -1.51
CA ASP G 106 -11.96 -8.47 -0.40
C ASP G 106 -10.97 -9.57 -0.75
N ASP G 107 -11.04 -10.10 -1.98
CA ASP G 107 -10.14 -11.19 -2.41
C ASP G 107 -9.03 -10.70 -3.33
N ILE G 108 -8.92 -9.39 -3.54
CA ILE G 108 -7.85 -8.86 -4.36
C ILE G 108 -6.51 -9.07 -3.65
N ASN G 109 -5.45 -9.22 -4.44
CA ASN G 109 -4.14 -9.54 -3.90
C ASN G 109 -3.56 -8.35 -3.14
N ILE G 110 -2.43 -8.59 -2.45
CA ILE G 110 -1.82 -7.59 -1.60
C ILE G 110 -1.40 -6.37 -2.42
N ASP G 111 -0.91 -6.60 -3.64
CA ASP G 111 -0.31 -5.52 -4.42
C ASP G 111 -1.28 -4.38 -4.68
N ILE G 112 -2.57 -4.68 -4.82
CA ILE G 112 -3.55 -3.64 -5.14
C ILE G 112 -4.70 -3.66 -4.15
N VAL G 113 -4.48 -4.22 -2.95
CA VAL G 113 -5.54 -4.25 -1.95
C VAL G 113 -5.75 -2.90 -1.30
N ARG G 114 -4.78 -1.99 -1.41
CA ARG G 114 -4.86 -0.67 -0.78
C ARG G 114 -5.19 0.45 -1.76
N LEU G 115 -5.48 0.13 -3.01
CA LEU G 115 -5.58 1.13 -4.06
C LEU G 115 -7.04 1.40 -4.42
N ASN G 116 -7.29 2.63 -4.88
CA ASN G 116 -8.62 3.05 -5.31
C ASN G 116 -8.84 2.57 -6.75
N ALA G 117 -9.74 1.62 -6.93
CA ALA G 117 -9.98 1.01 -8.22
C ALA G 117 -11.08 1.73 -8.98
N ILE G 118 -11.24 1.36 -10.24
CA ILE G 118 -12.31 1.86 -11.10
C ILE G 118 -13.25 0.71 -11.43
N ASP G 119 -14.55 0.93 -11.22
CA ASP G 119 -15.53 -0.14 -11.31
C ASP G 119 -16.05 -0.27 -12.74
N PHE G 120 -15.76 -1.41 -13.37
CA PHE G 120 -16.30 -1.75 -14.69
C PHE G 120 -17.34 -2.85 -14.62
N LYS G 121 -17.72 -3.29 -13.42
CA LYS G 121 -18.64 -4.42 -13.30
C LYS G 121 -20.03 -4.06 -13.79
N MET G 122 -20.58 -2.93 -13.32
CA MET G 122 -21.95 -2.57 -13.67
C MET G 122 -22.04 -2.00 -15.08
N SER G 123 -21.05 -1.24 -15.52
CA SER G 123 -21.12 -0.57 -16.80
C SER G 123 -19.71 -0.28 -17.31
N TRP G 124 -19.45 -0.65 -18.57
CA TRP G 124 -18.17 -0.33 -19.19
C TRP G 124 -18.07 1.14 -19.58
N ALA G 125 -19.20 1.75 -19.98
CA ALA G 125 -19.19 3.16 -20.34
C ALA G 125 -18.86 4.04 -19.15
N ARG G 126 -19.45 3.74 -17.99
CA ARG G 126 -19.14 4.50 -16.79
C ARG G 126 -17.68 4.36 -16.40
N GLY G 127 -17.14 3.14 -16.52
CA GLY G 127 -15.73 2.94 -16.22
C GLY G 127 -14.82 3.70 -17.18
N LEU G 128 -15.16 3.71 -18.47
CA LEU G 128 -14.36 4.46 -19.43
C LEU G 128 -14.44 5.95 -19.16
N LYS G 129 -15.62 6.45 -18.79
CA LYS G 129 -15.76 7.86 -18.45
C LYS G 129 -14.92 8.20 -17.21
N ASP G 130 -14.91 7.31 -16.22
CA ASP G 130 -14.06 7.52 -15.05
C ASP G 130 -12.58 7.53 -15.43
N ILE G 131 -12.17 6.63 -16.31
CA ILE G 131 -10.78 6.59 -16.75
C ILE G 131 -10.40 7.89 -17.44
N LEU G 132 -11.25 8.37 -18.34
CA LEU G 132 -10.96 9.60 -19.06
C LEU G 132 -10.91 10.79 -18.11
N GLU G 133 -11.84 10.86 -17.16
CA GLU G 133 -11.84 11.96 -16.20
C GLU G 133 -10.58 11.94 -15.34
N ALA G 134 -10.17 10.75 -14.88
CA ALA G 134 -8.94 10.65 -14.09
C ALA G 134 -7.71 11.03 -14.91
N PHE G 135 -7.66 10.61 -16.18
CA PHE G 135 -6.54 10.97 -17.03
C PHE G 135 -6.47 12.47 -17.27
N GLU G 136 -7.62 13.11 -17.49
CA GLU G 136 -7.63 14.56 -17.68
C GLU G 136 -7.24 15.29 -16.41
N LYS G 137 -7.69 14.80 -15.25
CA LYS G 137 -7.36 15.47 -14.00
C LYS G 137 -5.88 15.33 -13.66
N GLN G 138 -5.28 14.19 -13.96
CA GLN G 138 -3.89 13.92 -13.62
C GLN G 138 -2.92 14.34 -14.71
N LYS G 139 -3.40 15.00 -15.77
CA LYS G 139 -2.55 15.59 -16.81
C LYS G 139 -1.72 14.51 -17.52
N VAL G 140 -2.36 13.42 -17.88
CA VAL G 140 -1.70 12.39 -18.69
C VAL G 140 -1.52 12.91 -20.11
N PRO G 141 -0.32 12.84 -20.69
CA PRO G 141 -0.12 13.37 -22.04
C PRO G 141 -0.98 12.64 -23.07
N LYS G 142 -1.47 13.40 -24.05
CA LYS G 142 -2.31 12.84 -25.10
C LYS G 142 -2.20 13.70 -26.35
N GLU G 143 -2.60 13.12 -27.47
CA GLU G 143 -2.66 13.80 -28.75
C GLU G 143 -4.11 14.19 -29.05
N VAL G 144 -4.34 14.69 -30.25
CA VAL G 144 -5.70 15.02 -30.67
C VAL G 144 -6.43 13.74 -31.05
N ALA G 145 -7.74 13.72 -30.84
CA ALA G 145 -8.53 12.53 -31.10
C ALA G 145 -8.52 12.20 -32.58
N ASP G 146 -8.33 10.91 -32.90
CA ASP G 146 -8.30 10.45 -34.28
C ASP G 146 -8.67 8.97 -34.28
N ALA G 147 -9.93 8.68 -34.66
CA ALA G 147 -10.39 7.30 -34.73
C ALA G 147 -9.78 6.52 -35.88
N SER G 148 -9.15 7.22 -36.84
CA SER G 148 -8.51 6.53 -37.96
C SER G 148 -7.38 5.62 -37.47
N LYS G 149 -6.66 6.05 -36.43
CA LYS G 149 -5.61 5.20 -35.87
C LYS G 149 -6.19 3.92 -35.30
N SER G 150 -7.31 4.02 -34.58
CA SER G 150 -7.95 2.83 -34.03
C SER G 150 -8.45 1.91 -35.14
N ASN G 151 -9.06 2.48 -36.18
CA ASN G 151 -9.52 1.65 -37.30
C ASN G 151 -8.36 0.97 -37.99
N LEU G 152 -7.25 1.69 -38.20
CA LEU G 152 -6.09 1.11 -38.85
C LEU G 152 -5.50 -0.03 -38.01
N LEU G 153 -5.39 0.17 -36.70
CA LEU G 153 -4.87 -0.89 -35.84
C LEU G 153 -5.79 -2.10 -35.84
N TYR G 154 -7.10 -1.88 -35.80
CA TYR G 154 -8.05 -2.98 -35.86
C TYR G 154 -7.93 -3.76 -37.15
N GLN G 155 -7.78 -3.05 -38.27
CA GLN G 155 -7.60 -3.73 -39.55
C GLN G 155 -6.31 -4.52 -39.59
N GLN G 156 -5.22 -3.93 -39.09
CA GLN G 156 -3.90 -4.57 -39.19
C GLN G 156 -3.81 -5.82 -38.31
N ILE G 157 -4.23 -5.72 -37.05
CA ILE G 157 -3.89 -6.76 -36.08
C ILE G 157 -5.00 -7.78 -35.94
N PHE G 158 -6.26 -7.33 -35.84
CA PHE G 158 -7.36 -8.22 -35.54
C PHE G 158 -8.08 -8.74 -36.78
N LEU G 159 -7.57 -8.43 -37.97
CA LEU G 159 -8.25 -8.85 -39.20
C LEU G 159 -7.32 -9.37 -40.29
N HIS G 160 -6.01 -9.46 -40.04
CA HIS G 160 -5.10 -9.80 -41.12
C HIS G 160 -5.23 -11.26 -41.56
N ASP G 161 -5.61 -12.15 -40.65
CA ASP G 161 -5.78 -13.56 -40.96
C ASP G 161 -7.23 -13.92 -41.29
N LYS G 162 -8.09 -12.94 -41.48
CA LYS G 162 -9.51 -13.15 -41.74
C LYS G 162 -9.95 -12.37 -42.97
N SER G 163 -9.17 -12.47 -44.05
CA SER G 163 -9.45 -11.79 -45.29
C SER G 163 -9.49 -12.80 -46.43
N VAL G 164 -9.80 -12.32 -47.62
CA VAL G 164 -9.91 -13.15 -48.81
C VAL G 164 -8.55 -13.21 -49.50
N ILE G 165 -8.10 -14.42 -49.82
CA ILE G 165 -6.84 -14.64 -50.51
C ILE G 165 -7.12 -15.00 -51.96
N GLU G 166 -6.22 -14.59 -52.85
CA GLU G 166 -6.37 -14.90 -54.27
C GLU G 166 -5.82 -16.31 -54.52
N LYS G 167 -6.71 -17.22 -54.91
CA LYS G 167 -6.33 -18.61 -55.10
C LYS G 167 -7.35 -19.29 -55.99
N GLU G 168 -6.86 -20.13 -56.91
CA GLU G 168 -7.73 -20.87 -57.79
C GLU G 168 -8.58 -21.86 -57.00
N GLU G 169 -9.88 -21.90 -57.27
CA GLU G 169 -10.79 -22.83 -56.62
C GLU G 169 -11.73 -23.42 -57.66
N ILE G 170 -12.11 -24.68 -57.46
CA ILE G 170 -12.98 -25.40 -58.37
C ILE G 170 -14.19 -25.88 -57.58
N TYR G 171 -15.38 -25.57 -58.09
CA TYR G 171 -16.64 -25.95 -57.47
C TYR G 171 -17.40 -26.89 -58.40
N ASP G 172 -18.10 -27.86 -57.81
CA ASP G 172 -18.98 -28.76 -58.56
C ASP G 172 -20.42 -28.33 -58.35
N SER G 173 -21.15 -28.15 -59.45
CA SER G 173 -22.53 -27.70 -59.41
C SER G 173 -23.47 -28.91 -59.35
N ASN G 174 -24.76 -28.66 -59.53
CA ASN G 174 -25.76 -29.71 -59.62
C ASN G 174 -26.40 -29.76 -61.01
N TRP G 175 -25.66 -29.32 -62.03
CA TRP G 175 -26.15 -29.27 -63.40
C TRP G 175 -25.40 -30.30 -64.23
N LEU G 176 -26.14 -31.17 -64.91
CA LEU G 176 -25.57 -32.16 -65.81
C LEU G 176 -25.79 -31.68 -67.24
N SER G 177 -24.71 -31.25 -67.89
CA SER G 177 -24.82 -30.73 -69.25
C SER G 177 -25.24 -31.82 -70.22
N ILE G 178 -26.18 -31.51 -71.10
CA ILE G 178 -26.60 -32.44 -72.13
C ILE G 178 -25.62 -32.32 -73.29
N LEU G 179 -24.84 -33.38 -73.53
CA LEU G 179 -23.76 -33.34 -74.49
C LEU G 179 -24.22 -33.67 -75.91
N SER G 180 -25.13 -34.63 -76.06
CA SER G 180 -25.60 -35.06 -77.36
C SER G 180 -27.12 -34.93 -77.43
N PHE G 181 -27.61 -34.50 -78.59
CA PHE G 181 -29.02 -34.32 -78.85
C PHE G 181 -29.43 -35.12 -80.08
N PRO G 182 -30.69 -35.54 -80.17
CA PRO G 182 -31.15 -36.18 -81.41
C PRO G 182 -31.01 -35.24 -82.59
N GLU G 183 -30.76 -35.83 -83.77
CA GLU G 183 -30.48 -35.03 -84.95
C GLU G 183 -31.64 -34.09 -85.28
N GLU G 184 -32.88 -34.54 -85.08
CA GLU G 184 -34.02 -33.73 -85.48
C GLU G 184 -35.25 -34.12 -84.68
N LEU G 185 -36.24 -33.23 -84.70
CA LEU G 185 -37.55 -33.42 -84.09
C LEU G 185 -38.57 -33.74 -85.19
N ARG G 186 -39.55 -34.56 -84.83
CA ARG G 186 -40.55 -35.05 -85.78
C ARG G 186 -41.94 -34.69 -85.29
N PHE G 187 -42.72 -34.02 -86.15
CA PHE G 187 -44.15 -33.85 -85.92
C PHE G 187 -44.88 -34.89 -86.77
N HIS G 188 -45.54 -35.84 -86.11
CA HIS G 188 -46.24 -36.93 -86.78
C HIS G 188 -47.72 -36.58 -86.89
N GLU G 189 -48.16 -36.25 -88.11
CA GLU G 189 -49.56 -35.91 -88.37
C GLU G 189 -50.33 -37.21 -88.59
N TYR G 190 -50.74 -37.82 -87.48
CA TYR G 190 -51.47 -39.08 -87.50
C TYR G 190 -52.98 -38.88 -87.59
N ASN G 191 -53.46 -37.64 -87.71
CA ASN G 191 -54.87 -37.32 -87.81
C ASN G 191 -55.64 -37.83 -86.59
N TRP G 192 -56.52 -38.81 -86.80
CA TRP G 192 -57.30 -39.35 -85.69
C TRP G 192 -56.49 -40.35 -84.86
N MET G 193 -56.04 -41.43 -85.51
CA MET G 193 -55.21 -42.45 -84.86
C MET G 193 -55.87 -43.01 -83.60
N LEU G 194 -57.18 -43.26 -83.68
CA LEU G 194 -57.96 -43.81 -82.57
C LEU G 194 -57.82 -42.93 -81.32
N PRO G 195 -58.33 -41.70 -81.45
CA PRO G 195 -58.28 -40.68 -80.41
C PRO G 195 -56.85 -40.28 -80.05
N LYS G 196 -55.89 -40.65 -80.90
CA LYS G 196 -54.48 -40.29 -80.73
C LYS G 196 -53.94 -40.71 -79.37
N ARG G 197 -54.37 -41.89 -78.91
CA ARG G 197 -53.90 -42.48 -77.65
C ARG G 197 -54.15 -41.51 -76.48
N PHE G 198 -55.45 -41.32 -76.21
CA PHE G 198 -55.96 -40.33 -75.26
C PHE G 198 -55.14 -40.22 -73.98
N ASP G 199 -54.60 -41.34 -73.50
CA ASP G 199 -53.76 -41.29 -72.30
C ASP G 199 -52.51 -40.45 -72.54
N VAL G 200 -51.89 -40.58 -73.71
CA VAL G 200 -50.72 -39.80 -74.12
C VAL G 200 -49.54 -40.05 -73.19
N ARG G 201 -49.70 -39.70 -71.91
CA ARG G 201 -48.61 -39.82 -70.94
C ARG G 201 -48.29 -41.26 -70.57
N GLU G 202 -49.13 -42.22 -70.94
CA GLU G 202 -48.94 -43.61 -70.57
C GLU G 202 -48.22 -44.42 -71.64
N LEU G 203 -47.79 -43.79 -72.73
CA LEU G 203 -47.13 -44.52 -73.81
C LEU G 203 -45.68 -44.84 -73.44
N THR G 204 -45.12 -45.82 -74.16
CA THR G 204 -43.74 -46.23 -73.91
C THR G 204 -42.76 -45.11 -74.24
N PHE G 205 -43.01 -44.39 -75.32
CA PHE G 205 -42.11 -43.34 -75.77
C PHE G 205 -42.71 -41.97 -75.47
N PRO G 206 -41.88 -40.96 -75.20
CA PRO G 206 -42.40 -39.63 -74.86
C PRO G 206 -43.03 -38.96 -76.07
N ALA G 207 -44.33 -38.66 -75.96
CA ALA G 207 -45.07 -38.02 -77.03
C ALA G 207 -46.02 -37.00 -76.43
N VAL G 208 -46.17 -35.86 -77.12
CA VAL G 208 -47.08 -34.81 -76.70
C VAL G 208 -48.02 -34.52 -77.87
N ARG G 209 -49.18 -33.95 -77.55
CA ARG G 209 -50.24 -33.73 -78.52
C ARG G 209 -50.21 -32.27 -78.98
N TYR G 210 -49.93 -32.07 -80.26
CA TYR G 210 -50.00 -30.76 -80.88
C TYR G 210 -51.40 -30.57 -81.48
N LYS G 211 -51.58 -29.58 -82.34
CA LYS G 211 -52.88 -29.31 -82.96
C LYS G 211 -53.48 -30.59 -83.54
N ASN G 212 -52.83 -31.16 -84.55
CA ASN G 212 -53.20 -32.46 -85.09
C ASN G 212 -52.02 -33.41 -85.20
N TYR G 213 -50.85 -33.01 -84.70
CA TYR G 213 -49.62 -33.76 -84.87
C TYR G 213 -49.24 -34.44 -83.55
N LEU G 214 -48.13 -35.18 -83.58
CA LEU G 214 -47.56 -35.81 -82.39
C LEU G 214 -46.07 -35.51 -82.38
N CYS G 215 -45.64 -34.68 -81.43
CA CYS G 215 -44.24 -34.29 -81.34
C CYS G 215 -43.47 -35.38 -80.63
N THR G 216 -42.70 -36.15 -81.38
CA THR G 216 -41.91 -37.25 -80.86
C THR G 216 -40.49 -37.17 -81.37
N PHE G 217 -39.60 -37.93 -80.73
CA PHE G 217 -38.23 -38.05 -81.17
C PHE G 217 -37.91 -39.44 -81.73
N ALA G 218 -38.75 -40.44 -81.47
CA ALA G 218 -38.55 -41.79 -81.95
C ALA G 218 -39.34 -42.00 -83.24
N TRP G 219 -39.40 -43.24 -83.70
CA TRP G 219 -40.04 -43.55 -84.98
C TRP G 219 -41.54 -43.74 -84.80
N ALA G 220 -42.26 -43.65 -85.93
CA ALA G 220 -43.71 -43.76 -85.91
C ALA G 220 -44.16 -45.16 -85.53
N TYR G 221 -43.49 -46.19 -86.05
CA TYR G 221 -43.94 -47.56 -85.80
C TYR G 221 -43.72 -47.98 -84.35
N ASP G 222 -42.90 -47.25 -83.59
CA ASP G 222 -42.69 -47.56 -82.19
C ASP G 222 -43.98 -47.47 -81.38
N PHE G 223 -44.96 -46.71 -81.86
CA PHE G 223 -46.26 -46.58 -81.20
C PHE G 223 -47.25 -47.65 -81.62
N THR G 224 -46.84 -48.57 -82.51
CA THR G 224 -47.75 -49.61 -82.95
C THR G 224 -48.15 -50.55 -81.81
N TYR G 225 -47.32 -50.64 -80.77
CA TYR G 225 -47.64 -51.50 -79.63
C TYR G 225 -48.89 -51.01 -78.90
N HIS G 226 -49.00 -49.70 -78.69
CA HIS G 226 -50.16 -49.13 -78.02
C HIS G 226 -51.22 -48.60 -78.97
N LEU G 227 -50.87 -48.38 -80.24
CA LEU G 227 -51.81 -47.88 -81.24
C LEU G 227 -51.74 -48.77 -82.47
N PRO G 228 -52.61 -49.78 -82.56
CA PRO G 228 -52.59 -50.66 -83.74
C PRO G 228 -52.84 -49.92 -85.05
N LYS G 229 -53.65 -48.87 -85.03
CA LYS G 229 -53.92 -48.11 -86.25
C LYS G 229 -52.64 -47.56 -86.84
N THR G 230 -51.72 -47.10 -85.98
CA THR G 230 -50.44 -46.57 -86.43
C THR G 230 -49.60 -47.59 -87.19
N GLU G 231 -50.02 -48.86 -87.24
CA GLU G 231 -49.35 -49.82 -88.10
C GLU G 231 -49.49 -49.43 -89.56
N THR G 232 -50.63 -48.87 -89.94
CA THR G 232 -50.86 -48.40 -91.30
C THR G 232 -50.51 -46.93 -91.49
N TYR G 233 -50.02 -46.26 -90.46
CA TYR G 233 -49.63 -44.86 -90.59
C TYR G 233 -48.44 -44.73 -91.53
N HIS G 234 -48.46 -43.68 -92.34
CA HIS G 234 -47.44 -43.47 -93.36
C HIS G 234 -46.45 -42.40 -92.92
N LYS G 235 -45.18 -42.63 -93.25
CA LYS G 235 -44.11 -41.69 -92.88
C LYS G 235 -44.19 -40.38 -93.64
N SER G 236 -45.02 -40.30 -94.69
CA SER G 236 -45.13 -39.06 -95.45
C SER G 236 -45.71 -37.92 -94.65
N LYS G 237 -46.47 -38.21 -93.59
CA LYS G 237 -47.07 -37.17 -92.75
C LYS G 237 -46.17 -36.87 -91.55
N THR G 238 -44.94 -36.48 -91.87
CA THR G 238 -43.93 -36.17 -90.87
C THR G 238 -43.28 -34.84 -91.19
N ILE G 239 -43.27 -33.92 -90.24
CA ILE G 239 -42.61 -32.64 -90.36
C ILE G 239 -41.26 -32.78 -89.67
N ARG G 240 -40.20 -32.79 -90.47
CA ARG G 240 -38.85 -32.81 -89.91
C ARG G 240 -38.42 -31.41 -89.53
N ILE G 241 -37.78 -31.27 -88.37
CA ILE G 241 -37.32 -29.97 -87.89
C ILE G 241 -35.97 -30.12 -87.22
N PRO G 242 -34.95 -29.33 -87.58
CA PRO G 242 -33.60 -29.56 -87.07
C PRO G 242 -33.34 -29.03 -85.65
N THR G 243 -33.18 -29.97 -84.70
CA THR G 243 -33.11 -29.60 -83.29
C THR G 243 -31.92 -28.69 -83.01
N GLU G 244 -30.77 -28.96 -83.64
CA GLU G 244 -29.62 -28.07 -83.46
C GLU G 244 -29.92 -26.67 -83.94
N GLU G 245 -30.79 -26.54 -84.94
CA GLU G 245 -31.21 -25.21 -85.38
C GLU G 245 -32.21 -24.61 -84.40
N ILE G 246 -33.04 -25.45 -83.78
CA ILE G 246 -34.01 -24.96 -82.80
C ILE G 246 -33.29 -24.38 -81.58
N LEU G 247 -32.26 -25.07 -81.10
CA LEU G 247 -31.53 -24.61 -79.92
C LEU G 247 -30.83 -23.28 -80.17
N SER G 248 -30.63 -22.91 -81.42
CA SER G 248 -30.06 -21.61 -81.78
C SER G 248 -31.13 -20.54 -82.03
N GLY G 249 -32.40 -20.88 -81.84
CA GLY G 249 -33.47 -19.92 -82.04
C GLY G 249 -33.63 -19.48 -83.49
N SER G 250 -33.60 -20.44 -84.42
CA SER G 250 -33.66 -20.13 -85.84
C SER G 250 -35.05 -20.26 -86.43
N TYR G 251 -35.93 -21.07 -85.85
CA TYR G 251 -37.25 -21.27 -86.43
C TYR G 251 -38.10 -20.02 -86.29
N ASP G 252 -38.92 -19.77 -87.31
CA ASP G 252 -39.75 -18.56 -87.38
C ASP G 252 -41.11 -18.97 -87.94
N SER G 253 -41.88 -17.97 -88.40
CA SER G 253 -43.16 -18.17 -89.08
C SER G 253 -44.25 -18.60 -88.12
N ASN G 254 -45.48 -18.68 -88.62
CA ASN G 254 -46.66 -18.89 -87.79
C ASN G 254 -46.99 -20.36 -87.54
N PHE G 255 -46.24 -21.29 -88.14
CA PHE G 255 -46.51 -22.70 -87.90
C PHE G 255 -46.28 -23.05 -86.43
N ILE G 256 -45.13 -22.67 -85.90
CA ILE G 256 -44.80 -22.89 -84.50
C ILE G 256 -43.73 -21.88 -84.09
N ARG G 257 -43.81 -21.43 -82.85
CA ARG G 257 -42.87 -20.45 -82.33
C ARG G 257 -41.64 -21.15 -81.74
N ASN G 258 -40.53 -20.42 -81.70
CA ASN G 258 -39.30 -20.97 -81.13
C ASN G 258 -39.48 -21.27 -79.65
N ALA G 259 -40.15 -20.39 -78.91
CA ALA G 259 -40.40 -20.63 -77.50
C ALA G 259 -41.28 -21.87 -77.31
N GLU G 260 -42.28 -22.05 -78.16
CA GLU G 260 -43.12 -23.24 -78.09
C GLU G 260 -42.31 -24.49 -78.37
N CYS G 261 -41.39 -24.43 -79.33
CA CYS G 261 -40.54 -25.60 -79.61
C CYS G 261 -39.65 -25.92 -78.42
N LYS G 262 -39.06 -24.90 -77.79
CA LYS G 262 -38.21 -25.14 -76.63
C LYS G 262 -39.01 -25.72 -75.47
N ARG G 263 -40.21 -25.20 -75.24
CA ARG G 263 -41.07 -25.73 -74.18
C ARG G 263 -41.47 -27.18 -74.46
N LEU G 264 -41.80 -27.48 -75.72
CA LEU G 264 -42.15 -28.86 -76.08
C LEU G 264 -40.97 -29.80 -75.90
N ILE G 265 -39.77 -29.35 -76.25
CA ILE G 265 -38.57 -30.15 -76.03
C ILE G 265 -38.36 -30.38 -74.54
N VAL G 266 -38.57 -29.34 -73.72
CA VAL G 266 -38.42 -29.50 -72.27
C VAL G 266 -39.42 -30.53 -71.74
N GLN G 267 -40.66 -30.45 -72.21
CA GLN G 267 -41.67 -31.41 -71.77
C GLN G 267 -41.30 -32.83 -72.16
N LEU G 268 -40.82 -33.01 -73.40
CA LEU G 268 -40.40 -34.34 -73.85
C LEU G 268 -39.24 -34.86 -73.01
N LEU G 269 -38.27 -33.99 -72.72
CA LEU G 269 -37.12 -34.42 -71.92
C LEU G 269 -37.54 -34.81 -70.52
N ASN G 270 -38.43 -34.04 -69.90
CA ASN G 270 -38.88 -34.36 -68.55
C ASN G 270 -39.67 -35.66 -68.52
N LYS G 271 -40.55 -35.87 -69.51
CA LYS G 271 -41.30 -37.11 -69.57
C LYS G 271 -40.37 -38.30 -69.78
N ALA G 272 -39.38 -38.16 -70.66
CA ALA G 272 -38.44 -39.23 -70.91
C ALA G 272 -37.62 -39.54 -69.68
N PHE G 273 -37.21 -38.50 -68.93
CA PHE G 273 -36.50 -38.72 -67.69
C PHE G 273 -37.36 -39.48 -66.68
N GLU G 274 -38.64 -39.13 -66.60
CA GLU G 274 -39.54 -39.84 -65.69
C GLU G 274 -39.67 -41.32 -66.08
N LEU G 275 -39.84 -41.59 -67.38
CA LEU G 275 -39.95 -42.98 -67.82
C LEU G 275 -38.66 -43.75 -67.56
N ARG G 276 -37.50 -43.13 -67.81
CA ARG G 276 -36.24 -43.81 -67.55
C ARG G 276 -36.07 -44.11 -66.07
N MET G 277 -36.42 -43.16 -65.20
CA MET G 277 -36.30 -43.40 -63.77
C MET G 277 -37.26 -44.49 -63.32
N LYS G 278 -38.46 -44.54 -63.90
CA LYS G 278 -39.37 -45.65 -63.64
C LYS G 278 -38.77 -46.97 -64.10
N ASP G 279 -38.01 -46.94 -65.19
CA ASP G 279 -37.37 -48.14 -65.70
C ASP G 279 -36.15 -48.56 -64.88
N LYS G 280 -35.63 -47.67 -64.03
CA LYS G 280 -34.44 -47.94 -63.26
C LYS G 280 -34.72 -48.63 -61.93
N GLU G 281 -35.99 -48.93 -61.64
CA GLU G 281 -36.39 -49.63 -60.42
C GLU G 281 -35.96 -48.85 -59.18
N VAL G 282 -36.49 -47.64 -59.05
CA VAL G 282 -36.26 -46.80 -57.88
C VAL G 282 -37.62 -46.36 -57.35
N GLN G 283 -37.64 -46.04 -56.06
CA GLN G 283 -38.88 -45.63 -55.40
C GLN G 283 -39.15 -44.16 -55.65
N GLU G 284 -40.44 -43.81 -55.71
CA GLU G 284 -40.88 -42.46 -56.03
C GLU G 284 -41.64 -41.86 -54.86
N TYR G 285 -41.40 -40.58 -54.59
CA TYR G 285 -42.11 -39.82 -53.56
C TYR G 285 -42.70 -38.57 -54.20
N GLU G 286 -43.98 -38.33 -53.93
CA GLU G 286 -44.68 -37.19 -54.49
C GLU G 286 -44.59 -36.01 -53.52
N MET G 287 -44.00 -34.92 -53.97
CA MET G 287 -43.94 -33.68 -53.19
C MET G 287 -45.15 -32.82 -53.52
N SER G 288 -45.13 -31.57 -53.05
CA SER G 288 -46.22 -30.65 -53.35
C SER G 288 -46.28 -30.31 -54.84
N ASN G 289 -45.11 -30.16 -55.48
CA ASN G 289 -45.08 -29.75 -56.88
C ASN G 289 -44.13 -30.57 -57.74
N LYS G 290 -43.49 -31.61 -57.20
CA LYS G 290 -42.54 -32.39 -57.96
C LYS G 290 -42.48 -33.80 -57.40
N THR G 291 -41.67 -34.65 -58.05
CA THR G 291 -41.49 -36.04 -57.66
C THR G 291 -40.00 -36.31 -57.48
N ALA G 292 -39.66 -37.03 -56.41
CA ALA G 292 -38.29 -37.35 -56.09
C ALA G 292 -38.08 -38.87 -56.13
N TYR G 293 -36.85 -39.27 -56.37
CA TYR G 293 -36.48 -40.67 -56.53
C TYR G 293 -35.49 -41.08 -55.45
N TRP G 294 -35.80 -42.16 -54.74
CA TRP G 294 -35.04 -42.62 -53.59
C TRP G 294 -34.89 -44.14 -53.65
N LEU G 295 -33.98 -44.64 -52.83
CA LEU G 295 -33.66 -46.07 -52.76
C LEU G 295 -34.17 -46.66 -51.45
N GLU G 296 -34.04 -47.98 -51.33
CA GLU G 296 -34.52 -48.73 -50.18
C GLU G 296 -33.33 -49.15 -49.30
N LYS G 297 -33.64 -49.89 -48.24
CA LYS G 297 -32.68 -50.22 -47.20
C LYS G 297 -31.52 -51.07 -47.71
N GLY G 298 -31.80 -52.29 -48.14
CA GLY G 298 -30.74 -53.25 -48.43
C GLY G 298 -30.39 -53.42 -49.89
N LYS G 299 -30.80 -52.48 -50.73
CA LYS G 299 -30.58 -52.60 -52.17
C LYS G 299 -29.13 -52.38 -52.56
N LEU G 300 -28.28 -51.91 -51.65
CA LEU G 300 -26.86 -51.72 -51.91
C LEU G 300 -26.04 -52.46 -50.86
N GLU G 301 -24.86 -52.90 -51.26
CA GLU G 301 -23.98 -53.71 -50.40
C GLU G 301 -22.70 -52.92 -50.14
N LYS G 302 -22.61 -52.30 -48.97
CA LYS G 302 -23.70 -52.27 -48.00
C LYS G 302 -24.13 -50.83 -47.77
N ASP G 303 -25.00 -50.34 -48.66
CA ASP G 303 -25.44 -48.93 -48.64
C ASP G 303 -24.24 -47.99 -48.61
N LYS G 304 -23.17 -48.37 -49.30
CA LYS G 304 -21.92 -47.62 -49.31
C LYS G 304 -21.39 -47.50 -50.74
N PHE G 305 -22.26 -47.09 -51.66
CA PHE G 305 -21.85 -46.88 -53.05
C PHE G 305 -20.70 -45.88 -53.08
N GLU G 306 -19.53 -46.35 -53.53
CA GLU G 306 -18.30 -45.55 -53.57
C GLU G 306 -17.90 -45.08 -52.18
N LYS G 307 -18.31 -45.82 -51.15
CA LYS G 307 -17.99 -45.51 -49.76
C LYS G 307 -18.45 -44.10 -49.37
N THR G 308 -19.72 -43.81 -49.67
CA THR G 308 -20.31 -42.51 -49.38
C THR G 308 -21.58 -42.58 -48.55
N MET G 309 -22.25 -43.73 -48.49
CA MET G 309 -23.49 -43.96 -47.74
C MET G 309 -24.68 -43.27 -48.39
N LEU G 310 -25.80 -43.98 -48.46
CA LEU G 310 -27.02 -43.43 -49.05
C LEU G 310 -28.22 -43.66 -48.14
N VAL G 311 -28.16 -44.70 -47.32
CA VAL G 311 -29.22 -45.06 -46.40
C VAL G 311 -28.62 -45.17 -44.99
N GLY G 312 -29.31 -44.62 -44.01
CA GLY G 312 -28.80 -44.61 -42.66
C GLY G 312 -29.92 -44.71 -41.62
N LYS G 313 -29.51 -44.66 -40.35
CA LYS G 313 -30.40 -44.87 -39.21
C LYS G 313 -30.28 -43.65 -38.30
N GLN G 314 -31.34 -42.85 -38.20
CA GLN G 314 -31.23 -41.59 -37.46
C GLN G 314 -31.43 -41.79 -35.96
N LYS G 315 -32.65 -42.08 -35.53
CA LYS G 315 -32.90 -42.50 -34.15
C LYS G 315 -33.68 -43.80 -34.11
N ASP G 316 -34.81 -43.83 -34.83
CA ASP G 316 -35.66 -45.00 -34.89
C ASP G 316 -36.21 -45.26 -36.28
N LYS G 317 -35.89 -44.41 -37.27
CA LYS G 317 -36.37 -44.56 -38.62
C LYS G 317 -35.18 -44.56 -39.57
N ASN G 318 -35.38 -45.18 -40.74
CA ASN G 318 -34.33 -45.27 -41.75
C ASN G 318 -34.48 -44.10 -42.72
N TRP G 319 -33.41 -43.33 -42.88
CA TRP G 319 -33.39 -42.20 -43.78
C TRP G 319 -32.72 -42.59 -45.10
N HIS G 320 -33.32 -42.16 -46.20
CA HIS G 320 -32.85 -42.46 -47.55
C HIS G 320 -32.62 -41.15 -48.30
N PHE G 321 -31.48 -41.07 -48.98
CA PHE G 321 -31.19 -39.95 -49.86
C PHE G 321 -32.06 -40.02 -51.11
N ALA G 322 -32.31 -38.86 -51.70
CA ALA G 322 -33.13 -38.81 -52.90
C ALA G 322 -32.73 -37.60 -53.75
N ILE G 323 -33.04 -37.67 -55.04
CA ILE G 323 -32.81 -36.56 -55.95
C ILE G 323 -34.06 -36.38 -56.81
N SER G 324 -34.40 -35.11 -57.09
CA SER G 324 -35.52 -34.77 -57.95
C SER G 324 -34.99 -33.99 -59.15
N GLY G 325 -35.52 -34.30 -60.33
CA GLY G 325 -34.92 -33.79 -61.55
C GLY G 325 -35.81 -33.01 -62.49
N ALA G 326 -35.20 -32.18 -63.33
CA ALA G 326 -35.88 -31.43 -64.38
C ALA G 326 -34.88 -31.17 -65.50
N SER G 327 -35.38 -30.63 -66.60
CA SER G 327 -34.55 -30.31 -67.76
C SER G 327 -34.83 -28.88 -68.22
N LYS G 328 -33.78 -28.14 -68.54
CA LYS G 328 -33.94 -26.74 -68.95
C LYS G 328 -32.98 -26.43 -70.09
N LEU G 329 -33.39 -25.49 -70.95
CA LEU G 329 -32.55 -24.97 -72.02
C LEU G 329 -31.93 -23.62 -71.69
N TYR G 330 -32.21 -23.06 -70.51
CA TYR G 330 -31.69 -21.76 -70.13
C TYR G 330 -30.61 -21.93 -69.08
N PRO G 331 -29.37 -21.52 -69.34
CA PRO G 331 -28.88 -20.88 -70.58
C PRO G 331 -28.54 -21.89 -71.67
N PHE G 332 -28.06 -23.07 -71.30
CA PHE G 332 -27.74 -24.14 -72.24
C PHE G 332 -28.40 -25.42 -71.75
N PRO G 333 -28.64 -26.39 -72.65
CA PRO G 333 -29.31 -27.64 -72.24
C PRO G 333 -28.65 -28.32 -71.05
N VAL G 334 -29.38 -28.40 -69.94
CA VAL G 334 -28.89 -29.05 -68.72
C VAL G 334 -30.01 -29.83 -68.07
N LEU G 335 -29.61 -30.82 -67.28
CA LEU G 335 -30.48 -31.51 -66.35
C LEU G 335 -30.18 -30.99 -64.95
N MET G 336 -31.22 -30.58 -64.25
CA MET G 336 -31.12 -29.86 -62.99
C MET G 336 -31.73 -30.73 -61.91
N ILE G 337 -30.91 -31.16 -60.94
CA ILE G 337 -31.39 -32.04 -59.90
C ILE G 337 -31.15 -31.39 -58.53
N SER G 338 -32.00 -31.77 -57.57
CA SER G 338 -31.96 -31.24 -56.22
C SER G 338 -32.05 -32.39 -55.22
N SER G 339 -31.35 -32.24 -54.10
CA SER G 339 -31.26 -33.29 -53.10
C SER G 339 -32.41 -33.21 -52.10
N HIS G 340 -32.80 -34.38 -51.58
CA HIS G 340 -33.84 -34.48 -50.58
C HIS G 340 -33.53 -35.66 -49.67
N ILE G 341 -34.16 -35.67 -48.50
CA ILE G 341 -34.01 -36.73 -47.51
C ILE G 341 -35.40 -37.22 -47.15
N PHE G 342 -35.62 -38.53 -47.22
CA PHE G 342 -36.90 -39.13 -46.87
C PHE G 342 -36.72 -40.12 -45.73
N PHE G 343 -37.81 -40.39 -45.02
CA PHE G 343 -37.76 -41.23 -43.83
C PHE G 343 -38.81 -42.33 -43.91
N THR G 344 -38.42 -43.53 -43.51
CA THR G 344 -39.31 -44.68 -43.46
C THR G 344 -39.24 -45.31 -42.07
N ALA G 345 -40.38 -45.80 -41.59
CA ALA G 345 -40.41 -46.45 -40.28
C ALA G 345 -39.55 -47.71 -40.29
N ASP G 346 -39.63 -48.51 -41.35
CA ASP G 346 -38.87 -49.74 -41.49
C ASP G 346 -37.97 -49.65 -42.72
N GLY G 347 -37.33 -50.77 -43.06
CA GLY G 347 -36.46 -50.80 -44.23
C GLY G 347 -37.23 -50.55 -45.52
N LYS G 348 -38.37 -51.22 -45.69
CA LYS G 348 -39.22 -51.06 -46.86
C LYS G 348 -40.59 -50.63 -46.38
N LYS G 349 -40.78 -49.32 -46.20
CA LYS G 349 -42.03 -48.75 -45.74
C LYS G 349 -42.03 -47.27 -46.06
N LEU G 350 -43.00 -46.55 -45.51
CA LEU G 350 -43.08 -45.10 -45.68
C LEU G 350 -43.90 -44.52 -44.54
N ILE G 351 -43.73 -43.22 -44.33
CA ILE G 351 -44.46 -42.48 -43.31
C ILE G 351 -45.41 -41.52 -44.03
N ASP G 352 -46.71 -41.65 -43.74
CA ASP G 352 -47.71 -40.81 -44.39
C ASP G 352 -47.81 -39.42 -43.75
N SER G 353 -47.24 -39.24 -42.56
CA SER G 353 -47.30 -37.96 -41.88
C SER G 353 -46.25 -37.02 -42.46
N SER G 354 -46.70 -35.93 -43.09
CA SER G 354 -45.77 -34.98 -43.67
C SER G 354 -45.04 -34.16 -42.61
N SER G 355 -45.72 -33.87 -41.48
CA SER G 355 -45.10 -33.05 -40.45
C SER G 355 -43.90 -33.75 -39.83
N VAL G 356 -44.01 -35.05 -39.56
CA VAL G 356 -42.88 -35.78 -38.99
C VAL G 356 -41.74 -35.88 -40.00
N GLN G 357 -42.07 -36.01 -41.29
CA GLN G 357 -41.04 -36.03 -42.33
C GLN G 357 -40.29 -34.71 -42.37
N HIS G 358 -41.02 -33.60 -42.31
CA HIS G 358 -40.39 -32.28 -42.29
C HIS G 358 -39.52 -32.10 -41.06
N SER G 359 -40.02 -32.50 -39.88
CA SER G 359 -39.25 -32.35 -38.66
C SER G 359 -37.98 -33.18 -38.70
N SER G 360 -38.07 -34.42 -39.17
CA SER G 360 -36.89 -35.28 -39.25
C SER G 360 -35.89 -34.76 -40.26
N ARG G 361 -36.36 -34.25 -41.40
CA ARG G 361 -35.46 -33.68 -42.40
C ARG G 361 -34.73 -32.47 -41.84
N ARG G 362 -35.44 -31.59 -41.15
CA ARG G 362 -34.79 -30.43 -40.55
C ARG G 362 -33.81 -30.84 -39.45
N ARG G 363 -34.14 -31.87 -38.68
CA ARG G 363 -33.22 -32.35 -37.65
C ARG G 363 -31.95 -32.91 -38.26
N GLN G 364 -32.07 -33.65 -39.36
CA GLN G 364 -30.90 -34.26 -39.97
C GLN G 364 -30.06 -33.27 -40.77
N GLY G 365 -30.67 -32.25 -41.35
CA GLY G 365 -29.89 -31.29 -42.12
C GLY G 365 -28.88 -30.50 -41.32
N LYS G 366 -28.94 -30.57 -39.98
CA LYS G 366 -28.11 -29.73 -39.15
C LYS G 366 -26.65 -30.17 -39.11
N ASN G 367 -26.34 -31.42 -39.44
CA ASN G 367 -25.00 -31.95 -39.29
C ASN G 367 -24.55 -32.74 -40.52
N TRP G 368 -24.77 -32.17 -41.71
CA TRP G 368 -24.34 -32.82 -42.94
C TRP G 368 -23.28 -32.04 -43.68
N TRP G 369 -23.52 -30.76 -43.97
CA TRP G 369 -22.54 -29.85 -44.56
C TRP G 369 -22.22 -30.17 -46.02
N ASN G 370 -21.40 -29.30 -46.62
CA ASN G 370 -21.25 -29.27 -48.07
C ASN G 370 -20.60 -30.54 -48.61
N ASN G 371 -19.59 -31.06 -47.91
CA ASN G 371 -18.87 -32.21 -48.45
C ASN G 371 -19.76 -33.44 -48.50
N THR G 372 -20.51 -33.71 -47.44
CA THR G 372 -21.42 -34.85 -47.47
C THR G 372 -22.53 -34.64 -48.48
N TRP G 373 -23.07 -33.41 -48.57
CA TRP G 373 -24.09 -33.14 -49.58
C TRP G 373 -23.56 -33.45 -50.98
N ARG G 374 -22.40 -32.92 -51.31
CA ARG G 374 -21.82 -33.10 -52.65
C ARG G 374 -21.50 -34.57 -52.91
N THR G 375 -20.91 -35.26 -51.94
CA THR G 375 -20.54 -36.65 -52.16
C THR G 375 -21.77 -37.52 -52.36
N LYS G 376 -22.83 -37.29 -51.58
CA LYS G 376 -24.04 -38.09 -51.77
C LYS G 376 -24.70 -37.80 -53.11
N LEU G 377 -24.72 -36.51 -53.51
CA LEU G 377 -25.27 -36.17 -54.82
C LEU G 377 -24.50 -36.86 -55.94
N LEU G 378 -23.16 -36.79 -55.88
CA LEU G 378 -22.32 -37.40 -56.91
C LEU G 378 -22.49 -38.91 -56.90
N ALA G 379 -22.59 -39.52 -55.72
CA ALA G 379 -22.78 -40.96 -55.64
C ALA G 379 -24.09 -41.39 -56.28
N PHE G 380 -25.17 -40.65 -56.02
CA PHE G 380 -26.45 -40.98 -56.64
C PHE G 380 -26.37 -40.83 -58.16
N ILE G 381 -25.72 -39.76 -58.63
CA ILE G 381 -25.62 -39.55 -60.08
C ILE G 381 -24.80 -40.67 -60.72
N LYS G 382 -23.70 -41.06 -60.08
CA LYS G 382 -22.89 -42.15 -60.60
C LYS G 382 -23.64 -43.46 -60.58
N TYR G 383 -24.49 -43.66 -59.56
CA TYR G 383 -25.32 -44.86 -59.52
C TYR G 383 -26.27 -44.88 -60.71
N LEU G 384 -26.85 -43.74 -61.06
CA LEU G 384 -27.73 -43.68 -62.22
C LEU G 384 -26.98 -43.78 -63.54
N SER G 385 -25.65 -43.74 -63.53
CA SER G 385 -24.89 -43.75 -64.76
C SER G 385 -24.99 -45.11 -65.46
N ASP G 386 -24.74 -45.11 -66.76
CA ASP G 386 -24.82 -46.31 -67.58
C ASP G 386 -23.54 -46.69 -68.29
N ASP G 387 -22.57 -45.79 -68.39
CA ASP G 387 -21.29 -46.10 -69.01
C ASP G 387 -20.20 -45.27 -68.32
N ASP G 388 -19.05 -45.14 -68.97
CA ASP G 388 -17.89 -44.56 -68.30
C ASP G 388 -18.14 -43.11 -67.87
N THR G 389 -18.59 -42.26 -68.78
CA THR G 389 -18.71 -40.84 -68.50
C THR G 389 -19.99 -40.26 -69.07
N SER G 390 -21.11 -40.96 -68.92
CA SER G 390 -22.41 -40.46 -69.35
C SER G 390 -23.49 -41.39 -68.81
N PHE G 391 -24.73 -41.10 -69.20
CA PHE G 391 -25.85 -41.99 -68.94
C PHE G 391 -26.96 -41.62 -69.92
N TYR G 392 -27.60 -42.63 -70.50
CA TYR G 392 -28.53 -42.42 -71.58
C TYR G 392 -29.97 -42.64 -71.12
N LEU G 393 -30.89 -42.04 -71.86
CA LEU G 393 -32.31 -42.11 -71.60
C LEU G 393 -33.04 -42.34 -72.92
N GLU G 394 -34.06 -43.19 -72.89
CA GLU G 394 -34.80 -43.51 -74.10
C GLU G 394 -35.54 -42.30 -74.61
N MET G 395 -35.58 -42.14 -75.93
CA MET G 395 -36.15 -40.96 -76.55
C MET G 395 -37.25 -41.33 -77.55
N GLU G 398 -34.59 -46.66 -80.49
CA GLU G 398 -33.74 -46.07 -81.52
C GLU G 398 -33.02 -44.83 -80.99
N GLU G 399 -33.67 -43.67 -81.08
CA GLU G 399 -33.08 -42.44 -80.63
C GLU G 399 -32.99 -42.41 -79.10
N LYS G 400 -31.99 -41.70 -78.59
CA LYS G 400 -31.78 -41.60 -77.16
C LYS G 400 -31.09 -40.27 -76.86
N VAL G 401 -31.17 -39.86 -75.60
CA VAL G 401 -30.55 -38.62 -75.13
C VAL G 401 -29.52 -38.98 -74.07
N PHE G 402 -28.29 -38.50 -74.25
CA PHE G 402 -27.20 -38.79 -73.33
C PHE G 402 -26.92 -37.56 -72.48
N VAL G 403 -26.92 -37.75 -71.15
CA VAL G 403 -26.63 -36.69 -70.19
C VAL G 403 -25.39 -37.11 -69.41
N SER G 404 -24.44 -36.19 -69.27
CA SER G 404 -23.20 -36.49 -68.56
C SER G 404 -23.48 -36.76 -67.08
N ASN G 405 -22.75 -37.72 -66.52
CA ASN G 405 -22.84 -38.03 -65.10
C ASN G 405 -21.87 -37.21 -64.27
N GLU G 406 -21.11 -36.31 -64.90
CA GLU G 406 -20.21 -35.41 -64.20
C GLU G 406 -20.77 -34.01 -64.24
N PRO G 407 -21.14 -33.42 -63.10
CA PRO G 407 -21.70 -32.06 -63.12
C PRO G 407 -20.68 -31.05 -63.61
N VAL G 408 -21.19 -29.99 -64.25
CA VAL G 408 -20.32 -28.97 -64.83
C VAL G 408 -19.59 -28.24 -63.72
N LYS G 409 -18.27 -28.10 -63.88
CA LYS G 409 -17.43 -27.48 -62.86
C LYS G 409 -17.28 -25.99 -63.14
N PHE G 410 -17.34 -25.21 -62.07
CA PHE G 410 -17.11 -23.77 -62.12
C PHE G 410 -15.76 -23.46 -61.50
N LYS G 411 -15.14 -22.38 -61.98
CA LYS G 411 -13.80 -22.00 -61.55
C LYS G 411 -13.82 -20.58 -61.02
N GLY G 412 -13.24 -20.37 -59.83
CA GLY G 412 -13.15 -19.06 -59.25
C GLY G 412 -11.71 -18.72 -58.90
N ASN G 413 -11.45 -17.41 -58.82
CA ASN G 413 -10.10 -16.91 -58.58
C ASN G 413 -9.91 -16.36 -57.17
N VAL G 414 -10.87 -16.58 -56.28
CA VAL G 414 -10.76 -16.14 -54.89
C VAL G 414 -11.22 -17.27 -53.99
N SER G 415 -10.71 -17.27 -52.76
CA SER G 415 -11.06 -18.28 -51.77
C SER G 415 -10.57 -17.81 -50.41
N TYR G 416 -10.76 -18.66 -49.41
CA TYR G 416 -10.37 -18.40 -48.03
C TYR G 416 -9.40 -19.49 -47.56
N ASN G 417 -9.07 -19.46 -46.28
CA ASN G 417 -8.05 -20.34 -45.70
C ASN G 417 -8.64 -21.21 -44.60
N ILE G 418 -9.87 -21.69 -44.81
CA ILE G 418 -10.53 -22.61 -43.88
C ILE G 418 -10.56 -22.06 -42.47
N MET H 1 -16.34 -25.75 -66.75
CA MET H 1 -15.33 -24.79 -67.18
C MET H 1 -15.91 -23.40 -67.37
N LYS H 2 -16.29 -22.76 -66.27
CA LYS H 2 -16.85 -21.42 -66.28
C LYS H 2 -16.19 -20.59 -65.20
N GLU H 3 -16.17 -19.28 -65.41
CA GLU H 3 -15.46 -18.35 -64.55
C GLU H 3 -16.45 -17.60 -63.65
N LEU H 4 -16.13 -17.53 -62.36
CA LEU H 4 -16.91 -16.76 -61.40
C LEU H 4 -16.15 -15.51 -61.04
N ILE H 5 -16.81 -14.36 -61.14
CA ILE H 5 -16.20 -13.10 -60.76
C ILE H 5 -16.51 -12.84 -59.28
N TYR H 6 -15.66 -12.05 -58.65
CA TYR H 6 -15.78 -11.75 -57.23
C TYR H 6 -16.11 -10.27 -57.07
N ILE H 7 -17.08 -9.98 -56.21
CA ILE H 7 -17.51 -8.62 -55.92
C ILE H 7 -17.09 -8.30 -54.49
N GLU H 8 -16.30 -7.25 -54.32
CA GLU H 8 -15.77 -6.91 -53.02
C GLU H 8 -16.90 -6.56 -52.05
N GLU H 9 -16.74 -6.95 -50.79
CA GLU H 9 -17.75 -6.67 -49.79
C GLU H 9 -17.88 -5.17 -49.57
N PRO H 10 -19.09 -4.62 -49.61
CA PRO H 10 -19.26 -3.18 -49.40
C PRO H 10 -18.94 -2.79 -47.96
N LYS H 11 -18.56 -1.53 -47.80
CA LYS H 11 -18.22 -0.96 -46.50
C LYS H 11 -19.30 0.01 -46.07
N ILE H 12 -19.74 -0.11 -44.82
CA ILE H 12 -20.72 0.79 -44.25
C ILE H 12 -20.01 1.79 -43.35
N LEU H 13 -20.58 2.97 -43.23
CA LEU H 13 -19.95 4.08 -42.53
C LEU H 13 -20.59 4.27 -41.15
N PHE H 14 -19.74 4.69 -40.19
CA PHE H 14 -20.16 4.88 -38.81
C PHE H 14 -19.75 6.28 -38.33
N ALA H 15 -19.83 6.51 -37.02
CA ALA H 15 -19.44 7.80 -36.47
C ALA H 15 -17.97 8.09 -36.78
N HIS H 16 -17.64 9.38 -36.80
CA HIS H 16 -16.32 9.89 -37.15
C HIS H 16 -15.94 9.58 -38.59
N GLY H 17 -16.92 9.28 -39.43
CA GLY H 17 -16.65 9.00 -40.84
C GLY H 17 -15.76 7.80 -41.07
N GLN H 18 -15.90 6.76 -40.26
CA GLN H 18 -15.05 5.59 -40.33
C GLN H 18 -15.79 4.45 -41.02
N LYS H 19 -15.14 3.81 -41.98
CA LYS H 19 -15.73 2.72 -42.72
C LYS H 19 -15.38 1.39 -42.08
N CYS H 20 -16.31 0.45 -42.13
CA CYS H 20 -16.09 -0.89 -41.62
C CYS H 20 -17.00 -1.85 -42.36
N THR H 21 -16.63 -3.13 -42.32
CA THR H 21 -17.41 -4.16 -43.01
C THR H 21 -18.48 -4.76 -42.12
N ASP H 22 -18.25 -4.84 -40.81
CA ASP H 22 -19.19 -5.42 -39.87
C ASP H 22 -19.90 -4.32 -39.10
N ALA H 23 -21.23 -4.41 -39.03
CA ALA H 23 -22.00 -3.42 -38.28
C ALA H 23 -21.71 -3.49 -36.79
N ARG H 24 -21.61 -4.70 -36.25
CA ARG H 24 -21.35 -4.85 -34.81
C ARG H 24 -19.97 -4.33 -34.43
N ASP H 25 -18.94 -4.66 -35.21
CA ASP H 25 -17.60 -4.18 -34.92
C ASP H 25 -17.53 -2.66 -35.04
N GLY H 26 -18.16 -2.10 -36.08
CA GLY H 26 -18.15 -0.66 -36.25
C GLY H 26 -18.88 0.06 -35.13
N LEU H 27 -20.01 -0.48 -34.70
CA LEU H 27 -20.76 0.14 -33.60
C LEU H 27 -19.98 0.05 -32.30
N ALA H 28 -19.39 -1.11 -31.99
CA ALA H 28 -18.60 -1.25 -30.79
C ALA H 28 -17.31 -0.45 -30.83
N LEU H 29 -16.85 -0.07 -32.03
CA LEU H 29 -15.60 0.67 -32.18
C LEU H 29 -15.84 2.19 -32.20
N PHE H 30 -16.67 2.65 -33.13
CA PHE H 30 -16.85 4.08 -33.37
C PHE H 30 -18.17 4.63 -32.88
N GLY H 31 -19.27 3.91 -33.07
CA GLY H 31 -20.56 4.36 -32.61
C GLY H 31 -21.50 4.77 -33.72
N PRO H 32 -22.75 5.04 -33.37
CA PRO H 32 -23.75 5.41 -34.39
C PRO H 32 -23.55 6.83 -34.89
N LEU H 33 -24.21 7.12 -36.01
CA LEU H 33 -24.10 8.46 -36.61
C LEU H 33 -24.89 9.48 -35.81
N ASN H 34 -26.04 9.08 -35.25
CA ASN H 34 -26.90 9.99 -34.53
C ASN H 34 -26.41 10.17 -33.09
N ASN H 35 -27.02 11.14 -32.39
CA ASN H 35 -26.74 11.40 -30.99
C ASN H 35 -28.07 11.43 -30.25
N LEU H 36 -28.54 10.26 -29.83
CA LEU H 36 -29.70 10.18 -28.96
C LEU H 36 -29.27 10.49 -27.53
N TYR H 37 -30.11 11.23 -26.81
CA TYR H 37 -29.80 11.53 -25.41
C TYR H 37 -30.20 10.40 -24.48
N GLY H 38 -31.28 9.69 -24.81
CA GLY H 38 -31.74 8.57 -24.03
C GLY H 38 -33.05 8.05 -24.57
N ILE H 39 -33.42 6.82 -24.20
CA ILE H 39 -34.66 6.21 -24.66
C ILE H 39 -35.60 6.07 -23.47
N LYS H 40 -36.73 6.75 -23.54
CA LYS H 40 -37.78 6.64 -22.54
C LYS H 40 -38.80 5.63 -23.03
N SER H 41 -38.96 4.54 -22.29
CA SER H 41 -39.70 3.37 -22.75
C SER H 41 -41.00 3.22 -21.98
N GLY H 42 -42.08 2.96 -22.70
CA GLY H 42 -43.35 2.57 -22.11
C GLY H 42 -43.56 1.08 -22.31
N VAL H 43 -44.03 0.41 -21.25
CA VAL H 43 -44.16 -1.03 -21.23
C VAL H 43 -45.62 -1.38 -21.00
N ILE H 44 -46.15 -2.28 -21.82
CA ILE H 44 -47.53 -2.73 -21.74
C ILE H 44 -47.52 -4.25 -21.53
N GLY H 45 -48.24 -4.71 -20.52
CA GLY H 45 -48.34 -6.12 -20.26
C GLY H 45 -48.66 -6.37 -18.79
N THR H 46 -48.61 -7.64 -18.43
CA THR H 46 -48.86 -8.05 -17.05
C THR H 46 -47.69 -7.63 -16.16
N LYS H 47 -47.90 -7.76 -14.85
CA LYS H 47 -46.83 -7.45 -13.90
C LYS H 47 -45.64 -8.38 -14.08
N GLN H 48 -45.91 -9.65 -14.41
CA GLN H 48 -44.81 -10.58 -14.72
C GLN H 48 -44.04 -10.12 -15.94
N GLY H 49 -44.75 -9.65 -16.97
CA GLY H 49 -44.07 -9.12 -18.14
C GLY H 49 -43.24 -7.90 -17.83
N LEU H 50 -43.75 -7.01 -16.96
CA LEU H 50 -42.97 -5.84 -16.57
C LEU H 50 -41.72 -6.24 -15.81
N LYS H 51 -41.84 -7.22 -14.91
CA LYS H 51 -40.66 -7.70 -14.19
C LYS H 51 -39.64 -8.31 -15.15
N ILE H 52 -40.11 -9.09 -16.12
CA ILE H 52 -39.22 -9.70 -17.09
C ILE H 52 -38.50 -8.63 -17.90
N PHE H 53 -39.23 -7.61 -18.36
CA PHE H 53 -38.62 -6.54 -19.13
C PHE H 53 -37.63 -5.74 -18.30
N ARG H 54 -37.96 -5.47 -17.03
CA ARG H 54 -37.02 -4.76 -16.16
C ARG H 54 -35.74 -5.57 -15.97
N ASP H 55 -35.88 -6.88 -15.75
CA ASP H 55 -34.71 -7.73 -15.58
C ASP H 55 -33.85 -7.75 -16.84
N TYR H 56 -34.47 -7.85 -18.01
CA TYR H 56 -33.70 -7.82 -19.26
C TYR H 56 -33.05 -6.47 -19.48
N LEU H 57 -33.73 -5.38 -19.14
CA LEU H 57 -33.14 -4.06 -19.32
C LEU H 57 -31.95 -3.85 -18.39
N ASP H 58 -32.03 -4.38 -17.17
CA ASP H 58 -30.88 -4.31 -16.28
C ASP H 58 -29.76 -5.22 -16.74
N HIS H 59 -30.10 -6.37 -17.34
CA HIS H 59 -29.09 -7.30 -17.83
C HIS H 59 -28.36 -6.73 -19.04
N ILE H 60 -29.06 -5.98 -19.90
CA ILE H 60 -28.48 -5.48 -21.13
C ILE H 60 -27.46 -4.38 -20.91
N GLN H 61 -27.40 -3.79 -19.71
CA GLN H 61 -26.42 -2.74 -19.46
C GLN H 61 -25.02 -3.30 -19.30
N LYS H 62 -24.89 -4.52 -18.80
CA LYS H 62 -23.65 -5.21 -18.55
C LYS H 62 -23.18 -5.93 -19.81
N PRO H 63 -21.86 -6.13 -19.96
CA PRO H 63 -21.36 -6.82 -21.15
C PRO H 63 -21.88 -8.25 -21.22
N ILE H 64 -22.19 -8.69 -22.43
CA ILE H 64 -22.74 -10.02 -22.68
C ILE H 64 -21.87 -10.72 -23.71
N TYR H 65 -21.51 -11.96 -23.44
CA TYR H 65 -20.59 -12.72 -24.27
C TYR H 65 -21.31 -13.85 -24.99
N ASN H 66 -20.79 -14.21 -26.16
CA ASN H 66 -21.23 -15.37 -26.90
C ASN H 66 -20.28 -16.54 -26.62
N SER H 67 -20.60 -17.70 -27.19
CA SER H 67 -19.71 -18.85 -27.05
C SER H 67 -18.37 -18.60 -27.71
N ASN H 68 -18.37 -18.01 -28.90
CA ASN H 68 -17.15 -17.66 -29.62
C ASN H 68 -17.23 -16.18 -29.99
N SER H 69 -16.18 -15.44 -29.65
CA SER H 69 -16.15 -14.00 -29.88
C SER H 69 -15.59 -13.63 -31.24
N ILE H 70 -15.22 -14.61 -32.06
CA ILE H 70 -14.82 -14.36 -33.44
C ILE H 70 -15.99 -14.60 -34.39
N THR H 71 -16.66 -15.74 -34.26
CA THR H 71 -17.85 -16.01 -35.06
C THR H 71 -18.96 -15.02 -34.73
N ARG H 72 -19.16 -14.72 -33.45
CA ARG H 72 -20.21 -13.82 -33.00
C ARG H 72 -19.62 -12.78 -32.06
N PRO H 73 -19.52 -11.52 -32.47
CA PRO H 73 -18.97 -10.50 -31.57
C PRO H 73 -19.86 -10.32 -30.34
N MET H 74 -19.22 -9.94 -29.23
CA MET H 74 -19.90 -9.83 -27.95
C MET H 74 -20.46 -8.43 -27.74
N PHE H 75 -21.50 -8.35 -26.92
CA PHE H 75 -22.18 -7.09 -26.63
C PHE H 75 -21.50 -6.42 -25.44
N PRO H 76 -20.92 -5.22 -25.61
CA PRO H 76 -20.27 -4.55 -24.47
C PRO H 76 -21.19 -3.69 -23.64
N GLY H 77 -22.50 -3.85 -23.80
CA GLY H 77 -23.45 -3.04 -23.08
C GLY H 77 -24.04 -1.93 -23.94
N PHE H 78 -25.26 -1.52 -23.60
CA PHE H 78 -26.00 -0.61 -24.45
C PHE H 78 -25.33 0.76 -24.54
N GLU H 79 -25.00 1.34 -23.39
CA GLU H 79 -24.43 2.68 -23.40
C GLU H 79 -23.00 2.69 -23.90
N ALA H 80 -22.29 1.57 -23.77
CA ALA H 80 -20.94 1.48 -24.31
C ALA H 80 -20.92 1.40 -25.82
N VAL H 81 -22.06 1.12 -26.45
CA VAL H 81 -22.14 1.04 -27.90
C VAL H 81 -22.80 2.30 -28.46
N PHE H 82 -24.03 2.56 -28.04
CA PHE H 82 -24.86 3.56 -28.70
C PHE H 82 -24.72 4.96 -28.11
N ASP H 83 -24.04 5.10 -26.99
CA ASP H 83 -23.81 6.38 -26.33
C ASP H 83 -25.16 7.08 -26.13
N CYS H 84 -25.96 6.46 -25.26
CA CYS H 84 -27.26 6.95 -24.84
C CYS H 84 -27.81 6.00 -23.80
N LYS H 85 -28.67 6.51 -22.92
CA LYS H 85 -29.14 5.77 -21.76
C LYS H 85 -30.48 5.12 -22.07
N TRP H 86 -30.54 3.80 -21.92
CA TRP H 86 -31.79 3.03 -22.02
C TRP H 86 -31.85 2.19 -20.76
N GLU H 87 -32.39 2.76 -19.68
CA GLU H 87 -32.43 2.13 -18.38
C GLU H 87 -33.86 1.74 -18.01
N SER H 88 -33.98 1.00 -16.91
CA SER H 88 -35.28 0.63 -16.39
C SER H 88 -35.89 1.70 -15.50
N THR H 89 -35.17 2.80 -15.25
CA THR H 89 -35.70 3.90 -14.45
C THR H 89 -36.58 4.84 -15.28
N GLY H 90 -36.53 4.74 -16.60
CA GLY H 90 -37.37 5.56 -17.45
C GLY H 90 -38.59 4.82 -17.96
N ILE H 91 -38.93 3.73 -17.28
CA ILE H 91 -40.03 2.87 -17.71
C ILE H 91 -41.36 3.48 -17.27
N THR H 92 -42.31 3.56 -18.19
CA THR H 92 -43.66 4.04 -17.92
C THR H 92 -44.61 2.85 -18.11
N PHE H 93 -44.93 2.18 -17.01
CA PHE H 93 -45.73 0.97 -17.08
C PHE H 93 -47.20 1.27 -17.37
N LYS H 94 -47.86 0.32 -18.02
CA LYS H 94 -49.30 0.34 -18.24
C LYS H 94 -49.79 -1.08 -18.12
N GLU H 95 -50.49 -1.39 -17.02
CA GLU H 95 -50.79 -2.77 -16.68
C GLU H 95 -51.97 -3.30 -17.47
N VAL H 96 -51.81 -4.52 -17.99
CA VAL H 96 -52.90 -5.29 -18.59
C VAL H 96 -53.13 -6.51 -17.71
N THR H 97 -54.31 -6.58 -17.11
CA THR H 97 -54.61 -7.64 -16.15
C THR H 97 -54.75 -8.99 -16.86
N ASN H 98 -54.44 -10.06 -16.13
CA ASN H 98 -54.56 -11.40 -16.71
C ASN H 98 -56.01 -11.78 -16.95
N GLU H 99 -56.94 -11.29 -16.11
CA GLU H 99 -58.36 -11.54 -16.36
C GLU H 99 -58.81 -10.88 -17.66
N ASP H 100 -58.25 -9.72 -17.98
CA ASP H 100 -58.57 -9.06 -19.25
C ASP H 100 -58.18 -9.94 -20.43
N ILE H 101 -57.00 -10.56 -20.37
CA ILE H 101 -56.58 -11.46 -21.44
C ILE H 101 -57.45 -12.72 -21.46
N GLY H 102 -57.80 -13.24 -20.27
CA GLY H 102 -58.62 -14.43 -20.22
C GLY H 102 -60.02 -14.23 -20.76
N LYS H 103 -60.57 -13.02 -20.61
CA LYS H 103 -61.92 -12.75 -21.11
C LYS H 103 -61.98 -12.87 -22.63
N PHE H 104 -60.97 -12.36 -23.32
CA PHE H 104 -61.01 -12.29 -24.79
C PHE H 104 -60.31 -13.44 -25.49
N LEU H 105 -59.29 -14.04 -24.85
CA LEU H 105 -58.50 -15.05 -25.54
C LEU H 105 -59.32 -16.30 -25.85
N TYR H 106 -60.17 -16.73 -24.91
CA TYR H 106 -60.90 -17.98 -25.04
C TYR H 106 -62.18 -17.73 -25.81
N ASN H 107 -62.11 -17.85 -27.14
CA ASN H 107 -63.25 -17.65 -28.01
C ASN H 107 -63.20 -18.66 -29.15
N SER H 108 -64.39 -19.05 -29.62
CA SER H 108 -64.46 -20.02 -30.72
C SER H 108 -63.89 -19.44 -32.01
N SER H 109 -64.17 -18.15 -32.28
CA SER H 109 -63.71 -17.50 -33.50
C SER H 109 -62.34 -16.89 -33.27
N THR H 110 -61.39 -17.24 -34.14
CA THR H 110 -60.04 -16.68 -34.03
C THR H 110 -60.03 -15.19 -34.37
N HIS H 111 -60.82 -14.78 -35.37
CA HIS H 111 -60.86 -13.38 -35.76
C HIS H 111 -61.33 -12.50 -34.61
N LYS H 112 -62.38 -12.93 -33.92
CA LYS H 112 -62.93 -12.13 -32.82
C LYS H 112 -61.93 -12.01 -31.68
N ARG H 113 -61.27 -13.12 -31.32
CA ARG H 113 -60.32 -13.08 -30.22
C ARG H 113 -59.11 -12.22 -30.58
N THR H 114 -58.63 -12.31 -31.83
CA THR H 114 -57.50 -11.47 -32.24
C THR H 114 -57.88 -10.00 -32.21
N TYR H 115 -59.05 -9.67 -32.74
CA TYR H 115 -59.52 -8.28 -32.72
C TYR H 115 -59.64 -7.77 -31.30
N ASP H 116 -60.20 -8.59 -30.40
CA ASP H 116 -60.42 -8.15 -29.03
C ASP H 116 -59.10 -7.92 -28.30
N LEU H 117 -58.14 -8.84 -28.44
CA LEU H 117 -56.86 -8.67 -27.77
C LEU H 117 -56.09 -7.47 -28.33
N VAL H 118 -56.07 -7.33 -29.66
CA VAL H 118 -55.38 -6.20 -30.27
C VAL H 118 -56.01 -4.89 -29.80
N SER H 119 -57.35 -4.84 -29.75
CA SER H 119 -58.02 -3.64 -29.27
C SER H 119 -57.67 -3.36 -27.81
N LEU H 120 -57.63 -4.41 -26.98
CA LEU H 120 -57.30 -4.22 -25.57
C LEU H 120 -55.92 -3.59 -25.41
N PHE H 121 -54.95 -4.06 -26.18
CA PHE H 121 -53.60 -3.48 -26.07
C PHE H 121 -53.55 -2.06 -26.65
N ILE H 122 -54.09 -1.88 -27.86
CA ILE H 122 -53.90 -0.60 -28.55
C ILE H 122 -54.71 0.51 -27.90
N ASP H 123 -55.86 0.21 -27.29
CA ASP H 123 -56.63 1.25 -26.63
C ASP H 123 -55.87 1.83 -25.44
N LYS H 124 -55.24 0.96 -24.64
CA LYS H 124 -54.39 1.45 -23.56
C LYS H 124 -53.21 2.25 -24.11
N ILE H 125 -52.59 1.76 -25.17
CA ILE H 125 -51.43 2.48 -25.74
C ILE H 125 -51.85 3.87 -26.20
N ILE H 126 -52.98 3.95 -26.91
CA ILE H 126 -53.42 5.23 -27.46
C ILE H 126 -53.85 6.19 -26.34
N SER H 127 -54.57 5.68 -25.34
CA SER H 127 -54.97 6.52 -24.22
C SER H 127 -53.76 7.07 -23.47
N ALA H 128 -52.75 6.23 -23.26
CA ALA H 128 -51.52 6.71 -22.63
C ALA H 128 -50.80 7.72 -23.53
N ASN H 129 -50.88 7.54 -24.84
CA ASN H 129 -50.26 8.50 -25.75
C ASN H 129 -50.95 9.86 -25.68
N LYS H 130 -52.27 9.89 -25.60
CA LYS H 130 -53.00 11.14 -25.67
C LYS H 130 -53.22 11.79 -24.30
N ASN H 131 -53.55 11.00 -23.28
CA ASN H 131 -54.02 11.51 -22.00
C ASN H 131 -52.98 11.41 -20.90
N GLU H 132 -51.70 11.57 -21.25
CA GLU H 132 -50.63 11.52 -20.26
C GLU H 132 -49.58 12.59 -20.59
N ASP H 133 -48.81 12.96 -19.57
CA ASP H 133 -47.77 13.96 -19.73
C ASP H 133 -46.41 13.36 -20.03
N GLU H 134 -46.18 12.12 -19.64
CA GLU H 134 -44.89 11.48 -19.87
C GLU H 134 -44.65 11.28 -21.36
N ASN H 135 -43.41 11.46 -21.78
CA ASN H 135 -43.01 11.26 -23.17
C ASN H 135 -42.42 9.87 -23.33
N VAL H 136 -42.92 9.12 -24.31
CA VAL H 136 -42.49 7.74 -24.56
C VAL H 136 -41.96 7.67 -25.98
N ASP H 137 -40.72 7.18 -26.13
CA ASP H 137 -40.14 7.02 -27.45
C ASP H 137 -40.62 5.75 -28.13
N VAL H 138 -40.47 4.61 -27.46
CA VAL H 138 -40.90 3.32 -27.98
C VAL H 138 -41.82 2.67 -26.96
N TRP H 139 -42.91 2.07 -27.44
CA TRP H 139 -43.83 1.32 -26.60
C TRP H 139 -43.54 -0.16 -26.76
N PHE H 140 -43.16 -0.81 -25.66
CA PHE H 140 -42.81 -2.22 -25.67
C PHE H 140 -43.99 -3.04 -25.18
N VAL H 141 -44.44 -3.97 -26.02
CA VAL H 141 -45.61 -4.78 -25.72
C VAL H 141 -45.13 -6.19 -25.42
N ILE H 142 -45.27 -6.63 -24.18
CA ILE H 142 -44.77 -7.92 -23.73
C ILE H 142 -45.95 -8.90 -23.82
N VAL H 143 -46.07 -9.54 -24.97
CA VAL H 143 -47.20 -10.43 -25.25
C VAL H 143 -46.92 -11.79 -24.63
N PRO H 144 -47.84 -12.34 -23.83
CA PRO H 144 -47.65 -13.70 -23.32
C PRO H 144 -47.65 -14.72 -24.45
N ASP H 145 -46.97 -15.83 -24.21
CA ASP H 145 -46.76 -16.83 -25.27
C ASP H 145 -48.08 -17.45 -25.73
N GLU H 146 -49.08 -17.53 -24.85
CA GLU H 146 -50.36 -18.09 -25.24
C GLU H 146 -51.02 -17.25 -26.32
N ILE H 147 -50.90 -15.92 -26.21
CA ILE H 147 -51.47 -15.04 -27.23
C ILE H 147 -50.82 -15.29 -28.58
N TYR H 148 -49.48 -15.38 -28.60
CA TYR H 148 -48.79 -15.65 -29.85
C TYR H 148 -49.17 -17.00 -30.42
N LYS H 149 -49.31 -18.01 -29.56
CA LYS H 149 -49.67 -19.35 -30.04
C LYS H 149 -51.07 -19.36 -30.64
N TYR H 150 -52.02 -18.66 -30.03
CA TYR H 150 -53.43 -18.78 -30.37
C TYR H 150 -53.96 -17.61 -31.20
N CYS H 151 -53.10 -16.71 -31.68
CA CYS H 151 -53.55 -15.59 -32.50
C CYS H 151 -52.96 -15.62 -33.91
N ARG H 152 -52.52 -16.78 -34.38
CA ARG H 152 -52.09 -16.91 -35.76
C ARG H 152 -53.28 -17.19 -36.66
N PRO H 153 -53.17 -16.89 -37.95
CA PRO H 153 -54.32 -17.09 -38.85
C PRO H 153 -54.80 -18.53 -38.92
N ASN H 154 -53.90 -19.51 -38.83
CA ASN H 154 -54.27 -20.91 -38.91
C ASN H 154 -54.33 -21.60 -37.56
N SER H 155 -54.23 -20.83 -36.47
CA SER H 155 -54.27 -21.43 -35.14
C SER H 155 -55.65 -22.01 -34.84
N VAL H 156 -55.67 -23.16 -34.17
CA VAL H 156 -56.90 -23.83 -33.79
C VAL H 156 -56.90 -24.01 -32.28
N LEU H 157 -57.96 -23.56 -31.63
CA LEU H 157 -58.06 -23.64 -30.18
C LEU H 157 -58.65 -24.99 -29.79
N PRO H 158 -57.96 -25.79 -28.98
CA PRO H 158 -58.53 -27.06 -28.52
C PRO H 158 -59.76 -26.83 -27.65
N LYS H 159 -60.67 -27.79 -27.68
CA LYS H 159 -61.94 -27.69 -26.97
C LYS H 159 -61.81 -27.95 -25.47
N GLU H 160 -60.59 -28.07 -24.95
CA GLU H 160 -60.43 -28.34 -23.52
C GLU H 160 -60.69 -27.09 -22.69
N MET H 161 -60.19 -25.93 -23.11
CA MET H 161 -60.35 -24.69 -22.34
C MET H 161 -61.29 -23.68 -23.01
N VAL H 162 -61.94 -24.07 -24.11
CA VAL H 162 -62.88 -23.18 -24.77
C VAL H 162 -64.09 -22.91 -23.89
N ASN H 201 -63.45 -7.55 -41.40
CA ASN H 201 -62.17 -7.39 -42.08
C ASN H 201 -61.02 -7.66 -41.11
N TYR H 202 -59.86 -7.05 -41.39
CA TYR H 202 -58.62 -7.24 -40.64
C TYR H 202 -58.11 -8.68 -40.75
N ASP H 203 -56.82 -8.87 -40.53
CA ASP H 203 -56.22 -10.18 -40.61
C ASP H 203 -56.17 -10.83 -39.22
N ALA H 204 -56.28 -12.16 -39.20
CA ALA H 204 -56.27 -12.90 -37.95
C ALA H 204 -54.83 -13.13 -37.48
N GLN H 205 -54.05 -12.07 -37.40
CA GLN H 205 -52.66 -12.13 -36.97
C GLN H 205 -52.41 -11.00 -35.99
N PHE H 206 -51.82 -11.31 -34.84
CA PHE H 206 -51.65 -10.30 -33.80
C PHE H 206 -50.69 -9.21 -34.24
N HIS H 207 -49.55 -9.58 -34.82
CA HIS H 207 -48.52 -8.59 -35.15
C HIS H 207 -48.98 -7.65 -36.25
N ASP H 208 -49.48 -8.20 -37.36
CA ASP H 208 -49.86 -7.35 -38.49
C ASP H 208 -51.04 -6.45 -38.14
N GLN H 209 -52.05 -7.01 -37.49
CA GLN H 209 -53.21 -6.21 -37.09
C GLN H 209 -52.82 -5.16 -36.06
N PHE H 210 -51.95 -5.52 -35.12
CA PHE H 210 -51.50 -4.58 -34.11
C PHE H 210 -50.76 -3.40 -34.74
N LYS H 211 -49.88 -3.68 -35.69
CA LYS H 211 -49.13 -2.61 -36.33
C LYS H 211 -49.95 -1.83 -37.36
N ALA H 212 -51.01 -2.43 -37.90
CA ALA H 212 -51.84 -1.72 -38.87
C ALA H 212 -52.89 -0.85 -38.20
N ARG H 213 -53.43 -1.27 -37.06
CA ARG H 213 -54.42 -0.47 -36.36
C ARG H 213 -53.80 0.67 -35.56
N LEU H 214 -52.48 0.70 -35.43
CA LEU H 214 -51.77 1.75 -34.72
C LEU H 214 -51.13 2.76 -35.65
N LEU H 215 -51.42 2.68 -36.96
CA LEU H 215 -50.77 3.55 -37.93
C LEU H 215 -51.30 4.97 -37.90
N LYS H 216 -52.60 5.15 -37.61
CA LYS H 216 -53.18 6.49 -37.61
C LYS H 216 -52.61 7.38 -36.52
N HIS H 217 -51.93 6.81 -35.52
CA HIS H 217 -51.40 7.58 -34.41
C HIS H 217 -49.88 7.71 -34.44
N THR H 218 -49.20 7.01 -35.35
CA THR H 218 -47.75 7.09 -35.52
C THR H 218 -47.02 6.84 -34.20
N ILE H 219 -47.21 5.63 -33.67
CA ILE H 219 -46.58 5.19 -32.43
C ILE H 219 -45.57 4.10 -32.79
N PRO H 220 -44.27 4.35 -32.68
CA PRO H 220 -43.29 3.27 -32.88
C PRO H 220 -43.34 2.30 -31.71
N THR H 221 -43.62 1.04 -32.01
CA THR H 221 -43.80 0.02 -30.98
C THR H 221 -42.98 -1.22 -31.30
N GLN H 222 -42.57 -1.91 -30.25
CA GLN H 222 -41.78 -3.13 -30.36
C GLN H 222 -42.49 -4.23 -29.59
N ILE H 223 -42.77 -5.34 -30.26
CA ILE H 223 -43.48 -6.47 -29.67
C ILE H 223 -42.46 -7.51 -29.24
N PHE H 224 -42.47 -7.87 -27.97
CA PHE H 224 -41.66 -8.94 -27.42
C PHE H 224 -42.56 -10.07 -26.97
N ARG H 225 -42.01 -11.29 -26.96
CA ARG H 225 -42.67 -12.42 -26.34
C ARG H 225 -42.00 -12.69 -25.00
N GLU H 226 -42.79 -13.12 -24.02
CA GLU H 226 -42.24 -13.35 -22.69
C GLU H 226 -41.19 -14.45 -22.70
N SER H 227 -41.29 -15.41 -23.62
CA SER H 227 -40.29 -16.46 -23.74
C SER H 227 -39.01 -15.98 -24.40
N THR H 228 -38.98 -14.77 -24.94
CA THR H 228 -37.77 -14.23 -25.54
C THR H 228 -36.88 -13.54 -24.50
N LEU H 229 -37.47 -12.67 -23.68
CA LEU H 229 -36.69 -11.94 -22.68
C LEU H 229 -36.39 -12.76 -21.44
N ALA H 230 -37.10 -13.86 -21.23
CA ALA H 230 -36.92 -14.75 -20.09
C ALA H 230 -36.91 -16.21 -20.54
N TRP H 231 -36.07 -16.51 -21.54
CA TRP H 231 -36.05 -17.84 -22.13
C TRP H 231 -35.67 -18.93 -21.13
N ARG H 232 -35.02 -18.57 -20.03
CA ARG H 232 -34.65 -19.56 -19.02
C ARG H 232 -35.89 -20.18 -18.37
N ASP H 233 -36.89 -19.35 -18.06
CA ASP H 233 -38.02 -19.79 -17.25
C ASP H 233 -39.03 -20.64 -18.00
N PHE H 234 -39.03 -20.58 -19.34
CA PHE H 234 -40.01 -21.31 -20.15
C PHE H 234 -39.35 -22.59 -20.65
N LYS H 235 -39.54 -23.67 -19.91
CA LYS H 235 -38.93 -24.97 -20.19
C LYS H 235 -39.98 -25.98 -20.62
N ASN H 236 -39.51 -27.03 -21.29
CA ASN H 236 -40.38 -28.11 -21.75
C ASN H 236 -40.46 -29.20 -20.69
N ALA H 237 -41.03 -30.35 -21.05
CA ALA H 237 -41.15 -31.47 -20.14
C ALA H 237 -39.82 -32.12 -19.81
N PHE H 238 -38.76 -31.79 -20.54
CA PHE H 238 -37.44 -32.36 -20.29
C PHE H 238 -36.61 -31.54 -19.30
N GLY H 239 -37.18 -30.48 -18.74
CA GLY H 239 -36.45 -29.65 -17.81
C GLY H 239 -35.43 -28.73 -18.44
N LEU H 240 -35.56 -28.47 -19.74
CA LEU H 240 -34.65 -27.60 -20.47
C LEU H 240 -35.45 -26.52 -21.20
N PRO H 241 -34.85 -25.34 -21.39
CA PRO H 241 -35.58 -24.26 -22.08
C PRO H 241 -35.98 -24.66 -23.50
N ILE H 242 -37.16 -24.21 -23.90
CA ILE H 242 -37.64 -24.49 -25.25
C ILE H 242 -36.75 -23.80 -26.28
N ARG H 243 -36.42 -22.55 -26.03
CA ARG H 243 -35.50 -21.79 -26.88
C ARG H 243 -34.19 -21.59 -26.12
N ASP H 244 -33.08 -21.95 -26.76
CA ASP H 244 -31.77 -21.92 -26.12
C ASP H 244 -30.99 -20.72 -26.65
N PHE H 245 -30.77 -19.72 -25.78
CA PHE H 245 -29.99 -18.54 -26.11
C PHE H 245 -28.67 -18.49 -25.33
N SER H 246 -28.21 -19.63 -24.82
CA SER H 246 -27.02 -19.62 -23.97
C SER H 246 -25.79 -19.18 -24.74
N LYS H 247 -25.65 -19.64 -25.99
CA LYS H 247 -24.47 -19.32 -26.79
C LYS H 247 -24.68 -18.12 -27.70
N ILE H 248 -25.88 -17.57 -27.79
CA ILE H 248 -26.15 -16.45 -28.68
C ILE H 248 -26.81 -15.31 -27.89
N GLU H 249 -26.50 -15.22 -26.60
CA GLU H 249 -27.08 -14.16 -25.78
C GLU H 249 -26.62 -12.78 -26.25
N GLY H 250 -25.32 -12.65 -26.58
CA GLY H 250 -24.83 -11.38 -27.07
C GLY H 250 -25.44 -10.99 -28.41
N HIS H 251 -25.69 -11.98 -29.27
CA HIS H 251 -26.33 -11.70 -30.55
C HIS H 251 -27.77 -11.21 -30.34
N LEU H 252 -28.50 -11.84 -29.42
CA LEU H 252 -29.85 -11.38 -29.10
C LEU H 252 -29.83 -9.96 -28.56
N ALA H 253 -28.88 -9.67 -27.67
CA ALA H 253 -28.77 -8.31 -27.14
C ALA H 253 -28.45 -7.32 -28.25
N TRP H 254 -27.55 -7.70 -29.17
CA TRP H 254 -27.21 -6.83 -30.30
C TRP H 254 -28.43 -6.50 -31.13
N THR H 255 -29.20 -7.54 -31.52
CA THR H 255 -30.36 -7.31 -32.36
C THR H 255 -31.41 -6.46 -31.66
N ILE H 256 -31.69 -6.77 -30.38
CA ILE H 256 -32.71 -6.02 -29.65
C ILE H 256 -32.29 -4.57 -29.48
N SER H 257 -31.03 -4.34 -29.11
CA SER H 257 -30.55 -2.98 -28.90
C SER H 257 -30.57 -2.18 -30.19
N THR H 258 -30.16 -2.80 -31.31
CA THR H 258 -30.17 -2.08 -32.58
C THR H 258 -31.59 -1.73 -33.00
N ALA H 259 -32.53 -2.67 -32.86
CA ALA H 259 -33.91 -2.37 -33.21
C ALA H 259 -34.48 -1.25 -32.35
N ALA H 260 -34.22 -1.31 -31.04
CA ALA H 260 -34.75 -0.28 -30.13
C ALA H 260 -34.11 1.08 -30.41
N PHE H 261 -32.82 1.09 -30.73
CA PHE H 261 -32.15 2.35 -31.05
C PHE H 261 -32.68 2.95 -32.34
N TYR H 262 -32.94 2.11 -33.34
CA TYR H 262 -33.47 2.63 -34.60
C TYR H 262 -34.91 3.11 -34.44
N LYS H 263 -35.71 2.43 -33.63
CA LYS H 263 -37.09 2.85 -33.44
C LYS H 263 -37.19 4.17 -32.69
N ALA H 264 -36.27 4.42 -31.76
CA ALA H 264 -36.29 5.66 -30.99
C ALA H 264 -35.86 6.86 -31.80
N GLY H 265 -35.36 6.66 -33.03
CA GLY H 265 -34.98 7.76 -33.88
C GLY H 265 -33.48 7.90 -34.05
N GLY H 266 -32.77 6.76 -34.04
CA GLY H 266 -31.33 6.77 -34.20
C GLY H 266 -30.88 6.30 -35.56
N LYS H 267 -29.66 6.67 -35.95
CA LYS H 267 -29.07 6.23 -37.21
C LYS H 267 -27.84 5.38 -36.90
N PRO H 268 -27.95 4.05 -36.97
CA PRO H 268 -26.79 3.23 -36.56
C PRO H 268 -25.66 3.25 -37.57
N TRP H 269 -25.96 3.15 -38.86
CA TRP H 269 -24.93 3.20 -39.90
C TRP H 269 -25.59 3.62 -41.21
N LYS H 270 -24.78 3.77 -42.25
CA LYS H 270 -25.27 4.13 -43.57
C LYS H 270 -24.31 3.60 -44.62
N LEU H 271 -24.79 3.57 -45.86
CA LEU H 271 -23.96 3.14 -46.98
C LEU H 271 -22.89 4.18 -47.27
N SER H 272 -21.76 3.70 -47.81
CA SER H 272 -20.60 4.56 -48.02
C SER H 272 -20.11 4.62 -49.46
N ASP H 273 -20.31 3.58 -50.25
CA ASP H 273 -19.72 3.47 -51.59
C ASP H 273 -20.79 3.40 -52.68
N VAL H 274 -21.80 4.27 -52.59
CA VAL H 274 -22.87 4.32 -53.58
C VAL H 274 -22.76 5.64 -54.35
N ARG H 275 -23.32 5.64 -55.55
CA ARG H 275 -23.22 6.78 -56.45
C ARG H 275 -24.21 7.88 -56.06
N ASN H 276 -24.13 9.00 -56.77
CA ASN H 276 -24.99 10.15 -56.55
C ASN H 276 -25.89 10.33 -57.77
N GLY H 277 -27.14 10.68 -57.54
CA GLY H 277 -28.09 10.87 -58.62
C GLY H 277 -28.81 9.63 -59.06
N VAL H 278 -28.79 8.57 -58.26
CA VAL H 278 -29.44 7.30 -58.60
C VAL H 278 -30.42 6.95 -57.49
N CYS H 279 -31.65 6.60 -57.89
CA CYS H 279 -32.70 6.24 -56.95
C CYS H 279 -33.00 4.75 -57.08
N TYR H 280 -33.06 4.05 -55.96
CA TYR H 280 -33.40 2.63 -55.92
C TYR H 280 -34.82 2.46 -55.43
N LEU H 281 -35.57 1.60 -56.11
CA LEU H 281 -36.95 1.30 -55.77
C LEU H 281 -37.09 -0.18 -55.43
N GLY H 282 -38.32 -0.58 -55.13
CA GLY H 282 -38.66 -1.95 -54.87
C GLY H 282 -40.15 -2.15 -55.05
N LEU H 283 -40.57 -3.30 -55.55
CA LEU H 283 -41.98 -3.54 -55.82
C LEU H 283 -42.34 -4.94 -55.32
N VAL H 284 -43.18 -5.03 -54.30
CA VAL H 284 -43.64 -6.31 -53.78
C VAL H 284 -45.16 -6.34 -53.80
N TYR H 285 -45.72 -7.45 -54.31
CA TYR H 285 -47.15 -7.64 -54.39
C TYR H 285 -47.60 -8.57 -53.27
N LYS H 286 -48.69 -8.20 -52.60
CA LYS H 286 -49.26 -9.00 -51.53
C LYS H 286 -50.75 -9.17 -51.80
N LYS H 287 -51.26 -10.38 -51.57
CA LYS H 287 -52.68 -10.65 -51.75
C LYS H 287 -53.46 -10.10 -50.56
N VAL H 288 -54.54 -9.38 -50.85
CA VAL H 288 -55.40 -8.81 -49.82
C VAL H 288 -56.57 -9.76 -49.62
N GLU H 289 -56.73 -10.24 -48.39
CA GLU H 289 -57.77 -11.21 -48.06
C GLU H 289 -58.97 -10.59 -47.36
N LYS H 290 -58.79 -9.47 -46.67
CA LYS H 290 -59.92 -8.80 -46.02
C LYS H 290 -60.94 -8.33 -47.05
N SER H 291 -60.46 -7.80 -48.18
CA SER H 291 -61.36 -7.39 -49.25
C SER H 291 -62.16 -8.58 -49.76
N LYS H 292 -63.45 -8.34 -50.06
CA LYS H 292 -64.31 -9.41 -50.54
C LYS H 292 -63.81 -9.97 -51.86
N ASN H 293 -63.41 -9.09 -52.78
CA ASN H 293 -62.80 -9.50 -54.04
C ASN H 293 -61.29 -9.61 -53.85
N PRO H 294 -60.67 -10.75 -54.12
CA PRO H 294 -59.22 -10.84 -53.98
C PRO H 294 -58.51 -9.84 -54.89
N ARG H 295 -57.56 -9.11 -54.31
CA ARG H 295 -56.81 -8.09 -55.02
C ARG H 295 -55.34 -8.22 -54.67
N ASN H 296 -54.50 -7.64 -55.52
CA ASN H 296 -53.06 -7.64 -55.30
C ASN H 296 -52.59 -6.22 -55.06
N ALA H 297 -52.03 -5.97 -53.88
CA ALA H 297 -51.55 -4.64 -53.52
C ALA H 297 -50.04 -4.59 -53.72
N CYS H 298 -49.59 -3.60 -54.49
CA CYS H 298 -48.18 -3.38 -54.74
C CYS H 298 -47.67 -2.29 -53.81
N CYS H 299 -46.57 -2.58 -53.12
CA CYS H 299 -45.96 -1.68 -52.16
C CYS H 299 -44.49 -1.50 -52.49
N ALA H 300 -43.95 -0.33 -52.14
CA ALA H 300 -42.63 0.06 -52.58
C ALA H 300 -41.78 0.56 -51.42
N ALA H 301 -40.47 0.48 -51.60
CA ALA H 301 -39.51 1.12 -50.71
C ALA H 301 -38.51 1.88 -51.56
N GLN H 302 -38.17 3.10 -51.12
CA GLN H 302 -37.34 4.00 -51.91
C GLN H 302 -36.06 4.30 -51.14
N MET H 303 -34.94 4.21 -51.84
CA MET H 303 -33.60 4.33 -51.27
C MET H 303 -32.78 5.25 -52.15
N PHE H 304 -32.23 6.31 -51.58
CA PHE H 304 -31.32 7.18 -52.31
C PHE H 304 -30.49 7.99 -51.31
N LEU H 305 -29.80 9.01 -51.80
CA LEU H 305 -29.00 9.88 -50.96
C LEU H 305 -29.43 11.33 -51.16
N ASP H 306 -29.22 12.13 -50.12
CA ASP H 306 -29.55 13.54 -50.15
C ASP H 306 -28.30 14.37 -50.42
N ASN H 307 -28.43 15.69 -50.36
CA ASN H 307 -27.32 16.60 -50.62
C ASN H 307 -26.35 16.71 -49.45
N GLY H 308 -26.73 16.20 -48.27
CA GLY H 308 -25.85 16.24 -47.12
C GLY H 308 -25.07 14.98 -46.90
N ASP H 309 -24.95 14.17 -47.95
CA ASP H 309 -24.26 12.88 -48.00
C ASP H 309 -24.93 11.82 -47.14
N GLY H 310 -26.06 12.12 -46.50
CA GLY H 310 -26.80 11.13 -45.75
C GLY H 310 -27.61 10.22 -46.64
N THR H 311 -28.28 9.27 -46.01
CA THR H 311 -29.10 8.30 -46.73
C THR H 311 -30.57 8.54 -46.43
N VAL H 312 -31.39 8.49 -47.48
CA VAL H 312 -32.84 8.59 -47.35
C VAL H 312 -33.43 7.25 -47.76
N PHE H 313 -34.04 6.55 -46.81
CA PHE H 313 -34.55 5.20 -47.02
C PHE H 313 -35.92 5.12 -46.36
N LYS H 314 -36.98 5.22 -47.16
CA LYS H 314 -38.32 5.20 -46.59
C LYS H 314 -39.28 4.55 -47.58
N GLY H 315 -40.40 4.07 -47.06
CA GLY H 315 -41.34 3.34 -47.89
C GLY H 315 -42.17 4.27 -48.76
N GLU H 316 -42.38 3.84 -50.00
CA GLU H 316 -43.34 4.45 -50.90
C GLU H 316 -44.61 3.61 -50.83
N VAL H 317 -45.68 4.22 -50.32
CA VAL H 317 -46.85 3.49 -49.84
C VAL H 317 -48.10 4.03 -50.50
N GLY H 318 -49.25 3.57 -50.05
CA GLY H 318 -50.48 3.73 -50.78
C GLY H 318 -50.62 2.57 -51.73
N PRO H 319 -50.66 1.34 -51.18
CA PRO H 319 -50.49 0.13 -51.99
C PRO H 319 -51.41 0.09 -53.19
N TRP H 320 -50.82 0.15 -54.39
CA TRP H 320 -51.60 0.27 -55.61
C TRP H 320 -52.26 -1.07 -55.92
N TYR H 321 -53.56 -1.04 -56.20
CA TYR H 321 -54.38 -2.25 -56.22
C TYR H 321 -54.61 -2.72 -57.64
N ASN H 322 -54.36 -4.01 -57.86
CA ASN H 322 -54.74 -4.70 -59.08
C ASN H 322 -55.91 -5.62 -58.76
N PRO H 323 -57.07 -5.41 -59.39
CA PRO H 323 -58.26 -6.20 -59.01
C PRO H 323 -58.27 -7.62 -59.57
N LYS H 324 -57.51 -7.91 -60.61
CA LYS H 324 -57.52 -9.24 -61.22
C LYS H 324 -56.73 -10.20 -60.33
N ASN H 325 -57.40 -11.26 -59.87
CA ASN H 325 -56.75 -12.24 -59.02
C ASN H 325 -55.69 -13.02 -59.82
N GLY H 326 -54.55 -13.25 -59.19
CA GLY H 326 -53.48 -14.00 -59.81
C GLY H 326 -52.59 -13.20 -60.74
N GLN H 327 -52.88 -11.92 -60.95
CA GLN H 327 -52.08 -11.06 -61.81
C GLN H 327 -51.28 -10.09 -60.95
N TYR H 328 -49.97 -10.08 -61.13
CA TYR H 328 -49.06 -9.27 -60.34
C TYR H 328 -48.41 -8.17 -61.18
N HIS H 329 -49.20 -7.53 -62.04
CA HIS H 329 -48.74 -6.44 -62.87
C HIS H 329 -49.66 -5.25 -62.69
N LEU H 330 -49.07 -4.06 -62.55
CA LEU H 330 -49.86 -2.86 -62.33
C LEU H 330 -50.52 -2.39 -63.63
N GLU H 331 -51.71 -1.82 -63.48
CA GLU H 331 -52.37 -1.17 -64.60
C GLU H 331 -51.62 0.10 -64.98
N PRO H 332 -51.77 0.57 -66.23
CA PRO H 332 -51.00 1.75 -66.66
C PRO H 332 -51.17 2.96 -65.76
N LYS H 333 -52.39 3.25 -65.29
CA LYS H 333 -52.59 4.41 -64.45
C LYS H 333 -51.94 4.24 -63.08
N GLU H 334 -51.98 3.02 -62.52
CA GLU H 334 -51.34 2.77 -61.24
C GLU H 334 -49.82 2.88 -61.36
N ALA H 335 -49.25 2.34 -62.46
CA ALA H 335 -47.82 2.47 -62.67
C ALA H 335 -47.40 3.93 -62.85
N LYS H 336 -48.21 4.70 -63.60
CA LYS H 336 -47.92 6.11 -63.76
C LYS H 336 -47.96 6.84 -62.41
N ALA H 337 -48.96 6.53 -61.58
CA ALA H 337 -49.05 7.16 -60.26
C ALA H 337 -47.84 6.79 -59.39
N LEU H 338 -47.44 5.51 -59.43
CA LEU H 338 -46.30 5.07 -58.64
C LEU H 338 -45.03 5.82 -59.04
N LEU H 339 -44.72 5.83 -60.34
CA LEU H 339 -43.49 6.50 -60.78
C LEU H 339 -43.56 8.00 -60.54
N SER H 340 -44.73 8.61 -60.75
CA SER H 340 -44.86 10.04 -60.50
C SER H 340 -44.62 10.36 -59.03
N GLN H 341 -45.16 9.54 -58.12
CA GLN H 341 -44.95 9.78 -56.69
C GLN H 341 -43.47 9.61 -56.33
N SER H 342 -42.82 8.57 -56.86
CA SER H 342 -41.40 8.37 -56.56
C SER H 342 -40.56 9.53 -57.06
N LEU H 343 -40.79 9.96 -58.30
CA LEU H 343 -40.03 11.08 -58.85
C LEU H 343 -40.31 12.38 -58.10
N GLN H 344 -41.56 12.60 -57.70
CA GLN H 344 -41.89 13.80 -56.95
C GLN H 344 -41.21 13.80 -55.59
N SER H 345 -41.18 12.66 -54.90
CA SER H 345 -40.48 12.58 -53.63
C SER H 345 -38.99 12.85 -53.80
N TYR H 346 -38.38 12.25 -54.83
CA TYR H 346 -36.96 12.49 -55.09
C TYR H 346 -36.69 13.96 -55.37
N LYS H 347 -37.53 14.59 -56.20
CA LYS H 347 -37.32 15.99 -56.56
C LYS H 347 -37.52 16.90 -55.36
N GLU H 348 -38.54 16.64 -54.54
CA GLU H 348 -38.76 17.46 -53.35
C GLU H 348 -37.63 17.28 -52.33
N GLN H 349 -36.99 16.11 -52.33
CA GLN H 349 -35.88 15.91 -51.39
C GLN H 349 -34.61 16.57 -51.88
N ILE H 350 -34.27 16.42 -53.17
CA ILE H 350 -33.00 16.89 -53.71
C ILE H 350 -33.15 18.21 -54.47
N GLY H 351 -34.14 18.28 -55.37
CA GLY H 351 -34.33 19.45 -56.22
C GLY H 351 -34.05 19.20 -57.68
N GLU H 352 -33.45 18.06 -58.03
CA GLU H 352 -33.22 17.69 -59.42
C GLU H 352 -33.69 16.27 -59.65
N TYR H 353 -34.16 16.00 -60.87
CA TYR H 353 -34.64 14.67 -61.20
C TYR H 353 -33.48 13.68 -61.20
N PRO H 354 -33.73 12.44 -60.77
CA PRO H 354 -32.64 11.46 -60.69
C PRO H 354 -32.06 11.15 -62.06
N LYS H 355 -30.74 10.92 -62.08
CA LYS H 355 -30.09 10.51 -63.32
C LYS H 355 -30.48 9.08 -63.70
N GLU H 356 -30.52 8.19 -62.72
CA GLU H 356 -30.90 6.80 -62.95
C GLU H 356 -31.91 6.37 -61.90
N VAL H 357 -32.79 5.45 -62.29
CA VAL H 357 -33.77 4.86 -61.39
C VAL H 357 -33.73 3.35 -61.59
N PHE H 358 -33.42 2.62 -60.51
CA PHE H 358 -33.38 1.17 -60.53
C PHE H 358 -34.61 0.63 -59.81
N ILE H 359 -35.29 -0.32 -60.46
CA ILE H 359 -36.49 -0.94 -59.90
C ILE H 359 -36.17 -2.42 -59.66
N HIS H 360 -36.28 -2.85 -58.42
CA HIS H 360 -36.05 -4.24 -58.04
C HIS H 360 -37.39 -4.89 -57.74
N ALA H 361 -37.60 -6.09 -58.29
CA ALA H 361 -38.83 -6.82 -58.05
C ALA H 361 -38.57 -8.30 -58.13
N LYS H 362 -39.45 -9.07 -57.49
CA LYS H 362 -39.40 -10.53 -57.57
C LYS H 362 -40.15 -11.07 -58.78
N THR H 363 -40.83 -10.20 -59.54
CA THR H 363 -41.61 -10.58 -60.70
C THR H 363 -40.97 -9.99 -61.96
N ARG H 364 -41.64 -10.20 -63.08
CA ARG H 364 -41.20 -9.70 -64.37
C ARG H 364 -42.19 -8.66 -64.90
N PHE H 365 -41.69 -7.48 -65.23
CA PHE H 365 -42.54 -6.44 -65.80
C PHE H 365 -42.94 -6.81 -67.22
N ASN H 366 -44.19 -6.52 -67.57
CA ASN H 366 -44.67 -6.74 -68.92
C ASN H 366 -44.55 -5.44 -69.73
N HIS H 367 -45.05 -5.49 -70.96
CA HIS H 367 -44.91 -4.34 -71.86
C HIS H 367 -45.75 -3.16 -71.40
N GLN H 368 -46.97 -3.42 -70.92
CA GLN H 368 -47.84 -2.33 -70.50
C GLN H 368 -47.25 -1.57 -69.31
N GLU H 369 -46.72 -2.30 -68.34
CA GLU H 369 -46.13 -1.65 -67.17
C GLU H 369 -44.99 -0.72 -67.57
N TRP H 370 -44.08 -1.22 -68.42
CA TRP H 370 -42.92 -0.42 -68.80
C TRP H 370 -43.31 0.74 -69.71
N ASP H 371 -44.30 0.53 -70.59
CA ASP H 371 -44.79 1.63 -71.41
C ASP H 371 -45.40 2.73 -70.56
N ALA H 372 -46.17 2.36 -69.54
CA ALA H 372 -46.69 3.35 -68.61
C ALA H 372 -45.56 4.04 -67.85
N PHE H 373 -44.54 3.28 -67.46
CA PHE H 373 -43.42 3.85 -66.73
C PHE H 373 -42.67 4.89 -67.57
N LEU H 374 -42.44 4.61 -68.84
CA LEU H 374 -41.70 5.54 -69.69
C LEU H 374 -42.50 6.78 -70.04
N GLU H 375 -43.83 6.73 -69.96
CA GLU H 375 -44.63 7.92 -70.27
C GLU H 375 -44.55 8.99 -69.20
N VAL H 376 -43.98 8.71 -68.04
CA VAL H 376 -43.90 9.66 -66.94
C VAL H 376 -42.47 10.12 -66.69
N THR H 377 -41.51 9.20 -66.73
CA THR H 377 -40.13 9.56 -66.44
C THR H 377 -39.60 10.51 -67.51
N PRO H 378 -38.79 11.49 -67.13
CA PRO H 378 -38.22 12.41 -68.12
C PRO H 378 -37.20 11.71 -69.00
N LYS H 379 -36.92 12.34 -70.15
CA LYS H 379 -35.97 11.77 -71.11
C LYS H 379 -34.57 11.69 -70.51
N GLU H 380 -34.23 12.59 -69.60
CA GLU H 380 -32.92 12.60 -68.98
C GLU H 380 -32.73 11.48 -67.96
N THR H 381 -33.80 10.82 -67.54
CA THR H 381 -33.74 9.78 -66.53
C THR H 381 -33.72 8.41 -67.21
N ASN H 382 -32.80 7.55 -66.78
CA ASN H 382 -32.69 6.20 -67.29
C ASN H 382 -33.45 5.24 -66.37
N LEU H 383 -34.32 4.43 -66.97
CA LEU H 383 -35.15 3.49 -66.22
C LEU H 383 -34.63 2.08 -66.43
N VAL H 384 -34.27 1.41 -65.34
CA VAL H 384 -33.80 0.02 -65.37
C VAL H 384 -34.71 -0.80 -64.46
N GLY H 385 -35.29 -1.85 -65.00
CA GLY H 385 -36.13 -2.75 -64.24
C GLY H 385 -35.47 -4.11 -64.08
N VAL H 386 -35.06 -4.42 -62.85
CA VAL H 386 -34.31 -5.63 -62.53
C VAL H 386 -35.23 -6.60 -61.81
N THR H 387 -35.17 -7.87 -62.21
CA THR H 387 -35.92 -8.94 -61.56
C THR H 387 -34.96 -9.75 -60.71
N ILE H 388 -35.23 -9.83 -59.42
CA ILE H 388 -34.41 -10.58 -58.47
C ILE H 388 -35.23 -11.76 -57.97
N SER H 389 -34.72 -12.96 -58.18
CA SER H 389 -35.44 -14.18 -57.82
C SER H 389 -34.50 -15.14 -57.13
N LYS H 390 -35.07 -16.06 -56.35
CA LYS H 390 -34.33 -17.08 -55.64
C LYS H 390 -34.94 -18.45 -55.92
N THR H 391 -35.46 -18.64 -57.13
CA THR H 391 -36.13 -19.88 -57.51
C THR H 391 -35.32 -20.71 -58.50
N LYS H 392 -34.07 -20.33 -58.77
CA LYS H 392 -33.22 -21.10 -59.66
C LYS H 392 -32.28 -21.95 -58.82
N PRO H 393 -32.43 -23.27 -58.79
CA PRO H 393 -31.58 -24.13 -57.96
C PRO H 393 -30.22 -24.49 -58.58
N LEU H 394 -29.28 -23.57 -58.44
CA LEU H 394 -27.88 -23.80 -58.82
C LEU H 394 -27.05 -23.77 -57.55
N LYS H 395 -26.68 -24.95 -57.05
CA LYS H 395 -25.90 -25.07 -55.83
C LYS H 395 -24.46 -25.41 -56.19
N LEU H 396 -23.53 -24.60 -55.67
CA LEU H 396 -22.11 -24.83 -55.88
C LEU H 396 -21.52 -25.47 -54.63
N TYR H 397 -20.83 -26.59 -54.81
CA TYR H 397 -20.23 -27.32 -53.71
C TYR H 397 -18.71 -27.19 -53.79
N LYS H 398 -18.09 -26.79 -52.68
CA LYS H 398 -16.64 -26.74 -52.60
C LYS H 398 -16.09 -28.12 -52.34
N THR H 399 -15.04 -28.49 -53.07
CA THR H 399 -14.49 -29.84 -53.05
C THR H 399 -13.33 -30.02 -52.10
N GLU H 400 -12.91 -28.97 -51.40
CA GLU H 400 -11.69 -29.00 -50.60
C GLU H 400 -11.95 -28.63 -49.14
N GLY H 401 -13.08 -29.07 -48.59
CA GLY H 401 -13.36 -28.82 -47.19
C GLY H 401 -14.81 -29.09 -46.86
N ASP H 402 -15.15 -28.77 -45.62
CA ASP H 402 -16.52 -28.86 -45.13
C ASP H 402 -17.25 -27.52 -45.19
N TYR H 403 -16.61 -26.48 -45.70
CA TYR H 403 -17.23 -25.16 -45.79
C TYR H 403 -17.84 -24.95 -47.17
N THR H 404 -18.64 -23.89 -47.28
CA THR H 404 -19.38 -23.61 -48.50
C THR H 404 -18.68 -22.53 -49.32
N ILE H 405 -19.29 -22.20 -50.46
CA ILE H 405 -18.70 -21.24 -51.38
C ILE H 405 -18.65 -19.86 -50.74
N LEU H 406 -17.62 -19.09 -51.11
CA LEU H 406 -17.44 -17.75 -50.56
C LEU H 406 -18.60 -16.84 -50.94
N ARG H 407 -18.91 -15.90 -50.06
CA ARG H 407 -19.98 -14.93 -50.33
C ARG H 407 -19.45 -13.79 -51.18
N GLY H 408 -20.24 -13.41 -52.18
CA GLY H 408 -19.83 -12.39 -53.13
C GLY H 408 -19.42 -12.93 -54.49
N ASN H 409 -19.21 -14.23 -54.60
CA ASN H 409 -18.94 -14.84 -55.90
C ASN H 409 -20.15 -14.73 -56.81
N ALA H 410 -19.92 -14.38 -58.07
CA ALA H 410 -20.99 -14.19 -59.04
C ALA H 410 -20.68 -14.96 -60.31
N TYR H 411 -21.72 -15.56 -60.89
CA TYR H 411 -21.63 -16.28 -62.15
C TYR H 411 -22.46 -15.53 -63.18
N VAL H 412 -21.79 -14.72 -64.00
CA VAL H 412 -22.47 -13.91 -65.01
C VAL H 412 -22.88 -14.82 -66.16
N VAL H 413 -24.18 -15.13 -66.24
CA VAL H 413 -24.67 -15.98 -67.32
C VAL H 413 -24.48 -15.29 -68.66
N ASN H 414 -24.90 -14.03 -68.76
CA ASN H 414 -24.72 -13.23 -69.96
C ASN H 414 -24.81 -11.76 -69.58
N GLU H 415 -24.94 -10.89 -70.58
CA GLU H 415 -25.03 -9.46 -70.31
C GLU H 415 -26.33 -9.05 -69.63
N ARG H 416 -27.31 -9.94 -69.54
CA ARG H 416 -28.60 -9.61 -68.93
C ARG H 416 -29.06 -10.66 -67.92
N SER H 417 -28.14 -11.46 -67.39
CA SER H 417 -28.49 -12.48 -66.42
C SER H 417 -27.23 -12.92 -65.68
N ALA H 418 -27.35 -13.08 -64.36
CA ALA H 418 -26.22 -13.51 -63.55
C ALA H 418 -26.75 -14.13 -62.27
N PHE H 419 -25.85 -14.83 -61.57
CA PHE H 419 -26.11 -15.36 -60.24
C PHE H 419 -25.21 -14.65 -59.24
N LEU H 420 -25.72 -14.44 -58.04
CA LEU H 420 -24.96 -13.79 -56.97
C LEU H 420 -25.07 -14.63 -55.71
N TRP H 421 -23.95 -14.76 -55.00
CA TRP H 421 -23.94 -15.48 -53.73
C TRP H 421 -23.85 -14.44 -52.60
N THR H 422 -25.02 -13.91 -52.25
CA THR H 422 -25.11 -12.98 -51.12
C THR H 422 -25.01 -13.70 -49.78
N VAL H 423 -25.33 -14.99 -49.75
CA VAL H 423 -25.24 -15.81 -48.55
C VAL H 423 -24.18 -16.87 -48.79
N GLY H 424 -23.24 -16.97 -47.86
CA GLY H 424 -22.15 -17.93 -48.01
C GLY H 424 -21.12 -17.72 -46.92
N TYR H 425 -19.96 -18.34 -47.13
CA TYR H 425 -18.88 -18.22 -46.16
C TYR H 425 -18.35 -16.78 -46.14
N VAL H 426 -18.22 -16.23 -44.94
CA VAL H 426 -17.67 -14.90 -44.73
C VAL H 426 -16.37 -15.05 -43.94
N PRO H 427 -15.22 -14.67 -44.50
CA PRO H 427 -13.96 -14.85 -43.77
C PRO H 427 -13.89 -14.12 -42.44
N LYS H 428 -14.53 -12.96 -42.33
CA LYS H 428 -14.46 -12.18 -41.09
C LYS H 428 -15.03 -12.96 -39.90
N ILE H 429 -16.24 -13.50 -40.05
CA ILE H 429 -16.87 -14.24 -38.96
C ILE H 429 -16.45 -15.71 -38.97
N GLN H 430 -15.61 -16.13 -39.91
CA GLN H 430 -15.09 -17.50 -39.97
C GLN H 430 -16.21 -18.53 -40.04
N THR H 431 -17.34 -18.15 -40.64
CA THR H 431 -18.48 -19.04 -40.77
C THR H 431 -19.37 -18.54 -41.90
N ALA H 432 -20.29 -19.40 -42.31
CA ALA H 432 -21.22 -19.09 -43.40
C ALA H 432 -22.55 -18.59 -42.84
N LEU H 433 -23.18 -17.70 -43.59
CA LEU H 433 -24.50 -17.20 -43.22
C LEU H 433 -25.61 -18.21 -43.44
N SER H 434 -25.35 -19.27 -44.20
CA SER H 434 -26.33 -20.30 -44.48
C SER H 434 -26.27 -21.37 -43.39
N MET H 435 -26.96 -22.49 -43.62
CA MET H 435 -26.97 -23.59 -42.67
C MET H 435 -26.44 -24.88 -43.26
N GLU H 436 -26.87 -25.26 -44.47
CA GLU H 436 -26.36 -26.45 -45.13
C GLU H 436 -25.58 -26.11 -46.39
N VAL H 437 -26.20 -25.42 -47.34
CA VAL H 437 -25.58 -24.99 -48.60
C VAL H 437 -26.41 -23.82 -49.12
N PRO H 438 -25.80 -22.67 -49.36
CA PRO H 438 -26.59 -21.49 -49.76
C PRO H 438 -27.18 -21.65 -51.15
N ASN H 439 -28.27 -20.90 -51.38
CA ASN H 439 -28.95 -20.74 -52.65
C ASN H 439 -28.54 -19.43 -53.31
N PRO H 440 -28.45 -19.39 -54.63
CA PRO H 440 -28.03 -18.17 -55.31
C PRO H 440 -29.19 -17.25 -55.66
N LEU H 441 -28.88 -15.96 -55.67
CA LEU H 441 -29.81 -14.92 -56.09
C LEU H 441 -29.66 -14.74 -57.59
N PHE H 442 -30.69 -15.09 -58.36
CA PHE H 442 -30.66 -14.95 -59.81
C PHE H 442 -31.11 -13.54 -60.16
N ILE H 443 -30.17 -12.72 -60.62
CA ILE H 443 -30.43 -11.32 -60.92
C ILE H 443 -30.39 -11.13 -62.43
N GLU H 444 -31.49 -10.64 -62.98
CA GLU H 444 -31.63 -10.45 -64.42
C GLU H 444 -32.16 -9.05 -64.69
N ILE H 445 -31.49 -8.32 -65.58
CA ILE H 445 -31.94 -6.99 -65.98
C ILE H 445 -33.10 -7.20 -66.96
N ASN H 446 -34.33 -7.13 -66.46
CA ASN H 446 -35.49 -7.40 -67.31
C ASN H 446 -35.68 -6.32 -68.37
N LYS H 447 -35.65 -5.06 -67.96
CA LYS H 447 -35.89 -3.95 -68.88
C LYS H 447 -34.84 -2.88 -68.71
N GLY H 448 -34.53 -2.19 -69.81
CA GLY H 448 -33.54 -1.13 -69.79
C GLY H 448 -32.13 -1.63 -70.02
N GLU H 449 -31.20 -0.69 -70.03
CA GLU H 449 -29.80 -0.97 -70.28
C GLU H 449 -28.97 -0.58 -69.05
N ALA H 450 -28.20 -1.53 -68.55
CA ALA H 450 -27.30 -1.28 -67.42
C ALA H 450 -26.22 -2.34 -67.42
N ASP H 451 -25.11 -2.03 -66.75
CA ASP H 451 -24.01 -2.98 -66.60
C ASP H 451 -24.35 -3.93 -65.46
N ILE H 452 -24.43 -5.23 -65.78
CA ILE H 452 -24.86 -6.22 -64.80
C ILE H 452 -23.90 -6.27 -63.62
N LYS H 453 -22.62 -5.96 -63.84
CA LYS H 453 -21.67 -5.89 -62.72
C LYS H 453 -22.07 -4.79 -61.75
N GLN H 454 -22.49 -3.64 -62.27
CA GLN H 454 -22.96 -2.56 -61.40
C GLN H 454 -24.23 -2.96 -60.65
N VAL H 455 -25.12 -3.70 -61.31
CA VAL H 455 -26.33 -4.16 -60.65
C VAL H 455 -26.01 -5.11 -59.51
N LEU H 456 -25.09 -6.04 -59.75
CA LEU H 456 -24.67 -6.95 -58.68
C LEU H 456 -24.01 -6.19 -57.53
N LYS H 457 -23.18 -5.20 -57.85
CA LYS H 457 -22.58 -4.37 -56.82
C LYS H 457 -23.64 -3.66 -55.99
N ASP H 458 -24.65 -3.09 -56.66
CA ASP H 458 -25.72 -2.39 -55.96
C ASP H 458 -26.49 -3.33 -55.05
N ILE H 459 -26.80 -4.54 -55.53
CA ILE H 459 -27.57 -5.48 -54.72
C ILE H 459 -26.76 -5.95 -53.52
N LEU H 460 -25.48 -6.25 -53.72
CA LEU H 460 -24.65 -6.66 -52.60
C LEU H 460 -24.52 -5.53 -51.57
N SER H 461 -24.42 -4.28 -52.04
CA SER H 461 -24.38 -3.15 -51.12
C SER H 461 -25.69 -3.00 -50.36
N LEU H 462 -26.82 -3.18 -51.05
CA LEU H 462 -28.13 -3.09 -50.40
C LEU H 462 -28.35 -4.21 -49.40
N THR H 463 -27.65 -5.33 -49.55
CA THR H 463 -27.78 -6.37 -48.52
C THR H 463 -27.17 -5.97 -47.17
N LYS H 464 -26.74 -4.72 -46.95
CA LYS H 464 -26.11 -4.31 -45.71
C LYS H 464 -26.93 -3.29 -44.93
N LEU H 465 -28.19 -3.06 -45.30
CA LEU H 465 -28.98 -1.98 -44.73
C LEU H 465 -30.14 -2.47 -43.86
N ASN H 466 -30.06 -3.71 -43.35
CA ASN H 466 -31.13 -4.25 -42.53
C ASN H 466 -31.02 -3.67 -41.13
N TYR H 467 -31.90 -2.73 -40.80
CA TYR H 467 -31.94 -2.14 -39.46
C TYR H 467 -32.79 -2.95 -38.48
N ASN H 468 -33.55 -3.93 -38.98
CA ASN H 468 -34.31 -4.81 -38.11
C ASN H 468 -33.43 -5.78 -37.33
N ALA H 469 -32.16 -5.93 -37.71
CA ALA H 469 -31.27 -6.87 -37.07
C ALA H 469 -29.86 -6.32 -37.08
N CYS H 470 -29.04 -6.82 -36.16
CA CYS H 470 -27.61 -6.50 -36.09
C CYS H 470 -26.85 -7.78 -36.44
N ILE H 471 -26.63 -7.98 -37.73
CA ILE H 471 -25.94 -9.15 -38.24
C ILE H 471 -24.95 -8.71 -39.31
N PHE H 472 -24.33 -9.68 -39.98
CA PHE H 472 -23.59 -9.39 -41.20
C PHE H 472 -24.60 -9.17 -42.32
N ALA H 473 -24.13 -9.07 -43.55
CA ALA H 473 -25.06 -8.86 -44.65
C ALA H 473 -26.00 -10.06 -44.76
N ASP H 474 -27.23 -9.80 -45.20
CA ASP H 474 -28.23 -10.84 -45.37
C ASP H 474 -28.35 -11.20 -46.85
N GLY H 475 -29.30 -12.06 -47.18
CA GLY H 475 -29.46 -12.52 -48.54
C GLY H 475 -30.22 -11.58 -49.44
N GLU H 476 -31.46 -11.25 -49.06
CA GLU H 476 -32.30 -10.41 -49.91
C GLU H 476 -31.81 -8.96 -49.88
N PRO H 477 -32.01 -8.23 -50.97
CA PRO H 477 -31.76 -6.78 -50.93
C PRO H 477 -32.72 -6.11 -49.95
N VAL H 478 -32.25 -5.00 -49.35
CA VAL H 478 -33.03 -4.37 -48.30
C VAL H 478 -34.29 -3.72 -48.87
N THR H 479 -34.26 -3.27 -50.13
CA THR H 479 -35.44 -2.65 -50.72
C THR H 479 -36.58 -3.64 -50.80
N LEU H 480 -36.32 -4.84 -51.34
CA LEU H 480 -37.35 -5.86 -51.45
C LEU H 480 -37.84 -6.28 -50.07
N ARG H 481 -36.92 -6.50 -49.13
CA ARG H 481 -37.30 -6.97 -47.80
C ARG H 481 -38.17 -5.96 -47.07
N PHE H 482 -37.80 -4.67 -47.14
CA PHE H 482 -38.57 -3.67 -46.42
C PHE H 482 -39.88 -3.35 -47.13
N ALA H 483 -39.93 -3.43 -48.46
CA ALA H 483 -41.21 -3.29 -49.15
C ALA H 483 -42.14 -4.45 -48.77
N ASP H 484 -41.60 -5.65 -48.64
CA ASP H 484 -42.39 -6.79 -48.17
C ASP H 484 -42.88 -6.55 -46.76
N LYS H 485 -42.01 -6.02 -45.89
CA LYS H 485 -42.39 -5.74 -44.52
C LYS H 485 -43.52 -4.73 -44.45
N ILE H 486 -43.46 -3.68 -45.27
CA ILE H 486 -44.53 -2.69 -45.31
C ILE H 486 -45.81 -3.34 -45.83
N GLY H 487 -45.72 -4.10 -46.92
CA GLY H 487 -46.89 -4.71 -47.51
C GLY H 487 -47.59 -5.69 -46.59
N GLU H 488 -46.83 -6.38 -45.74
CA GLU H 488 -47.44 -7.32 -44.81
C GLU H 488 -48.35 -6.62 -43.81
N ILE H 489 -48.14 -5.33 -43.58
CA ILE H 489 -48.93 -4.56 -42.64
C ILE H 489 -50.02 -3.76 -43.34
N LEU H 490 -49.72 -3.14 -44.48
CA LEU H 490 -50.71 -2.35 -45.19
C LEU H 490 -51.84 -3.19 -45.77
N THR H 491 -51.68 -4.51 -45.86
CA THR H 491 -52.73 -5.41 -46.34
C THR H 491 -53.32 -6.24 -45.20
N ALA H 492 -53.23 -5.74 -43.97
CA ALA H 492 -53.81 -6.38 -42.80
C ALA H 492 -54.89 -5.50 -42.19
N SER H 493 -55.59 -4.75 -43.04
CA SER H 493 -56.70 -3.91 -42.61
C SER H 493 -57.59 -3.65 -43.81
N THR H 494 -58.84 -3.26 -43.55
CA THR H 494 -59.78 -3.02 -44.64
C THR H 494 -59.31 -1.88 -45.54
N ASP H 495 -58.99 -0.73 -44.95
CA ASP H 495 -58.49 0.44 -45.66
C ASP H 495 -57.79 1.33 -44.66
N ILE H 496 -56.96 2.24 -45.19
CA ILE H 496 -56.22 3.19 -44.36
C ILE H 496 -55.95 4.43 -45.19
N LYS H 497 -55.95 5.59 -44.54
CA LYS H 497 -55.58 6.84 -45.19
C LYS H 497 -54.10 6.83 -45.54
N THR H 498 -53.59 7.94 -46.08
CA THR H 498 -52.20 8.02 -46.50
C THR H 498 -51.27 7.60 -45.36
N PRO H 499 -50.57 6.48 -45.50
CA PRO H 499 -49.79 5.94 -44.39
C PRO H 499 -48.45 6.65 -44.28
N PRO H 500 -47.82 6.60 -43.10
CA PRO H 500 -46.50 7.23 -42.94
C PRO H 500 -45.43 6.50 -43.74
N LEU H 501 -44.45 7.28 -44.22
CA LEU H 501 -43.34 6.71 -44.97
C LEU H 501 -42.26 6.12 -44.06
N ALA H 502 -42.16 6.58 -42.81
CA ALA H 502 -41.11 6.14 -41.93
C ALA H 502 -41.23 4.66 -41.61
N PHE H 503 -40.09 4.02 -41.36
CA PHE H 503 -40.04 2.57 -41.16
C PHE H 503 -40.26 2.16 -39.71
N LYS H 504 -40.05 3.06 -38.75
CA LYS H 504 -40.21 2.67 -37.35
C LYS H 504 -41.64 2.32 -36.99
N TYR H 505 -42.61 2.71 -37.81
CA TYR H 505 -44.01 2.38 -37.58
C TYR H 505 -44.39 1.03 -38.15
N TYR H 506 -43.51 0.39 -38.91
CA TYR H 506 -43.77 -0.92 -39.49
C TYR H 506 -42.84 -2.00 -38.93
N ILE H 507 -41.54 -1.78 -38.96
CA ILE H 507 -40.58 -2.76 -38.48
C ILE H 507 -40.43 -2.64 -36.98
#